data_8PDR
#
_entry.id   8PDR
#
_cell.length_a   1.00
_cell.length_b   1.00
_cell.length_c   1.00
_cell.angle_alpha   90.00
_cell.angle_beta   90.00
_cell.angle_gamma   90.00
#
_symmetry.space_group_name_H-M   'P 1'
#
loop_
_entity.id
_entity.type
_entity.pdbx_description
1 polymer Nucleoprotein
2 polymer Phosphoprotein
3 polymer RNA
#
loop_
_entity_poly.entity_id
_entity_poly.type
_entity_poly.pdbx_seq_one_letter_code
_entity_poly.pdbx_strand_id
1 'polypeptide(L)'
;MSLQGIHLSDLSYKHAILKESQYTIKRDVGTTTAVTPSSLQQEITLLCGEILYAKHADYKYAAEIGIQYISTALGSERVQ
QILRNSGSEVQVVLTRTYSLGKIKNNKGEDLQMLDIHGVEKSWVEEIDKEARKTMATLLKESSGNIPQNQRPSAPDTPII
LLCVGALIFTKLASTIEVGLETTVRRANRVLSDALKRYPRMDIPKIARSFYDLFEQKVYHRSLFIEYGKALGSSSTGSKA
ESLFVNIFMQAYGAGQTMLRWGVIARSSNNIMLGHVSVQAELKQVTEVYDLVREMGPESGLLHLRQSPKAGLLSLANCPN
FASVVLGNASGLGIIGMYRGRVPNTELFSAAESYAKSLKESNKINFSSLGLTDEEKEAAEHFLNVSDDSQNDYEKHHHHH
H
;
A,B,C,D,E,F,G,H,I,J,K
2 'polypeptide(L)' EDDIYQLIM L,M,N,O,P,Q,R,S,T,U,V
3 'polyribonucleotide' CCCCCCC a,b,c,d,e,f,g,h,i,j,k
#
# COMPACT_ATOMS: atom_id res chain seq x y z
N ASP A 10 7.75 5.70 34.10
CA ASP A 10 8.19 5.50 35.47
C ASP A 10 9.20 4.37 35.62
N LEU A 11 9.09 3.33 34.80
CA LEU A 11 9.98 2.18 34.97
C LEU A 11 11.39 2.50 34.50
N SER A 12 11.52 3.23 33.40
CA SER A 12 12.82 3.71 32.98
C SER A 12 13.43 4.63 34.04
N TYR A 13 12.60 5.45 34.68
CA TYR A 13 13.10 6.32 35.73
C TYR A 13 13.58 5.53 36.94
N LYS A 14 12.87 4.47 37.30
CA LYS A 14 13.32 3.62 38.40
C LYS A 14 14.62 2.92 38.05
N HIS A 15 14.74 2.45 36.80
CA HIS A 15 15.99 1.80 36.39
C HIS A 15 17.15 2.80 36.41
N ALA A 16 16.92 4.03 35.96
CA ALA A 16 17.97 5.04 35.99
C ALA A 16 18.31 5.43 37.41
N ILE A 17 17.34 5.36 38.33
CA ILE A 17 17.62 5.59 39.73
C ILE A 17 18.55 4.53 40.29
N LEU A 18 18.21 3.26 40.06
CA LEU A 18 18.99 2.17 40.65
C LEU A 18 20.35 2.03 39.97
N LYS A 19 20.41 2.21 38.66
CA LYS A 19 21.65 1.96 37.93
C LYS A 19 22.68 3.05 38.18
N GLU A 20 22.25 4.32 38.14
CA GLU A 20 23.17 5.45 38.24
C GLU A 20 23.41 5.80 39.71
N SER A 21 24.17 4.94 40.37
CA SER A 21 24.54 5.13 41.77
C SER A 21 26.06 5.29 41.86
N GLN A 22 26.49 6.34 42.57
CA GLN A 22 27.92 6.63 42.71
C GLN A 22 28.57 5.86 43.85
N TYR A 23 27.79 5.14 44.66
CA TYR A 23 28.32 4.47 45.84
C TYR A 23 28.09 2.97 45.71
N THR A 24 29.16 2.20 45.88
CA THR A 24 29.07 0.75 45.91
C THR A 24 28.77 0.28 47.33
N ILE A 25 28.27 -0.95 47.42
CA ILE A 25 27.91 -1.55 48.70
C ILE A 25 28.97 -2.58 49.07
N LYS A 26 29.34 -2.59 50.35
CA LYS A 26 30.36 -3.50 50.86
C LYS A 26 29.70 -4.55 51.75
N ARG A 27 29.98 -5.81 51.47
CA ARG A 27 29.42 -6.91 52.24
C ARG A 27 30.48 -7.99 52.41
N ASP A 28 30.27 -8.85 53.41
CA ASP A 28 31.17 -9.97 53.69
C ASP A 28 32.58 -9.48 54.00
N VAL A 29 32.68 -8.36 54.72
CA VAL A 29 33.99 -7.73 54.89
C VAL A 29 34.94 -8.61 55.70
N GLY A 30 34.45 -9.22 56.77
CA GLY A 30 35.30 -10.01 57.64
C GLY A 30 35.44 -11.47 57.28
N THR A 31 34.85 -11.91 56.17
CA THR A 31 34.73 -13.32 55.84
C THR A 31 35.86 -13.76 54.91
N THR A 32 36.00 -15.07 54.78
CA THR A 32 36.99 -15.68 53.91
C THR A 32 36.34 -16.83 53.14
N THR A 33 36.94 -17.15 52.00
CA THR A 33 36.52 -18.27 51.18
C THR A 33 37.74 -18.96 50.60
N ALA A 34 37.55 -20.19 50.15
CA ALA A 34 38.65 -21.03 49.70
C ALA A 34 38.73 -21.07 48.18
N VAL A 35 39.96 -21.06 47.66
CA VAL A 35 40.22 -21.36 46.26
C VAL A 35 41.41 -22.30 46.18
N THR A 36 41.58 -22.90 45.01
CA THR A 36 42.68 -23.81 44.76
C THR A 36 43.49 -23.32 43.57
N PRO A 37 44.81 -23.21 43.70
CA PRO A 37 45.62 -22.77 42.56
C PRO A 37 45.50 -23.75 41.39
N SER A 38 45.56 -23.20 40.18
CA SER A 38 45.31 -23.99 38.98
C SER A 38 46.29 -25.16 38.88
N SER A 39 47.48 -25.01 39.44
CA SER A 39 48.50 -26.07 39.38
C SER A 39 48.06 -27.32 40.12
N LEU A 40 47.02 -27.25 40.95
CA LEU A 40 46.49 -28.42 41.64
C LEU A 40 45.27 -29.01 40.96
N GLN A 41 45.03 -28.64 39.70
CA GLN A 41 43.84 -29.13 38.99
C GLN A 41 43.76 -30.65 39.03
N GLN A 42 44.86 -31.32 38.67
CA GLN A 42 44.89 -32.77 38.76
C GLN A 42 44.45 -33.25 40.14
N GLU A 43 45.03 -32.68 41.18
CA GLU A 43 44.71 -33.10 42.54
C GLU A 43 43.25 -32.85 42.87
N ILE A 44 42.66 -31.78 42.32
CA ILE A 44 41.24 -31.58 42.61
C ILE A 44 40.41 -32.52 41.75
N THR A 45 40.86 -32.81 40.53
CA THR A 45 40.10 -33.69 39.65
C THR A 45 39.85 -35.03 40.33
N LEU A 46 40.92 -35.62 40.87
CA LEU A 46 40.77 -36.88 41.61
C LEU A 46 39.68 -36.77 42.66
N LEU A 47 39.72 -35.70 43.46
CA LEU A 47 38.71 -35.55 44.50
C LEU A 47 37.31 -35.44 43.90
N CYS A 48 37.17 -34.67 42.82
CA CYS A 48 35.87 -34.55 42.17
C CYS A 48 35.40 -35.88 41.61
N GLY A 49 36.30 -36.84 41.44
CA GLY A 49 35.93 -38.15 40.98
C GLY A 49 35.71 -39.13 42.11
N GLU A 50 36.18 -38.80 43.31
CA GLU A 50 36.03 -39.71 44.43
C GLU A 50 34.72 -39.50 45.18
N ILE A 51 34.07 -38.34 45.01
CA ILE A 51 32.71 -38.17 45.47
C ILE A 51 31.75 -38.92 44.55
N LEU A 52 32.21 -39.32 43.37
CA LEU A 52 31.33 -39.89 42.35
C LEU A 52 31.20 -41.40 42.41
N TYR A 53 32.27 -42.14 42.73
CA TYR A 53 32.21 -43.58 42.51
C TYR A 53 32.10 -44.36 43.82
N ALA A 54 31.78 -43.70 44.92
CA ALA A 54 31.55 -44.38 46.18
C ALA A 54 30.29 -43.82 46.82
N LYS A 55 29.73 -44.60 47.74
CA LYS A 55 28.52 -44.21 48.46
C LYS A 55 28.94 -43.65 49.82
N HIS A 56 28.76 -42.35 50.00
CA HIS A 56 29.28 -41.62 51.15
C HIS A 56 28.14 -41.29 52.11
N ALA A 57 28.43 -41.35 53.40
CA ALA A 57 27.44 -40.97 54.39
C ALA A 57 27.16 -39.48 54.35
N ASP A 58 28.15 -38.67 53.97
CA ASP A 58 28.03 -37.22 54.00
C ASP A 58 28.52 -36.63 52.69
N TYR A 59 27.69 -35.77 52.08
CA TYR A 59 27.99 -35.08 50.84
C TYR A 59 27.97 -33.57 51.03
N LYS A 60 28.40 -33.11 52.20
CA LYS A 60 28.22 -31.71 52.55
C LYS A 60 28.99 -30.78 51.62
N TYR A 61 30.25 -31.11 51.32
CA TYR A 61 31.15 -30.20 50.66
C TYR A 61 31.39 -30.52 49.19
N ALA A 62 30.52 -31.31 48.57
CA ALA A 62 30.72 -31.65 47.16
C ALA A 62 30.66 -30.40 46.28
N ALA A 63 29.71 -29.51 46.57
CA ALA A 63 29.61 -28.26 45.82
C ALA A 63 30.85 -27.41 46.01
N GLU A 64 31.43 -27.42 47.21
CA GLU A 64 32.68 -26.72 47.44
C GLU A 64 33.80 -27.28 46.58
N ILE A 65 33.85 -28.61 46.42
CA ILE A 65 34.88 -29.20 45.58
C ILE A 65 34.67 -28.83 44.12
N GLY A 66 33.41 -28.75 43.68
CA GLY A 66 33.15 -28.26 42.33
C GLY A 66 33.59 -26.82 42.14
N ILE A 67 33.36 -25.98 43.15
CA ILE A 67 33.85 -24.59 43.08
C ILE A 67 35.36 -24.55 43.09
N GLN A 68 36.01 -25.47 43.81
CA GLN A 68 37.46 -25.55 43.78
C GLN A 68 37.96 -25.89 42.38
N TYR A 69 37.28 -26.81 41.70
CA TYR A 69 37.65 -27.08 40.31
C TYR A 69 37.44 -25.86 39.43
N ILE A 70 36.34 -25.13 39.64
CA ILE A 70 36.13 -23.89 38.88
C ILE A 70 37.27 -22.92 39.13
N SER A 71 37.73 -22.84 40.37
CA SER A 71 38.85 -21.97 40.72
C SER A 71 40.13 -22.40 40.00
N THR A 72 40.40 -23.70 39.95
CA THR A 72 41.57 -24.17 39.22
C THR A 72 41.45 -23.90 37.72
N ALA A 73 40.23 -23.98 37.17
CA ALA A 73 40.06 -23.74 35.75
C ALA A 73 40.16 -22.24 35.41
N LEU A 74 39.79 -21.36 36.34
CA LEU A 74 39.87 -19.94 36.09
C LEU A 74 41.15 -19.31 36.61
N GLY A 75 41.63 -19.76 37.76
CA GLY A 75 42.82 -19.19 38.38
C GLY A 75 42.44 -18.52 39.68
N SER A 76 43.29 -18.69 40.70
CA SER A 76 42.97 -18.20 42.03
C SER A 76 42.87 -16.67 42.06
N GLU A 77 43.81 -15.99 41.42
CA GLU A 77 43.76 -14.53 41.41
C GLU A 77 42.60 -14.01 40.57
N ARG A 78 42.30 -14.69 39.47
CA ARG A 78 41.19 -14.28 38.63
C ARG A 78 39.87 -14.55 39.35
N VAL A 79 39.81 -15.62 40.15
CA VAL A 79 38.62 -15.91 40.95
C VAL A 79 38.44 -14.87 42.04
N GLN A 80 39.56 -14.43 42.65
CA GLN A 80 39.47 -13.35 43.62
C GLN A 80 38.94 -12.07 42.97
N GLN A 81 39.41 -11.78 41.76
CA GLN A 81 38.89 -10.63 41.03
C GLN A 81 37.40 -10.77 40.73
N ILE A 82 36.97 -11.98 40.37
CA ILE A 82 35.55 -12.22 40.08
C ILE A 82 34.71 -11.99 41.33
N LEU A 83 35.15 -12.53 42.46
CA LEU A 83 34.38 -12.37 43.70
C LEU A 83 34.37 -10.92 44.17
N ARG A 84 35.44 -10.18 43.90
CA ARG A 84 35.43 -8.75 44.20
C ARG A 84 34.44 -8.00 43.31
N ASN A 85 34.42 -8.31 42.02
CA ASN A 85 33.53 -7.64 41.08
C ASN A 85 32.07 -8.01 41.31
N SER A 86 31.79 -9.17 41.91
CA SER A 86 30.41 -9.48 42.26
C SER A 86 29.89 -8.59 43.38
N GLY A 87 30.76 -7.84 44.05
CA GLY A 87 30.36 -6.98 45.12
C GLY A 87 30.57 -7.54 46.50
N SER A 88 31.51 -8.45 46.68
CA SER A 88 31.76 -9.10 47.96
C SER A 88 33.20 -8.86 48.39
N GLU A 89 33.39 -8.67 49.70
CA GLU A 89 34.71 -8.48 50.27
C GLU A 89 35.30 -9.76 50.84
N VAL A 90 34.83 -10.92 50.36
CA VAL A 90 35.34 -12.19 50.86
C VAL A 90 36.83 -12.31 50.56
N GLN A 91 37.59 -12.73 51.55
CA GLN A 91 39.04 -12.87 51.41
C GLN A 91 39.35 -14.29 50.97
N VAL A 92 39.76 -14.44 49.72
CA VAL A 92 40.21 -15.71 49.17
C VAL A 92 41.32 -16.31 50.02
N VAL A 93 41.19 -17.61 50.30
CA VAL A 93 42.22 -18.40 50.95
C VAL A 93 42.64 -19.50 49.98
N LEU A 94 43.91 -19.91 50.06
CA LEU A 94 44.52 -20.76 49.06
C LEU A 94 44.64 -22.20 49.57
N THR A 95 44.25 -23.15 48.72
CA THR A 95 44.33 -24.57 49.07
C THR A 95 45.78 -25.00 49.19
N ARG A 96 46.06 -25.82 50.22
CA ARG A 96 47.42 -26.26 50.50
C ARG A 96 47.49 -27.78 50.49
N THR A 97 48.45 -28.34 49.76
CA THR A 97 48.66 -29.78 49.80
C THR A 97 49.45 -30.14 51.05
N TYR A 98 48.96 -31.13 51.79
CA TYR A 98 49.62 -31.59 53.00
C TYR A 98 49.81 -33.10 52.92
N SER A 99 50.91 -33.57 53.50
CA SER A 99 51.16 -35.00 53.58
C SER A 99 50.23 -35.62 54.62
N LEU A 100 49.65 -36.78 54.27
CA LEU A 100 48.74 -37.44 55.21
C LEU A 100 49.47 -37.85 56.48
N GLY A 101 50.68 -38.36 56.34
CA GLY A 101 51.46 -38.80 57.47
C GLY A 101 52.44 -39.88 57.04
N LYS A 102 52.50 -40.96 57.81
CA LYS A 102 53.38 -42.08 57.47
C LYS A 102 52.93 -42.82 56.22
N ILE A 103 51.68 -42.61 55.80
CA ILE A 103 51.15 -43.31 54.63
C ILE A 103 51.89 -42.86 53.38
N LYS A 104 52.20 -43.82 52.50
CA LYS A 104 52.93 -43.57 51.28
C LYS A 104 52.15 -44.12 50.10
N ASN A 105 52.36 -43.52 48.93
CA ASN A 105 51.63 -43.91 47.73
C ASN A 105 52.42 -44.96 46.96
N ASN A 106 51.97 -45.28 45.75
CA ASN A 106 52.63 -46.31 44.95
C ASN A 106 54.00 -45.85 44.45
N LYS A 107 54.18 -44.54 44.27
CA LYS A 107 55.43 -44.01 43.74
C LYS A 107 56.54 -43.93 44.76
N GLY A 108 56.27 -44.25 46.03
CA GLY A 108 57.27 -44.15 47.06
C GLY A 108 57.39 -42.79 47.71
N GLU A 109 56.50 -41.86 47.38
CA GLU A 109 56.48 -40.54 47.99
C GLU A 109 55.36 -40.46 49.02
N ASP A 110 55.39 -39.40 49.82
CA ASP A 110 54.31 -39.16 50.77
C ASP A 110 53.03 -38.82 50.04
N LEU A 111 51.93 -39.42 50.50
CA LEU A 111 50.63 -39.19 49.88
C LEU A 111 50.16 -37.77 50.19
N GLN A 112 50.14 -36.92 49.18
CA GLN A 112 49.74 -35.53 49.34
C GLN A 112 48.25 -35.39 49.08
N MET A 113 47.54 -34.78 50.03
CA MET A 113 46.12 -34.54 49.89
C MET A 113 45.81 -33.06 50.02
N LEU A 114 44.68 -32.66 49.44
CA LEU A 114 44.29 -31.26 49.44
C LEU A 114 43.79 -30.82 50.80
N ASP A 115 44.09 -29.57 51.14
CA ASP A 115 43.60 -28.92 52.35
C ASP A 115 42.88 -27.66 51.90
N ILE A 116 41.56 -27.71 51.95
CA ILE A 116 40.69 -26.63 51.48
C ILE A 116 40.18 -25.87 52.70
N HIS A 117 40.14 -24.56 52.58
CA HIS A 117 39.66 -23.73 53.68
C HIS A 117 38.16 -23.92 53.87
N GLY A 118 37.73 -24.06 55.12
CA GLY A 118 36.34 -24.24 55.44
C GLY A 118 35.85 -25.67 55.31
N VAL A 119 36.63 -26.56 54.73
CA VAL A 119 36.30 -27.97 54.62
C VAL A 119 37.15 -28.71 55.64
N GLU A 120 36.49 -29.38 56.59
CA GLU A 120 37.24 -30.18 57.55
C GLU A 120 38.07 -31.22 56.82
N LYS A 121 39.32 -31.37 57.25
CA LYS A 121 40.17 -32.38 56.63
C LYS A 121 39.62 -33.77 56.84
N SER A 122 38.88 -33.99 57.93
CA SER A 122 38.31 -35.31 58.19
C SER A 122 37.33 -35.71 57.10
N TRP A 123 36.55 -34.75 56.58
CA TRP A 123 35.66 -35.04 55.48
C TRP A 123 36.42 -35.51 54.26
N VAL A 124 37.53 -34.83 53.92
CA VAL A 124 38.32 -35.24 52.77
C VAL A 124 38.94 -36.62 52.99
N GLU A 125 39.45 -36.86 54.20
CA GLU A 125 40.00 -38.17 54.51
C GLU A 125 38.95 -39.27 54.37
N GLU A 126 37.74 -39.02 54.85
CA GLU A 126 36.72 -40.07 54.79
C GLU A 126 36.23 -40.29 53.36
N ILE A 127 36.14 -39.22 52.56
CA ILE A 127 35.78 -39.38 51.16
C ILE A 127 36.84 -40.20 50.44
N ASP A 128 38.12 -39.87 50.66
CA ASP A 128 39.20 -40.59 50.00
C ASP A 128 39.25 -42.04 50.47
N LYS A 129 39.10 -42.27 51.77
CA LYS A 129 39.17 -43.63 52.30
C LYS A 129 38.01 -44.48 51.79
N GLU A 130 36.80 -43.93 51.76
CA GLU A 130 35.65 -44.67 51.25
C GLU A 130 35.83 -44.97 49.77
N ALA A 131 36.34 -44.01 49.00
CA ALA A 131 36.56 -44.26 47.58
C ALA A 131 37.62 -45.34 47.36
N ARG A 132 38.70 -45.30 48.14
CA ARG A 132 39.74 -46.32 48.01
C ARG A 132 39.21 -47.69 48.41
N LYS A 133 38.42 -47.77 49.47
CA LYS A 133 37.82 -49.04 49.87
C LYS A 133 36.88 -49.57 48.80
N THR A 134 36.08 -48.69 48.20
CA THR A 134 35.15 -49.11 47.16
C THR A 134 35.90 -49.65 45.95
N MET A 135 36.96 -48.97 45.52
CA MET A 135 37.71 -49.49 44.38
C MET A 135 38.44 -50.78 44.73
N ALA A 136 38.91 -50.91 45.97
CA ALA A 136 39.53 -52.17 46.37
C ALA A 136 38.53 -53.32 46.29
N THR A 137 37.31 -53.08 46.76
CA THR A 137 36.27 -54.11 46.67
C THR A 137 35.95 -54.43 45.21
N LEU A 138 35.84 -53.41 44.36
CA LEU A 138 35.50 -53.64 42.96
C LEU A 138 36.58 -54.43 42.24
N LEU A 139 37.86 -54.13 42.52
CA LEU A 139 38.93 -54.93 41.93
C LEU A 139 39.01 -56.32 42.53
N LYS A 140 38.58 -56.48 43.79
CA LYS A 140 38.46 -57.83 44.34
C LYS A 140 37.40 -58.63 43.59
N GLU A 141 36.29 -57.99 43.24
CA GLU A 141 35.24 -58.66 42.48
C GLU A 141 35.71 -59.02 41.07
N SER A 142 36.27 -58.05 40.36
CA SER A 142 36.72 -58.26 38.98
C SER A 142 38.12 -57.71 38.82
N SER A 143 38.97 -58.45 38.12
CA SER A 143 40.37 -58.09 37.93
C SER A 143 40.57 -57.49 36.54
N GLY A 144 41.18 -56.31 36.49
CA GLY A 144 41.47 -55.66 35.23
C GLY A 144 40.27 -55.22 34.43
N ASN A 145 39.12 -55.07 35.09
CA ASN A 145 37.88 -54.71 34.43
C ASN A 145 37.52 -53.24 34.60
N ILE A 146 38.45 -52.40 35.06
CA ILE A 146 38.16 -51.00 35.33
C ILE A 146 38.89 -50.13 34.33
N PRO A 147 38.23 -49.68 33.26
CA PRO A 147 38.89 -48.78 32.31
C PRO A 147 39.10 -47.39 32.88
N GLN A 148 39.66 -46.49 32.09
CA GLN A 148 39.91 -45.13 32.58
C GLN A 148 38.61 -44.40 32.87
N ASN A 149 37.60 -44.58 32.02
CA ASN A 149 36.37 -43.82 32.14
C ASN A 149 35.56 -44.17 33.38
N GLN A 150 35.86 -45.28 34.06
CA GLN A 150 35.22 -45.61 35.32
C GLN A 150 36.10 -45.32 36.52
N ARG A 151 37.15 -44.56 36.35
CA ARG A 151 38.04 -44.22 37.44
C ARG A 151 37.81 -42.78 37.88
N PRO A 152 38.07 -42.49 39.16
CA PRO A 152 37.92 -41.11 39.65
C PRO A 152 38.85 -40.11 39.00
N SER A 153 40.00 -40.55 38.49
CA SER A 153 40.98 -39.64 37.92
C SER A 153 40.60 -39.18 36.51
N ALA A 154 39.43 -39.55 36.02
CA ALA A 154 38.99 -39.10 34.71
C ALA A 154 38.90 -37.58 34.69
N PRO A 155 39.37 -36.93 33.63
CA PRO A 155 39.38 -35.45 33.62
C PRO A 155 38.00 -34.81 33.68
N ASP A 156 36.94 -35.54 33.31
CA ASP A 156 35.61 -34.96 33.22
C ASP A 156 34.77 -35.15 34.48
N THR A 157 35.26 -35.89 35.47
CA THR A 157 34.52 -36.04 36.71
C THR A 157 34.21 -34.71 37.40
N PRO A 158 35.11 -33.72 37.46
CA PRO A 158 34.69 -32.41 37.98
C PRO A 158 33.57 -31.81 37.15
N ILE A 159 33.60 -32.03 35.83
CA ILE A 159 32.53 -31.51 34.99
C ILE A 159 31.22 -32.23 35.25
N ILE A 160 31.26 -33.53 35.58
CA ILE A 160 30.03 -34.24 35.92
C ILE A 160 29.44 -33.68 37.22
N LEU A 161 30.29 -33.47 38.22
CA LEU A 161 29.83 -32.85 39.46
C LEU A 161 29.23 -31.47 39.19
N LEU A 162 29.91 -30.68 38.37
CA LEU A 162 29.42 -29.35 38.04
C LEU A 162 28.19 -29.39 37.16
N CYS A 163 27.94 -30.48 36.43
CA CYS A 163 26.70 -30.61 35.67
C CYS A 163 25.52 -30.90 36.59
N VAL A 164 25.73 -31.70 37.62
CA VAL A 164 24.68 -31.81 38.65
C VAL A 164 24.43 -30.45 39.29
N GLY A 165 25.51 -29.71 39.56
CA GLY A 165 25.37 -28.36 40.09
C GLY A 165 24.62 -27.42 39.15
N ALA A 166 24.87 -27.54 37.85
CA ALA A 166 24.18 -26.70 36.88
C ALA A 166 22.71 -27.08 36.74
N LEU A 167 22.39 -28.37 36.90
CA LEU A 167 21.00 -28.78 36.94
C LEU A 167 20.28 -28.14 38.13
N ILE A 168 20.92 -28.12 39.30
CA ILE A 168 20.29 -27.44 40.43
C ILE A 168 20.30 -25.92 40.23
N PHE A 169 21.22 -25.41 39.41
CA PHE A 169 21.30 -23.98 39.14
C PHE A 169 20.13 -23.52 38.27
N THR A 170 19.70 -24.37 37.34
CA THR A 170 18.58 -24.01 36.47
C THR A 170 17.31 -23.74 37.26
N LYS A 171 17.18 -24.33 38.45
CA LYS A 171 15.96 -24.23 39.26
C LYS A 171 16.20 -23.39 40.51
N LEU A 172 16.95 -22.30 40.38
CA LEU A 172 17.26 -21.46 41.53
C LEU A 172 16.20 -20.42 41.82
N ALA A 173 15.29 -20.15 40.87
CA ALA A 173 14.14 -19.30 41.13
C ALA A 173 12.95 -20.11 41.64
N SER A 174 13.06 -21.43 41.70
CA SER A 174 12.02 -22.28 42.21
C SER A 174 12.28 -22.55 43.69
N THR A 175 11.57 -23.51 44.27
CA THR A 175 11.81 -23.92 45.64
C THR A 175 12.80 -25.08 45.68
N ILE A 176 13.19 -25.46 46.90
CA ILE A 176 14.19 -26.51 47.07
C ILE A 176 13.63 -27.86 46.67
N GLU A 177 12.36 -28.12 46.98
CA GLU A 177 11.76 -29.42 46.68
C GLU A 177 11.60 -29.61 45.18
N VAL A 178 11.02 -28.61 44.51
CA VAL A 178 10.84 -28.68 43.06
C VAL A 178 12.19 -28.75 42.36
N GLY A 179 13.16 -27.97 42.84
CA GLY A 179 14.49 -28.03 42.26
C GLY A 179 15.15 -29.38 42.41
N LEU A 180 15.03 -29.99 43.59
CA LEU A 180 15.63 -31.30 43.79
C LEU A 180 14.96 -32.36 42.93
N GLU A 181 13.63 -32.35 42.88
CA GLU A 181 12.92 -33.31 42.03
C GLU A 181 13.30 -33.14 40.57
N THR A 182 13.35 -31.89 40.10
CA THR A 182 13.72 -31.64 38.70
C THR A 182 15.15 -32.09 38.44
N THR A 183 16.07 -31.83 39.36
CA THR A 183 17.46 -32.21 39.16
C THR A 183 17.61 -33.72 39.09
N VAL A 184 16.96 -34.45 39.99
CA VAL A 184 17.05 -35.91 39.95
C VAL A 184 16.44 -36.45 38.66
N ARG A 185 15.24 -35.97 38.31
CA ARG A 185 14.55 -36.46 37.13
C ARG A 185 15.35 -36.19 35.87
N ARG A 186 15.89 -34.98 35.73
CA ARG A 186 16.64 -34.63 34.54
C ARG A 186 18.03 -35.24 34.52
N ALA A 187 18.61 -35.51 35.68
CA ALA A 187 19.94 -36.12 35.73
C ALA A 187 19.88 -37.61 35.45
N ASN A 188 18.74 -38.25 35.70
CA ASN A 188 18.60 -39.65 35.31
C ASN A 188 18.73 -39.83 33.80
N ARG A 189 18.35 -38.81 33.03
CA ARG A 189 18.41 -38.85 31.57
C ARG A 189 19.66 -38.19 31.02
N VAL A 190 19.91 -36.94 31.41
CA VAL A 190 20.99 -36.15 30.82
C VAL A 190 22.34 -36.71 31.21
N LEU A 191 22.53 -37.00 32.49
CA LEU A 191 23.78 -37.57 32.98
C LEU A 191 23.66 -39.09 33.07
N SER A 192 23.34 -39.70 31.93
CA SER A 192 23.14 -41.15 31.88
C SER A 192 24.44 -41.90 31.60
N ASP A 193 25.30 -41.35 30.74
CA ASP A 193 26.61 -41.96 30.52
C ASP A 193 27.44 -41.92 31.80
N ALA A 194 27.40 -40.80 32.51
CA ALA A 194 28.10 -40.70 33.80
C ALA A 194 27.53 -41.69 34.80
N LEU A 195 26.20 -41.80 34.87
CA LEU A 195 25.57 -42.75 35.80
C LEU A 195 25.86 -44.19 35.43
N LYS A 196 26.15 -44.47 34.16
CA LYS A 196 26.62 -45.81 33.80
C LYS A 196 28.07 -46.01 34.21
N ARG A 197 28.92 -45.01 33.98
CA ARG A 197 30.32 -45.09 34.41
C ARG A 197 30.43 -45.13 35.93
N TYR A 198 29.64 -44.30 36.61
CA TYR A 198 29.68 -44.16 38.06
C TYR A 198 28.31 -44.55 38.62
N PRO A 199 28.07 -45.83 38.85
CA PRO A 199 26.72 -46.29 39.21
C PRO A 199 26.30 -45.93 40.62
N ARG A 200 27.13 -45.23 41.40
CA ARG A 200 26.78 -44.98 42.80
C ARG A 200 27.08 -43.55 43.21
N MET A 201 26.89 -42.59 42.32
CA MET A 201 26.93 -41.18 42.71
C MET A 201 25.54 -40.76 43.17
N ASP A 202 25.45 -40.21 44.38
CA ASP A 202 24.19 -39.86 44.99
C ASP A 202 23.79 -38.48 44.50
N ILE A 203 23.06 -38.46 43.38
CA ILE A 203 22.63 -37.20 42.78
C ILE A 203 21.78 -36.36 43.72
N PRO A 204 20.81 -36.91 44.46
CA PRO A 204 20.06 -36.06 45.40
C PRO A 204 20.93 -35.35 46.42
N LYS A 205 21.92 -36.03 46.98
CA LYS A 205 22.74 -35.43 48.03
C LYS A 205 23.70 -34.39 47.45
N ILE A 206 24.27 -34.66 46.27
CA ILE A 206 25.12 -33.68 45.62
C ILE A 206 24.29 -32.45 45.22
N ALA A 207 23.06 -32.67 44.76
CA ALA A 207 22.20 -31.55 44.39
C ALA A 207 21.80 -30.73 45.60
N ARG A 208 21.53 -31.37 46.73
CA ARG A 208 21.25 -30.63 47.96
C ARG A 208 22.48 -29.84 48.41
N SER A 209 23.66 -30.43 48.27
CA SER A 209 24.89 -29.71 48.59
C SER A 209 25.04 -28.46 47.72
N PHE A 210 24.76 -28.59 46.42
CA PHE A 210 24.89 -27.45 45.53
C PHE A 210 23.85 -26.39 45.83
N TYR A 211 22.62 -26.80 46.15
CA TYR A 211 21.59 -25.85 46.54
C TYR A 211 22.00 -25.09 47.79
N ASP A 212 22.53 -25.81 48.78
CA ASP A 212 23.03 -25.14 49.98
C ASP A 212 24.10 -24.11 49.61
N LEU A 213 25.12 -24.54 48.88
CA LEU A 213 26.21 -23.64 48.52
C LEU A 213 25.69 -22.39 47.83
N PHE A 214 24.74 -22.55 46.92
CA PHE A 214 24.17 -21.39 46.24
C PHE A 214 23.30 -20.56 47.17
N GLU A 215 22.84 -21.11 48.29
CA GLU A 215 22.13 -20.30 49.26
C GLU A 215 23.08 -19.48 50.14
N GLN A 216 24.04 -20.13 50.82
CA GLN A 216 24.90 -19.34 51.71
C GLN A 216 25.83 -18.42 50.93
N LYS A 217 26.53 -18.94 49.92
CA LYS A 217 27.54 -18.15 49.22
C LYS A 217 26.96 -17.69 47.88
N VAL A 218 26.27 -16.54 47.93
CA VAL A 218 25.62 -16.00 46.74
C VAL A 218 26.67 -15.57 45.71
N TYR A 219 27.81 -15.06 46.16
CA TYR A 219 28.85 -14.65 45.23
C TYR A 219 29.32 -15.81 44.36
N HIS A 220 29.29 -17.03 44.90
CA HIS A 220 29.67 -18.19 44.11
C HIS A 220 28.78 -18.37 42.89
N ARG A 221 27.51 -17.96 42.99
CA ARG A 221 26.67 -17.93 41.80
C ARG A 221 27.37 -17.18 40.68
N SER A 222 27.85 -15.97 40.98
CA SER A 222 28.63 -15.21 40.00
C SER A 222 29.79 -16.03 39.48
N LEU A 223 30.53 -16.67 40.39
CA LEU A 223 31.65 -17.52 39.97
C LEU A 223 31.16 -18.59 39.02
N PHE A 224 30.08 -19.27 39.39
CA PHE A 224 29.48 -20.27 38.51
C PHE A 224 29.21 -19.67 37.14
N ILE A 225 28.59 -18.50 37.11
CA ILE A 225 28.24 -17.88 35.84
C ILE A 225 29.50 -17.61 35.03
N GLU A 226 30.55 -17.09 35.69
CA GLU A 226 31.78 -16.83 34.97
C GLU A 226 32.32 -18.10 34.33
N TYR A 227 32.26 -19.22 35.06
CA TYR A 227 32.70 -20.48 34.50
C TYR A 227 31.98 -20.76 33.19
N GLY A 228 30.66 -20.64 33.20
CA GLY A 228 29.90 -20.83 31.98
C GLY A 228 30.37 -19.89 30.89
N LYS A 229 30.54 -18.61 31.23
CA LYS A 229 31.04 -17.65 30.27
C LYS A 229 32.43 -18.04 29.79
N ALA A 230 33.28 -18.48 30.71
CA ALA A 230 34.62 -18.89 30.33
C ALA A 230 34.61 -20.20 29.58
N LEU A 231 33.55 -20.99 29.72
CA LEU A 231 33.55 -22.32 29.13
C LEU A 231 32.95 -22.31 27.74
N GLY A 232 31.94 -21.48 27.50
CA GLY A 232 31.37 -21.32 26.18
C GLY A 232 32.18 -20.48 25.23
N SER A 233 33.23 -19.81 25.73
CA SER A 233 34.13 -19.03 24.90
C SER A 233 35.34 -19.83 24.43
N SER A 234 35.47 -21.08 24.86
CA SER A 234 36.64 -21.88 24.51
C SER A 234 36.47 -22.47 23.11
N SER A 235 37.59 -22.57 22.40
CA SER A 235 37.56 -23.12 21.05
C SER A 235 37.17 -24.60 21.07
N THR A 236 37.71 -25.36 22.01
CA THR A 236 37.42 -26.78 22.14
C THR A 236 36.89 -27.08 23.54
N GLY A 237 36.69 -28.36 23.80
CA GLY A 237 36.20 -28.80 25.09
C GLY A 237 35.82 -30.27 25.01
N SER A 238 35.40 -30.79 26.16
CA SER A 238 34.91 -32.15 26.20
C SER A 238 33.40 -32.18 25.95
N LYS A 239 32.86 -33.40 25.88
CA LYS A 239 31.42 -33.55 25.78
C LYS A 239 30.73 -33.09 27.06
N ALA A 240 31.33 -33.39 28.20
CA ALA A 240 30.76 -32.96 29.48
C ALA A 240 30.70 -31.45 29.58
N GLU A 241 31.70 -30.76 29.02
CA GLU A 241 31.71 -29.31 29.06
C GLU A 241 30.61 -28.72 28.15
N SER A 242 30.38 -29.35 27.00
CA SER A 242 29.27 -28.94 26.16
C SER A 242 27.95 -29.16 26.88
N LEU A 243 27.83 -30.27 27.61
CA LEU A 243 26.62 -30.50 28.40
C LEU A 243 26.45 -29.43 29.49
N PHE A 244 27.54 -29.07 30.16
CA PHE A 244 27.48 -28.04 31.17
C PHE A 244 26.99 -26.72 30.58
N VAL A 245 27.53 -26.34 29.43
CA VAL A 245 27.10 -25.09 28.80
C VAL A 245 25.65 -25.18 28.34
N ASN A 246 25.21 -26.36 27.90
CA ASN A 246 23.83 -26.51 27.48
C ASN A 246 22.87 -26.29 28.65
N ILE A 247 23.15 -26.92 29.80
CA ILE A 247 22.31 -26.70 30.98
C ILE A 247 22.41 -25.25 31.44
N PHE A 248 23.60 -24.66 31.34
CA PHE A 248 23.80 -23.28 31.79
C PHE A 248 22.99 -22.30 30.96
N MET A 249 22.91 -22.53 29.64
CA MET A 249 21.97 -21.76 28.82
C MET A 249 20.52 -22.08 29.14
N GLN A 250 20.21 -23.33 29.47
CA GLN A 250 18.84 -23.64 29.88
C GLN A 250 18.46 -22.90 31.15
N ALA A 251 19.44 -22.44 31.92
CA ALA A 251 19.16 -21.66 33.12
C ALA A 251 18.93 -20.18 32.83
N TYR A 252 19.01 -19.74 31.58
CA TYR A 252 19.15 -18.32 31.29
C TYR A 252 17.99 -17.46 31.79
N GLY A 253 16.81 -17.61 31.23
CA GLY A 253 15.74 -16.69 31.58
C GLY A 253 15.02 -17.03 32.87
N ALA A 254 15.75 -17.63 33.80
CA ALA A 254 15.14 -18.13 35.03
C ALA A 254 14.61 -16.98 35.88
N GLY A 255 13.40 -17.15 36.40
CA GLY A 255 12.74 -16.12 37.16
C GLY A 255 11.97 -15.13 36.34
N GLN A 256 11.93 -15.28 35.02
CA GLN A 256 11.23 -14.37 34.13
C GLN A 256 10.43 -15.13 33.09
N THR A 257 9.75 -16.20 33.50
CA THR A 257 9.01 -17.00 32.53
C THR A 257 7.77 -16.29 32.01
N MET A 258 7.25 -15.30 32.72
CA MET A 258 6.09 -14.57 32.23
C MET A 258 6.44 -13.70 31.02
N LEU A 259 7.66 -13.18 30.95
CA LEU A 259 8.06 -12.44 29.76
C LEU A 259 8.12 -13.35 28.54
N ARG A 260 8.71 -14.53 28.69
CA ARG A 260 8.77 -15.49 27.60
C ARG A 260 7.37 -15.95 27.20
N TRP A 261 6.52 -16.20 28.19
CA TRP A 261 5.16 -16.66 27.90
C TRP A 261 4.31 -15.55 27.30
N GLY A 262 4.61 -14.28 27.60
CA GLY A 262 3.92 -13.19 26.94
C GLY A 262 4.36 -13.03 25.50
N VAL A 263 5.64 -13.23 25.23
CA VAL A 263 6.10 -13.27 23.85
C VAL A 263 5.42 -14.41 23.10
N ILE A 264 5.22 -15.54 23.78
CA ILE A 264 4.49 -16.66 23.19
C ILE A 264 3.05 -16.26 22.89
N ALA A 265 2.39 -15.63 23.87
CA ALA A 265 1.00 -15.24 23.68
C ALA A 265 0.84 -14.22 22.57
N ARG A 266 1.86 -13.38 22.33
CA ARG A 266 1.83 -12.53 21.16
C ARG A 266 2.03 -13.33 19.89
N SER A 267 2.97 -14.28 19.90
CA SER A 267 3.17 -15.15 18.75
C SER A 267 2.01 -16.12 18.54
N SER A 268 1.22 -16.37 19.57
CA SER A 268 0.04 -17.22 19.45
C SER A 268 -1.19 -16.47 18.96
N ASN A 269 -1.11 -15.15 18.83
CA ASN A 269 -2.21 -14.32 18.32
C ASN A 269 -3.48 -14.54 19.12
N ASN A 270 -3.35 -14.65 20.44
CA ASN A 270 -4.51 -14.75 21.31
C ASN A 270 -5.38 -13.50 21.16
N ILE A 271 -6.62 -13.69 20.74
CA ILE A 271 -7.50 -12.54 20.51
C ILE A 271 -7.81 -11.81 21.80
N MET A 272 -7.71 -12.48 22.95
CA MET A 272 -8.05 -11.81 24.19
C MET A 272 -6.99 -10.80 24.61
N LEU A 273 -5.84 -10.79 23.94
CA LEU A 273 -4.90 -9.67 24.09
C LEU A 273 -5.54 -8.36 23.67
N GLY A 274 -6.51 -8.42 22.76
CA GLY A 274 -7.24 -7.25 22.30
C GLY A 274 -8.36 -6.79 23.20
N HIS A 275 -8.63 -7.52 24.28
CA HIS A 275 -9.61 -7.07 25.25
C HIS A 275 -9.16 -5.74 25.85
N VAL A 276 -10.11 -4.83 26.05
CA VAL A 276 -9.77 -3.45 26.40
C VAL A 276 -8.99 -3.38 27.71
N SER A 277 -9.26 -4.31 28.65
CA SER A 277 -8.55 -4.30 29.91
C SER A 277 -7.06 -4.56 29.71
N VAL A 278 -6.71 -5.48 28.82
CA VAL A 278 -5.31 -5.71 28.49
C VAL A 278 -4.76 -4.53 27.69
N GLN A 279 -5.56 -4.01 26.75
CA GLN A 279 -5.14 -2.88 25.93
C GLN A 279 -4.75 -1.68 26.78
N ALA A 280 -5.38 -1.51 27.93
CA ALA A 280 -5.00 -0.44 28.85
C ALA A 280 -3.65 -0.68 29.50
N GLU A 281 -3.07 -1.87 29.35
CA GLU A 281 -1.81 -2.22 29.99
C GLU A 281 -0.68 -2.51 29.03
N LEU A 282 -0.97 -2.66 27.73
CA LEU A 282 0.12 -2.93 26.80
C LEU A 282 1.20 -1.86 26.81
N LYS A 283 0.88 -0.63 27.20
CA LYS A 283 1.92 0.39 27.29
C LYS A 283 2.95 0.08 28.36
N GLN A 284 2.50 -0.33 29.55
CA GLN A 284 3.47 -0.70 30.59
C GLN A 284 4.12 -2.04 30.30
N VAL A 285 3.41 -2.94 29.62
CA VAL A 285 4.03 -4.19 29.17
C VAL A 285 5.20 -3.88 28.23
N THR A 286 4.97 -2.98 27.27
CA THR A 286 6.01 -2.55 26.36
C THR A 286 7.15 -1.87 27.12
N GLU A 287 6.83 -1.12 28.17
CA GLU A 287 7.91 -0.54 28.98
C GLU A 287 8.75 -1.62 29.65
N VAL A 288 8.12 -2.69 30.12
CA VAL A 288 8.90 -3.79 30.72
C VAL A 288 9.83 -4.42 29.69
N TYR A 289 9.31 -4.67 28.49
CA TYR A 289 10.18 -5.26 27.46
C TYR A 289 11.25 -4.28 26.99
N ASP A 290 10.95 -2.98 26.97
CA ASP A 290 11.96 -1.96 26.71
C ASP A 290 13.05 -1.98 27.76
N LEU A 291 12.66 -2.20 29.02
CA LEU A 291 13.65 -2.32 30.08
C LEU A 291 14.54 -3.53 29.87
N VAL A 292 13.96 -4.65 29.41
CA VAL A 292 14.77 -5.81 29.08
C VAL A 292 15.78 -5.46 27.99
N ARG A 293 15.33 -4.75 26.95
CA ARG A 293 16.22 -4.35 25.86
C ARG A 293 17.32 -3.42 26.36
N GLU A 294 16.97 -2.50 27.27
CA GLU A 294 17.94 -1.57 27.82
C GLU A 294 18.99 -2.29 28.65
N MET A 295 18.57 -3.24 29.49
CA MET A 295 19.51 -4.00 30.31
C MET A 295 20.42 -4.84 29.43
N GLY A 296 19.87 -5.47 28.39
CA GLY A 296 20.68 -6.21 27.46
C GLY A 296 20.87 -7.66 27.86
N PRO A 297 21.97 -8.26 27.39
CA PRO A 297 22.18 -9.70 27.64
C PRO A 297 22.28 -10.08 29.11
N GLU A 298 22.65 -9.15 29.98
CA GLU A 298 22.76 -9.45 31.40
C GLU A 298 21.40 -9.47 32.11
N SER A 299 20.32 -9.12 31.43
CA SER A 299 19.01 -9.11 32.06
C SER A 299 18.52 -10.52 32.37
N GLY A 300 18.96 -11.52 31.60
CA GLY A 300 18.54 -12.88 31.86
C GLY A 300 19.14 -13.47 33.11
N LEU A 301 20.29 -12.99 33.54
CA LEU A 301 20.98 -13.52 34.71
C LEU A 301 20.61 -12.79 35.99
N LEU A 302 19.63 -11.88 35.93
CA LEU A 302 19.33 -11.03 37.08
C LEU A 302 18.84 -11.86 38.26
N HIS A 303 17.95 -12.81 38.02
CA HIS A 303 17.44 -13.66 39.09
C HIS A 303 18.44 -14.74 39.49
N LEU A 304 19.22 -15.26 38.55
CA LEU A 304 20.25 -16.22 38.88
C LEU A 304 21.32 -15.60 39.78
N ARG A 305 21.73 -14.36 39.45
CA ARG A 305 22.66 -13.64 40.30
C ARG A 305 22.02 -13.16 41.59
N GLN A 306 20.69 -13.20 41.67
CA GLN A 306 19.94 -12.66 42.80
C GLN A 306 20.22 -11.16 42.93
N SER A 307 20.13 -10.47 41.80
CA SER A 307 20.34 -9.03 41.80
C SER A 307 19.16 -8.33 42.45
N PRO A 308 19.40 -7.35 43.33
CA PRO A 308 18.29 -6.55 43.85
C PRO A 308 17.54 -5.83 42.75
N LYS A 309 18.22 -5.52 41.65
CA LYS A 309 17.58 -4.86 40.52
C LYS A 309 16.49 -5.72 39.90
N ALA A 310 16.58 -7.05 40.05
CA ALA A 310 15.51 -7.92 39.59
C ALA A 310 14.23 -7.62 40.33
N GLY A 311 13.11 -7.68 39.62
CA GLY A 311 11.84 -7.20 40.11
C GLY A 311 11.37 -5.95 39.42
N LEU A 312 12.29 -5.20 38.81
CA LEU A 312 11.91 -4.22 37.79
C LEU A 312 11.38 -4.90 36.54
N LEU A 313 11.76 -6.15 36.30
CA LEU A 313 11.29 -6.94 35.18
C LEU A 313 9.99 -7.66 35.47
N SER A 314 9.28 -7.26 36.51
CA SER A 314 8.05 -7.92 36.93
C SER A 314 6.85 -7.33 36.17
N LEU A 315 6.00 -8.22 35.65
CA LEU A 315 4.73 -7.84 35.04
C LEU A 315 3.56 -7.98 35.99
N ALA A 316 3.83 -7.92 37.30
CA ALA A 316 2.78 -8.17 38.29
C ALA A 316 1.83 -6.99 38.46
N ASN A 317 2.16 -5.82 37.94
CA ASN A 317 1.28 -4.68 38.00
C ASN A 317 0.36 -4.59 36.80
N CYS A 318 0.40 -5.57 35.90
CA CYS A 318 -0.51 -5.68 34.76
C CYS A 318 -1.28 -6.99 34.93
N PRO A 319 -2.25 -7.03 35.85
CA PRO A 319 -2.91 -8.29 36.16
C PRO A 319 -3.69 -8.90 35.00
N ASN A 320 -4.30 -8.07 34.15
CA ASN A 320 -5.11 -8.63 33.07
C ASN A 320 -4.23 -9.21 31.96
N PHE A 321 -3.12 -8.54 31.63
CA PHE A 321 -2.18 -9.11 30.70
C PHE A 321 -1.59 -10.40 31.24
N ALA A 322 -1.28 -10.44 32.53
CA ALA A 322 -0.77 -11.65 33.14
C ALA A 322 -1.78 -12.78 33.07
N SER A 323 -3.05 -12.47 33.33
CA SER A 323 -4.10 -13.48 33.25
C SER A 323 -4.25 -14.01 31.83
N VAL A 324 -4.21 -13.12 30.84
CA VAL A 324 -4.35 -13.55 29.45
C VAL A 324 -3.14 -14.37 29.02
N VAL A 325 -1.94 -14.00 29.48
CA VAL A 325 -0.74 -14.76 29.14
C VAL A 325 -0.79 -16.15 29.76
N LEU A 326 -1.18 -16.24 31.03
CA LEU A 326 -1.29 -17.54 31.67
C LEU A 326 -2.38 -18.40 31.04
N GLY A 327 -3.50 -17.78 30.64
CA GLY A 327 -4.54 -18.52 29.96
C GLY A 327 -4.12 -19.03 28.60
N ASN A 328 -3.41 -18.22 27.83
CA ASN A 328 -2.89 -18.68 26.56
C ASN A 328 -1.90 -19.82 26.75
N ALA A 329 -1.04 -19.71 27.76
CA ALA A 329 -0.09 -20.80 28.03
C ALA A 329 -0.82 -22.07 28.45
N SER A 330 -1.89 -21.93 29.24
CA SER A 330 -2.64 -23.09 29.69
C SER A 330 -3.38 -23.76 28.54
N GLY A 331 -3.93 -22.96 27.62
CA GLY A 331 -4.62 -23.54 26.48
C GLY A 331 -3.70 -24.34 25.58
N LEU A 332 -2.51 -23.80 25.31
CA LEU A 332 -1.50 -24.52 24.54
C LEU A 332 -0.96 -25.73 25.29
N GLY A 333 -1.22 -25.84 26.59
CA GLY A 333 -0.74 -26.96 27.38
C GLY A 333 0.68 -26.82 27.90
N ILE A 334 1.28 -25.64 27.80
CA ILE A 334 2.65 -25.44 28.25
C ILE A 334 2.71 -24.87 29.66
N ILE A 335 1.57 -24.58 30.29
CA ILE A 335 1.60 -23.98 31.61
C ILE A 335 2.16 -24.97 32.63
N GLY A 336 1.96 -26.26 32.41
CA GLY A 336 2.47 -27.26 33.34
C GLY A 336 1.91 -27.06 34.73
N MET A 337 2.79 -27.11 35.73
CA MET A 337 2.43 -26.88 37.11
C MET A 337 2.94 -25.53 37.62
N TYR A 338 3.05 -24.56 36.70
CA TYR A 338 3.44 -23.21 37.08
C TYR A 338 2.45 -22.65 38.10
N ARG A 339 2.98 -22.05 39.16
CA ARG A 339 2.17 -21.62 40.29
C ARG A 339 1.93 -20.12 40.31
N GLY A 340 2.20 -19.41 39.22
CA GLY A 340 1.89 -17.99 39.18
C GLY A 340 0.41 -17.74 39.39
N ARG A 341 0.11 -16.63 40.05
CA ARG A 341 -1.27 -16.33 40.39
C ARG A 341 -2.00 -15.70 39.22
N VAL A 342 -3.26 -16.06 39.05
CA VAL A 342 -4.08 -15.52 37.98
C VAL A 342 -5.08 -14.55 38.57
N PRO A 343 -4.85 -13.24 38.44
CA PRO A 343 -5.77 -12.26 39.05
C PRO A 343 -7.15 -12.27 38.43
N ASN A 344 -7.21 -12.17 37.10
CA ASN A 344 -8.47 -12.15 36.38
C ASN A 344 -8.79 -13.57 35.93
N THR A 345 -9.80 -14.17 36.56
CA THR A 345 -10.19 -15.54 36.21
C THR A 345 -10.96 -15.59 34.90
N GLU A 346 -11.81 -14.60 34.63
CA GLU A 346 -12.60 -14.61 33.40
C GLU A 346 -11.71 -14.45 32.17
N LEU A 347 -10.75 -13.54 32.22
CA LEU A 347 -9.80 -13.40 31.12
C LEU A 347 -8.99 -14.67 30.94
N PHE A 348 -8.58 -15.28 32.06
CA PHE A 348 -7.87 -16.56 31.98
C PHE A 348 -8.70 -17.60 31.25
N SER A 349 -9.97 -17.73 31.62
CA SER A 349 -10.82 -18.75 31.01
C SER A 349 -11.02 -18.48 29.53
N ALA A 350 -11.30 -17.23 29.16
CA ALA A 350 -11.51 -16.90 27.76
C ALA A 350 -10.24 -17.11 26.94
N ALA A 351 -9.10 -16.68 27.46
CA ALA A 351 -7.84 -16.88 26.77
C ALA A 351 -7.52 -18.35 26.60
N GLU A 352 -7.77 -19.15 27.65
CA GLU A 352 -7.50 -20.58 27.57
C GLU A 352 -8.40 -21.26 26.56
N SER A 353 -9.67 -20.87 26.52
CA SER A 353 -10.59 -21.43 25.53
C SER A 353 -10.14 -21.09 24.12
N TYR A 354 -9.74 -19.84 23.88
CA TYR A 354 -9.30 -19.48 22.54
C TYR A 354 -8.01 -20.21 22.16
N ALA A 355 -7.08 -20.34 23.11
CA ALA A 355 -5.82 -21.00 22.79
C ALA A 355 -6.02 -22.47 22.53
N LYS A 356 -6.91 -23.13 23.28
CA LYS A 356 -7.23 -24.52 23.00
C LYS A 356 -7.88 -24.66 21.63
N SER A 357 -8.82 -23.77 21.29
CA SER A 357 -9.45 -23.82 19.98
C SER A 357 -8.43 -23.64 18.87
N LEU A 358 -7.48 -22.72 19.07
CA LEU A 358 -6.44 -22.48 18.06
C LEU A 358 -5.52 -23.67 17.92
N LYS A 359 -5.13 -24.29 19.04
CA LYS A 359 -4.21 -25.42 18.97
C LYS A 359 -4.87 -26.64 18.33
N GLU A 360 -6.14 -26.89 18.63
CA GLU A 360 -6.81 -28.05 18.06
C GLU A 360 -6.93 -27.96 16.55
N ASP B 10 16.60 -14.57 22.86
CA ASP B 10 17.46 -15.26 23.82
C ASP B 10 18.66 -15.92 23.17
N LEU B 11 18.51 -16.43 21.94
CA LEU B 11 19.60 -17.16 21.32
C LEU B 11 20.72 -16.22 20.88
N SER B 12 20.36 -15.06 20.35
CA SER B 12 21.36 -14.05 20.05
C SER B 12 22.08 -13.61 21.31
N TYR B 13 21.35 -13.51 22.42
CA TYR B 13 21.95 -13.13 23.69
C TYR B 13 22.93 -14.19 24.18
N LYS B 14 22.57 -15.46 24.03
CA LYS B 14 23.50 -16.52 24.40
C LYS B 14 24.74 -16.52 23.52
N HIS B 15 24.57 -16.28 22.22
CA HIS B 15 25.72 -16.21 21.33
C HIS B 15 26.62 -15.03 21.69
N ALA B 16 26.02 -13.88 22.03
CA ALA B 16 26.82 -12.74 22.43
C ALA B 16 27.50 -12.97 23.77
N ILE B 17 26.88 -13.78 24.63
CA ILE B 17 27.54 -14.15 25.88
C ILE B 17 28.78 -14.99 25.61
N LEU B 18 28.63 -16.04 24.80
CA LEU B 18 29.75 -16.95 24.57
C LEU B 18 30.83 -16.31 23.72
N LYS B 19 30.46 -15.52 22.72
CA LYS B 19 31.44 -14.97 21.78
C LYS B 19 32.27 -13.87 22.42
N GLU B 20 31.62 -12.95 23.14
CA GLU B 20 32.29 -11.77 23.68
C GLU B 20 32.90 -12.11 25.04
N SER B 21 33.97 -12.88 25.01
CA SER B 21 34.70 -13.26 26.20
C SER B 21 36.11 -12.69 26.13
N GLN B 22 36.54 -12.02 27.21
CA GLN B 22 37.86 -11.40 27.25
C GLN B 22 38.95 -12.35 27.67
N TYR B 23 38.62 -13.57 28.09
CA TYR B 23 39.59 -14.52 28.61
C TYR B 23 39.63 -15.76 27.73
N THR B 24 40.83 -16.12 27.29
CA THR B 24 41.03 -17.36 26.54
C THR B 24 41.26 -18.51 27.51
N ILE B 25 41.07 -19.73 27.01
CA ILE B 25 41.23 -20.94 27.79
C ILE B 25 42.53 -21.62 27.38
N LYS B 26 43.27 -22.10 28.37
CA LYS B 26 44.56 -22.77 28.14
C LYS B 26 44.41 -24.26 28.42
N ARG B 27 44.82 -25.07 27.45
CA ARG B 27 44.75 -26.52 27.59
C ARG B 27 45.99 -27.14 26.98
N ASP B 28 46.26 -28.39 27.37
CA ASP B 28 47.40 -29.15 26.85
C ASP B 28 48.72 -28.44 27.15
N VAL B 29 48.83 -27.83 28.33
CA VAL B 29 49.97 -26.97 28.62
C VAL B 29 51.27 -27.77 28.65
N GLY B 30 51.27 -28.94 29.28
CA GLY B 30 52.48 -29.71 29.43
C GLY B 30 52.76 -30.70 28.33
N THR B 31 51.96 -30.72 27.27
CA THR B 31 52.02 -31.75 26.26
C THR B 31 52.88 -31.32 25.07
N THR B 32 53.22 -32.30 24.23
CA THR B 32 53.99 -32.07 23.02
C THR B 32 53.37 -32.83 21.87
N THR B 33 53.65 -32.37 20.66
CA THR B 33 53.20 -33.05 19.45
C THR B 33 54.31 -32.94 18.40
N ALA B 34 54.23 -33.80 17.39
CA ALA B 34 55.28 -33.93 16.40
C ALA B 34 54.90 -33.21 15.11
N VAL B 35 55.89 -32.56 14.48
CA VAL B 35 55.75 -32.06 13.13
C VAL B 35 57.02 -32.41 12.36
N THR B 36 56.94 -32.29 11.04
CA THR B 36 58.06 -32.57 10.17
C THR B 36 58.37 -31.34 9.32
N PRO B 37 59.62 -30.88 9.27
CA PRO B 37 59.94 -29.73 8.44
C PRO B 37 59.66 -30.01 6.97
N SER B 38 59.24 -28.96 6.25
CA SER B 38 58.80 -29.13 4.88
C SER B 38 59.89 -29.72 4.00
N SER B 39 61.16 -29.49 4.35
CA SER B 39 62.28 -30.00 3.58
C SER B 39 62.35 -31.52 3.58
N LEU B 40 61.61 -32.18 4.46
CA LEU B 40 61.55 -33.64 4.51
C LEU B 40 60.32 -34.19 3.81
N GLN B 41 59.64 -33.37 3.00
CA GLN B 41 58.41 -33.82 2.35
C GLN B 41 58.64 -35.12 1.57
N GLN B 42 59.68 -35.15 0.74
CA GLN B 42 60.02 -36.37 0.01
C GLN B 42 60.12 -37.55 0.97
N GLU B 43 60.87 -37.38 2.05
CA GLU B 43 61.05 -38.48 3.00
C GLU B 43 59.75 -38.89 3.64
N ILE B 44 58.83 -37.96 3.86
CA ILE B 44 57.55 -38.38 4.43
C ILE B 44 56.69 -39.01 3.35
N THR B 45 56.80 -38.54 2.10
CA THR B 45 55.98 -39.08 1.03
C THR B 45 56.22 -40.58 0.89
N LEU B 46 57.49 -40.98 0.86
CA LEU B 46 57.82 -42.41 0.82
C LEU B 46 57.10 -43.16 1.92
N LEU B 47 57.17 -42.66 3.15
CA LEU B 47 56.52 -43.36 4.25
C LEU B 47 55.02 -43.43 4.04
N CYS B 48 54.41 -42.33 3.58
CA CYS B 48 52.98 -42.34 3.32
C CYS B 48 52.62 -43.32 2.21
N GLY B 49 53.60 -43.73 1.41
CA GLY B 49 53.35 -44.72 0.38
C GLY B 49 53.68 -46.12 0.82
N GLU B 50 54.42 -46.27 1.91
CA GLU B 50 54.80 -47.59 2.38
C GLU B 50 53.77 -48.20 3.32
N ILE B 51 52.88 -47.38 3.90
CA ILE B 51 51.72 -47.89 4.60
C ILE B 51 50.68 -48.38 3.59
N LEU B 52 50.84 -48.00 2.31
CA LEU B 52 49.81 -48.27 1.32
C LEU B 52 50.00 -49.58 0.57
N TYR B 53 51.24 -50.00 0.26
CA TYR B 53 51.38 -51.09 -0.68
C TYR B 53 51.84 -52.38 0.00
N ALA B 54 51.75 -52.46 1.32
CA ALA B 54 52.04 -53.69 2.02
C ALA B 54 50.96 -53.95 3.06
N LYS B 55 50.85 -55.19 3.49
CA LYS B 55 49.88 -55.61 4.48
C LYS B 55 50.58 -55.65 5.83
N HIS B 56 50.20 -54.73 6.72
CA HIS B 56 50.91 -54.51 7.98
C HIS B 56 50.07 -55.06 9.13
N ALA B 57 50.76 -55.63 10.11
CA ALA B 57 50.06 -56.10 11.31
C ALA B 57 49.50 -54.95 12.12
N ASP B 58 50.15 -53.79 12.08
CA ASP B 58 49.78 -52.65 12.91
C ASP B 58 49.71 -51.38 12.07
N TYR B 59 48.60 -50.67 12.16
CA TYR B 59 48.37 -49.42 11.45
C TYR B 59 48.12 -48.27 12.42
N LYS B 60 48.78 -48.31 13.58
CA LYS B 60 48.45 -47.38 14.66
C LYS B 60 48.71 -45.93 14.26
N TYR B 61 49.85 -45.66 13.63
CA TYR B 61 50.33 -44.30 13.44
C TYR B 61 50.16 -43.81 12.01
N ALA B 62 49.31 -44.44 11.20
CA ALA B 62 49.13 -43.98 9.83
C ALA B 62 48.58 -42.56 9.79
N ALA B 63 47.60 -42.27 10.66
CA ALA B 63 47.05 -40.93 10.72
C ALA B 63 48.10 -39.91 11.15
N GLU B 64 49.00 -40.32 12.04
CA GLU B 64 50.10 -39.43 12.41
C GLU B 64 51.00 -39.14 11.22
N ILE B 65 51.25 -40.13 10.36
CA ILE B 65 52.08 -39.88 9.19
C ILE B 65 51.36 -38.96 8.21
N GLY B 66 50.04 -39.09 8.10
CA GLY B 66 49.28 -38.14 7.29
C GLY B 66 49.37 -36.73 7.83
N ILE B 67 49.30 -36.58 9.16
CA ILE B 67 49.46 -35.26 9.77
C ILE B 67 50.87 -34.74 9.56
N GLN B 68 51.87 -35.63 9.55
CA GLN B 68 53.23 -35.21 9.25
C GLN B 68 53.34 -34.67 7.83
N TYR B 69 52.67 -35.31 6.88
CA TYR B 69 52.64 -34.77 5.53
C TYR B 69 51.95 -33.42 5.49
N ILE B 70 50.85 -33.26 6.24
CA ILE B 70 50.17 -31.96 6.31
C ILE B 70 51.13 -30.91 6.86
N SER B 71 51.93 -31.29 7.85
CA SER B 71 52.91 -30.39 8.43
C SER B 71 53.97 -29.98 7.41
N THR B 72 54.45 -30.94 6.61
CA THR B 72 55.41 -30.60 5.57
C THR B 72 54.79 -29.70 4.50
N ALA B 73 53.51 -29.91 4.20
CA ALA B 73 52.85 -29.09 3.18
C ALA B 73 52.56 -27.68 3.69
N LEU B 74 52.34 -27.51 4.99
CA LEU B 74 52.06 -26.20 5.54
C LEU B 74 53.30 -25.51 6.11
N GLY B 75 54.18 -26.27 6.73
CA GLY B 75 55.36 -25.71 7.36
C GLY B 75 55.28 -25.90 8.87
N SER B 76 56.42 -26.25 9.47
CA SER B 76 56.43 -26.58 10.90
C SER B 76 56.06 -25.37 11.76
N GLU B 77 56.61 -24.21 11.45
CA GLU B 77 56.29 -23.02 12.23
C GLU B 77 54.85 -22.57 12.00
N ARG B 78 54.36 -22.71 10.77
CA ARG B 78 52.98 -22.34 10.49
C ARG B 78 52.02 -23.32 11.14
N VAL B 79 52.41 -24.60 11.24
CA VAL B 79 51.60 -25.59 11.93
C VAL B 79 51.58 -25.32 13.42
N GLN B 80 52.72 -24.89 13.99
CA GLN B 80 52.73 -24.48 15.39
C GLN B 80 51.79 -23.31 15.62
N GLN B 81 51.80 -22.34 14.71
CA GLN B 81 50.88 -21.21 14.80
C GLN B 81 49.42 -21.67 14.72
N ILE B 82 49.14 -22.63 13.83
CA ILE B 82 47.78 -23.15 13.70
C ILE B 82 47.33 -23.82 14.99
N LEU B 83 48.19 -24.66 15.57
CA LEU B 83 47.81 -25.35 16.79
C LEU B 83 47.67 -24.39 17.96
N ARG B 84 48.45 -23.31 17.97
CA ARG B 84 48.25 -22.29 18.99
C ARG B 84 46.92 -21.58 18.82
N ASN B 85 46.57 -21.23 17.58
CA ASN B 85 45.32 -20.51 17.32
C ASN B 85 44.10 -21.40 17.53
N SER B 86 44.24 -22.71 17.45
CA SER B 86 43.13 -23.58 17.79
C SER B 86 42.80 -23.56 19.28
N GLY B 87 43.67 -22.98 20.09
CA GLY B 87 43.47 -22.90 21.52
C GLY B 87 44.19 -23.94 22.32
N SER B 88 45.30 -24.48 21.83
CA SER B 88 46.04 -25.54 22.50
C SER B 88 47.47 -25.08 22.75
N GLU B 89 48.02 -25.49 23.89
CA GLU B 89 49.38 -25.17 24.28
C GLU B 89 50.35 -26.30 23.95
N VAL B 90 49.99 -27.18 23.01
CA VAL B 90 50.86 -28.29 22.66
C VAL B 90 52.18 -27.76 22.10
N GLN B 91 53.27 -28.32 22.57
CA GLN B 91 54.60 -27.91 22.15
C GLN B 91 55.04 -28.77 20.97
N VAL B 92 55.05 -28.16 19.79
CA VAL B 92 55.56 -28.81 18.58
C VAL B 92 56.97 -29.34 18.78
N VAL B 93 57.18 -30.58 18.33
CA VAL B 93 58.49 -31.21 18.28
C VAL B 93 58.80 -31.51 16.81
N LEU B 94 60.09 -31.47 16.46
CA LEU B 94 60.51 -31.51 15.07
C LEU B 94 61.05 -32.88 14.70
N THR B 95 60.62 -33.39 13.55
CA THR B 95 61.06 -34.69 13.06
C THR B 95 62.54 -34.64 12.69
N ARG B 96 63.27 -35.70 13.05
CA ARG B 96 64.71 -35.76 12.83
C ARG B 96 65.06 -36.98 11.99
N THR B 97 65.84 -36.78 10.93
CA THR B 97 66.32 -37.91 10.16
C THR B 97 67.51 -38.55 10.87
N TYR B 98 67.46 -39.87 11.03
CA TYR B 98 68.54 -40.61 11.67
C TYR B 98 68.98 -41.74 10.76
N SER B 99 70.28 -42.05 10.81
CA SER B 99 70.80 -43.18 10.07
C SER B 99 70.37 -44.48 10.74
N LEU B 100 69.95 -45.45 9.93
CA LEU B 100 69.51 -46.73 10.48
C LEU B 100 70.66 -47.44 11.20
N GLY B 101 71.84 -47.40 10.62
CA GLY B 101 72.99 -48.05 11.19
C GLY B 101 73.99 -48.40 10.08
N LYS B 102 74.48 -49.63 10.14
CA LYS B 102 75.42 -50.11 9.12
C LYS B 102 74.75 -50.27 7.76
N ILE B 103 73.41 -50.30 7.71
CA ILE B 103 72.70 -50.50 6.45
C ILE B 103 72.92 -49.30 5.54
N LYS B 104 73.13 -49.56 4.26
CA LYS B 104 73.40 -48.54 3.26
C LYS B 104 72.41 -48.68 2.11
N ASN B 105 72.13 -47.58 1.44
CA ASN B 105 71.16 -47.57 0.36
C ASN B 105 71.87 -47.81 -0.98
N ASN B 106 71.13 -47.65 -2.08
CA ASN B 106 71.70 -47.89 -3.41
C ASN B 106 72.73 -46.84 -3.78
N LYS B 107 72.61 -45.62 -3.26
CA LYS B 107 73.50 -44.53 -3.61
C LYS B 107 74.85 -44.59 -2.89
N GLY B 108 75.03 -45.54 -1.99
CA GLY B 108 76.27 -45.63 -1.24
C GLY B 108 76.32 -44.79 0.01
N GLU B 109 75.21 -44.15 0.39
CA GLU B 109 75.13 -43.37 1.62
C GLU B 109 74.37 -44.15 2.68
N ASP B 110 74.44 -43.64 3.91
CA ASP B 110 73.69 -44.24 5.00
C ASP B 110 72.19 -44.04 4.78
N LEU B 111 71.42 -45.09 5.02
CA LEU B 111 69.98 -45.04 4.84
C LEU B 111 69.36 -44.17 5.93
N GLN B 112 68.87 -42.99 5.55
CA GLN B 112 68.29 -42.06 6.51
C GLN B 112 66.79 -42.31 6.61
N MET B 113 66.30 -42.48 7.83
CA MET B 113 64.89 -42.68 8.07
C MET B 113 64.36 -41.63 9.04
N LEU B 114 63.06 -41.39 8.94
CA LEU B 114 62.42 -40.36 9.75
C LEU B 114 62.28 -40.81 11.21
N ASP B 115 62.42 -39.85 12.12
CA ASP B 115 62.22 -40.04 13.54
C ASP B 115 61.16 -39.03 13.95
N ILE B 116 59.96 -39.52 14.20
CA ILE B 116 58.81 -38.71 14.52
C ILE B 116 58.55 -38.82 16.01
N HIS B 117 58.22 -37.69 16.63
CA HIS B 117 57.95 -37.69 18.07
C HIS B 117 56.65 -38.41 18.36
N GLY B 118 56.66 -39.26 19.39
CA GLY B 118 55.49 -40.02 19.77
C GLY B 118 55.26 -41.28 18.99
N VAL B 119 55.99 -41.48 17.90
CA VAL B 119 55.92 -42.70 17.10
C VAL B 119 57.16 -43.51 17.41
N GLU B 120 56.96 -44.72 17.93
CA GLU B 120 58.11 -45.59 18.17
C GLU B 120 58.86 -45.83 16.87
N LYS B 121 60.18 -45.76 16.95
CA LYS B 121 60.99 -46.01 15.75
C LYS B 121 60.79 -47.43 15.27
N SER B 122 60.48 -48.37 16.17
CA SER B 122 60.29 -49.75 15.76
C SER B 122 59.11 -49.89 14.80
N TRP B 123 58.05 -49.10 15.02
CA TRP B 123 56.92 -49.11 14.09
C TRP B 123 57.36 -48.66 12.70
N VAL B 124 58.15 -47.61 12.62
CA VAL B 124 58.62 -47.13 11.32
C VAL B 124 59.53 -48.16 10.66
N GLU B 125 60.42 -48.78 11.44
CA GLU B 125 61.29 -49.82 10.91
C GLU B 125 60.47 -50.98 10.37
N GLU B 126 59.43 -51.41 11.09
CA GLU B 126 58.66 -52.56 10.64
C GLU B 126 57.82 -52.22 9.41
N ILE B 127 57.28 -50.99 9.36
CA ILE B 127 56.55 -50.58 8.16
C ILE B 127 57.48 -50.57 6.96
N ASP B 128 58.66 -49.98 7.11
CA ASP B 128 59.62 -49.92 6.01
C ASP B 128 60.10 -51.32 5.60
N LYS B 129 60.39 -52.18 6.57
CA LYS B 129 60.87 -53.51 6.27
C LYS B 129 59.80 -54.34 5.57
N GLU B 130 58.56 -54.26 6.05
CA GLU B 130 57.48 -55.01 5.40
C GLU B 130 57.24 -54.50 3.99
N ALA B 131 57.30 -53.18 3.78
CA ALA B 131 57.12 -52.64 2.44
C ALA B 131 58.25 -53.08 1.51
N ARG B 132 59.49 -53.07 2.01
CA ARG B 132 60.61 -53.52 1.19
C ARG B 132 60.51 -54.99 0.85
N LYS B 133 60.11 -55.81 1.82
CA LYS B 133 59.91 -57.23 1.56
C LYS B 133 58.80 -57.47 0.54
N THR B 134 57.71 -56.73 0.65
CA THR B 134 56.61 -56.87 -0.29
C THR B 134 57.04 -56.51 -1.70
N MET B 135 57.77 -55.39 -1.87
CA MET B 135 58.21 -55.05 -3.21
C MET B 135 59.25 -56.03 -3.74
N ALA B 136 60.10 -56.57 -2.85
CA ALA B 136 61.04 -57.60 -3.29
C ALA B 136 60.30 -58.82 -3.82
N THR B 137 59.25 -59.25 -3.11
CA THR B 137 58.46 -60.38 -3.58
C THR B 137 57.77 -60.05 -4.91
N LEU B 138 57.22 -58.85 -5.04
CA LEU B 138 56.52 -58.49 -6.27
C LEU B 138 57.46 -58.45 -7.46
N LEU B 139 58.68 -57.93 -7.27
CA LEU B 139 59.65 -57.95 -8.36
C LEU B 139 60.18 -59.36 -8.62
N LYS B 140 60.18 -60.22 -7.62
CA LYS B 140 60.50 -61.62 -7.87
C LYS B 140 59.43 -62.27 -8.74
N GLU B 141 58.16 -61.93 -8.51
CA GLU B 141 57.09 -62.47 -9.34
C GLU B 141 57.17 -61.94 -10.77
N SER B 142 57.28 -60.62 -10.93
CA SER B 142 57.33 -60.00 -12.24
C SER B 142 58.48 -59.01 -12.31
N SER B 143 59.20 -59.02 -13.43
CA SER B 143 60.37 -58.19 -13.61
C SER B 143 60.02 -56.98 -14.47
N GLY B 144 60.35 -55.79 -13.96
CA GLY B 144 60.12 -54.56 -14.71
C GLY B 144 58.67 -54.21 -14.92
N ASN B 145 57.76 -54.77 -14.12
CA ASN B 145 56.33 -54.56 -14.28
C ASN B 145 55.77 -53.56 -13.28
N ILE B 146 56.63 -52.80 -12.60
CA ILE B 146 56.17 -51.86 -11.57
C ILE B 146 56.39 -50.43 -12.05
N PRO B 147 55.36 -49.77 -12.57
CA PRO B 147 55.51 -48.38 -12.99
C PRO B 147 55.61 -47.45 -11.80
N GLN B 148 55.73 -46.14 -12.06
CA GLN B 148 55.84 -45.17 -10.96
C GLN B 148 54.58 -45.14 -10.12
N ASN B 149 53.41 -45.20 -10.76
CA ASN B 149 52.14 -45.04 -10.05
C ASN B 149 51.84 -46.18 -9.09
N GLN B 150 52.55 -47.30 -9.17
CA GLN B 150 52.40 -48.38 -8.21
C GLN B 150 53.52 -48.42 -7.19
N ARG B 151 54.31 -47.39 -7.11
CA ARG B 151 55.41 -47.33 -6.16
C ARG B 151 55.05 -46.43 -4.98
N PRO B 152 55.63 -46.72 -3.80
CA PRO B 152 55.37 -45.86 -2.63
C PRO B 152 55.85 -44.44 -2.78
N SER B 153 56.85 -44.19 -3.62
CA SER B 153 57.42 -42.86 -3.76
C SER B 153 56.55 -41.93 -4.62
N ALA B 154 55.37 -42.39 -5.02
CA ALA B 154 54.48 -41.54 -5.80
C ALA B 154 54.09 -40.31 -4.98
N PRO B 155 54.09 -39.12 -5.58
CA PRO B 155 53.82 -37.91 -4.80
C PRO B 155 52.42 -37.86 -4.19
N ASP B 156 51.46 -38.62 -4.71
CA ASP B 156 50.08 -38.53 -4.25
C ASP B 156 49.72 -39.55 -3.18
N THR B 157 50.63 -40.47 -2.85
CA THR B 157 50.33 -41.42 -1.78
C THR B 157 50.00 -40.76 -0.44
N PRO B 158 50.68 -39.69 0.00
CA PRO B 158 50.19 -38.99 1.19
C PRO B 158 48.78 -38.46 1.01
N ILE B 159 48.43 -38.01 -0.19
CA ILE B 159 47.09 -37.52 -0.44
C ILE B 159 46.09 -38.66 -0.41
N ILE B 160 46.46 -39.87 -0.84
CA ILE B 160 45.57 -41.02 -0.74
C ILE B 160 45.29 -41.36 0.72
N LEU B 161 46.35 -41.38 1.53
CA LEU B 161 46.19 -41.61 2.96
C LEU B 161 45.28 -40.55 3.58
N LEU B 162 45.51 -39.29 3.22
CA LEU B 162 44.71 -38.21 3.74
C LEU B 162 43.29 -38.22 3.19
N CYS B 163 43.05 -38.85 2.04
CA CYS B 163 41.69 -39.00 1.54
C CYS B 163 40.91 -40.04 2.33
N VAL B 164 41.58 -41.13 2.72
CA VAL B 164 40.94 -42.04 3.68
C VAL B 164 40.64 -41.30 4.98
N GLY B 165 41.59 -40.48 5.44
CA GLY B 165 41.35 -39.67 6.62
C GLY B 165 40.20 -38.70 6.47
N ALA B 166 40.06 -38.09 5.29
CA ALA B 166 38.95 -37.17 5.05
C ALA B 166 37.62 -37.89 4.97
N LEU B 167 37.61 -39.13 4.45
CA LEU B 167 36.40 -39.94 4.49
C LEU B 167 35.97 -40.20 5.92
N ILE B 168 36.92 -40.53 6.80
CA ILE B 168 36.55 -40.71 8.20
C ILE B 168 36.22 -39.37 8.86
N PHE B 169 36.73 -38.27 8.31
CA PHE B 169 36.44 -36.94 8.85
C PHE B 169 35.00 -36.53 8.55
N THR B 170 34.47 -36.93 7.39
CA THR B 170 33.09 -36.58 7.06
C THR B 170 32.10 -37.14 8.05
N LYS B 171 32.44 -38.24 8.74
CA LYS B 171 31.55 -38.92 9.66
C LYS B 171 31.99 -38.75 11.11
N LEU B 172 32.44 -37.55 11.48
CA LEU B 172 32.92 -37.30 12.82
C LEU B 172 31.82 -36.92 13.80
N ALA B 173 30.63 -36.56 13.30
CA ALA B 173 29.47 -36.36 14.16
C ALA B 173 28.67 -37.63 14.34
N SER B 174 29.04 -38.70 13.65
CA SER B 174 28.39 -39.99 13.78
C SER B 174 29.13 -40.83 14.82
N THR B 175 28.83 -42.12 14.89
CA THR B 175 29.56 -43.02 15.77
C THR B 175 30.72 -43.67 15.02
N ILE B 176 31.52 -44.43 15.76
CA ILE B 176 32.70 -45.05 15.17
C ILE B 176 32.31 -46.15 14.20
N GLU B 177 31.27 -46.93 14.52
CA GLU B 177 30.88 -48.04 13.67
C GLU B 177 30.30 -47.54 12.35
N VAL B 178 29.37 -46.59 12.42
CA VAL B 178 28.77 -46.03 11.22
C VAL B 178 29.83 -45.31 10.39
N GLY B 179 30.73 -44.59 11.04
CA GLY B 179 31.80 -43.92 10.33
C GLY B 179 32.72 -44.89 9.62
N LEU B 180 33.09 -45.99 10.28
CA LEU B 180 33.96 -46.97 9.65
C LEU B 180 33.28 -47.64 8.47
N GLU B 181 32.01 -48.05 8.64
CA GLU B 181 31.29 -48.66 7.54
C GLU B 181 31.16 -47.71 6.35
N THR B 182 30.82 -46.45 6.63
CA THR B 182 30.70 -45.46 5.57
C THR B 182 32.03 -45.24 4.87
N THR B 183 33.12 -45.17 5.63
CA THR B 183 34.43 -44.94 5.04
C THR B 183 34.84 -46.09 4.13
N VAL B 184 34.64 -47.33 4.59
CA VAL B 184 35.00 -48.48 3.75
C VAL B 184 34.14 -48.51 2.50
N ARG B 185 32.83 -48.33 2.66
CA ARG B 185 31.91 -48.39 1.53
C ARG B 185 32.22 -47.32 0.50
N ARG B 186 32.45 -46.08 0.95
CA ARG B 186 32.72 -45.00 0.03
C ARG B 186 34.13 -45.04 -0.53
N ALA B 187 35.08 -45.62 0.20
CA ALA B 187 36.45 -45.72 -0.30
C ALA B 187 36.59 -46.83 -1.34
N ASN B 188 35.73 -47.84 -1.29
CA ASN B 188 35.75 -48.85 -2.35
C ASN B 188 35.44 -48.24 -3.70
N ARG B 189 34.65 -47.16 -3.74
CA ARG B 189 34.27 -46.48 -4.97
C ARG B 189 35.14 -45.28 -5.27
N VAL B 190 35.26 -44.36 -4.31
CA VAL B 190 35.92 -43.09 -4.55
C VAL B 190 37.42 -43.29 -4.74
N LEU B 191 38.05 -44.06 -3.87
CA LEU B 191 39.47 -44.37 -3.98
C LEU B 191 39.67 -45.70 -4.71
N SER B 192 39.14 -45.77 -5.93
CA SER B 192 39.22 -46.99 -6.72
C SER B 192 40.49 -47.06 -7.55
N ASP B 193 40.92 -45.92 -8.12
CA ASP B 193 42.19 -45.89 -8.83
C ASP B 193 43.35 -46.20 -7.88
N ALA B 194 43.32 -45.63 -6.68
CA ALA B 194 44.34 -45.93 -5.69
C ALA B 194 44.32 -47.40 -5.29
N LEU B 195 43.11 -47.96 -5.09
CA LEU B 195 42.99 -49.36 -4.73
C LEU B 195 43.41 -50.29 -5.86
N LYS B 196 43.36 -49.83 -7.10
CA LYS B 196 43.95 -50.59 -8.20
C LYS B 196 45.47 -50.48 -8.20
N ARG B 197 46.00 -49.28 -7.98
CA ARG B 197 47.44 -49.11 -7.90
C ARG B 197 48.01 -49.81 -6.68
N TYR B 198 47.33 -49.72 -5.54
CA TYR B 198 47.78 -50.28 -4.27
C TYR B 198 46.75 -51.29 -3.80
N PRO B 199 46.84 -52.54 -4.27
CA PRO B 199 45.78 -53.52 -3.99
C PRO B 199 45.74 -54.03 -2.57
N ARG B 200 46.62 -53.56 -1.69
CA ARG B 200 46.68 -54.12 -0.35
C ARG B 200 46.81 -53.05 0.73
N MET B 201 46.17 -51.89 0.54
CA MET B 201 46.05 -50.92 1.62
C MET B 201 44.82 -51.23 2.44
N ASP B 202 45.01 -51.39 3.75
CA ASP B 202 43.95 -51.80 4.66
C ASP B 202 43.16 -50.56 5.05
N ILE B 203 42.13 -50.25 4.25
CA ILE B 203 41.32 -49.07 4.51
C ILE B 203 40.65 -49.10 5.88
N PRO B 204 40.07 -50.22 6.35
CA PRO B 204 39.49 -50.20 7.70
C PRO B 204 40.48 -49.82 8.80
N LYS B 205 41.71 -50.33 8.73
CA LYS B 205 42.68 -50.06 9.78
C LYS B 205 43.20 -48.63 9.71
N ILE B 206 43.42 -48.11 8.51
CA ILE B 206 43.82 -46.72 8.36
C ILE B 206 42.70 -45.79 8.82
N ALA B 207 41.45 -46.15 8.52
CA ALA B 207 40.32 -45.34 8.96
C ALA B 207 40.16 -45.36 10.47
N ARG B 208 40.38 -46.52 11.10
CA ARG B 208 40.34 -46.58 12.54
C ARG B 208 41.48 -45.75 13.15
N SER B 209 42.66 -45.79 12.53
CA SER B 209 43.76 -44.95 13.00
C SER B 209 43.40 -43.47 12.92
N PHE B 210 42.76 -43.05 11.83
CA PHE B 210 42.40 -41.65 11.68
C PHE B 210 41.32 -41.26 12.67
N TYR B 211 40.34 -42.14 12.90
CA TYR B 211 39.32 -41.87 13.90
C TYR B 211 39.93 -41.72 15.28
N ASP B 212 40.87 -42.60 15.64
CA ASP B 212 41.58 -42.46 16.90
C ASP B 212 42.26 -41.10 16.98
N LEU B 213 43.08 -40.77 15.98
CA LEU B 213 43.82 -39.51 16.00
C LEU B 213 42.88 -38.32 16.18
N PHE B 214 41.75 -38.34 15.50
CA PHE B 214 40.79 -37.25 15.65
C PHE B 214 40.10 -37.28 17.01
N GLU B 215 40.12 -38.42 17.71
CA GLU B 215 39.60 -38.44 19.07
C GLU B 215 40.59 -37.88 20.08
N GLN B 216 41.82 -38.42 20.15
CA GLN B 216 42.74 -37.93 21.16
C GLN B 216 43.20 -36.50 20.87
N LYS B 217 43.63 -36.22 19.65
CA LYS B 217 44.21 -34.92 19.32
C LYS B 217 43.18 -34.09 18.57
N VAL B 218 42.34 -33.39 19.33
CA VAL B 218 41.26 -32.60 18.74
C VAL B 218 41.83 -31.42 17.96
N TYR B 219 42.95 -30.84 18.42
CA TYR B 219 43.55 -29.73 17.71
C TYR B 219 43.96 -30.12 16.29
N HIS B 220 44.32 -31.39 16.08
CA HIS B 220 44.66 -31.84 14.74
C HIS B 220 43.49 -31.71 13.78
N ARG B 221 42.26 -31.82 14.28
CA ARG B 221 41.10 -31.50 13.45
C ARG B 221 41.28 -30.13 12.81
N SER B 222 41.59 -29.13 13.63
CA SER B 222 41.87 -27.79 13.12
C SER B 222 42.95 -27.84 12.06
N LEU B 223 44.04 -28.56 12.34
CA LEU B 223 45.11 -28.70 11.36
C LEU B 223 44.57 -29.28 10.07
N PHE B 224 43.80 -30.37 10.18
CA PHE B 224 43.17 -30.96 9.02
C PHE B 224 42.38 -29.91 8.25
N ILE B 225 41.57 -29.13 8.96
CA ILE B 225 40.74 -28.13 8.30
C ILE B 225 41.62 -27.13 7.57
N GLU B 226 42.70 -26.68 8.22
CA GLU B 226 43.58 -25.72 7.58
C GLU B 226 44.13 -26.29 6.28
N TYR B 227 44.51 -27.58 6.29
CA TYR B 227 44.99 -28.20 5.08
C TYR B 227 43.97 -28.04 3.96
N GLY B 228 42.72 -28.38 4.24
CA GLY B 228 41.68 -28.20 3.25
C GLY B 228 41.60 -26.76 2.78
N LYS B 229 41.62 -25.82 3.73
CA LYS B 229 41.61 -24.41 3.38
C LYS B 229 42.83 -24.06 2.55
N ALA B 230 43.99 -24.58 2.94
CA ALA B 230 45.21 -24.31 2.19
C ALA B 230 45.22 -25.03 0.86
N LEU B 231 44.42 -26.07 0.72
CA LEU B 231 44.50 -26.89 -0.49
C LEU B 231 43.51 -26.41 -1.54
N GLY B 232 42.34 -25.95 -1.12
CA GLY B 232 41.37 -25.38 -2.04
C GLY B 232 41.69 -23.98 -2.50
N SER B 233 42.68 -23.34 -1.90
CA SER B 233 43.12 -22.01 -2.31
C SER B 233 44.27 -22.05 -3.32
N SER B 234 44.76 -23.24 -3.66
CA SER B 234 45.88 -23.36 -4.57
C SER B 234 45.42 -23.23 -6.01
N SER B 235 46.27 -22.60 -6.83
CA SER B 235 45.94 -22.43 -8.25
C SER B 235 45.85 -23.78 -8.96
N THR B 236 46.78 -24.68 -8.68
CA THR B 236 46.83 -26.00 -9.30
C THR B 236 46.82 -27.07 -8.21
N GLY B 237 46.96 -28.31 -8.66
CA GLY B 237 46.98 -29.44 -7.76
C GLY B 237 46.87 -30.73 -8.54
N SER B 238 46.93 -31.83 -7.81
CA SER B 238 46.75 -33.14 -8.43
C SER B 238 45.27 -33.53 -8.41
N LYS B 239 44.97 -34.66 -9.05
CA LYS B 239 43.63 -35.20 -8.99
C LYS B 239 43.29 -35.65 -7.57
N ALA B 240 44.26 -36.25 -6.87
CA ALA B 240 44.03 -36.68 -5.50
C ALA B 240 43.73 -35.51 -4.59
N GLU B 241 44.35 -34.36 -4.85
CA GLU B 241 44.09 -33.18 -4.03
C GLU B 241 42.68 -32.64 -4.28
N SER B 242 42.24 -32.68 -5.54
CA SER B 242 40.86 -32.30 -5.84
C SER B 242 39.88 -33.24 -5.15
N LEU B 243 40.21 -34.53 -5.12
CA LEU B 243 39.38 -35.49 -4.39
C LEU B 243 39.34 -35.18 -2.91
N PHE B 244 40.50 -34.85 -2.33
CA PHE B 244 40.54 -34.51 -0.91
C PHE B 244 39.66 -33.31 -0.62
N VAL B 245 39.74 -32.27 -1.45
CA VAL B 245 38.92 -31.09 -1.23
C VAL B 245 37.44 -31.41 -1.43
N ASN B 246 37.11 -32.31 -2.36
CA ASN B 246 35.71 -32.69 -2.56
C ASN B 246 35.14 -33.37 -1.33
N ILE B 247 35.88 -34.33 -0.76
CA ILE B 247 35.41 -34.98 0.47
C ILE B 247 35.37 -33.98 1.62
N PHE B 248 36.33 -33.06 1.67
CA PHE B 248 36.40 -32.09 2.75
C PHE B 248 35.20 -31.15 2.72
N MET B 249 34.76 -30.74 1.52
CA MET B 249 33.50 -30.02 1.40
C MET B 249 32.30 -30.90 1.72
N GLN B 250 32.35 -32.19 1.38
CA GLN B 250 31.26 -33.07 1.76
C GLN B 250 31.14 -33.19 3.27
N ALA B 251 32.20 -32.86 4.00
CA ALA B 251 32.17 -32.88 5.46
C ALA B 251 31.58 -31.61 6.06
N TYR B 252 31.18 -30.63 5.25
CA TYR B 252 30.95 -29.27 5.75
C TYR B 252 29.87 -29.18 6.81
N GLY B 253 28.61 -29.42 6.46
CA GLY B 253 27.55 -29.17 7.41
C GLY B 253 27.34 -30.29 8.41
N ALA B 254 28.42 -31.00 8.75
CA ALA B 254 28.32 -32.18 9.59
C ALA B 254 27.87 -31.81 10.99
N GLY B 255 26.94 -32.59 11.52
CA GLY B 255 26.35 -32.32 12.82
C GLY B 255 25.18 -31.36 12.79
N GLN B 256 24.77 -30.89 11.63
CA GLN B 256 23.68 -29.93 11.50
C GLN B 256 22.76 -30.32 10.34
N THR B 257 22.45 -31.62 10.22
CA THR B 257 21.62 -32.05 9.10
C THR B 257 20.17 -31.62 9.26
N MET B 258 19.72 -31.31 10.47
CA MET B 258 18.34 -30.86 10.64
C MET B 258 18.13 -29.46 10.05
N LEU B 259 19.15 -28.60 10.08
CA LEU B 259 19.02 -27.30 9.43
C LEU B 259 18.87 -27.45 7.92
N ARG B 260 19.70 -28.30 7.32
CA ARG B 260 19.61 -28.56 5.88
C ARG B 260 18.27 -29.20 5.53
N TRP B 261 17.82 -30.14 6.35
CA TRP B 261 16.55 -30.81 6.09
C TRP B 261 15.36 -29.89 6.32
N GLY B 262 15.49 -28.91 7.21
CA GLY B 262 14.44 -27.92 7.36
C GLY B 262 14.38 -26.96 6.18
N VAL B 263 15.53 -26.60 5.65
CA VAL B 263 15.55 -25.83 4.40
C VAL B 263 14.91 -26.62 3.28
N ILE B 264 15.15 -27.94 3.27
CA ILE B 264 14.49 -28.81 2.29
C ILE B 264 12.98 -28.80 2.49
N ALA B 265 12.54 -28.96 3.74
CA ALA B 265 11.11 -29.00 4.03
C ALA B 265 10.42 -27.69 3.67
N ARG B 266 11.15 -26.57 3.77
CA ARG B 266 10.60 -25.32 3.27
C ARG B 266 10.55 -25.32 1.74
N SER B 267 11.61 -25.80 1.09
CA SER B 267 11.62 -25.90 -0.35
C SER B 267 10.66 -26.96 -0.87
N SER B 268 10.28 -27.92 -0.02
CA SER B 268 9.31 -28.93 -0.39
C SER B 268 7.87 -28.48 -0.21
N ASN B 269 7.65 -27.31 0.39
CA ASN B 269 6.32 -26.75 0.59
C ASN B 269 5.40 -27.72 1.34
N ASN B 270 5.95 -28.38 2.34
CA ASN B 270 5.16 -29.26 3.20
C ASN B 270 4.07 -28.44 3.89
N ILE B 271 2.81 -28.79 3.64
CA ILE B 271 1.71 -28.03 4.21
C ILE B 271 1.67 -28.15 5.72
N MET B 272 2.23 -29.20 6.30
CA MET B 272 2.17 -29.35 7.74
C MET B 272 3.10 -28.38 8.45
N LEU B 273 3.96 -27.68 7.73
CA LEU B 273 4.66 -26.54 8.30
C LEU B 273 3.70 -25.47 8.77
N GLY B 274 2.52 -25.39 8.14
CA GLY B 274 1.48 -24.46 8.50
C GLY B 274 0.62 -24.87 9.67
N HIS B 275 0.84 -26.06 10.22
CA HIS B 275 0.13 -26.46 11.43
C HIS B 275 0.48 -25.51 12.56
N VAL B 276 -0.53 -25.16 13.37
CA VAL B 276 -0.36 -24.10 14.36
C VAL B 276 0.76 -24.42 15.34
N SER B 277 0.96 -25.70 15.66
CA SER B 277 2.01 -26.06 16.60
C SER B 277 3.39 -25.70 16.06
N VAL B 278 3.62 -25.92 14.76
CA VAL B 278 4.87 -25.50 14.14
C VAL B 278 4.92 -23.97 14.04
N GLN B 279 3.79 -23.36 13.66
CA GLN B 279 3.71 -21.91 13.53
C GLN B 279 4.11 -21.21 14.81
N ALA B 280 3.83 -21.82 15.96
CA ALA B 280 4.26 -21.25 17.23
C ALA B 280 5.77 -21.32 17.43
N GLU B 281 6.49 -22.03 16.58
CA GLU B 281 7.92 -22.22 16.72
C GLU B 281 8.75 -21.63 15.58
N LEU B 282 8.11 -21.24 14.47
CA LEU B 282 8.89 -20.67 13.38
C LEU B 282 9.70 -19.45 13.80
N LYS B 283 9.28 -18.73 14.84
CA LYS B 283 10.08 -17.60 15.29
C LYS B 283 11.43 -18.03 15.85
N GLN B 284 11.46 -19.07 16.68
CA GLN B 284 12.75 -19.55 17.19
C GLN B 284 13.52 -20.30 16.12
N VAL B 285 12.83 -20.95 15.18
CA VAL B 285 13.50 -21.55 14.03
C VAL B 285 14.25 -20.48 13.24
N THR B 286 13.57 -19.37 12.97
CA THR B 286 14.18 -18.25 12.29
C THR B 286 15.34 -17.68 13.09
N GLU B 287 15.23 -17.67 14.42
CA GLU B 287 16.36 -17.23 15.22
C GLU B 287 17.57 -18.16 15.06
N VAL B 288 17.33 -19.46 14.98
CA VAL B 288 18.44 -20.39 14.76
C VAL B 288 19.12 -20.12 13.42
N TYR B 289 18.32 -19.93 12.37
CA TYR B 289 18.92 -19.64 11.06
C TYR B 289 19.60 -18.27 11.04
N ASP B 290 19.06 -17.30 11.77
CA ASP B 290 19.73 -16.01 11.94
C ASP B 290 21.07 -16.18 12.63
N LEU B 291 21.13 -17.08 13.62
CA LEU B 291 22.40 -17.36 14.27
C LEU B 291 23.40 -17.96 13.29
N VAL B 292 22.93 -18.85 12.40
CA VAL B 292 23.81 -19.39 11.38
C VAL B 292 24.34 -18.26 10.50
N ARG B 293 23.47 -17.34 10.10
CA ARG B 293 23.90 -16.21 9.27
C ARG B 293 24.90 -15.32 10.01
N GLU B 294 24.68 -15.11 11.31
CA GLU B 294 25.58 -14.29 12.12
C GLU B 294 26.95 -14.94 12.25
N MET B 295 26.98 -16.25 12.50
CA MET B 295 28.25 -16.95 12.61
C MET B 295 29.01 -16.93 11.28
N GLY B 296 28.29 -17.14 10.18
CA GLY B 296 28.90 -17.04 8.87
C GLY B 296 29.48 -18.36 8.39
N PRO B 297 30.48 -18.28 7.51
CA PRO B 297 31.03 -19.50 6.90
C PRO B 297 31.65 -20.48 7.90
N GLU B 298 32.07 -20.02 9.06
CA GLU B 298 32.65 -20.90 10.06
C GLU B 298 31.62 -21.68 10.85
N SER B 299 30.33 -21.42 10.65
CA SER B 299 29.31 -22.14 11.38
C SER B 299 29.21 -23.60 10.96
N GLY B 300 29.57 -23.91 9.71
CA GLY B 300 29.53 -25.28 9.25
C GLY B 300 30.57 -26.18 9.87
N LEU B 301 31.70 -25.60 10.31
CA LEU B 301 32.78 -26.37 10.88
C LEU B 301 32.69 -26.49 12.39
N LEU B 302 31.59 -26.03 12.99
CA LEU B 302 31.50 -25.99 14.44
C LEU B 302 31.55 -27.37 15.05
N HIS B 303 30.84 -28.33 14.47
CA HIS B 303 30.86 -29.69 14.99
C HIS B 303 32.11 -30.45 14.58
N LEU B 304 32.65 -30.17 13.40
CA LEU B 304 33.91 -30.79 12.99
C LEU B 304 35.04 -30.36 13.90
N ARG B 305 35.09 -29.06 14.23
CA ARG B 305 36.09 -28.56 15.16
C ARG B 305 35.79 -29.00 16.59
N GLN B 306 34.58 -29.50 16.84
CA GLN B 306 34.12 -29.83 18.20
C GLN B 306 34.13 -28.57 19.07
N SER B 307 33.58 -27.49 18.52
CA SER B 307 33.49 -26.24 19.25
C SER B 307 32.46 -26.37 20.37
N PRO B 308 32.77 -25.89 21.58
CA PRO B 308 31.74 -25.84 22.62
C PRO B 308 30.56 -24.98 22.23
N LYS B 309 30.80 -23.99 21.37
CA LYS B 309 29.74 -23.11 20.88
C LYS B 309 28.69 -23.88 20.09
N ALA B 310 29.07 -25.00 19.49
CA ALA B 310 28.11 -25.85 18.80
C ALA B 310 27.08 -26.37 19.79
N GLY B 311 25.83 -26.44 19.35
CA GLY B 311 24.71 -26.69 20.22
C GLY B 311 23.81 -25.49 20.38
N LEU B 312 24.34 -24.29 20.15
CA LEU B 312 23.49 -23.12 19.89
C LEU B 312 22.75 -23.26 18.57
N LEU B 313 23.27 -24.05 17.64
CA LEU B 313 22.64 -24.32 16.36
C LEU B 313 21.65 -25.47 16.42
N SER B 314 21.23 -25.87 17.62
CA SER B 314 20.32 -26.99 17.79
C SER B 314 18.87 -26.54 17.68
N LEU B 315 18.09 -27.29 16.91
CA LEU B 315 16.65 -27.10 16.81
C LEU B 315 15.87 -28.05 17.71
N ALA B 316 16.50 -28.53 18.78
CA ALA B 316 15.89 -29.53 19.63
C ALA B 316 14.82 -28.97 20.55
N ASN B 317 14.76 -27.65 20.71
CA ASN B 317 13.72 -27.03 21.52
C ASN B 317 12.47 -26.69 20.72
N CYS B 318 12.43 -27.04 19.43
CA CYS B 318 11.26 -26.90 18.58
C CYS B 318 10.84 -28.30 18.14
N PRO B 319 10.23 -29.07 19.03
CA PRO B 319 9.94 -30.48 18.71
C PRO B 319 8.98 -30.67 17.55
N ASN B 320 7.99 -29.79 17.38
CA ASN B 320 7.01 -29.99 16.32
C ASN B 320 7.60 -29.66 14.96
N PHE B 321 8.41 -28.60 14.87
CA PHE B 321 9.12 -28.32 13.63
C PHE B 321 10.08 -29.45 13.30
N ALA B 322 10.78 -29.99 14.30
CA ALA B 322 11.66 -31.12 14.07
C ALA B 322 10.91 -32.32 13.56
N SER B 323 9.74 -32.61 14.15
CA SER B 323 8.93 -33.73 13.70
C SER B 323 8.46 -33.54 12.26
N VAL B 324 8.03 -32.32 11.92
CA VAL B 324 7.56 -32.06 10.56
C VAL B 324 8.72 -32.15 9.56
N VAL B 325 9.90 -31.69 9.95
CA VAL B 325 11.06 -31.76 9.07
C VAL B 325 11.47 -33.21 8.84
N LEU B 326 11.51 -34.01 9.91
CA LEU B 326 11.85 -35.42 9.75
C LEU B 326 10.80 -36.16 8.94
N GLY B 327 9.52 -35.82 9.12
CA GLY B 327 8.48 -36.46 8.33
C GLY B 327 8.57 -36.10 6.86
N ASN B 328 8.84 -34.83 6.56
CA ASN B 328 9.02 -34.43 5.16
C ASN B 328 10.21 -35.14 4.55
N ALA B 329 11.31 -35.26 5.30
CA ALA B 329 12.48 -35.97 4.79
C ALA B 329 12.17 -37.44 4.57
N SER B 330 11.39 -38.05 5.46
CA SER B 330 11.05 -39.45 5.33
C SER B 330 10.14 -39.69 4.14
N GLY B 331 9.19 -38.80 3.90
CA GLY B 331 8.31 -38.95 2.75
C GLY B 331 9.05 -38.88 1.43
N LEU B 332 9.97 -37.92 1.31
CA LEU B 332 10.81 -37.83 0.12
C LEU B 332 11.78 -39.00 0.00
N GLY B 333 11.96 -39.79 1.05
CA GLY B 333 12.85 -40.92 1.03
C GLY B 333 14.30 -40.61 1.31
N ILE B 334 14.61 -39.39 1.77
CA ILE B 334 16.00 -39.01 2.04
C ILE B 334 16.37 -39.18 3.50
N ILE B 335 15.43 -39.60 4.35
CA ILE B 335 15.76 -39.73 5.77
C ILE B 335 16.78 -40.84 5.99
N GLY B 336 16.78 -41.86 5.13
CA GLY B 336 17.73 -42.95 5.28
C GLY B 336 17.59 -43.63 6.63
N MET B 337 18.73 -43.85 7.29
CA MET B 337 18.76 -44.44 8.62
C MET B 337 19.14 -43.40 9.68
N TYR B 338 18.78 -42.15 9.42
CA TYR B 338 19.00 -41.09 10.41
C TYR B 338 18.28 -41.43 11.71
N ARG B 339 18.98 -41.28 12.83
CA ARG B 339 18.48 -41.71 14.12
C ARG B 339 17.99 -40.56 14.99
N GLY B 340 17.77 -39.39 14.42
CA GLY B 340 17.19 -38.31 15.20
C GLY B 340 15.83 -38.67 15.75
N ARG B 341 15.53 -38.16 16.94
CA ARG B 341 14.30 -38.53 17.61
C ARG B 341 13.14 -37.69 17.10
N VAL B 342 11.98 -38.32 16.97
CA VAL B 342 10.79 -37.63 16.50
C VAL B 342 9.85 -37.43 17.67
N PRO B 343 9.77 -36.23 18.23
CA PRO B 343 8.91 -36.01 19.41
C PRO B 343 7.44 -36.18 19.11
N ASN B 344 6.97 -35.48 18.09
CA ASN B 344 5.56 -35.52 17.69
C ASN B 344 5.39 -36.59 16.61
N THR B 345 4.76 -37.70 16.96
CA THR B 345 4.55 -38.79 16.01
C THR B 345 3.45 -38.45 15.01
N GLU B 346 2.38 -37.79 15.46
CA GLU B 346 1.27 -37.47 14.57
C GLU B 346 1.68 -36.47 13.50
N LEU B 347 2.43 -35.44 13.88
CA LEU B 347 2.95 -34.49 12.89
C LEU B 347 3.90 -35.19 11.93
N PHE B 348 4.73 -36.09 12.45
CA PHE B 348 5.62 -36.87 11.59
C PHE B 348 4.82 -37.65 10.56
N SER B 349 3.78 -38.34 10.99
CA SER B 349 2.98 -39.16 10.08
C SER B 349 2.30 -38.30 9.02
N ALA B 350 1.69 -37.19 9.44
CA ALA B 350 1.00 -36.33 8.49
C ALA B 350 1.97 -35.71 7.50
N ALA B 351 3.12 -35.23 7.99
CA ALA B 351 4.12 -34.66 7.10
C ALA B 351 4.66 -35.69 6.11
N GLU B 352 4.89 -36.91 6.58
CA GLU B 352 5.39 -37.96 5.71
C GLU B 352 4.37 -38.34 4.65
N SER B 353 3.09 -38.40 5.03
CA SER B 353 2.05 -38.69 4.06
C SER B 353 1.98 -37.59 3.00
N TYR B 354 2.02 -36.34 3.42
CA TYR B 354 1.97 -35.26 2.44
C TYR B 354 3.19 -35.26 1.54
N ALA B 355 4.38 -35.52 2.09
CA ALA B 355 5.57 -35.50 1.27
C ALA B 355 5.60 -36.66 0.28
N LYS B 356 5.12 -37.83 0.70
CA LYS B 356 5.00 -38.94 -0.24
C LYS B 356 4.00 -38.62 -1.34
N SER B 357 2.86 -38.03 -0.99
CA SER B 357 1.88 -37.66 -2.00
C SER B 357 2.46 -36.65 -2.98
N LEU B 358 3.23 -35.69 -2.47
CA LEU B 358 3.83 -34.68 -3.34
C LEU B 358 4.89 -35.30 -4.25
N LYS B 359 5.71 -36.20 -3.73
CA LYS B 359 6.76 -36.81 -4.53
C LYS B 359 6.19 -37.71 -5.62
N GLU B 360 5.13 -38.47 -5.30
CA GLU B 360 4.56 -39.38 -6.29
C GLU B 360 3.96 -38.61 -7.48
N ASP C 10 24.82 -23.33 2.08
CA ASP C 10 26.07 -24.03 2.35
C ASP C 10 27.11 -23.84 1.25
N LEU C 11 26.69 -23.72 0.00
CA LEU C 11 27.65 -23.62 -1.10
C LEU C 11 28.35 -22.28 -1.11
N SER C 12 27.60 -21.20 -0.84
CA SER C 12 28.22 -19.90 -0.70
C SER C 12 29.20 -19.90 0.48
N TYR C 13 28.85 -20.60 1.55
CA TYR C 13 29.74 -20.69 2.70
C TYR C 13 31.02 -21.44 2.36
N LYS C 14 30.91 -22.52 1.59
CA LYS C 14 32.10 -23.25 1.16
C LYS C 14 32.96 -22.38 0.24
N HIS C 15 32.33 -21.63 -0.65
CA HIS C 15 33.11 -20.74 -1.53
C HIS C 15 33.81 -19.66 -0.73
N ALA C 16 33.13 -19.09 0.28
CA ALA C 16 33.76 -18.09 1.12
C ALA C 16 34.86 -18.68 1.97
N ILE C 17 34.74 -19.96 2.33
CA ILE C 17 35.82 -20.64 3.04
C ILE C 17 37.06 -20.75 2.15
N LEU C 18 36.87 -21.26 0.93
CA LEU C 18 38.02 -21.50 0.06
C LEU C 18 38.63 -20.21 -0.45
N LYS C 19 37.79 -19.21 -0.78
CA LYS C 19 38.28 -17.99 -1.39
C LYS C 19 39.02 -17.11 -0.39
N GLU C 20 38.46 -16.94 0.81
CA GLU C 20 39.02 -16.02 1.80
C GLU C 20 40.08 -16.73 2.63
N SER C 21 41.22 -16.96 2.00
CA SER C 21 42.37 -17.59 2.64
C SER C 21 43.53 -16.61 2.68
N GLN C 22 44.12 -16.44 3.86
CA GLN C 22 45.23 -15.50 4.03
C GLN C 22 46.58 -16.10 3.67
N TYR C 23 46.65 -17.39 3.39
CA TYR C 23 47.91 -18.06 3.14
C TYR C 23 47.92 -18.63 1.73
N THR C 24 48.96 -18.30 0.97
CA THR C 24 49.17 -18.87 -0.35
C THR C 24 49.93 -20.19 -0.24
N ILE C 25 49.83 -20.98 -1.29
CA ILE C 25 50.49 -22.29 -1.34
C ILE C 25 51.70 -22.18 -2.26
N LYS C 26 52.81 -22.79 -1.85
CA LYS C 26 54.05 -22.78 -2.61
C LYS C 26 54.32 -24.16 -3.18
N ARG C 27 54.56 -24.21 -4.48
CA ARG C 27 54.83 -25.47 -5.16
C ARG C 27 55.91 -25.24 -6.20
N ASP C 28 56.55 -26.35 -6.62
CA ASP C 28 57.59 -26.33 -7.64
C ASP C 28 58.76 -25.44 -7.22
N VAL C 29 59.11 -25.47 -5.94
CA VAL C 29 60.08 -24.52 -5.41
C VAL C 29 61.46 -24.73 -6.03
N GLY C 30 61.90 -25.98 -6.15
CA GLY C 30 63.23 -26.25 -6.66
C GLY C 30 63.34 -26.42 -8.15
N THR C 31 62.27 -26.21 -8.89
CA THR C 31 62.21 -26.54 -10.31
C THR C 31 62.53 -25.32 -11.18
N THR C 32 62.77 -25.59 -12.45
CA THR C 32 63.06 -24.56 -13.43
C THR C 32 62.28 -24.84 -14.71
N THR C 33 62.05 -23.80 -15.49
CA THR C 33 61.40 -23.91 -16.78
C THR C 33 62.06 -22.94 -17.75
N ALA C 34 61.84 -23.18 -19.04
CA ALA C 34 62.51 -22.43 -20.09
C ALA C 34 61.60 -21.38 -20.68
N VAL C 35 62.17 -20.22 -20.99
CA VAL C 35 61.52 -19.20 -21.80
C VAL C 35 62.52 -18.69 -22.83
N THR C 36 62.00 -17.98 -23.83
CA THR C 36 62.81 -17.40 -24.87
C THR C 36 62.56 -15.90 -24.94
N PRO C 37 63.61 -15.08 -24.92
CA PRO C 37 63.40 -13.63 -25.02
C PRO C 37 62.73 -13.26 -26.32
N SER C 38 61.89 -12.22 -26.26
CA SER C 38 61.08 -11.84 -27.42
C SER C 38 61.94 -11.52 -28.64
N SER C 39 63.17 -11.05 -28.42
CA SER C 39 64.06 -10.72 -29.51
C SER C 39 64.45 -11.91 -30.36
N LEU C 40 64.18 -13.13 -29.89
CA LEU C 40 64.44 -14.34 -30.66
C LEU C 40 63.19 -14.89 -31.33
N GLN C 41 62.14 -14.07 -31.44
CA GLN C 41 60.88 -14.55 -32.02
C GLN C 41 61.11 -15.13 -33.40
N GLN C 42 61.81 -14.40 -34.27
CA GLN C 42 62.14 -14.93 -35.59
C GLN C 42 62.78 -16.30 -35.48
N GLU C 43 63.80 -16.43 -34.62
CA GLU C 43 64.50 -17.70 -34.49
C GLU C 43 63.58 -18.80 -33.98
N ILE C 44 62.61 -18.46 -33.13
CA ILE C 44 61.70 -19.52 -32.70
C ILE C 44 60.68 -19.81 -33.80
N THR C 45 60.29 -18.79 -34.57
CA THR C 45 59.31 -19.01 -35.62
C THR C 45 59.79 -20.07 -36.59
N LEU C 46 61.03 -19.94 -37.05
CA LEU C 46 61.62 -20.94 -37.92
C LEU C 46 61.48 -22.33 -37.33
N LEU C 47 61.82 -22.49 -36.05
CA LEU C 47 61.71 -23.81 -35.43
C LEU C 47 60.27 -24.28 -35.40
N CYS C 48 59.34 -23.38 -35.08
CA CYS C 48 57.93 -23.77 -35.07
C CYS C 48 57.45 -24.15 -36.46
N GLY C 49 58.18 -23.76 -37.50
CA GLY C 49 57.82 -24.15 -38.85
C GLY C 49 58.56 -25.38 -39.32
N GLU C 50 59.62 -25.76 -38.63
CA GLU C 50 60.40 -26.93 -39.03
C GLU C 50 59.87 -28.22 -38.43
N ILE C 51 59.08 -28.15 -37.37
CA ILE C 51 58.33 -29.29 -36.90
C ILE C 51 57.15 -29.55 -37.82
N LEU C 52 56.80 -28.60 -38.68
CA LEU C 52 55.59 -28.68 -39.48
C LEU C 52 55.80 -29.32 -40.85
N TYR C 53 56.92 -29.09 -41.53
CA TYR C 53 56.99 -29.47 -42.93
C TYR C 53 57.89 -30.67 -43.16
N ALA C 54 58.24 -31.40 -42.12
CA ALA C 54 59.00 -32.63 -42.26
C ALA C 54 58.38 -33.71 -41.38
N LYS C 55 58.68 -34.96 -41.71
CA LYS C 55 58.18 -36.11 -40.97
C LYS C 55 59.27 -36.53 -40.00
N HIS C 56 59.03 -36.35 -38.71
CA HIS C 56 60.03 -36.54 -37.67
C HIS C 56 59.74 -37.82 -36.89
N ALA C 57 60.81 -38.52 -36.52
CA ALA C 57 60.64 -39.71 -35.69
C ALA C 57 60.14 -39.36 -34.30
N ASP C 58 60.49 -38.18 -33.79
CA ASP C 58 60.18 -37.79 -32.42
C ASP C 58 59.59 -36.38 -32.41
N TYR C 59 58.44 -36.24 -31.75
CA TYR C 59 57.73 -34.97 -31.61
C TYR C 59 57.58 -34.60 -30.14
N LYS C 60 58.57 -34.95 -29.32
CA LYS C 60 58.43 -34.83 -27.87
C LYS C 60 58.24 -33.39 -27.43
N TYR C 61 59.04 -32.46 -27.98
CA TYR C 61 59.13 -31.11 -27.46
C TYR C 61 58.42 -30.08 -28.33
N ALA C 62 57.50 -30.50 -29.20
CA ALA C 62 56.80 -29.53 -30.04
C ALA C 62 55.98 -28.57 -29.19
N ALA C 63 55.30 -29.09 -28.17
CA ALA C 63 54.53 -28.23 -27.29
C ALA C 63 55.43 -27.24 -26.56
N GLU C 64 56.63 -27.68 -26.18
CA GLU C 64 57.59 -26.77 -25.57
C GLU C 64 57.97 -25.64 -26.53
N ILE C 65 58.14 -25.96 -27.81
CA ILE C 65 58.47 -24.90 -28.78
C ILE C 65 57.30 -23.95 -28.94
N GLY C 66 56.07 -24.45 -28.90
CA GLY C 66 54.92 -23.56 -28.91
C GLY C 66 54.88 -22.65 -27.70
N ILE C 67 55.21 -23.19 -26.53
CA ILE C 67 55.29 -22.37 -25.32
C ILE C 67 56.41 -21.35 -25.43
N GLN C 68 57.51 -21.72 -26.09
CA GLN C 68 58.59 -20.77 -26.32
C GLN C 68 58.13 -19.62 -27.19
N TYR C 69 57.34 -19.92 -28.22
CA TYR C 69 56.77 -18.83 -29.01
C TYR C 69 55.83 -17.97 -28.19
N ILE C 70 55.02 -18.58 -27.32
CA ILE C 70 54.15 -17.80 -26.44
C ILE C 70 55.01 -16.88 -25.56
N SER C 71 56.14 -17.39 -25.07
CA SER C 71 57.04 -16.59 -24.27
C SER C 71 57.59 -15.40 -25.05
N THR C 72 57.99 -15.64 -26.30
CA THR C 72 58.48 -14.53 -27.12
C THR C 72 57.37 -13.52 -27.40
N ALA C 73 56.13 -13.97 -27.56
CA ALA C 73 55.04 -13.05 -27.83
C ALA C 73 54.64 -12.26 -26.59
N LEU C 74 54.82 -12.83 -25.40
CA LEU C 74 54.45 -12.13 -24.17
C LEU C 74 55.64 -11.42 -23.53
N GLY C 75 56.82 -12.02 -23.58
CA GLY C 75 58.00 -11.47 -22.93
C GLY C 75 58.44 -12.37 -21.80
N SER C 76 59.76 -12.54 -21.68
CA SER C 76 60.30 -13.49 -20.70
C SER C 76 59.98 -13.05 -19.28
N GLU C 77 60.15 -11.77 -18.97
CA GLU C 77 59.86 -11.30 -17.62
C GLU C 77 58.36 -11.33 -17.33
N ARG C 78 57.54 -11.02 -18.33
CA ARG C 78 56.10 -11.06 -18.14
C ARG C 78 55.62 -12.50 -18.00
N VAL C 79 56.28 -13.43 -18.69
CA VAL C 79 55.95 -14.85 -18.54
C VAL C 79 56.36 -15.36 -17.17
N GLN C 80 57.50 -14.88 -16.65
CA GLN C 80 57.88 -15.23 -15.28
C GLN C 80 56.84 -14.71 -14.28
N GLN C 81 56.36 -13.49 -14.50
CA GLN C 81 55.30 -12.95 -13.65
C GLN C 81 54.03 -13.78 -13.74
N ILE C 82 53.67 -14.23 -14.94
CA ILE C 82 52.48 -15.05 -15.14
C ILE C 82 52.62 -16.36 -14.38
N LEU C 83 53.77 -17.02 -14.51
CA LEU C 83 53.96 -18.31 -13.84
C LEU C 83 54.01 -18.14 -12.32
N ARG C 84 54.51 -17.00 -11.84
CA ARG C 84 54.44 -16.72 -10.41
C ARG C 84 53.01 -16.54 -9.94
N ASN C 85 52.21 -15.78 -10.71
CA ASN C 85 50.84 -15.51 -10.32
C ASN C 85 49.95 -16.76 -10.44
N SER C 86 50.34 -17.73 -11.26
CA SER C 86 49.58 -18.98 -11.28
C SER C 86 49.76 -19.78 -10.00
N GLY C 87 50.70 -19.40 -9.15
CA GLY C 87 50.95 -20.09 -7.92
C GLY C 87 52.09 -21.07 -7.95
N SER C 88 53.08 -20.88 -8.83
CA SER C 88 54.19 -21.80 -8.98
C SER C 88 55.49 -21.06 -8.75
N GLU C 89 56.46 -21.74 -8.13
CA GLU C 89 57.77 -21.19 -7.87
C GLU C 89 58.80 -21.62 -8.90
N VAL C 90 58.35 -21.99 -10.11
CA VAL C 90 59.27 -22.42 -11.15
C VAL C 90 60.19 -21.27 -11.53
N GLN C 91 61.49 -21.57 -11.62
CA GLN C 91 62.49 -20.57 -11.94
C GLN C 91 62.69 -20.56 -13.46
N VAL C 92 62.21 -19.50 -14.09
CA VAL C 92 62.41 -19.27 -15.51
C VAL C 92 63.88 -19.30 -15.87
N VAL C 93 64.20 -20.01 -16.97
CA VAL C 93 65.53 -20.04 -17.56
C VAL C 93 65.40 -19.47 -18.97
N LEU C 94 66.46 -18.83 -19.45
CA LEU C 94 66.43 -18.04 -20.67
C LEU C 94 67.08 -18.79 -21.83
N THR C 95 66.42 -18.80 -22.98
CA THR C 95 66.94 -19.46 -24.16
C THR C 95 68.18 -18.74 -24.68
N ARG C 96 69.19 -19.50 -25.08
CA ARG C 96 70.46 -18.95 -25.53
C ARG C 96 70.78 -19.41 -26.94
N THR C 97 71.10 -18.48 -27.82
CA THR C 97 71.54 -18.85 -29.16
C THR C 97 73.01 -19.28 -29.12
N TYR C 98 73.29 -20.45 -29.71
CA TYR C 98 74.63 -20.98 -29.77
C TYR C 98 74.99 -21.31 -31.21
N SER C 99 76.26 -21.13 -31.54
CA SER C 99 76.75 -21.50 -32.86
C SER C 99 76.83 -23.03 -32.96
N LEU C 100 76.39 -23.56 -34.10
CA LEU C 100 76.41 -25.01 -34.28
C LEU C 100 77.86 -25.53 -34.28
N GLY C 101 78.75 -24.81 -34.92
CA GLY C 101 80.14 -25.21 -34.99
C GLY C 101 80.78 -24.62 -36.25
N LYS C 102 81.50 -25.46 -36.97
CA LYS C 102 82.14 -25.04 -38.21
C LYS C 102 81.12 -24.75 -39.31
N ILE C 103 79.88 -25.21 -39.15
CA ILE C 103 78.85 -25.01 -40.17
C ILE C 103 78.52 -23.53 -40.29
N LYS C 104 78.36 -23.07 -41.52
CA LYS C 104 78.07 -21.68 -41.81
C LYS C 104 76.82 -21.58 -42.68
N ASN C 105 76.11 -20.46 -42.56
CA ASN C 105 74.87 -20.27 -43.29
C ASN C 105 75.15 -19.57 -44.63
N ASN C 106 74.08 -19.18 -45.32
CA ASN C 106 74.23 -18.54 -46.63
C ASN C 106 74.84 -17.16 -46.52
N LYS C 107 74.66 -16.47 -45.40
CA LYS C 107 75.13 -15.11 -45.24
C LYS C 107 76.62 -15.03 -44.89
N GLY C 108 77.29 -16.18 -44.71
CA GLY C 108 78.68 -16.17 -44.33
C GLY C 108 78.95 -16.07 -42.85
N GLU C 109 77.92 -16.12 -42.02
CA GLU C 109 78.07 -16.11 -40.57
C GLU C 109 77.88 -17.51 -40.00
N ASP C 110 78.24 -17.67 -38.73
CA ASP C 110 78.01 -18.94 -38.05
C ASP C 110 76.51 -19.18 -37.88
N LEU C 111 76.10 -20.42 -38.15
CA LEU C 111 74.69 -20.79 -38.03
C LEU C 111 74.30 -20.82 -36.56
N GLN C 112 73.47 -19.87 -36.14
CA GLN C 112 73.05 -19.76 -34.76
C GLN C 112 71.75 -20.53 -34.57
N MET C 113 71.72 -21.42 -33.59
CA MET C 113 70.53 -22.19 -33.27
C MET C 113 70.13 -22.00 -31.82
N LEU C 114 68.85 -22.20 -31.56
CA LEU C 114 68.31 -21.98 -30.22
C LEU C 114 68.75 -23.09 -29.26
N ASP C 115 68.97 -22.70 -28.01
CA ASP C 115 69.28 -23.61 -26.92
C ASP C 115 68.22 -23.35 -25.85
N ILE C 116 67.29 -24.29 -25.74
CA ILE C 116 66.16 -24.18 -24.84
C ILE C 116 66.42 -25.07 -23.63
N HIS C 117 66.08 -24.58 -22.45
CA HIS C 117 66.29 -25.35 -21.23
C HIS C 117 65.33 -26.53 -21.19
N GLY C 118 65.85 -27.70 -20.82
CA GLY C 118 65.05 -28.90 -20.73
C GLY C 118 64.84 -29.62 -22.04
N VAL C 119 65.21 -29.01 -23.16
CA VAL C 119 65.14 -29.62 -24.48
C VAL C 119 66.55 -30.01 -24.87
N GLU C 120 66.80 -31.30 -25.09
CA GLU C 120 68.11 -31.72 -25.54
C GLU C 120 68.43 -31.04 -26.86
N LYS C 121 69.67 -30.55 -26.98
CA LYS C 121 70.08 -29.91 -28.21
C LYS C 121 70.04 -30.89 -29.37
N SER C 122 70.23 -32.19 -29.11
CA SER C 122 70.21 -33.18 -30.17
C SER C 122 68.84 -33.23 -30.84
N TRP C 123 67.77 -33.07 -30.06
CA TRP C 123 66.43 -33.02 -30.65
C TRP C 123 66.30 -31.85 -31.61
N VAL C 124 66.79 -30.67 -31.22
CA VAL C 124 66.70 -29.50 -32.08
C VAL C 124 67.55 -29.71 -33.34
N GLU C 125 68.75 -30.27 -33.18
CA GLU C 125 69.59 -30.56 -34.33
C GLU C 125 68.90 -31.52 -35.29
N GLU C 126 68.27 -32.57 -34.76
CA GLU C 126 67.65 -33.55 -35.65
C GLU C 126 66.40 -32.98 -36.32
N ILE C 127 65.64 -32.15 -35.61
CA ILE C 127 64.49 -31.50 -36.24
C ILE C 127 64.95 -30.59 -37.38
N ASP C 128 65.99 -29.78 -37.12
CA ASP C 128 66.50 -28.87 -38.13
C ASP C 128 67.10 -29.64 -39.31
N LYS C 129 67.85 -30.69 -39.04
CA LYS C 129 68.48 -31.46 -40.11
C LYS C 129 67.45 -32.17 -40.96
N GLU C 130 66.43 -32.77 -40.34
CA GLU C 130 65.38 -33.42 -41.10
C GLU C 130 64.60 -32.42 -41.93
N ALA C 131 64.32 -31.25 -41.38
CA ALA C 131 63.61 -30.22 -42.15
C ALA C 131 64.44 -29.75 -43.34
N ARG C 132 65.75 -29.54 -43.12
CA ARG C 132 66.61 -29.12 -44.21
C ARG C 132 66.71 -30.18 -45.29
N LYS C 133 66.83 -31.45 -44.89
CA LYS C 133 66.86 -32.54 -45.86
C LYS C 133 65.55 -32.62 -46.65
N THR C 134 64.42 -32.45 -45.96
CA THR C 134 63.13 -32.50 -46.64
C THR C 134 63.01 -31.39 -47.67
N MET C 135 63.39 -30.16 -47.30
CA MET C 135 63.31 -29.07 -48.27
C MET C 135 64.30 -29.27 -49.41
N ALA C 136 65.48 -29.83 -49.13
CA ALA C 136 66.41 -30.12 -50.21
C ALA C 136 65.81 -31.11 -51.20
N THR C 137 65.17 -32.16 -50.69
CA THR C 137 64.51 -33.12 -51.57
C THR C 137 63.39 -32.46 -52.37
N LEU C 138 62.59 -31.62 -51.71
CA LEU C 138 61.46 -30.98 -52.41
C LEU C 138 61.95 -30.05 -53.52
N LEU C 139 63.03 -29.30 -53.27
CA LEU C 139 63.58 -28.46 -54.32
C LEU C 139 64.28 -29.29 -55.40
N LYS C 140 64.78 -30.47 -55.05
CA LYS C 140 65.29 -31.36 -56.09
C LYS C 140 64.15 -31.84 -56.99
N GLU C 141 62.98 -32.11 -56.40
CA GLU C 141 61.84 -32.53 -57.21
C GLU C 141 61.34 -31.39 -58.10
N SER C 142 61.13 -30.21 -57.52
CA SER C 142 60.61 -29.06 -58.26
C SER C 142 61.46 -27.83 -57.95
N SER C 143 61.77 -27.06 -58.99
CA SER C 143 62.62 -25.89 -58.86
C SER C 143 61.77 -24.62 -58.83
N GLY C 144 61.99 -23.78 -57.82
CA GLY C 144 61.29 -22.52 -57.72
C GLY C 144 59.80 -22.65 -57.46
N ASN C 145 59.34 -23.79 -56.97
CA ASN C 145 57.92 -24.05 -56.75
C ASN C 145 57.51 -23.90 -55.29
N ILE C 146 58.36 -23.32 -54.46
CA ILE C 146 58.08 -23.22 -53.03
C ILE C 146 57.82 -21.77 -52.66
N PRO C 147 56.57 -21.33 -52.55
CA PRO C 147 56.29 -19.95 -52.15
C PRO C 147 56.57 -19.73 -50.67
N GLN C 148 56.33 -18.52 -50.17
CA GLN C 148 56.59 -18.22 -48.77
C GLN C 148 55.68 -19.03 -47.86
N ASN C 149 54.41 -19.19 -48.24
CA ASN C 149 53.43 -19.83 -47.35
C ASN C 149 53.70 -21.31 -47.15
N GLN C 150 54.55 -21.94 -47.96
CA GLN C 150 54.94 -23.33 -47.74
C GLN C 150 56.32 -23.45 -47.11
N ARG C 151 56.86 -22.39 -46.59
CA ARG C 151 58.17 -22.42 -45.96
C ARG C 151 58.04 -22.38 -44.45
N PRO C 152 59.01 -22.98 -43.74
CA PRO C 152 58.96 -22.94 -42.27
C PRO C 152 59.07 -21.54 -41.68
N SER C 153 59.68 -20.60 -42.39
CA SER C 153 59.87 -19.26 -41.85
C SER C 153 58.61 -18.41 -41.90
N ALA C 154 57.49 -18.99 -42.30
CA ALA C 154 56.24 -18.23 -42.33
C ALA C 154 55.88 -17.78 -40.91
N PRO C 155 55.44 -16.53 -40.74
CA PRO C 155 55.19 -16.02 -39.38
C PRO C 155 54.09 -16.75 -38.63
N ASP C 156 53.19 -17.45 -39.33
CA ASP C 156 52.04 -18.07 -38.69
C ASP C 156 52.26 -19.53 -38.32
N THR C 157 53.39 -20.12 -38.69
CA THR C 157 53.67 -21.51 -38.30
C THR C 157 53.64 -21.72 -36.79
N PRO C 158 54.19 -20.84 -35.95
CA PRO C 158 53.98 -21.01 -34.50
C PRO C 158 52.51 -20.98 -34.14
N ILE C 159 51.72 -20.16 -34.82
CA ILE C 159 50.29 -20.13 -34.55
C ILE C 159 49.60 -21.41 -34.98
N ILE C 160 50.07 -22.04 -36.06
CA ILE C 160 49.51 -23.33 -36.47
C ILE C 160 49.79 -24.39 -35.42
N LEU C 161 51.04 -24.43 -34.94
CA LEU C 161 51.39 -25.36 -33.87
C LEU C 161 50.53 -25.11 -32.64
N LEU C 162 50.37 -23.84 -32.28
CA LEU C 162 49.56 -23.51 -31.11
C LEU C 162 48.08 -23.74 -31.34
N CYS C 163 47.63 -23.78 -32.60
CA CYS C 163 46.23 -24.12 -32.86
C CYS C 163 45.98 -25.62 -32.68
N VAL C 164 46.95 -26.45 -33.06
CA VAL C 164 46.85 -27.86 -32.69
C VAL C 164 46.85 -28.00 -31.17
N GLY C 165 47.70 -27.22 -30.49
CA GLY C 165 47.69 -27.22 -29.04
C GLY C 165 46.38 -26.76 -28.44
N ALA C 166 45.73 -25.76 -29.05
CA ALA C 166 44.45 -25.29 -28.56
C ALA C 166 43.34 -26.30 -28.81
N LEU C 167 43.43 -27.04 -29.91
CA LEU C 167 42.49 -28.13 -30.13
C LEU C 167 42.60 -29.18 -29.05
N ILE C 168 43.83 -29.53 -28.66
CA ILE C 168 43.97 -30.48 -27.56
C ILE C 168 43.60 -29.83 -26.22
N PHE C 169 43.66 -28.50 -26.13
CA PHE C 169 43.29 -27.79 -24.92
C PHE C 169 41.79 -27.81 -24.70
N THR C 170 41.01 -27.77 -25.79
CA THR C 170 39.56 -27.80 -25.65
C THR C 170 39.07 -29.08 -24.99
N LYS C 171 39.84 -30.17 -25.09
CA LYS C 171 39.44 -31.47 -24.57
C LYS C 171 40.28 -31.87 -23.36
N LEU C 172 40.57 -30.92 -22.48
CA LEU C 172 41.40 -31.21 -21.31
C LEU C 172 40.60 -31.74 -20.13
N ALA C 173 39.28 -31.62 -20.14
CA ALA C 173 38.44 -32.27 -19.14
C ALA C 173 38.01 -33.67 -19.58
N SER C 174 38.36 -34.07 -20.80
CA SER C 174 38.08 -35.40 -21.30
C SER C 174 39.26 -36.31 -21.02
N THR C 175 39.27 -37.49 -21.64
CA THR C 175 40.41 -38.39 -21.53
C THR C 175 41.38 -38.16 -22.69
N ILE C 176 42.52 -38.84 -22.64
CA ILE C 176 43.55 -38.65 -23.65
C ILE C 176 43.11 -39.21 -24.99
N GLU C 177 42.41 -40.34 -24.99
CA GLU C 177 42.00 -40.98 -26.24
C GLU C 177 40.93 -40.14 -26.95
N VAL C 178 39.91 -39.73 -26.20
CA VAL C 178 38.85 -38.91 -26.78
C VAL C 178 39.42 -37.57 -27.24
N GLY C 179 40.31 -36.98 -26.44
CA GLY C 179 40.92 -35.73 -26.84
C GLY C 179 41.75 -35.86 -28.10
N LEU C 180 42.53 -36.94 -28.23
CA LEU C 180 43.34 -37.12 -29.43
C LEU C 180 42.47 -37.34 -30.65
N GLU C 181 41.44 -38.17 -30.53
CA GLU C 181 40.54 -38.40 -31.66
C GLU C 181 39.85 -37.11 -32.07
N THR C 182 39.36 -36.34 -31.10
CA THR C 182 38.70 -35.07 -31.41
C THR C 182 39.67 -34.10 -32.06
N THR C 183 40.90 -34.03 -31.58
CA THR C 183 41.88 -33.11 -32.14
C THR C 183 42.20 -33.47 -33.59
N VAL C 184 42.42 -34.75 -33.86
CA VAL C 184 42.72 -35.15 -35.23
C VAL C 184 41.53 -34.87 -36.14
N ARG C 185 40.33 -35.27 -35.70
CA ARG C 185 39.14 -35.09 -36.52
C ARG C 185 38.87 -33.62 -36.82
N ARG C 186 38.97 -32.77 -35.80
CA ARG C 186 38.70 -31.35 -35.99
C ARG C 186 39.83 -30.63 -36.71
N ALA C 187 41.07 -31.12 -36.58
CA ALA C 187 42.19 -30.49 -37.25
C ALA C 187 42.22 -30.83 -38.74
N ASN C 188 41.65 -31.97 -39.13
CA ASN C 188 41.54 -32.27 -40.55
C ASN C 188 40.69 -31.23 -41.28
N ARG C 189 39.73 -30.62 -40.58
CA ARG C 189 38.84 -29.61 -41.16
C ARG C 189 39.30 -28.20 -40.87
N VAL C 190 39.53 -27.88 -39.60
CA VAL C 190 39.80 -26.51 -39.19
C VAL C 190 41.16 -26.06 -39.69
N LEU C 191 42.18 -26.89 -39.52
CA LEU C 191 43.53 -26.60 -40.00
C LEU C 191 43.75 -27.25 -41.36
N SER C 192 42.89 -26.90 -42.31
CA SER C 192 42.96 -27.48 -43.65
C SER C 192 43.88 -26.69 -44.58
N ASP C 193 43.86 -25.36 -44.47
CA ASP C 193 44.81 -24.56 -45.24
C ASP C 193 46.24 -24.85 -44.83
N ALA C 194 46.48 -24.98 -43.52
CA ALA C 194 47.81 -25.35 -43.04
C ALA C 194 48.21 -26.73 -43.52
N LEU C 195 47.28 -27.69 -43.47
CA LEU C 195 47.57 -29.04 -43.93
C LEU C 195 47.80 -29.10 -45.43
N LYS C 196 47.24 -28.15 -46.20
CA LYS C 196 47.60 -28.05 -47.61
C LYS C 196 48.98 -27.43 -47.80
N ARG C 197 49.29 -26.37 -47.03
CA ARG C 197 50.62 -25.78 -47.10
C ARG C 197 51.68 -26.74 -46.59
N TYR C 198 51.39 -27.44 -45.49
CA TYR C 198 52.34 -28.34 -44.84
C TYR C 198 51.74 -29.73 -44.85
N PRO C 199 51.93 -30.50 -45.94
CA PRO C 199 51.24 -31.78 -46.08
C PRO C 199 51.77 -32.88 -45.19
N ARG C 200 52.77 -32.62 -44.35
CA ARG C 200 53.36 -33.70 -43.58
C ARG C 200 53.61 -33.30 -42.13
N MET C 201 52.73 -32.50 -41.54
CA MET C 201 52.76 -32.27 -40.11
C MET C 201 51.95 -33.35 -39.40
N ASP C 202 52.58 -34.03 -38.45
CA ASP C 202 51.96 -35.17 -37.77
C ASP C 202 51.11 -34.63 -36.63
N ILE C 203 49.84 -34.36 -36.96
CA ILE C 203 48.92 -33.81 -35.95
C ILE C 203 48.75 -34.71 -34.75
N PRO C 204 48.60 -36.04 -34.89
CA PRO C 204 48.49 -36.88 -33.68
C PRO C 204 49.67 -36.76 -32.74
N LYS C 205 50.90 -36.71 -33.28
CA LYS C 205 52.07 -36.66 -32.41
C LYS C 205 52.24 -35.29 -31.77
N ILE C 206 51.95 -34.22 -32.50
CA ILE C 206 51.99 -32.89 -31.92
C ILE C 206 50.91 -32.75 -30.84
N ALA C 207 49.73 -33.33 -31.09
CA ALA C 207 48.66 -33.27 -30.10
C ALA C 207 49.00 -34.06 -28.86
N ARG C 208 49.64 -35.23 -29.01
CA ARG C 208 50.09 -35.98 -27.85
C ARG C 208 51.16 -35.22 -27.08
N SER C 209 52.06 -34.53 -27.79
CA SER C 209 53.05 -33.70 -27.13
C SER C 209 52.39 -32.60 -26.32
N PHE C 210 51.36 -31.95 -26.88
CA PHE C 210 50.69 -30.88 -26.16
C PHE C 210 49.92 -31.41 -24.96
N TYR C 211 49.28 -32.57 -25.12
CA TYR C 211 48.60 -33.19 -23.98
C TYR C 211 49.58 -33.51 -22.86
N ASP C 212 50.73 -34.07 -23.21
CA ASP C 212 51.77 -34.31 -22.22
C ASP C 212 52.14 -33.02 -21.50
N LEU C 213 52.52 -32.00 -22.28
CA LEU C 213 52.94 -30.74 -21.68
C LEU C 213 51.89 -30.18 -20.72
N PHE C 214 50.62 -30.26 -21.11
CA PHE C 214 49.56 -29.79 -20.22
C PHE C 214 49.37 -30.70 -19.02
N GLU C 215 49.84 -31.94 -19.08
CA GLU C 215 49.80 -32.80 -17.90
C GLU C 215 50.94 -32.48 -16.93
N GLN C 216 52.20 -32.53 -17.37
CA GLN C 216 53.29 -32.29 -16.41
C GLN C 216 53.31 -30.84 -15.93
N LYS C 217 53.25 -29.89 -16.84
CA LYS C 217 53.42 -28.47 -16.48
C LYS C 217 52.05 -27.81 -16.47
N VAL C 218 51.37 -27.90 -15.33
CA VAL C 218 50.04 -27.34 -15.20
C VAL C 218 50.07 -25.82 -15.29
N TYR C 219 51.12 -25.20 -14.75
CA TYR C 219 51.23 -23.75 -14.82
C TYR C 219 51.22 -23.24 -16.26
N HIS C 220 51.75 -24.04 -17.19
CA HIS C 220 51.73 -23.64 -18.60
C HIS C 220 50.32 -23.48 -19.12
N ARG C 221 49.36 -24.24 -18.57
CA ARG C 221 47.96 -23.98 -18.89
C ARG C 221 47.63 -22.52 -18.68
N SER C 222 47.98 -22.00 -17.50
CA SER C 222 47.79 -20.57 -17.23
C SER C 222 48.46 -19.73 -18.30
N LEU C 223 49.71 -20.07 -18.63
CA LEU C 223 50.42 -19.33 -19.68
C LEU C 223 49.62 -19.38 -20.97
N PHE C 224 49.18 -20.58 -21.37
CA PHE C 224 48.33 -20.72 -22.55
C PHE C 224 47.15 -19.77 -22.46
N ILE C 225 46.46 -19.77 -21.32
CA ILE C 225 45.28 -18.93 -21.18
C ILE C 225 45.65 -17.47 -21.36
N GLU C 226 46.77 -17.04 -20.75
CA GLU C 226 47.17 -15.66 -20.89
C GLU C 226 47.38 -15.30 -22.35
N TYR C 227 48.00 -16.21 -23.11
CA TYR C 227 48.19 -15.96 -24.53
C TYR C 227 46.86 -15.66 -25.20
N GLY C 228 45.85 -16.50 -24.94
CA GLY C 228 44.54 -16.23 -25.50
C GLY C 228 44.02 -14.88 -25.07
N LYS C 229 44.15 -14.58 -23.77
CA LYS C 229 43.74 -13.27 -23.29
C LYS C 229 44.53 -12.16 -23.96
N ALA C 230 45.84 -12.37 -24.12
CA ALA C 230 46.66 -11.36 -24.77
C ALA C 230 46.39 -11.31 -26.26
N LEU C 231 45.82 -12.37 -26.83
CA LEU C 231 45.68 -12.42 -28.28
C LEU C 231 44.34 -11.88 -28.73
N GLY C 232 43.28 -12.11 -27.93
CA GLY C 232 41.98 -11.54 -28.21
C GLY C 232 41.83 -10.09 -27.85
N SER C 233 42.81 -9.50 -27.18
CA SER C 233 42.81 -8.09 -26.84
C SER C 233 43.55 -7.24 -27.88
N SER C 234 44.14 -7.86 -28.88
CA SER C 234 44.92 -7.13 -29.88
C SER C 234 44.00 -6.50 -30.91
N SER C 235 44.39 -5.31 -31.38
CA SER C 235 43.61 -4.61 -32.38
C SER C 235 43.57 -5.38 -33.69
N THR C 236 44.71 -5.92 -34.12
CA THR C 236 44.83 -6.68 -35.35
C THR C 236 45.39 -8.06 -35.06
N GLY C 237 45.63 -8.81 -36.14
CA GLY C 237 46.17 -10.14 -36.02
C GLY C 237 46.08 -10.84 -37.37
N SER C 238 46.60 -12.06 -37.39
CA SER C 238 46.51 -12.87 -38.59
C SER C 238 45.23 -13.71 -38.55
N LYS C 239 44.98 -14.43 -39.65
CA LYS C 239 43.87 -15.37 -39.68
C LYS C 239 44.10 -16.52 -38.72
N ALA C 240 45.35 -16.99 -38.64
CA ALA C 240 45.66 -18.08 -37.72
C ALA C 240 45.44 -17.67 -36.27
N GLU C 241 45.70 -16.41 -35.94
CA GLU C 241 45.46 -15.94 -34.58
C GLU C 241 43.97 -15.86 -34.27
N SER C 242 43.17 -15.45 -35.24
CA SER C 242 41.73 -15.48 -35.06
C SER C 242 41.23 -16.90 -34.87
N LEU C 243 41.81 -17.85 -35.60
CA LEU C 243 41.47 -19.26 -35.41
C LEU C 243 41.85 -19.74 -34.01
N PHE C 244 43.04 -19.35 -33.54
CA PHE C 244 43.46 -19.72 -32.20
C PHE C 244 42.48 -19.21 -31.17
N VAL C 245 42.09 -17.95 -31.29
CA VAL C 245 41.15 -17.38 -30.31
C VAL C 245 39.78 -18.06 -30.42
N ASN C 246 39.38 -18.46 -31.62
CA ASN C 246 38.10 -19.15 -31.78
C ASN C 246 38.11 -20.49 -31.06
N ILE C 247 39.16 -21.27 -31.24
CA ILE C 247 39.26 -22.55 -30.52
C ILE C 247 39.38 -22.31 -29.01
N PHE C 248 40.10 -21.26 -28.63
CA PHE C 248 40.30 -20.96 -27.21
C PHE C 248 38.99 -20.61 -26.53
N MET C 249 38.12 -19.86 -27.21
CA MET C 249 36.75 -19.66 -26.71
C MET C 249 35.94 -20.94 -26.74
N GLN C 250 36.14 -21.79 -27.74
CA GLN C 250 35.44 -23.07 -27.74
C GLN C 250 35.84 -23.92 -26.55
N ALA C 251 36.99 -23.65 -25.94
CA ALA C 251 37.43 -24.37 -24.75
C ALA C 251 36.82 -23.83 -23.47
N TYR C 252 35.98 -22.78 -23.54
CA TYR C 252 35.65 -22.02 -22.34
C TYR C 252 34.97 -22.83 -21.24
N GLY C 253 33.75 -23.29 -21.46
CA GLY C 253 33.01 -23.91 -20.38
C GLY C 253 33.38 -25.37 -20.15
N ALA C 254 34.63 -25.72 -20.43
CA ALA C 254 35.05 -27.11 -20.38
C ALA C 254 35.01 -27.65 -18.96
N GLY C 255 34.47 -28.85 -18.80
CA GLY C 255 34.29 -29.45 -17.51
C GLY C 255 33.01 -29.07 -16.81
N GLN C 256 32.15 -28.27 -17.44
CA GLN C 256 30.90 -27.82 -16.84
C GLN C 256 29.77 -27.90 -17.85
N THR C 257 29.70 -29.00 -18.62
CA THR C 257 28.67 -29.10 -19.64
C THR C 257 27.29 -29.33 -19.05
N MET C 258 27.20 -29.81 -17.81
CA MET C 258 25.89 -30.00 -17.20
C MET C 258 25.22 -28.68 -16.87
N LEU C 259 25.99 -27.64 -16.54
CA LEU C 259 25.39 -26.32 -16.33
C LEU C 259 24.80 -25.78 -17.63
N ARG C 260 25.55 -25.88 -18.72
CA ARG C 260 25.06 -25.44 -20.02
C ARG C 260 23.84 -26.25 -20.44
N TRP C 261 23.88 -27.56 -20.23
CA TRP C 261 22.77 -28.41 -20.61
C TRP C 261 21.56 -28.19 -19.73
N GLY C 262 21.75 -27.78 -18.47
CA GLY C 262 20.63 -27.42 -17.64
C GLY C 262 19.99 -26.10 -18.05
N VAL C 263 20.81 -25.15 -18.47
CA VAL C 263 20.27 -23.93 -19.06
C VAL C 263 19.48 -24.26 -20.33
N ILE C 264 19.97 -25.23 -21.10
CA ILE C 264 19.23 -25.68 -22.28
C ILE C 264 17.89 -26.30 -21.87
N ALA C 265 17.92 -27.18 -20.86
CA ALA C 265 16.70 -27.84 -20.42
C ALA C 265 15.69 -26.86 -19.87
N ARG C 266 16.14 -25.75 -19.29
CA ARG C 266 15.23 -24.69 -18.92
C ARG C 266 14.69 -23.97 -20.16
N SER C 267 15.57 -23.69 -21.12
CA SER C 267 15.12 -23.08 -22.37
C SER C 267 14.29 -24.02 -23.22
N SER C 268 14.41 -25.32 -23.00
CA SER C 268 13.60 -26.30 -23.72
C SER C 268 12.24 -26.52 -23.08
N ASN C 269 11.99 -25.94 -21.90
CA ASN C 269 10.70 -26.04 -21.22
C ASN C 269 10.30 -27.50 -21.01
N ASN C 270 11.27 -28.32 -20.63
CA ASN C 270 10.99 -29.72 -20.29
C ASN C 270 10.03 -29.77 -19.10
N ILE C 271 8.86 -30.38 -19.30
CA ILE C 271 7.87 -30.41 -18.23
C ILE C 271 8.33 -31.23 -17.06
N MET C 272 9.26 -32.16 -17.27
CA MET C 272 9.70 -33.00 -16.16
C MET C 272 10.58 -32.25 -15.18
N LEU C 273 11.01 -31.03 -15.52
CA LEU C 273 11.61 -30.14 -14.53
C LEU C 273 10.63 -29.84 -13.41
N GLY C 274 9.33 -29.87 -13.70
CA GLY C 274 8.29 -29.66 -12.71
C GLY C 274 7.96 -30.84 -11.84
N HIS C 275 8.58 -32.00 -12.09
CA HIS C 275 8.40 -33.14 -11.22
C HIS C 275 8.88 -32.80 -9.81
N VAL C 276 8.14 -33.26 -8.80
CA VAL C 276 8.40 -32.80 -7.44
C VAL C 276 9.81 -33.14 -6.98
N SER C 277 10.37 -34.26 -7.47
CA SER C 277 11.71 -34.64 -7.06
C SER C 277 12.74 -33.62 -7.53
N VAL C 278 12.58 -33.10 -8.74
CA VAL C 278 13.45 -32.02 -9.22
C VAL C 278 13.14 -30.73 -8.48
N GLN C 279 11.85 -30.45 -8.25
CA GLN C 279 11.44 -29.24 -7.55
C GLN C 279 12.07 -29.15 -6.18
N ALA C 280 12.31 -30.29 -5.53
CA ALA C 280 12.99 -30.29 -4.24
C ALA C 280 14.47 -29.92 -4.36
N GLU C 281 15.01 -29.82 -5.57
CA GLU C 281 16.42 -29.55 -5.79
C GLU C 281 16.69 -28.26 -6.53
N LEU C 282 15.67 -27.62 -7.11
CA LEU C 282 15.93 -26.37 -7.82
C LEU C 282 16.56 -25.31 -6.92
N LYS C 283 16.35 -25.37 -5.62
CA LYS C 283 17.00 -24.39 -4.73
C LYS C 283 18.52 -24.54 -4.73
N GLN C 284 19.03 -25.77 -4.64
CA GLN C 284 20.47 -25.96 -4.70
C GLN C 284 21.01 -25.79 -6.11
N VAL C 285 20.19 -26.10 -7.12
CA VAL C 285 20.58 -25.80 -8.50
C VAL C 285 20.80 -24.30 -8.67
N THR C 286 19.84 -23.51 -8.17
CA THR C 286 19.96 -22.06 -8.21
C THR C 286 21.17 -21.59 -7.42
N GLU C 287 21.50 -22.26 -6.31
CA GLU C 287 22.71 -21.89 -5.59
C GLU C 287 23.96 -22.15 -6.43
N VAL C 288 23.98 -23.24 -7.19
CA VAL C 288 25.14 -23.50 -8.05
C VAL C 288 25.27 -22.41 -9.11
N TYR C 289 24.17 -22.02 -9.74
CA TYR C 289 24.24 -20.96 -10.73
C TYR C 289 24.58 -19.60 -10.11
N ASP C 290 24.11 -19.36 -8.88
CA ASP C 290 24.51 -18.17 -8.14
C ASP C 290 26.01 -18.17 -7.88
N LEU C 291 26.57 -19.34 -7.59
CA LEU C 291 28.02 -19.45 -7.41
C LEU C 291 28.74 -19.12 -8.70
N VAL C 292 28.21 -19.56 -9.84
CA VAL C 292 28.81 -19.21 -11.12
C VAL C 292 28.79 -17.69 -11.30
N ARG C 293 27.66 -17.06 -10.98
CA ARG C 293 27.56 -15.60 -11.10
C ARG C 293 28.53 -14.89 -10.15
N GLU C 294 28.70 -15.42 -8.95
CA GLU C 294 29.62 -14.84 -7.98
C GLU C 294 31.07 -14.95 -8.45
N MET C 295 31.46 -16.11 -8.97
CA MET C 295 32.81 -16.29 -9.47
C MET C 295 33.07 -15.39 -10.67
N GLY C 296 32.10 -15.27 -11.57
CA GLY C 296 32.23 -14.36 -12.68
C GLY C 296 32.88 -14.99 -13.90
N PRO C 297 33.50 -14.15 -14.74
CA PRO C 297 34.07 -14.66 -16.00
C PRO C 297 35.16 -15.71 -15.82
N GLU C 298 35.84 -15.75 -14.68
CA GLU C 298 36.88 -16.74 -14.46
C GLU C 298 36.33 -18.10 -14.07
N SER C 299 35.02 -18.23 -13.89
CA SER C 299 34.45 -19.53 -13.51
C SER C 299 34.54 -20.54 -14.66
N GLY C 300 34.53 -20.07 -15.91
CA GLY C 300 34.63 -20.97 -17.04
C GLY C 300 35.98 -21.63 -17.19
N LEU C 301 37.04 -20.98 -16.70
CA LEU C 301 38.39 -21.49 -16.83
C LEU C 301 38.81 -22.35 -15.64
N LEU C 302 37.90 -22.65 -14.73
CA LEU C 302 38.25 -23.34 -13.50
C LEU C 302 38.80 -24.73 -13.77
N HIS C 303 38.15 -25.48 -14.67
CA HIS C 303 38.61 -26.82 -15.00
C HIS C 303 39.79 -26.80 -15.95
N LEU C 304 39.85 -25.81 -16.85
CA LEU C 304 41.02 -25.69 -17.72
C LEU C 304 42.27 -25.37 -16.93
N ARG C 305 42.15 -24.47 -15.95
CA ARG C 305 43.26 -24.18 -15.07
C ARG C 305 43.54 -25.31 -14.09
N GLN C 306 42.60 -26.25 -13.96
CA GLN C 306 42.68 -27.32 -12.97
C GLN C 306 42.71 -26.73 -11.56
N SER C 307 41.81 -25.78 -11.33
CA SER C 307 41.70 -25.16 -10.02
C SER C 307 41.12 -26.15 -9.02
N PRO C 308 41.71 -26.24 -7.82
CA PRO C 308 41.07 -27.06 -6.77
C PRO C 308 39.69 -26.58 -6.42
N LYS C 309 39.42 -25.29 -6.61
CA LYS C 309 38.10 -24.71 -6.36
C LYS C 309 37.04 -25.31 -7.27
N ALA C 310 37.44 -25.80 -8.44
CA ALA C 310 36.50 -26.48 -9.32
C ALA C 310 35.97 -27.74 -8.63
N GLY C 311 34.69 -28.01 -8.83
CA GLY C 311 33.98 -29.02 -8.08
C GLY C 311 32.96 -28.44 -7.13
N LEU C 312 33.12 -27.17 -6.76
CA LEU C 312 32.02 -26.41 -6.18
C LEU C 312 30.93 -26.15 -7.22
N LEU C 313 31.29 -26.16 -8.50
CA LEU C 313 30.34 -25.98 -9.59
C LEU C 313 29.68 -27.29 -10.01
N SER C 314 29.76 -28.31 -9.20
CA SER C 314 29.21 -29.62 -9.53
C SER C 314 27.75 -29.71 -9.14
N LEU C 315 26.92 -30.22 -10.06
CA LEU C 315 25.52 -30.51 -9.81
C LEU C 315 25.29 -31.98 -9.47
N ALA C 316 26.32 -32.66 -8.97
CA ALA C 316 26.23 -34.09 -8.73
C ALA C 316 25.42 -34.44 -7.49
N ASN C 317 25.13 -33.48 -6.63
CA ASN C 317 24.31 -33.72 -5.45
C ASN C 317 22.83 -33.50 -5.71
N CYS C 318 22.46 -33.18 -6.95
CA CYS C 318 21.07 -33.06 -7.39
C CYS C 318 20.82 -34.12 -8.46
N PRO C 319 20.70 -35.39 -8.05
CA PRO C 319 20.63 -36.47 -9.05
C PRO C 319 19.41 -36.41 -9.95
N ASN C 320 18.26 -35.96 -9.44
CA ASN C 320 17.06 -35.94 -10.27
C ASN C 320 17.10 -34.83 -11.29
N PHE C 321 17.59 -33.65 -10.90
CA PHE C 321 17.80 -32.59 -11.88
C PHE C 321 18.81 -33.00 -12.93
N ALA C 322 19.88 -33.68 -12.52
CA ALA C 322 20.87 -34.16 -13.48
C ALA C 322 20.26 -35.16 -14.44
N SER C 323 19.42 -36.07 -13.93
CA SER C 323 18.76 -37.05 -14.80
C SER C 323 17.83 -36.36 -15.79
N VAL C 324 17.06 -35.37 -15.32
CA VAL C 324 16.15 -34.67 -16.22
C VAL C 324 16.91 -33.88 -17.26
N VAL C 325 18.04 -33.26 -16.87
CA VAL C 325 18.84 -32.50 -17.82
C VAL C 325 19.44 -33.42 -18.87
N LEU C 326 19.98 -34.56 -18.45
CA LEU C 326 20.55 -35.50 -19.41
C LEU C 326 19.47 -36.09 -20.32
N GLY C 327 18.28 -36.34 -19.78
CA GLY C 327 17.19 -36.83 -20.62
C GLY C 327 16.72 -35.81 -21.63
N ASN C 328 16.62 -34.55 -21.22
CA ASN C 328 16.26 -33.50 -22.17
C ASN C 328 17.31 -33.36 -23.26
N ALA C 329 18.59 -33.43 -22.88
CA ALA C 329 19.65 -33.36 -23.87
C ALA C 329 19.60 -34.55 -24.83
N SER C 330 19.29 -35.74 -24.29
CA SER C 330 19.22 -36.93 -25.13
C SER C 330 18.05 -36.86 -26.09
N GLY C 331 16.91 -36.35 -25.64
CA GLY C 331 15.76 -36.23 -26.52
C GLY C 331 16.01 -35.29 -27.68
N LEU C 332 16.61 -34.14 -27.40
CA LEU C 332 17.00 -33.21 -28.46
C LEU C 332 18.10 -33.76 -29.35
N GLY C 333 18.76 -34.84 -28.96
CA GLY C 333 19.82 -35.43 -29.74
C GLY C 333 21.18 -34.80 -29.58
N ILE C 334 21.36 -33.93 -28.58
CA ILE C 334 22.65 -33.28 -28.37
C ILE C 334 23.49 -33.98 -27.33
N ILE C 335 23.00 -35.06 -26.72
CA ILE C 335 23.77 -35.73 -25.68
C ILE C 335 25.02 -36.37 -26.28
N GLY C 336 24.95 -36.79 -27.55
CA GLY C 336 26.10 -37.41 -28.18
C GLY C 336 26.54 -38.65 -27.43
N MET C 337 27.85 -38.75 -27.19
CA MET C 337 28.44 -39.85 -26.44
C MET C 337 28.90 -39.40 -25.06
N TYR C 338 28.23 -38.38 -24.51
CA TYR C 338 28.53 -37.92 -23.16
C TYR C 338 28.36 -39.07 -22.17
N ARG C 339 29.33 -39.24 -21.29
CA ARG C 339 29.38 -40.38 -20.38
C ARG C 339 28.96 -40.04 -18.96
N GLY C 340 28.33 -38.89 -18.74
CA GLY C 340 27.83 -38.60 -17.41
C GLY C 340 26.82 -39.63 -16.95
N ARG C 341 26.83 -39.89 -15.65
CA ARG C 341 25.98 -40.93 -15.11
C ARG C 341 24.57 -40.42 -14.87
N VAL C 342 23.58 -41.25 -15.14
CA VAL C 342 22.18 -40.88 -14.96
C VAL C 342 21.65 -41.62 -13.73
N PRO C 343 21.50 -40.94 -12.59
CA PRO C 343 21.05 -41.63 -11.38
C PRO C 343 19.63 -42.13 -11.48
N ASN C 344 18.71 -41.24 -11.86
CA ASN C 344 17.29 -41.58 -11.97
C ASN C 344 17.02 -41.97 -13.42
N THR C 345 16.78 -43.26 -13.65
CA THR C 345 16.50 -43.74 -15.00
C THR C 345 15.08 -43.38 -15.45
N GLU C 346 14.10 -43.44 -14.54
CA GLU C 346 12.73 -43.13 -14.93
C GLU C 346 12.57 -41.67 -15.32
N LEU C 347 13.16 -40.76 -14.55
CA LEU C 347 13.13 -39.35 -14.91
C LEU C 347 13.85 -39.12 -16.24
N PHE C 348 14.97 -39.81 -16.45
CA PHE C 348 15.67 -39.72 -17.72
C PHE C 348 14.77 -40.12 -18.87
N SER C 349 14.08 -41.25 -18.73
CA SER C 349 13.23 -41.75 -19.81
C SER C 349 12.08 -40.80 -20.08
N ALA C 350 11.41 -40.31 -19.03
CA ALA C 350 10.30 -39.41 -19.22
C ALA C 350 10.75 -38.08 -19.83
N ALA C 351 11.87 -37.53 -19.36
CA ALA C 351 12.40 -36.30 -19.92
C ALA C 351 12.78 -36.48 -21.39
N GLU C 352 13.40 -37.61 -21.71
CA GLU C 352 13.81 -37.86 -23.09
C GLU C 352 12.59 -38.01 -24.00
N SER C 353 11.56 -38.70 -23.53
CA SER C 353 10.33 -38.81 -24.31
C SER C 353 9.70 -37.45 -24.56
N TYR C 354 9.62 -36.62 -23.53
CA TYR C 354 9.03 -35.29 -23.73
C TYR C 354 9.87 -34.45 -24.67
N ALA C 355 11.20 -34.52 -24.55
CA ALA C 355 12.05 -33.68 -25.39
C ALA C 355 11.99 -34.15 -26.84
N LYS C 356 11.92 -35.45 -27.07
CA LYS C 356 11.74 -35.95 -28.44
C LYS C 356 10.39 -35.49 -29.01
N SER C 357 9.33 -35.59 -28.20
CA SER C 357 8.02 -35.14 -28.67
C SER C 357 8.03 -33.66 -29.00
N LEU C 358 8.70 -32.86 -28.18
CA LEU C 358 8.79 -31.43 -28.43
C LEU C 358 9.59 -31.12 -29.69
N LYS C 359 10.71 -31.82 -29.88
CA LYS C 359 11.55 -31.55 -31.05
C LYS C 359 10.86 -31.96 -32.34
N GLU C 360 10.14 -33.09 -32.33
CA GLU C 360 9.48 -33.55 -33.56
C GLU C 360 8.39 -32.57 -34.00
N ASP D 10 27.75 -17.84 -20.65
CA ASP D 10 29.14 -18.12 -21.00
C ASP D 10 29.71 -17.10 -21.97
N LEU D 11 28.90 -16.57 -22.88
CA LEU D 11 29.43 -15.65 -23.89
C LEU D 11 29.78 -14.30 -23.29
N SER D 12 28.94 -13.80 -22.37
CA SER D 12 29.29 -12.59 -21.65
C SER D 12 30.56 -12.79 -20.84
N TYR D 13 30.73 -13.98 -20.27
CA TYR D 13 31.93 -14.28 -19.51
C TYR D 13 33.16 -14.29 -20.39
N LYS D 14 33.05 -14.87 -21.60
CA LYS D 14 34.17 -14.84 -22.54
C LYS D 14 34.50 -13.41 -22.97
N HIS D 15 33.48 -12.60 -23.21
CA HIS D 15 33.73 -11.21 -23.58
C HIS D 15 34.40 -10.45 -22.45
N ALA D 16 33.96 -10.68 -21.20
CA ALA D 16 34.59 -10.04 -20.07
C ALA D 16 36.01 -10.53 -19.86
N ILE D 17 36.29 -11.78 -20.23
CA ILE D 17 37.65 -12.29 -20.17
C ILE D 17 38.53 -11.55 -21.17
N LEU D 18 38.09 -11.46 -22.42
CA LEU D 18 38.93 -10.86 -23.46
C LEU D 18 39.05 -9.36 -23.29
N LYS D 19 37.97 -8.69 -22.90
CA LYS D 19 37.96 -7.23 -22.82
C LYS D 19 38.78 -6.72 -21.64
N GLU D 20 38.60 -7.32 -20.47
CA GLU D 20 39.23 -6.84 -19.25
C GLU D 20 40.64 -7.44 -19.10
N SER D 21 41.54 -6.94 -19.94
CA SER D 21 42.94 -7.36 -19.92
C SER D 21 43.82 -6.17 -19.55
N GLN D 22 44.70 -6.37 -18.58
CA GLN D 22 45.57 -5.31 -18.12
C GLN D 22 46.83 -5.15 -18.94
N TYR D 23 47.09 -6.06 -19.87
CA TYR D 23 48.32 -6.06 -20.65
C TYR D 23 48.01 -5.87 -22.13
N THR D 24 48.65 -4.89 -22.74
CA THR D 24 48.55 -4.67 -24.18
C THR D 24 49.57 -5.54 -24.91
N ILE D 25 49.32 -5.74 -26.19
CA ILE D 25 50.19 -6.55 -27.04
C ILE D 25 50.99 -5.63 -27.94
N LYS D 26 52.28 -5.93 -28.10
CA LYS D 26 53.19 -5.14 -28.92
C LYS D 26 53.54 -5.91 -30.18
N ARG D 27 53.36 -5.27 -31.33
CA ARG D 27 53.66 -5.90 -32.61
C ARG D 27 54.28 -4.85 -33.53
N ASP D 28 54.98 -5.35 -34.56
CA ASP D 28 55.62 -4.49 -35.56
C ASP D 28 56.64 -3.56 -34.93
N VAL D 29 57.38 -4.06 -33.94
CA VAL D 29 58.24 -3.18 -33.14
C VAL D 29 59.36 -2.60 -34.00
N GLY D 30 59.99 -3.41 -34.84
CA GLY D 30 61.12 -2.95 -35.61
C GLY D 30 60.80 -2.35 -36.96
N THR D 31 59.52 -2.20 -37.30
CA THR D 31 59.09 -1.84 -38.64
C THR D 31 58.86 -0.34 -38.75
N THR D 32 58.73 0.11 -39.99
CA THR D 32 58.46 1.52 -40.30
C THR D 32 57.40 1.60 -41.38
N THR D 33 56.72 2.74 -41.43
CA THR D 33 55.73 3.01 -42.46
C THR D 33 55.83 4.47 -42.85
N ALA D 34 55.27 4.80 -44.01
CA ALA D 34 55.40 6.13 -44.60
C ALA D 34 54.14 6.95 -44.38
N VAL D 35 54.34 8.24 -44.10
CA VAL D 35 53.25 9.22 -44.12
C VAL D 35 53.75 10.46 -44.85
N THR D 36 52.81 11.31 -45.23
CA THR D 36 53.09 12.55 -45.91
C THR D 36 52.53 13.72 -45.12
N PRO D 37 53.33 14.75 -44.83
CA PRO D 37 52.80 15.91 -44.10
C PRO D 37 51.68 16.59 -44.88
N SER D 38 50.71 17.11 -44.14
CA SER D 38 49.51 17.67 -44.76
C SER D 38 49.85 18.79 -45.73
N SER D 39 50.96 19.50 -45.52
CA SER D 39 51.37 20.60 -46.37
C SER D 39 51.71 20.13 -47.79
N LEU D 40 51.87 18.83 -48.00
CA LEU D 40 52.13 18.28 -49.32
C LEU D 40 50.87 17.71 -49.98
N GLN D 41 49.69 18.06 -49.46
CA GLN D 41 48.45 17.52 -50.00
C GLN D 41 48.34 17.75 -51.50
N GLN D 42 48.57 18.99 -51.93
CA GLN D 42 48.57 19.29 -53.36
C GLN D 42 49.49 18.33 -54.10
N GLU D 43 50.72 18.18 -53.63
CA GLU D 43 51.68 17.32 -54.32
C GLU D 43 51.23 15.87 -54.33
N ILE D 44 50.53 15.42 -53.30
CA ILE D 44 50.04 14.05 -53.36
C ILE D 44 48.82 13.96 -54.26
N THR D 45 48.00 15.01 -54.29
CA THR D 45 46.80 14.99 -55.12
C THR D 45 47.17 14.74 -56.57
N LEU D 46 48.14 15.49 -57.08
CA LEU D 46 48.62 15.26 -58.44
C LEU D 46 48.97 13.81 -58.66
N LEU D 47 49.73 13.20 -57.74
CA LEU D 47 50.11 11.80 -57.91
C LEU D 47 48.88 10.90 -57.93
N CYS D 48 47.93 11.16 -57.02
CA CYS D 48 46.72 10.37 -56.99
C CYS D 48 45.91 10.52 -58.26
N GLY D 49 46.17 11.57 -59.04
CA GLY D 49 45.51 11.76 -60.31
C GLY D 49 46.29 11.23 -61.48
N GLU D 50 47.59 10.95 -61.28
CA GLU D 50 48.41 10.45 -62.37
C GLU D 50 48.39 8.94 -62.48
N ILE D 51 47.99 8.24 -61.42
CA ILE D 51 47.68 6.83 -61.54
C ILE D 51 46.35 6.63 -62.25
N LEU D 52 45.56 7.70 -62.39
CA LEU D 52 44.20 7.57 -62.91
C LEU D 52 44.10 7.75 -64.42
N TYR D 53 44.88 8.65 -65.03
CA TYR D 53 44.57 9.02 -66.41
C TYR D 53 45.58 8.44 -67.40
N ALA D 54 46.40 7.48 -66.97
CA ALA D 54 47.31 6.81 -67.88
C ALA D 54 47.25 5.31 -67.62
N LYS D 55 47.69 4.54 -68.61
CA LYS D 55 47.70 3.09 -68.53
C LYS D 55 49.11 2.66 -68.13
N HIS D 56 49.25 2.14 -66.92
CA HIS D 56 50.54 1.85 -66.33
C HIS D 56 50.80 0.35 -66.31
N ALA D 57 52.05 -0.03 -66.55
CA ALA D 57 52.41 -1.44 -66.48
C ALA D 57 52.31 -1.97 -65.06
N ASP D 58 52.54 -1.12 -64.06
CA ASP D 58 52.61 -1.54 -62.67
C ASP D 58 51.78 -0.61 -61.80
N TYR D 59 50.89 -1.18 -61.00
CA TYR D 59 50.01 -0.46 -60.09
C TYR D 59 50.26 -0.88 -58.65
N LYS D 60 51.51 -1.20 -58.31
CA LYS D 60 51.80 -1.83 -57.02
C LYS D 60 51.46 -0.91 -55.86
N TYR D 61 51.83 0.36 -55.95
CA TYR D 61 51.79 1.28 -54.81
C TYR D 61 50.64 2.27 -54.86
N ALA D 62 49.61 2.01 -55.67
CA ALA D 62 48.49 2.94 -55.73
C ALA D 62 47.78 3.06 -54.39
N ALA D 63 47.59 1.93 -53.71
CA ALA D 63 46.97 1.96 -52.39
C ALA D 63 47.83 2.73 -51.40
N GLU D 64 49.15 2.62 -51.51
CA GLU D 64 50.03 3.41 -50.67
C GLU D 64 49.85 4.91 -50.92
N ILE D 65 49.66 5.30 -52.18
CA ILE D 65 49.45 6.72 -52.47
C ILE D 65 48.11 7.18 -51.90
N GLY D 66 47.09 6.32 -51.94
CA GLY D 66 45.84 6.65 -51.29
C GLY D 66 45.98 6.83 -49.79
N ILE D 67 46.77 5.95 -49.16
CA ILE D 67 47.06 6.10 -47.74
C ILE D 67 47.84 7.37 -47.46
N GLN D 68 48.74 7.75 -48.38
CA GLN D 68 49.46 9.01 -48.23
C GLN D 68 48.51 10.19 -48.27
N TYR D 69 47.51 10.15 -49.15
CA TYR D 69 46.50 11.20 -49.15
C TYR D 69 45.72 11.21 -47.84
N ILE D 70 45.37 10.02 -47.33
CA ILE D 70 44.69 9.96 -46.03
C ILE D 70 45.55 10.59 -44.95
N SER D 71 46.86 10.35 -45.00
CA SER D 71 47.78 10.94 -44.04
C SER D 71 47.80 12.46 -44.15
N THR D 72 47.82 12.99 -45.37
CA THR D 72 47.76 14.44 -45.54
C THR D 72 46.45 15.01 -45.05
N ALA D 73 45.34 14.28 -45.23
CA ALA D 73 44.05 14.78 -44.78
C ALA D 73 43.91 14.72 -43.27
N LEU D 74 44.57 13.77 -42.61
CA LEU D 74 44.48 13.66 -41.16
C LEU D 74 45.62 14.34 -40.44
N GLY D 75 46.82 14.27 -40.99
CA GLY D 75 48.01 14.85 -40.35
C GLY D 75 48.97 13.74 -39.97
N SER D 76 50.25 13.99 -40.18
CA SER D 76 51.26 12.95 -39.96
C SER D 76 51.33 12.54 -38.49
N GLU D 77 51.31 13.51 -37.57
CA GLU D 77 51.37 13.17 -36.14
C GLU D 77 50.08 12.50 -35.70
N ARG D 78 48.94 12.93 -36.22
CA ARG D 78 47.68 12.31 -35.86
C ARG D 78 47.58 10.90 -36.43
N VAL D 79 48.18 10.68 -37.61
CA VAL D 79 48.22 9.35 -38.20
C VAL D 79 49.13 8.44 -37.39
N GLN D 80 50.26 8.98 -36.90
CA GLN D 80 51.11 8.20 -36.00
C GLN D 80 50.35 7.81 -34.73
N GLN D 81 49.57 8.73 -34.18
CA GLN D 81 48.76 8.42 -33.02
C GLN D 81 47.73 7.34 -33.33
N ILE D 82 47.11 7.42 -34.52
CA ILE D 82 46.13 6.41 -34.92
C ILE D 82 46.78 5.04 -35.02
N LEU D 83 47.93 4.96 -35.67
CA LEU D 83 48.60 3.66 -35.82
C LEU D 83 49.08 3.12 -34.49
N ARG D 84 49.46 4.00 -33.55
CA ARG D 84 49.79 3.54 -32.22
C ARG D 84 48.57 2.98 -31.49
N ASN D 85 47.44 3.68 -31.60
CA ASN D 85 46.22 3.24 -30.92
C ASN D 85 45.63 1.98 -31.53
N SER D 86 45.93 1.69 -32.79
CA SER D 86 45.50 0.43 -33.38
C SER D 86 46.24 -0.76 -32.76
N GLY D 87 47.30 -0.52 -32.00
CA GLY D 87 48.07 -1.56 -31.38
C GLY D 87 49.32 -1.96 -32.13
N SER D 88 49.90 -1.05 -32.91
CA SER D 88 51.08 -1.34 -33.71
C SER D 88 52.21 -0.40 -33.32
N GLU D 89 53.44 -0.92 -33.34
CA GLU D 89 54.63 -0.12 -33.03
C GLU D 89 55.33 0.35 -34.29
N VAL D 90 54.61 0.45 -35.42
CA VAL D 90 55.23 0.90 -36.65
C VAL D 90 55.72 2.32 -36.49
N GLN D 91 56.95 2.57 -36.94
CA GLN D 91 57.56 3.89 -36.84
C GLN D 91 57.26 4.66 -38.12
N VAL D 92 56.39 5.65 -38.00
CA VAL D 92 56.08 6.57 -39.09
C VAL D 92 57.34 7.21 -39.64
N VAL D 93 57.44 7.25 -40.97
CA VAL D 93 58.48 7.97 -41.69
C VAL D 93 57.80 9.04 -42.55
N LEU D 94 58.50 10.14 -42.77
CA LEU D 94 57.90 11.34 -43.35
C LEU D 94 58.31 11.49 -44.81
N THR D 95 57.33 11.78 -45.66
CA THR D 95 57.58 11.97 -47.09
C THR D 95 58.41 13.23 -47.32
N ARG D 96 59.39 13.13 -48.23
CA ARG D 96 60.30 14.24 -48.51
C ARG D 96 60.24 14.61 -49.98
N THR D 97 60.07 15.90 -50.27
CA THR D 97 60.13 16.36 -51.64
C THR D 97 61.58 16.49 -52.08
N TYR D 98 61.90 15.91 -53.24
CA TYR D 98 63.24 15.97 -53.79
C TYR D 98 63.19 16.49 -55.21
N SER D 99 64.22 17.23 -55.59
CA SER D 99 64.33 17.70 -56.97
C SER D 99 64.70 16.53 -57.88
N LEU D 100 64.04 16.46 -59.04
CA LEU D 100 64.33 15.37 -59.97
C LEU D 100 65.76 15.44 -60.47
N GLY D 101 66.24 16.63 -60.76
CA GLY D 101 67.58 16.83 -61.26
C GLY D 101 67.65 18.11 -62.08
N LYS D 102 68.27 17.99 -63.26
CA LYS D 102 68.37 19.13 -64.16
C LYS D 102 67.03 19.53 -64.75
N ILE D 103 66.02 18.65 -64.67
CA ILE D 103 64.71 18.92 -65.25
C ILE D 103 64.05 20.07 -64.49
N LYS D 104 63.42 20.97 -65.24
CA LYS D 104 62.76 22.14 -64.69
C LYS D 104 61.31 22.18 -65.16
N ASN D 105 60.46 22.81 -64.35
CA ASN D 105 59.03 22.87 -64.65
C ASN D 105 58.73 24.15 -65.43
N ASN D 106 57.43 24.42 -65.62
CA ASN D 106 57.02 25.59 -66.39
C ASN D 106 57.33 26.89 -65.65
N LYS D 107 57.36 26.87 -64.32
CA LYS D 107 57.57 28.07 -63.54
C LYS D 107 59.04 28.49 -63.45
N GLY D 108 59.95 27.70 -64.01
CA GLY D 108 61.36 28.01 -63.93
C GLY D 108 62.06 27.50 -62.69
N GLU D 109 61.37 26.72 -61.86
CA GLU D 109 61.97 26.12 -60.67
C GLU D 109 62.28 24.64 -60.94
N ASP D 110 63.04 24.05 -60.02
CA ASP D 110 63.31 22.62 -60.10
C ASP D 110 62.04 21.83 -59.85
N LEU D 111 61.82 20.79 -60.67
CA LEU D 111 60.65 19.96 -60.54
C LEU D 111 60.75 19.11 -59.27
N GLN D 112 59.92 19.42 -58.29
CA GLN D 112 59.94 18.71 -57.02
C GLN D 112 58.96 17.55 -57.06
N MET D 113 59.44 16.36 -56.72
CA MET D 113 58.60 15.18 -56.67
C MET D 113 58.65 14.54 -55.30
N LEU D 114 57.59 13.80 -54.99
CA LEU D 114 57.47 13.17 -53.68
C LEU D 114 58.41 11.98 -53.55
N ASP D 115 58.93 11.79 -52.34
CA ASP D 115 59.75 10.66 -51.97
C ASP D 115 59.07 10.00 -50.78
N ILE D 116 58.43 8.87 -51.04
CA ILE D 116 57.65 8.15 -50.05
C ILE D 116 58.45 6.95 -49.57
N HIS D 117 58.41 6.70 -48.27
CA HIS D 117 59.16 5.58 -47.71
C HIS D 117 58.53 4.26 -48.15
N GLY D 118 59.38 3.31 -48.55
CA GLY D 118 58.92 2.02 -48.99
C GLY D 118 58.47 1.96 -50.44
N VAL D 119 58.32 3.11 -51.09
CA VAL D 119 57.98 3.18 -52.50
C VAL D 119 59.24 3.54 -53.26
N GLU D 120 59.67 2.66 -54.17
CA GLU D 120 60.83 2.98 -54.99
C GLU D 120 60.57 4.27 -55.76
N LYS D 121 61.57 5.14 -55.80
CA LYS D 121 61.42 6.38 -56.55
C LYS D 121 61.22 6.10 -58.03
N SER D 122 61.76 4.98 -58.52
CA SER D 122 61.61 4.65 -59.94
C SER D 122 60.15 4.44 -60.30
N TRP D 123 59.36 3.85 -59.40
CA TRP D 123 57.94 3.70 -59.64
C TRP D 123 57.26 5.05 -59.79
N VAL D 124 57.59 6.00 -58.91
CA VAL D 124 56.99 7.33 -58.99
C VAL D 124 57.41 8.03 -60.27
N GLU D 125 58.69 7.91 -60.64
CA GLU D 125 59.17 8.50 -61.88
C GLU D 125 58.44 7.92 -63.09
N GLU D 126 58.24 6.60 -63.11
CA GLU D 126 57.59 6.00 -64.27
C GLU D 126 56.11 6.34 -64.33
N ILE D 127 55.45 6.43 -63.17
CA ILE D 127 54.05 6.86 -63.15
C ILE D 127 53.93 8.28 -63.68
N ASP D 128 54.80 9.17 -63.20
CA ASP D 128 54.76 10.57 -63.64
C ASP D 128 55.09 10.70 -65.12
N LYS D 129 56.12 9.96 -65.58
CA LYS D 129 56.52 10.04 -66.98
C LYS D 129 55.43 9.50 -67.90
N GLU D 130 54.82 8.37 -67.53
CA GLU D 130 53.74 7.82 -68.35
C GLU D 130 52.55 8.76 -68.38
N ALA D 131 52.21 9.37 -67.25
CA ALA D 131 51.10 10.31 -67.23
C ALA D 131 51.40 11.54 -68.10
N ARG D 132 52.62 12.06 -68.02
CA ARG D 132 52.99 13.21 -68.83
C ARG D 132 52.96 12.87 -70.32
N LYS D 133 53.46 11.69 -70.68
CA LYS D 133 53.42 11.24 -72.07
C LYS D 133 51.99 11.10 -72.55
N THR D 134 51.12 10.54 -71.72
CA THR D 134 49.73 10.36 -72.10
C THR D 134 49.04 11.70 -72.33
N MET D 135 49.26 12.67 -71.43
CA MET D 135 48.64 13.97 -71.65
C MET D 135 49.24 14.68 -72.85
N ALA D 136 50.53 14.50 -73.11
CA ALA D 136 51.12 15.09 -74.31
C ALA D 136 50.47 14.53 -75.56
N THR D 137 50.26 13.21 -75.59
CA THR D 137 49.57 12.61 -76.74
C THR D 137 48.14 13.12 -76.86
N LEU D 138 47.43 13.24 -75.74
CA LEU D 138 46.04 13.69 -75.80
C LEU D 138 45.94 15.13 -76.30
N LEU D 139 46.85 16.00 -75.86
CA LEU D 139 46.86 17.36 -76.37
C LEU D 139 47.33 17.43 -77.82
N LYS D 140 48.16 16.47 -78.25
CA LYS D 140 48.49 16.39 -79.66
C LYS D 140 47.25 16.03 -80.48
N GLU D 141 46.41 15.13 -79.97
CA GLU D 141 45.19 14.77 -80.66
C GLU D 141 44.21 15.94 -80.71
N SER D 142 43.94 16.56 -79.57
CA SER D 142 42.99 17.66 -79.49
C SER D 142 43.61 18.81 -78.71
N SER D 143 43.40 20.03 -79.19
CA SER D 143 43.99 21.22 -78.60
C SER D 143 42.93 21.94 -77.76
N GLY D 144 43.28 22.25 -76.51
CA GLY D 144 42.38 22.98 -75.64
C GLY D 144 41.13 22.26 -75.25
N ASN D 145 41.10 20.93 -75.39
CA ASN D 145 39.91 20.14 -75.12
C ASN D 145 39.97 19.44 -73.76
N ILE D 146 40.89 19.82 -72.89
CA ILE D 146 41.05 19.15 -71.61
C ILE D 146 40.63 20.08 -70.48
N PRO D 147 39.41 19.95 -69.97
CA PRO D 147 38.99 20.79 -68.83
C PRO D 147 39.67 20.39 -67.55
N GLN D 148 39.34 21.07 -66.45
CA GLN D 148 39.96 20.76 -65.17
C GLN D 148 39.59 19.35 -64.70
N ASN D 149 38.33 18.97 -64.89
CA ASN D 149 37.84 17.70 -64.35
C ASN D 149 38.46 16.47 -65.02
N GLN D 150 39.13 16.64 -66.16
CA GLN D 150 39.85 15.53 -66.78
C GLN D 150 41.36 15.62 -66.55
N ARG D 151 41.80 16.44 -65.64
CA ARG D 151 43.20 16.58 -65.34
C ARG D 151 43.56 15.85 -64.05
N PRO D 152 44.80 15.38 -63.92
CA PRO D 152 45.21 14.72 -62.68
C PRO D 152 45.20 15.62 -61.46
N SER D 153 45.34 16.93 -61.64
CA SER D 153 45.41 17.85 -60.51
C SER D 153 44.05 18.12 -59.89
N ALA D 154 43.00 17.45 -60.35
CA ALA D 154 41.68 17.65 -59.77
C ALA D 154 41.70 17.24 -58.29
N PRO D 155 41.09 18.03 -57.42
CA PRO D 155 41.17 17.74 -55.97
C PRO D 155 40.54 16.42 -55.57
N ASP D 156 39.65 15.85 -56.37
CA ASP D 156 38.91 14.66 -56.00
C ASP D 156 39.54 13.37 -56.51
N THR D 157 40.60 13.45 -57.31
CA THR D 157 41.26 12.23 -57.78
C THR D 157 41.78 11.35 -56.63
N PRO D 158 42.36 11.88 -55.55
CA PRO D 158 42.65 10.99 -54.41
C PRO D 158 41.41 10.33 -53.86
N ILE D 159 40.28 11.05 -53.86
CA ILE D 159 39.04 10.46 -53.37
C ILE D 159 38.54 9.37 -54.32
N ILE D 160 38.76 9.52 -55.63
CA ILE D 160 38.39 8.47 -56.57
C ILE D 160 39.21 7.21 -56.32
N LEU D 161 40.53 7.38 -56.13
CA LEU D 161 41.38 6.25 -55.80
C LEU D 161 40.93 5.59 -54.51
N LEU D 162 40.62 6.40 -53.50
CA LEU D 162 40.18 5.86 -52.22
C LEU D 162 38.78 5.27 -52.31
N CYS D 163 37.97 5.66 -53.30
CA CYS D 163 36.66 5.01 -53.48
C CYS D 163 36.83 3.62 -54.09
N VAL D 164 37.77 3.46 -55.01
CA VAL D 164 38.10 2.09 -55.44
C VAL D 164 38.60 1.28 -54.24
N GLY D 165 39.43 1.89 -53.40
CA GLY D 165 39.89 1.22 -52.19
C GLY D 165 38.76 0.87 -51.25
N ALA D 166 37.77 1.75 -51.11
CA ALA D 166 36.64 1.47 -50.24
C ALA D 166 35.74 0.37 -50.82
N LEU D 167 35.63 0.30 -52.14
CA LEU D 167 34.92 -0.81 -52.76
C LEU D 167 35.60 -2.13 -52.44
N ILE D 168 36.93 -2.17 -52.50
CA ILE D 168 37.61 -3.41 -52.11
C ILE D 168 37.55 -3.62 -50.61
N PHE D 169 37.36 -2.55 -49.84
CA PHE D 169 37.24 -2.66 -48.38
C PHE D 169 35.93 -3.30 -47.97
N THR D 170 34.85 -3.03 -48.72
CA THR D 170 33.56 -3.62 -48.39
C THR D 170 33.59 -5.15 -48.45
N LYS D 171 34.50 -5.71 -49.23
CA LYS D 171 34.57 -7.15 -49.44
C LYS D 171 35.82 -7.75 -48.80
N LEU D 172 36.16 -7.29 -47.59
CA LEU D 172 37.35 -7.77 -46.91
C LEU D 172 37.11 -9.03 -46.10
N ALA D 173 35.86 -9.38 -45.83
CA ALA D 173 35.54 -10.66 -45.22
C ALA D 173 35.30 -11.75 -46.26
N SER D 174 35.32 -11.40 -47.54
CA SER D 174 35.18 -12.36 -48.62
C SER D 174 36.56 -12.82 -49.08
N THR D 175 36.63 -13.50 -50.21
CA THR D 175 37.90 -13.88 -50.79
C THR D 175 38.38 -12.83 -51.78
N ILE D 176 39.60 -13.02 -52.28
CA ILE D 176 40.19 -12.03 -53.18
C ILE D 176 39.47 -12.03 -54.53
N GLU D 177 39.07 -13.20 -55.03
CA GLU D 177 38.42 -13.28 -56.33
C GLU D 177 37.05 -12.64 -56.30
N VAL D 178 36.24 -13.00 -55.31
CA VAL D 178 34.90 -12.41 -55.17
C VAL D 178 35.00 -10.93 -54.93
N GLY D 179 35.95 -10.51 -54.09
CA GLY D 179 36.14 -9.09 -53.85
C GLY D 179 36.53 -8.31 -55.09
N LEU D 180 37.43 -8.87 -55.90
CA LEU D 180 37.84 -8.19 -57.12
C LEU D 180 36.70 -8.10 -58.12
N GLU D 181 35.96 -9.20 -58.30
CA GLU D 181 34.81 -9.18 -59.21
C GLU D 181 33.77 -8.17 -58.75
N THR D 182 33.46 -8.16 -57.46
CA THR D 182 32.50 -7.21 -56.92
C THR D 182 32.98 -5.78 -57.10
N THR D 183 34.26 -5.52 -56.86
CA THR D 183 34.78 -4.17 -56.99
C THR D 183 34.70 -3.68 -58.43
N VAL D 184 35.10 -4.52 -59.38
CA VAL D 184 35.01 -4.12 -60.79
C VAL D 184 33.57 -3.89 -61.20
N ARG D 185 32.68 -4.82 -60.85
CA ARG D 185 31.28 -4.72 -61.25
C ARG D 185 30.64 -3.47 -60.66
N ARG D 186 30.86 -3.20 -59.38
CA ARG D 186 30.26 -2.06 -58.73
C ARG D 186 30.92 -0.74 -59.12
N ALA D 187 32.20 -0.77 -59.48
CA ALA D 187 32.89 0.44 -59.89
C ALA D 187 32.52 0.86 -61.30
N ASN D 188 32.12 -0.09 -62.14
CA ASN D 188 31.63 0.27 -63.46
C ASN D 188 30.39 1.17 -63.37
N ARG D 189 29.59 1.01 -62.31
CA ARG D 189 28.38 1.80 -62.11
C ARG D 189 28.60 2.98 -61.18
N VAL D 190 29.13 2.73 -60.00
CA VAL D 190 29.23 3.76 -58.97
C VAL D 190 30.24 4.84 -59.36
N LEU D 191 31.41 4.42 -59.83
CA LEU D 191 32.43 5.35 -60.28
C LEU D 191 32.35 5.53 -61.80
N SER D 192 31.18 5.95 -62.27
CA SER D 192 30.95 6.11 -63.69
C SER D 192 31.34 7.50 -64.18
N ASP D 193 31.07 8.54 -63.38
CA ASP D 193 31.53 9.88 -63.75
C ASP D 193 33.05 9.95 -63.78
N ALA D 194 33.72 9.32 -62.81
CA ALA D 194 35.17 9.25 -62.82
C ALA D 194 35.68 8.48 -64.02
N LEU D 195 35.05 7.35 -64.34
CA LEU D 195 35.45 6.56 -65.50
C LEU D 195 35.20 7.29 -66.82
N LYS D 196 34.25 8.22 -66.85
CA LYS D 196 34.10 9.08 -68.03
C LYS D 196 35.19 10.15 -68.07
N ARG D 197 35.49 10.77 -66.93
CA ARG D 197 36.58 11.75 -66.87
C ARG D 197 37.93 11.09 -67.12
N TYR D 198 38.15 9.91 -66.55
CA TYR D 198 39.43 9.20 -66.65
C TYR D 198 39.17 7.86 -67.31
N PRO D 199 39.15 7.81 -68.64
CA PRO D 199 38.75 6.58 -69.34
C PRO D 199 39.76 5.45 -69.28
N ARG D 200 40.89 5.62 -68.60
CA ARG D 200 41.92 4.59 -68.64
C ARG D 200 42.52 4.34 -67.26
N MET D 201 41.71 4.42 -66.20
CA MET D 201 42.15 3.95 -64.89
C MET D 201 41.85 2.47 -64.76
N ASP D 202 42.88 1.69 -64.44
CA ASP D 202 42.77 0.23 -64.38
C ASP D 202 42.22 -0.15 -63.02
N ILE D 203 40.89 -0.21 -62.93
CA ILE D 203 40.24 -0.54 -61.65
C ILE D 203 40.65 -1.90 -61.12
N PRO D 204 40.74 -2.97 -61.93
CA PRO D 204 41.21 -4.25 -61.35
C PRO D 204 42.58 -4.18 -60.70
N LYS D 205 43.53 -3.46 -61.30
CA LYS D 205 44.87 -3.42 -60.76
C LYS D 205 44.94 -2.55 -59.51
N ILE D 206 44.22 -1.43 -59.50
CA ILE D 206 44.15 -0.59 -58.31
C ILE D 206 43.47 -1.35 -57.17
N ALA D 207 42.42 -2.11 -57.50
CA ALA D 207 41.73 -2.90 -56.48
C ALA D 207 42.61 -4.00 -55.92
N ARG D 208 43.40 -4.66 -56.77
CA ARG D 208 44.34 -5.66 -56.29
C ARG D 208 45.41 -5.01 -55.42
N SER D 209 45.87 -3.81 -55.78
CA SER D 209 46.82 -3.10 -54.95
C SER D 209 46.23 -2.80 -53.58
N PHE D 210 44.97 -2.37 -53.53
CA PHE D 210 44.35 -2.06 -52.25
C PHE D 210 44.12 -3.31 -51.43
N TYR D 211 43.74 -4.41 -52.06
CA TYR D 211 43.59 -5.68 -51.35
C TYR D 211 44.93 -6.11 -50.75
N ASP D 212 46.00 -6.01 -51.52
CA ASP D 212 47.32 -6.31 -50.99
C ASP D 212 47.62 -5.45 -49.78
N LEU D 213 47.50 -4.13 -49.92
CA LEU D 213 47.82 -3.22 -48.81
C LEU D 213 47.04 -3.58 -47.56
N PHE D 214 45.75 -3.91 -47.72
CA PHE D 214 44.95 -4.29 -46.57
C PHE D 214 45.34 -5.66 -46.03
N GLU D 215 46.03 -6.48 -46.82
CA GLU D 215 46.54 -7.74 -46.29
C GLU D 215 47.83 -7.54 -45.49
N GLN D 216 48.87 -6.94 -46.09
CA GLN D 216 50.12 -6.82 -45.34
C GLN D 216 50.00 -5.84 -44.17
N LYS D 217 49.45 -4.66 -44.41
CA LYS D 217 49.43 -3.62 -43.38
C LYS D 217 48.02 -3.54 -42.79
N VAL D 218 47.77 -4.38 -41.78
CA VAL D 218 46.45 -4.45 -41.16
C VAL D 218 46.14 -3.16 -40.43
N TYR D 219 47.15 -2.53 -39.83
CA TYR D 219 46.91 -1.27 -39.12
C TYR D 219 46.35 -0.21 -40.04
N HIS D 220 46.71 -0.24 -41.33
CA HIS D 220 46.16 0.73 -42.27
C HIS D 220 44.65 0.61 -42.39
N ARG D 221 44.10 -0.59 -42.19
CA ARG D 221 42.66 -0.72 -42.09
C ARG D 221 42.11 0.27 -41.09
N SER D 222 42.68 0.28 -39.88
CA SER D 222 42.30 1.24 -38.86
C SER D 222 42.40 2.66 -39.41
N LEU D 223 43.52 2.97 -40.06
CA LEU D 223 43.69 4.30 -40.65
C LEU D 223 42.56 4.58 -41.63
N PHE D 224 42.28 3.63 -42.52
CA PHE D 224 41.15 3.77 -43.43
C PHE D 224 39.89 4.09 -42.67
N ILE D 225 39.61 3.33 -41.61
CA ILE D 225 38.39 3.54 -40.85
C ILE D 225 38.36 4.95 -40.29
N GLU D 226 39.49 5.40 -39.72
CA GLU D 226 39.53 6.74 -39.17
C GLU D 226 39.19 7.78 -40.22
N TYR D 227 39.71 7.59 -41.44
CA TYR D 227 39.38 8.52 -42.51
C TYR D 227 37.87 8.62 -42.68
N GLY D 228 37.21 7.46 -42.76
CA GLY D 228 35.76 7.48 -42.88
C GLY D 228 35.13 8.21 -41.71
N LYS D 229 35.59 7.91 -40.49
CA LYS D 229 35.09 8.61 -39.32
C LYS D 229 35.37 10.10 -39.42
N ALA D 230 36.58 10.45 -39.86
CA ALA D 230 36.91 11.86 -40.00
C ALA D 230 36.18 12.50 -41.17
N LEU D 231 35.70 11.70 -42.11
CA LEU D 231 35.12 12.28 -43.32
C LEU D 231 33.62 12.46 -43.18
N GLY D 232 32.95 11.54 -42.48
CA GLY D 232 31.54 11.69 -42.20
C GLY D 232 31.21 12.66 -41.09
N SER D 233 32.21 13.16 -40.38
CA SER D 233 32.00 14.16 -39.34
C SER D 233 32.19 15.59 -39.87
N SER D 234 32.54 15.75 -41.13
CA SER D 234 32.79 17.07 -41.69
C SER D 234 31.49 17.75 -42.06
N SER D 235 31.44 19.07 -41.87
CA SER D 235 30.25 19.83 -42.21
C SER D 235 29.97 19.79 -43.70
N THR D 236 31.01 19.95 -44.52
CA THR D 236 30.87 19.94 -45.97
C THR D 236 31.78 18.86 -46.56
N GLY D 237 31.83 18.84 -47.89
CA GLY D 237 32.64 17.87 -48.60
C GLY D 237 32.28 17.90 -50.07
N SER D 238 33.02 17.10 -50.82
CA SER D 238 32.73 16.94 -52.24
C SER D 238 31.74 15.80 -52.45
N LYS D 239 31.31 15.64 -53.71
CA LYS D 239 30.47 14.50 -54.06
C LYS D 239 31.24 13.20 -53.92
N ALA D 240 32.51 13.19 -54.30
CA ALA D 240 33.33 12.00 -54.18
C ALA D 240 33.48 11.59 -52.72
N GLU D 241 33.56 12.56 -51.82
CA GLU D 241 33.68 12.23 -50.39
C GLU D 241 32.38 11.63 -49.85
N SER D 242 31.24 12.14 -50.31
CA SER D 242 29.97 11.53 -49.95
C SER D 242 29.89 10.11 -50.47
N LEU D 243 30.38 9.87 -51.68
CA LEU D 243 30.43 8.52 -52.22
C LEU D 243 31.33 7.63 -51.38
N PHE D 244 32.50 8.13 -50.97
CA PHE D 244 33.39 7.35 -50.13
C PHE D 244 32.70 6.95 -48.83
N VAL D 245 32.03 7.90 -48.19
CA VAL D 245 31.35 7.59 -46.94
C VAL D 245 30.20 6.62 -47.17
N ASN D 246 29.52 6.71 -48.32
CA ASN D 246 28.44 5.77 -48.60
C ASN D 246 28.95 4.34 -48.72
N ILE D 247 30.04 4.15 -49.47
CA ILE D 247 30.62 2.81 -49.57
C ILE D 247 31.17 2.36 -48.22
N PHE D 248 31.74 3.29 -47.45
CA PHE D 248 32.31 2.94 -46.15
C PHE D 248 31.23 2.46 -45.18
N MET D 249 30.05 3.09 -45.21
CA MET D 249 28.91 2.55 -44.47
C MET D 249 28.41 1.24 -45.04
N GLN D 250 28.47 1.07 -46.36
CA GLN D 250 28.09 -0.22 -46.93
C GLN D 250 29.02 -1.32 -46.46
N ALA D 251 30.21 -0.98 -46.01
CA ALA D 251 31.14 -1.97 -45.47
C ALA D 251 30.87 -2.33 -44.02
N TYR D 252 29.87 -1.74 -43.38
CA TYR D 252 29.77 -1.77 -41.92
C TYR D 252 29.66 -3.18 -41.34
N GLY D 253 28.56 -3.88 -41.57
CA GLY D 253 28.36 -5.14 -40.89
C GLY D 253 29.07 -6.31 -41.53
N ALA D 254 30.21 -6.03 -42.16
CA ALA D 254 30.91 -7.05 -42.93
C ALA D 254 31.44 -8.15 -42.04
N GLY D 255 31.24 -9.40 -42.47
CA GLY D 255 31.61 -10.55 -41.69
C GLY D 255 30.57 -11.01 -40.69
N GLN D 256 29.41 -10.36 -40.64
CA GLN D 256 28.35 -10.69 -39.71
C GLN D 256 27.00 -10.68 -40.42
N THR D 257 26.93 -11.24 -41.63
CA THR D 257 25.67 -11.21 -42.36
C THR D 257 24.63 -12.15 -41.77
N MET D 258 25.04 -13.15 -40.99
CA MET D 258 24.06 -14.04 -40.37
C MET D 258 23.26 -13.34 -39.29
N LEU D 259 23.86 -12.38 -38.57
CA LEU D 259 23.09 -11.60 -37.61
C LEU D 259 22.03 -10.77 -38.29
N ARG D 260 22.39 -10.09 -39.38
CA ARG D 260 21.43 -9.30 -40.13
C ARG D 260 20.34 -10.18 -40.72
N TRP D 261 20.73 -11.34 -41.26
CA TRP D 261 19.76 -12.24 -41.85
C TRP D 261 18.86 -12.89 -40.81
N GLY D 262 19.36 -13.07 -39.57
CA GLY D 262 18.51 -13.55 -38.51
C GLY D 262 17.51 -12.50 -38.05
N VAL D 263 17.94 -11.24 -38.02
CA VAL D 263 16.99 -10.16 -37.76
C VAL D 263 15.93 -10.12 -38.86
N ILE D 264 16.34 -10.39 -40.10
CA ILE D 264 15.38 -10.48 -41.21
C ILE D 264 14.41 -11.63 -40.98
N ALA D 265 14.93 -12.80 -40.62
CA ALA D 265 14.09 -13.97 -40.42
C ALA D 265 13.11 -13.76 -39.28
N ARG D 266 13.49 -12.97 -38.28
CA ARG D 266 12.52 -12.58 -37.24
C ARG D 266 11.48 -11.62 -37.80
N SER D 267 11.93 -10.63 -38.58
CA SER D 267 10.99 -9.71 -39.22
C SER D 267 10.16 -10.38 -40.31
N SER D 268 10.62 -11.51 -40.84
CA SER D 268 9.86 -12.27 -41.83
C SER D 268 8.85 -13.20 -41.20
N ASN D 269 8.86 -13.35 -39.87
CA ASN D 269 7.91 -14.20 -39.15
C ASN D 269 7.91 -15.63 -39.69
N ASN D 270 9.10 -16.14 -39.97
CA ASN D 270 9.24 -17.53 -40.40
C ASN D 270 8.75 -18.45 -39.29
N ILE D 271 7.73 -19.25 -39.59
CA ILE D 271 7.16 -20.12 -38.56
C ILE D 271 8.14 -21.18 -38.10
N MET D 272 9.13 -21.52 -38.93
CA MET D 272 10.05 -22.56 -38.52
C MET D 272 11.02 -22.09 -37.45
N LEU D 273 11.05 -20.79 -37.15
CA LEU D 273 11.73 -20.31 -35.95
C LEU D 273 11.12 -20.92 -34.70
N GLY D 274 9.83 -21.27 -34.75
CA GLY D 274 9.14 -21.91 -33.65
C GLY D 274 9.35 -23.39 -33.52
N HIS D 275 10.09 -24.01 -34.44
CA HIS D 275 10.44 -25.41 -34.29
C HIS D 275 11.26 -25.60 -33.03
N VAL D 276 11.00 -26.70 -32.32
CA VAL D 276 11.57 -26.88 -30.98
C VAL D 276 13.09 -26.88 -31.01
N SER D 277 13.69 -27.38 -32.10
CA SER D 277 15.14 -27.41 -32.19
C SER D 277 15.73 -26.00 -32.19
N VAL D 278 15.08 -25.06 -32.89
CA VAL D 278 15.51 -23.68 -32.85
C VAL D 278 15.19 -23.06 -31.49
N GLN D 279 14.00 -23.38 -30.95
CA GLN D 279 13.59 -22.86 -29.65
C GLN D 279 14.59 -23.20 -28.57
N ALA D 280 15.26 -24.35 -28.68
CA ALA D 280 16.30 -24.71 -27.72
C ALA D 280 17.54 -23.84 -27.85
N GLU D 281 17.64 -23.02 -28.90
CA GLU D 281 18.82 -22.21 -29.15
C GLU D 281 18.55 -20.71 -29.12
N LEU D 282 17.30 -20.28 -29.10
CA LEU D 282 17.05 -18.84 -29.05
C LEU D 282 17.69 -18.17 -27.85
N LYS D 283 17.93 -18.89 -26.76
CA LYS D 283 18.59 -18.27 -25.61
C LYS D 283 20.02 -17.87 -25.93
N GLN D 284 20.80 -18.74 -26.60
CA GLN D 284 22.15 -18.37 -26.98
C GLN D 284 22.15 -17.39 -28.15
N VAL D 285 21.15 -17.46 -29.02
CA VAL D 285 21.01 -16.46 -30.06
C VAL D 285 20.83 -15.08 -29.44
N THR D 286 19.95 -14.99 -28.44
CA THR D 286 19.74 -13.74 -27.72
C THR D 286 21.00 -13.31 -27.01
N GLU D 287 21.80 -14.25 -26.50
CA GLU D 287 23.07 -13.87 -25.90
C GLU D 287 24.01 -13.26 -26.93
N VAL D 288 24.03 -13.79 -28.15
CA VAL D 288 24.88 -13.21 -29.19
C VAL D 288 24.44 -11.78 -29.50
N TYR D 289 23.13 -11.56 -29.63
CA TYR D 289 22.67 -10.20 -29.91
C TYR D 289 22.88 -9.27 -28.72
N ASP D 290 22.78 -9.80 -27.50
CA ASP D 290 23.14 -9.02 -26.31
C ASP D 290 24.60 -8.63 -26.34
N LEU D 291 25.47 -9.53 -26.81
CA LEU D 291 26.88 -9.20 -26.95
C LEU D 291 27.07 -8.08 -27.96
N VAL D 292 26.32 -8.11 -29.05
CA VAL D 292 26.39 -7.01 -30.03
C VAL D 292 25.99 -5.70 -29.36
N ARG D 293 24.92 -5.71 -28.57
CA ARG D 293 24.48 -4.50 -27.87
C ARG D 293 25.52 -4.03 -26.88
N GLU D 294 26.17 -4.96 -26.18
CA GLU D 294 27.21 -4.61 -25.21
C GLU D 294 28.42 -3.99 -25.89
N MET D 295 28.86 -4.56 -27.01
CA MET D 295 29.99 -4.01 -27.74
C MET D 295 29.66 -2.63 -28.29
N GLY D 296 28.46 -2.45 -28.80
CA GLY D 296 28.03 -1.15 -29.27
C GLY D 296 28.38 -0.88 -30.71
N PRO D 297 28.51 0.40 -31.07
CA PRO D 297 28.75 0.76 -32.47
C PRO D 297 30.03 0.21 -33.07
N GLU D 298 31.02 -0.12 -32.24
CA GLU D 298 32.28 -0.67 -32.75
C GLU D 298 32.18 -2.15 -33.08
N SER D 299 31.05 -2.80 -32.79
CA SER D 299 30.92 -4.23 -33.08
C SER D 299 30.85 -4.49 -34.58
N GLY D 300 30.35 -3.53 -35.37
CA GLY D 300 30.28 -3.72 -36.80
C GLY D 300 31.62 -3.72 -37.50
N LEU D 301 32.61 -3.06 -36.91
CA LEU D 301 33.93 -2.94 -37.51
C LEU D 301 34.88 -4.04 -37.07
N LEU D 302 34.38 -5.02 -36.31
CA LEU D 302 35.25 -6.03 -35.72
C LEU D 302 35.96 -6.86 -36.78
N HIS D 303 35.24 -7.28 -37.82
CA HIS D 303 35.84 -8.06 -38.88
C HIS D 303 36.63 -7.20 -39.86
N LEU D 304 36.19 -5.95 -40.08
CA LEU D 304 36.96 -5.04 -40.93
C LEU D 304 38.31 -4.73 -40.30
N ARG D 305 38.31 -4.48 -38.99
CA ARG D 305 39.56 -4.26 -38.27
C ARG D 305 40.36 -5.54 -38.11
N GLN D 306 39.75 -6.70 -38.37
CA GLN D 306 40.35 -8.00 -38.12
C GLN D 306 40.70 -8.15 -36.65
N SER D 307 39.74 -7.80 -35.80
CA SER D 307 39.91 -7.93 -34.37
C SER D 307 39.92 -9.41 -33.97
N PRO D 308 40.86 -9.83 -33.12
CA PRO D 308 40.77 -11.21 -32.58
C PRO D 308 39.49 -11.45 -31.81
N LYS D 309 38.92 -10.39 -31.24
CA LYS D 309 37.66 -10.51 -30.51
C LYS D 309 36.52 -10.94 -31.41
N ALA D 310 36.61 -10.66 -32.71
CA ALA D 310 35.62 -11.14 -33.66
C ALA D 310 35.61 -12.66 -33.68
N GLY D 311 34.42 -13.24 -33.78
CA GLY D 311 34.21 -14.65 -33.58
C GLY D 311 33.44 -14.96 -32.33
N LEU D 312 33.45 -14.04 -31.36
CA LEU D 312 32.45 -14.07 -30.31
C LEU D 312 31.06 -13.76 -30.85
N LEU D 313 30.98 -13.05 -31.97
CA LEU D 313 29.73 -12.72 -32.62
C LEU D 313 29.27 -13.82 -33.57
N SER D 314 29.82 -15.02 -33.46
CA SER D 314 29.48 -16.12 -34.35
C SER D 314 28.26 -16.88 -33.83
N LEU D 315 27.32 -17.15 -34.74
CA LEU D 315 26.16 -18.00 -34.46
C LEU D 315 26.37 -19.43 -34.93
N ALA D 316 27.62 -19.86 -35.04
CA ALA D 316 27.92 -21.17 -35.60
C ALA D 316 27.65 -22.31 -34.63
N ASN D 317 27.45 -22.02 -33.35
CA ASN D 317 27.10 -23.05 -32.37
C ASN D 317 25.60 -23.25 -32.24
N CYS D 318 24.80 -22.55 -33.04
CA CYS D 318 23.36 -22.73 -33.10
C CYS D 318 23.01 -23.19 -34.52
N PRO D 319 23.30 -24.45 -34.85
CA PRO D 319 23.15 -24.91 -36.24
C PRO D 319 21.72 -24.86 -36.75
N ASN D 320 20.73 -25.13 -35.91
CA ASN D 320 19.35 -25.14 -36.40
C ASN D 320 18.83 -23.74 -36.65
N PHE D 321 19.16 -22.79 -35.78
CA PHE D 321 18.81 -21.40 -36.05
C PHE D 321 19.50 -20.90 -37.30
N ALA D 322 20.77 -21.28 -37.50
CA ALA D 322 21.48 -20.89 -38.71
C ALA D 322 20.82 -21.47 -39.95
N SER D 323 20.40 -22.74 -39.88
CA SER D 323 19.73 -23.37 -41.01
C SER D 323 18.41 -22.67 -41.31
N VAL D 324 17.64 -22.34 -40.29
CA VAL D 324 16.36 -21.67 -40.50
C VAL D 324 16.56 -20.28 -41.06
N VAL D 325 17.60 -19.57 -40.60
CA VAL D 325 17.88 -18.23 -41.10
C VAL D 325 18.30 -18.28 -42.56
N LEU D 326 19.17 -19.23 -42.91
CA LEU D 326 19.59 -19.36 -44.30
C LEU D 326 18.43 -19.80 -45.19
N GLY D 327 17.55 -20.66 -44.69
CA GLY D 327 16.39 -21.05 -45.47
C GLY D 327 15.41 -19.92 -45.69
N ASN D 328 15.18 -19.10 -44.66
CA ASN D 328 14.33 -17.94 -44.82
C ASN D 328 14.92 -16.96 -45.81
N ALA D 329 16.25 -16.75 -45.75
CA ALA D 329 16.90 -15.86 -46.70
C ALA D 329 16.80 -16.42 -48.13
N SER D 330 16.93 -17.73 -48.28
CA SER D 330 16.86 -18.35 -49.59
C SER D 330 15.46 -18.26 -50.17
N GLY D 331 14.44 -18.44 -49.33
CA GLY D 331 13.07 -18.33 -49.82
C GLY D 331 12.73 -16.94 -50.31
N LEU D 332 13.14 -15.92 -49.56
CA LEU D 332 12.97 -14.54 -50.00
C LEU D 332 13.81 -14.19 -51.21
N GLY D 333 14.78 -15.04 -51.57
CA GLY D 333 15.63 -14.78 -52.71
C GLY D 333 16.81 -13.88 -52.45
N ILE D 334 17.11 -13.57 -51.20
CA ILE D 334 18.22 -12.69 -50.87
C ILE D 334 19.49 -13.44 -50.52
N ILE D 335 19.45 -14.78 -50.51
CA ILE D 335 20.63 -15.54 -50.14
C ILE D 335 21.74 -15.36 -51.17
N GLY D 336 21.37 -15.13 -52.44
CA GLY D 336 22.37 -14.96 -53.48
C GLY D 336 23.27 -16.17 -53.60
N MET D 337 24.57 -15.91 -53.66
CA MET D 337 25.59 -16.95 -53.72
C MET D 337 26.35 -17.05 -52.41
N TYR D 338 25.71 -16.71 -51.30
CA TYR D 338 26.30 -16.85 -49.98
C TYR D 338 26.69 -18.31 -49.75
N ARG D 339 27.91 -18.52 -49.26
CA ARG D 339 28.49 -19.85 -49.13
C ARG D 339 28.48 -20.38 -47.70
N GLY D 340 27.72 -19.76 -46.81
CA GLY D 340 27.61 -20.29 -45.46
C GLY D 340 27.04 -21.70 -45.47
N ARG D 341 27.52 -22.51 -44.54
CA ARG D 341 27.13 -23.92 -44.51
C ARG D 341 25.79 -24.08 -43.81
N VAL D 342 24.97 -24.99 -44.33
CA VAL D 342 23.65 -25.26 -43.76
C VAL D 342 23.70 -26.60 -43.04
N PRO D 343 23.79 -26.62 -41.72
CA PRO D 343 23.91 -27.90 -41.01
C PRO D 343 22.65 -28.76 -41.12
N ASN D 344 21.50 -28.17 -40.82
CA ASN D 344 20.22 -28.88 -40.87
C ASN D 344 19.59 -28.63 -42.23
N THR D 345 19.57 -29.66 -43.08
CA THR D 345 18.99 -29.53 -44.40
C THR D 345 17.47 -29.51 -44.37
N GLU D 346 16.86 -30.32 -43.48
CA GLU D 346 15.40 -30.37 -43.42
C GLU D 346 14.81 -29.04 -42.93
N LEU D 347 15.41 -28.45 -41.90
CA LEU D 347 14.97 -27.14 -41.45
C LEU D 347 15.17 -26.10 -42.52
N PHE D 348 16.28 -26.17 -43.25
CA PHE D 348 16.51 -25.27 -44.37
C PHE D 348 15.40 -25.38 -45.39
N SER D 349 15.05 -26.61 -45.78
CA SER D 349 14.03 -26.82 -46.80
C SER D 349 12.68 -26.30 -46.33
N ALA D 350 12.29 -26.62 -45.09
CA ALA D 350 11.00 -26.17 -44.58
C ALA D 350 10.95 -24.66 -44.46
N ALA D 351 12.02 -24.04 -43.96
CA ALA D 351 12.06 -22.59 -43.84
C ALA D 351 11.99 -21.93 -45.22
N GLU D 352 12.71 -22.49 -46.19
CA GLU D 352 12.69 -21.92 -47.53
C GLU D 352 11.32 -22.04 -48.17
N SER D 353 10.66 -23.18 -47.98
CA SER D 353 9.31 -23.34 -48.50
C SER D 353 8.35 -22.33 -47.88
N TYR D 354 8.42 -22.16 -46.56
CA TYR D 354 7.53 -21.18 -45.92
C TYR D 354 7.83 -19.76 -46.38
N ALA D 355 9.11 -19.42 -46.52
CA ALA D 355 9.45 -18.06 -46.92
C ALA D 355 9.03 -17.78 -48.36
N LYS D 356 9.18 -18.77 -49.24
CA LYS D 356 8.69 -18.61 -50.60
C LYS D 356 7.17 -18.45 -50.62
N SER D 357 6.45 -19.25 -49.84
CA SER D 357 5.00 -19.13 -49.77
C SER D 357 4.60 -17.75 -49.26
N LEU D 358 5.31 -17.25 -48.25
CA LEU D 358 5.00 -15.93 -47.70
C LEU D 358 5.28 -14.83 -48.72
N LYS D 359 6.40 -14.92 -49.44
CA LYS D 359 6.75 -13.87 -50.39
C LYS D 359 5.79 -13.85 -51.56
N GLU D 360 5.38 -15.03 -52.05
CA GLU D 360 4.47 -15.06 -53.19
C GLU D 360 3.12 -14.43 -52.88
N ASP E 10 21.68 -1.44 -36.61
CA ASP E 10 22.92 -1.03 -37.28
C ASP E 10 22.92 0.45 -37.66
N LEU E 11 21.77 1.02 -38.02
CA LEU E 11 21.74 2.40 -38.48
C LEU E 11 21.96 3.36 -37.33
N SER E 12 21.38 3.09 -36.17
CA SER E 12 21.66 3.89 -34.99
C SER E 12 23.13 3.79 -34.62
N TYR E 13 23.72 2.62 -34.79
CA TYR E 13 25.14 2.45 -34.50
C TYR E 13 26.00 3.26 -35.46
N LYS E 14 25.65 3.27 -36.74
CA LYS E 14 26.38 4.10 -37.69
C LYS E 14 26.24 5.58 -37.38
N HIS E 15 25.04 6.01 -36.99
CA HIS E 15 24.85 7.41 -36.62
C HIS E 15 25.66 7.77 -35.39
N ALA E 16 25.70 6.88 -34.40
CA ALA E 16 26.51 7.13 -33.20
C ALA E 16 27.98 7.11 -33.52
N ILE E 17 28.39 6.34 -34.52
CA ILE E 17 29.78 6.36 -34.97
C ILE E 17 30.13 7.72 -35.55
N LEU E 18 29.30 8.19 -36.49
CA LEU E 18 29.63 9.44 -37.19
C LEU E 18 29.47 10.65 -36.28
N LYS E 19 28.45 10.65 -35.43
CA LYS E 19 28.15 11.82 -34.62
C LYS E 19 29.17 12.01 -33.50
N GLU E 20 29.49 10.93 -32.79
CA GLU E 20 30.35 11.00 -31.61
C GLU E 20 31.82 10.93 -32.02
N SER E 21 32.30 12.02 -32.62
CA SER E 21 33.68 12.14 -33.05
C SER E 21 34.35 13.27 -32.27
N GLN E 22 35.51 12.97 -31.70
CA GLN E 22 36.23 13.95 -30.89
C GLN E 22 37.12 14.88 -31.72
N TYR E 23 37.26 14.63 -33.02
CA TYR E 23 38.14 15.40 -33.87
C TYR E 23 37.35 16.11 -34.96
N THR E 24 37.55 17.41 -35.08
CA THR E 24 36.96 18.19 -36.15
C THR E 24 37.86 18.15 -37.38
N ILE E 25 37.27 18.47 -38.53
CA ILE E 25 37.98 18.47 -39.80
C ILE E 25 38.24 19.91 -40.22
N LYS E 26 39.44 20.17 -40.71
CA LYS E 26 39.85 21.50 -41.14
C LYS E 26 39.95 21.54 -42.65
N ARG E 27 39.29 22.52 -43.25
CA ARG E 27 39.31 22.68 -44.70
C ARG E 27 39.37 24.16 -45.04
N ASP E 28 39.79 24.45 -46.27
CA ASP E 28 39.89 25.82 -46.77
C ASP E 28 40.83 26.66 -45.92
N VAL E 29 41.93 26.06 -45.47
CA VAL E 29 42.79 26.73 -44.50
C VAL E 29 43.44 27.99 -45.09
N GLY E 30 43.93 27.90 -46.32
CA GLY E 30 44.63 29.02 -46.91
C GLY E 30 43.77 30.00 -47.68
N THR E 31 42.46 29.83 -47.68
CA THR E 31 41.56 30.57 -48.55
C THR E 31 40.99 31.78 -47.83
N THR E 32 40.39 32.67 -48.63
CA THR E 32 39.74 33.87 -48.11
C THR E 32 38.39 34.05 -48.81
N THR E 33 37.50 34.78 -48.14
CA THR E 33 36.21 35.12 -48.70
C THR E 33 35.86 36.55 -48.29
N ALA E 34 34.91 37.13 -49.01
CA ALA E 34 34.56 38.54 -48.84
C ALA E 34 33.29 38.68 -48.02
N VAL E 35 33.27 39.70 -47.15
CA VAL E 35 32.05 40.14 -46.49
C VAL E 35 32.01 41.67 -46.54
N THR E 36 30.84 42.21 -46.25
CA THR E 36 30.63 43.65 -46.23
C THR E 36 30.10 44.07 -44.87
N PRO E 37 30.70 45.07 -44.23
CA PRO E 37 30.19 45.51 -42.93
C PRO E 37 28.76 46.04 -43.06
N SER E 38 27.99 45.81 -42.00
CA SER E 38 26.56 46.15 -42.04
C SER E 38 26.32 47.62 -42.34
N SER E 39 27.27 48.48 -41.95
CA SER E 39 27.14 49.91 -42.18
C SER E 39 27.11 50.27 -43.66
N LEU E 40 27.47 49.34 -44.55
CA LEU E 40 27.42 49.57 -45.98
C LEU E 40 26.17 48.96 -46.62
N GLN E 41 25.17 48.61 -45.81
CA GLN E 41 23.97 47.96 -46.35
C GLN E 41 23.36 48.79 -47.46
N GLN E 42 23.16 50.09 -47.23
CA GLN E 42 22.65 50.96 -48.27
C GLN E 42 23.47 50.82 -49.55
N GLU E 43 24.79 50.91 -49.42
CA GLU E 43 25.65 50.84 -50.59
C GLU E 43 25.54 49.49 -51.29
N ILE E 44 25.31 48.40 -50.54
CA ILE E 44 25.15 47.13 -51.22
C ILE E 44 23.75 47.04 -51.83
N THR E 45 22.75 47.64 -51.17
CA THR E 45 21.39 47.57 -51.67
C THR E 45 21.33 48.14 -53.09
N LEU E 46 21.92 49.32 -53.30
CA LEU E 46 21.98 49.90 -54.63
C LEU E 46 22.55 48.91 -55.63
N LEU E 47 23.67 48.27 -55.29
CA LEU E 47 24.27 47.32 -56.22
C LEU E 47 23.33 46.15 -56.49
N CYS E 48 22.67 45.65 -55.44
CA CYS E 48 21.73 44.55 -55.64
C CYS E 48 20.55 44.97 -56.50
N GLY E 49 20.32 46.27 -56.64
CA GLY E 49 19.27 46.75 -57.50
C GLY E 49 19.75 47.11 -58.90
N GLU E 50 21.06 47.23 -59.07
CA GLU E 50 21.60 47.60 -60.37
C GLU E 50 21.87 46.38 -61.25
N ILE E 51 21.98 45.20 -60.66
CA ILE E 51 21.97 43.97 -61.44
C ILE E 51 20.56 43.66 -61.93
N LEU E 52 19.55 44.34 -61.36
CA LEU E 52 18.16 44.00 -61.64
C LEU E 52 17.55 44.78 -62.80
N TYR E 53 17.88 46.06 -62.98
CA TYR E 53 17.09 46.87 -63.90
C TYR E 53 17.84 47.18 -65.19
N ALA E 54 18.94 46.48 -65.46
CA ALA E 54 19.64 46.63 -66.71
C ALA E 54 19.99 45.26 -67.27
N LYS E 55 20.25 45.22 -68.57
CA LYS E 55 20.61 43.98 -69.25
C LYS E 55 22.13 43.94 -69.37
N HIS E 56 22.74 43.01 -68.65
CA HIS E 56 24.19 42.96 -68.51
C HIS E 56 24.75 41.81 -69.32
N ALA E 57 25.93 42.02 -69.91
CA ALA E 57 26.58 40.95 -70.64
C ALA E 57 27.05 39.84 -69.70
N ASP E 58 27.39 40.19 -68.46
CA ASP E 58 27.99 39.24 -67.52
C ASP E 58 27.28 39.34 -66.18
N TYR E 59 26.83 38.20 -65.66
CA TYR E 59 26.15 38.10 -64.38
C TYR E 59 26.92 37.19 -63.43
N LYS E 60 28.25 37.21 -63.51
CA LYS E 60 29.06 36.22 -62.81
C LYS E 60 28.92 36.35 -61.29
N TYR E 61 28.95 37.57 -60.78
CA TYR E 61 29.08 37.81 -59.34
C TYR E 61 27.78 38.25 -58.68
N ALA E 62 26.64 38.04 -59.32
CA ALA E 62 25.37 38.45 -58.71
C ALA E 62 25.12 37.71 -57.41
N ALA E 63 25.40 36.41 -57.38
CA ALA E 63 25.24 35.64 -56.16
C ALA E 63 26.17 36.14 -55.07
N GLU E 64 27.38 36.56 -55.44
CA GLU E 64 28.28 37.14 -54.47
C GLU E 64 27.72 38.41 -53.87
N ILE E 65 27.06 39.24 -54.69
CA ILE E 65 26.46 40.46 -54.17
C ILE E 65 25.30 40.14 -53.23
N GLY E 66 24.53 39.09 -53.55
CA GLY E 66 23.50 38.64 -52.62
C GLY E 66 24.08 38.18 -51.30
N ILE E 67 25.19 37.45 -51.35
CA ILE E 67 25.86 37.04 -50.12
C ILE E 67 26.40 38.23 -49.36
N GLN E 68 26.86 39.26 -50.08
CA GLN E 68 27.30 40.49 -49.43
C GLN E 68 26.15 41.15 -48.69
N TYR E 69 24.97 41.17 -49.29
CA TYR E 69 23.81 41.70 -48.57
C TYR E 69 23.49 40.84 -47.35
N ILE E 70 23.59 39.52 -47.47
CA ILE E 70 23.37 38.66 -46.31
C ILE E 70 24.37 39.00 -45.21
N SER E 71 25.62 39.27 -45.59
CA SER E 71 26.64 39.65 -44.63
C SER E 71 26.30 40.97 -43.94
N THR E 72 25.82 41.95 -44.70
CA THR E 72 25.40 43.21 -44.07
C THR E 72 24.21 43.01 -43.16
N ALA E 73 23.30 42.10 -43.51
CA ALA E 73 22.13 41.87 -42.66
C ALA E 73 22.48 41.10 -41.39
N LEU E 74 23.50 40.26 -41.45
CA LEU E 74 23.89 39.49 -40.27
C LEU E 74 25.04 40.13 -39.49
N GLY E 75 25.98 40.74 -40.19
CA GLY E 75 27.15 41.32 -39.55
C GLY E 75 28.40 40.57 -39.95
N SER E 76 29.48 41.31 -40.21
CA SER E 76 30.70 40.71 -40.72
C SER E 76 31.31 39.74 -39.72
N GLU E 77 31.37 40.12 -38.44
CA GLU E 77 31.94 39.24 -37.44
C GLU E 77 31.04 38.04 -37.18
N ARG E 78 29.73 38.23 -37.22
CA ARG E 78 28.81 37.12 -37.03
C ARG E 78 28.86 36.18 -38.23
N VAL E 79 29.07 36.72 -39.43
CA VAL E 79 29.23 35.90 -40.62
C VAL E 79 30.52 35.11 -40.56
N GLN E 80 31.60 35.71 -40.05
CA GLN E 80 32.83 34.96 -39.84
C GLN E 80 32.62 33.82 -38.86
N GLN E 81 31.87 34.07 -37.78
CA GLN E 81 31.54 33.02 -36.84
C GLN E 81 30.72 31.90 -37.49
N ILE E 82 29.77 32.29 -38.35
CA ILE E 82 28.95 31.30 -39.05
C ILE E 82 29.82 30.42 -39.94
N LEU E 83 30.70 31.04 -40.72
CA LEU E 83 31.54 30.27 -41.63
C LEU E 83 32.53 29.39 -40.86
N ARG E 84 32.98 29.83 -39.69
CA ARG E 84 33.81 28.97 -38.85
C ARG E 84 33.02 27.77 -38.34
N ASN E 85 31.79 28.00 -37.87
CA ASN E 85 30.98 26.92 -37.34
C ASN E 85 30.51 25.96 -38.41
N SER E 86 30.46 26.39 -39.67
CA SER E 86 30.15 25.44 -40.74
C SER E 86 31.28 24.44 -40.96
N GLY E 87 32.45 24.68 -40.37
CA GLY E 87 33.58 23.80 -40.52
C GLY E 87 34.59 24.23 -41.55
N SER E 88 34.68 25.52 -41.83
CA SER E 88 35.59 26.04 -42.85
C SER E 88 36.55 27.05 -42.22
N GLU E 89 37.79 27.04 -42.69
CA GLU E 89 38.82 27.96 -42.23
C GLU E 89 38.97 29.16 -43.15
N VAL E 90 37.94 29.49 -43.93
CA VAL E 90 38.02 30.63 -44.84
C VAL E 90 38.21 31.91 -44.05
N GLN E 91 39.16 32.73 -44.49
CA GLN E 91 39.46 33.99 -43.83
C GLN E 91 38.62 35.09 -44.45
N VAL E 92 37.64 35.56 -43.69
CA VAL E 92 36.82 36.70 -44.08
C VAL E 92 37.67 37.91 -44.42
N VAL E 93 37.34 38.56 -45.53
CA VAL E 93 37.91 39.83 -45.95
C VAL E 93 36.79 40.86 -46.00
N LEU E 94 37.12 42.11 -45.72
CA LEU E 94 36.13 43.16 -45.49
C LEU E 94 36.02 44.07 -46.71
N THR E 95 34.79 44.35 -47.12
CA THR E 95 34.53 45.23 -48.26
C THR E 95 34.95 46.65 -47.94
N ARG E 96 35.58 47.32 -48.91
CA ARG E 96 36.10 48.67 -48.72
C ARG E 96 35.50 49.61 -49.75
N THR E 97 34.99 50.74 -49.30
CA THR E 97 34.52 51.76 -50.22
C THR E 97 35.69 52.56 -50.76
N TYR E 98 35.75 52.70 -52.08
CA TYR E 98 36.80 53.46 -52.73
C TYR E 98 36.19 54.50 -53.65
N SER E 99 36.86 55.64 -53.76
CA SER E 99 36.44 56.67 -54.69
C SER E 99 36.74 56.24 -56.11
N LEU E 100 35.79 56.46 -57.02
CA LEU E 100 35.99 56.08 -58.42
C LEU E 100 37.15 56.85 -59.03
N GLY E 101 37.25 58.13 -58.73
CA GLY E 101 38.29 58.97 -59.27
C GLY E 101 37.81 60.42 -59.31
N LYS E 102 38.04 61.06 -60.46
CA LYS E 102 37.61 62.44 -60.64
C LYS E 102 36.09 62.56 -60.72
N ILE E 103 35.38 61.45 -60.94
CA ILE E 103 33.93 61.49 -61.07
C ILE E 103 33.31 61.87 -59.74
N LYS E 104 32.28 62.73 -59.80
CA LYS E 104 31.60 63.23 -58.62
C LYS E 104 30.11 62.98 -58.75
N ASN E 105 29.44 62.84 -57.61
CA ASN E 105 28.01 62.54 -57.60
C ASN E 105 27.21 63.83 -57.55
N ASN E 106 25.89 63.70 -57.36
CA ASN E 106 25.01 64.87 -57.32
C ASN E 106 25.25 65.72 -56.09
N LYS E 107 25.71 65.12 -54.99
CA LYS E 107 25.88 65.85 -53.74
C LYS E 107 27.17 66.65 -53.69
N GLY E 108 28.01 66.57 -54.72
CA GLY E 108 29.28 67.27 -54.71
C GLY E 108 30.41 66.54 -54.06
N GLU E 109 30.22 65.29 -53.65
CA GLU E 109 31.27 64.47 -53.06
C GLU E 109 31.79 63.47 -54.09
N ASP E 110 32.91 62.84 -53.75
CA ASP E 110 33.44 61.79 -54.60
C ASP E 110 32.52 60.58 -54.59
N LEU E 111 32.29 60.01 -55.78
CA LEU E 111 31.42 58.86 -55.92
C LEU E 111 32.10 57.64 -55.31
N GLN E 112 31.57 57.17 -54.18
CA GLN E 112 32.15 56.02 -53.49
C GLN E 112 31.47 54.74 -53.97
N MET E 113 32.28 53.77 -54.37
CA MET E 113 31.77 52.48 -54.82
C MET E 113 32.39 51.36 -54.00
N LEU E 114 31.67 50.24 -53.95
CA LEU E 114 32.10 49.11 -53.15
C LEU E 114 33.27 48.39 -53.81
N ASP E 115 34.17 47.87 -52.97
CA ASP E 115 35.29 47.04 -53.38
C ASP E 115 35.17 45.75 -52.61
N ILE E 116 34.75 44.70 -53.31
CA ILE E 116 34.49 43.40 -52.73
C ILE E 116 35.65 42.48 -53.08
N HIS E 117 36.07 41.67 -52.11
CA HIS E 117 37.18 40.75 -52.35
C HIS E 117 36.75 39.64 -53.29
N GLY E 118 37.61 39.33 -54.26
CA GLY E 118 37.32 38.30 -55.22
C GLY E 118 36.47 38.74 -56.39
N VAL E 119 35.89 39.92 -56.33
CA VAL E 119 35.10 40.49 -57.41
C VAL E 119 35.96 41.56 -58.08
N GLU E 120 36.26 41.38 -59.36
CA GLU E 120 37.01 42.41 -60.07
C GLU E 120 36.25 43.72 -60.02
N LYS E 121 36.97 44.81 -59.75
CA LYS E 121 36.33 46.11 -59.71
C LYS E 121 35.74 46.47 -61.07
N SER E 122 36.34 45.95 -62.16
CA SER E 122 35.82 46.25 -63.49
C SER E 122 34.40 45.74 -63.67
N TRP E 123 34.09 44.57 -63.09
CA TRP E 123 32.73 44.07 -63.14
C TRP E 123 31.76 45.02 -62.45
N VAL E 124 32.13 45.53 -61.27
CA VAL E 124 31.26 46.46 -60.56
C VAL E 124 31.10 47.76 -61.34
N GLU E 125 32.19 48.27 -61.92
CA GLU E 125 32.12 49.47 -62.74
C GLU E 125 31.19 49.26 -63.93
N GLU E 126 31.29 48.11 -64.59
CA GLU E 126 30.46 47.90 -65.78
C GLU E 126 29.00 47.70 -65.41
N ILE E 127 28.72 47.04 -64.28
CA ILE E 127 27.34 46.90 -63.83
C ILE E 127 26.76 48.27 -63.51
N ASP E 128 27.52 49.10 -62.79
CA ASP E 128 27.04 50.43 -62.42
C ASP E 128 26.86 51.31 -63.66
N LYS E 129 27.82 51.26 -64.59
CA LYS E 129 27.73 52.08 -65.79
C LYS E 129 26.57 51.67 -66.67
N GLU E 130 26.35 50.36 -66.84
CA GLU E 130 25.23 49.90 -67.64
C GLU E 130 23.91 50.28 -66.98
N ALA E 131 23.81 50.17 -65.66
CA ALA E 131 22.59 50.56 -64.97
C ALA E 131 22.33 52.06 -65.11
N ARG E 132 23.38 52.87 -64.98
CA ARG E 132 23.21 54.32 -65.13
C ARG E 132 22.80 54.67 -66.55
N LYS E 133 23.39 54.03 -67.55
CA LYS E 133 23.02 54.28 -68.93
C LYS E 133 21.57 53.87 -69.19
N THR E 134 21.16 52.73 -68.64
CA THR E 134 19.78 52.28 -68.82
C THR E 134 18.79 53.26 -68.20
N MET E 135 19.06 53.73 -66.99
CA MET E 135 18.14 54.69 -66.39
C MET E 135 18.16 56.02 -67.13
N ALA E 136 19.31 56.43 -67.65
CA ALA E 136 19.37 57.65 -68.45
C ALA E 136 18.49 57.51 -69.68
N THR E 137 18.56 56.37 -70.36
CA THR E 137 17.70 56.13 -71.52
C THR E 137 16.24 56.13 -71.13
N LEU E 138 15.89 55.48 -70.01
CA LEU E 138 14.49 55.40 -69.60
C LEU E 138 13.94 56.78 -69.26
N LEU E 139 14.73 57.62 -68.59
CA LEU E 139 14.27 58.98 -68.31
C LEU E 139 14.24 59.84 -69.58
N LYS E 140 15.08 59.53 -70.56
CA LYS E 140 14.97 60.20 -71.85
C LYS E 140 13.64 59.83 -72.52
N GLU E 141 13.23 58.58 -72.42
CA GLU E 141 11.95 58.16 -72.99
C GLU E 141 10.78 58.81 -72.27
N SER E 142 10.75 58.73 -70.94
CA SER E 142 9.67 59.27 -70.14
C SER E 142 10.23 60.10 -69.00
N SER E 143 9.62 61.25 -68.75
CA SER E 143 10.09 62.17 -67.72
C SER E 143 9.23 62.05 -66.47
N GLY E 144 9.87 61.85 -65.33
CA GLY E 144 9.16 61.77 -64.06
C GLY E 144 8.26 60.56 -63.91
N ASN E 145 8.48 59.52 -64.70
CA ASN E 145 7.64 58.33 -64.70
C ASN E 145 8.27 57.17 -63.93
N ILE E 146 9.32 57.42 -63.15
CA ILE E 146 10.02 56.35 -62.45
C ILE E 146 9.77 56.48 -60.95
N PRO E 147 8.83 55.72 -60.38
CA PRO E 147 8.62 55.77 -58.93
C PRO E 147 9.74 55.09 -58.17
N GLN E 148 9.63 55.06 -56.84
CA GLN E 148 10.68 54.45 -56.03
C GLN E 148 10.78 52.96 -56.29
N ASN E 149 9.64 52.28 -56.46
CA ASN E 149 9.63 50.82 -56.58
C ASN E 149 10.26 50.33 -57.87
N GLN E 150 10.49 51.19 -58.85
CA GLN E 150 11.20 50.81 -60.06
C GLN E 150 12.64 51.29 -60.08
N ARG E 151 13.16 51.71 -58.95
CA ARG E 151 14.52 52.18 -58.86
C ARG E 151 15.41 51.13 -58.20
N PRO E 152 16.70 51.12 -58.55
CA PRO E 152 17.62 50.15 -57.92
C PRO E 152 17.79 50.36 -56.43
N SER E 153 17.58 51.57 -55.92
CA SER E 153 17.80 51.86 -54.50
C SER E 153 16.67 51.34 -53.62
N ALA E 154 15.71 50.62 -54.19
CA ALA E 154 14.63 50.07 -53.38
C ALA E 154 15.19 49.10 -52.35
N PRO E 155 14.72 49.15 -51.10
CA PRO E 155 15.32 48.29 -50.06
C PRO E 155 15.15 46.81 -50.30
N ASP E 156 14.20 46.39 -51.13
CA ASP E 156 13.90 44.98 -51.31
C ASP E 156 14.60 44.35 -52.51
N THR E 157 15.30 45.14 -53.32
CA THR E 157 16.04 44.57 -54.44
C THR E 157 17.06 43.51 -54.02
N PRO E 158 17.82 43.66 -52.93
CA PRO E 158 18.65 42.53 -52.48
C PRO E 158 17.81 41.31 -52.15
N ILE E 159 16.61 41.51 -51.60
CA ILE E 159 15.74 40.39 -51.29
C ILE E 159 15.22 39.74 -52.57
N ILE E 160 14.99 40.51 -53.62
CA ILE E 160 14.57 39.92 -54.90
C ILE E 160 15.69 39.06 -55.48
N LEU E 161 16.92 39.57 -55.45
CA LEU E 161 18.06 38.78 -55.91
C LEU E 161 18.19 37.50 -55.07
N LEU E 162 18.06 37.63 -53.76
CA LEU E 162 18.15 36.46 -52.89
C LEU E 162 16.96 35.53 -53.05
N CYS E 163 15.82 36.00 -53.54
CA CYS E 163 14.70 35.10 -53.82
C CYS E 163 14.95 34.28 -55.08
N VAL E 164 15.58 34.87 -56.09
CA VAL E 164 16.04 34.05 -57.21
C VAL E 164 17.05 33.02 -56.71
N GLY E 165 17.95 33.45 -55.82
CA GLY E 165 18.90 32.51 -55.23
C GLY E 165 18.23 31.40 -54.42
N ALA E 166 17.17 31.74 -53.70
CA ALA E 166 16.44 30.72 -52.93
C ALA E 166 15.68 29.76 -53.83
N LEU E 167 15.18 30.26 -54.96
CA LEU E 167 14.57 29.36 -55.93
C LEU E 167 15.58 28.36 -56.46
N ILE E 168 16.81 28.81 -56.77
CA ILE E 168 17.82 27.86 -57.19
C ILE E 168 18.28 26.99 -56.02
N PHE E 169 18.11 27.46 -54.78
CA PHE E 169 18.49 26.71 -53.60
C PHE E 169 17.54 25.53 -53.38
N THR E 170 16.26 25.72 -53.69
CA THR E 170 15.28 24.64 -53.50
C THR E 170 15.63 23.41 -54.35
N LYS E 171 16.35 23.61 -55.46
CA LYS E 171 16.67 22.53 -56.39
C LYS E 171 18.15 22.17 -56.35
N LEU E 172 18.74 22.14 -55.16
CA LEU E 172 20.15 21.85 -55.04
C LEU E 172 20.47 20.36 -54.96
N ALA E 173 19.47 19.53 -54.71
CA ALA E 173 19.64 18.08 -54.81
C ALA E 173 19.33 17.55 -56.21
N SER E 174 18.88 18.42 -57.10
CA SER E 174 18.61 18.07 -58.48
C SER E 174 19.85 18.36 -59.33
N THR E 175 19.70 18.33 -60.64
CA THR E 175 20.78 18.70 -61.54
C THR E 175 20.67 20.18 -61.90
N ILE E 176 21.69 20.67 -62.62
CA ILE E 176 21.75 22.07 -62.97
C ILE E 176 20.66 22.44 -63.97
N GLU E 177 20.39 21.54 -64.93
CA GLU E 177 19.40 21.84 -65.97
C GLU E 177 17.99 21.88 -65.38
N VAL E 178 17.63 20.86 -64.61
CA VAL E 178 16.32 20.82 -63.97
C VAL E 178 16.16 21.98 -63.01
N GLY E 179 17.21 22.29 -62.25
CA GLY E 179 17.15 23.41 -61.34
C GLY E 179 16.95 24.75 -62.05
N LEU E 180 17.67 24.95 -63.16
CA LEU E 180 17.51 26.20 -63.91
C LEU E 180 16.12 26.32 -64.51
N GLU E 181 15.61 25.23 -65.11
CA GLU E 181 14.27 25.27 -65.68
C GLU E 181 13.23 25.53 -64.60
N THR E 182 13.35 24.87 -63.45
CA THR E 182 12.41 25.09 -62.36
C THR E 182 12.49 26.51 -61.84
N THR E 183 13.70 27.06 -61.72
CA THR E 183 13.85 28.41 -61.21
C THR E 183 13.21 29.42 -62.16
N VAL E 184 13.46 29.29 -63.46
CA VAL E 184 12.86 30.22 -64.41
C VAL E 184 11.35 30.10 -64.40
N ARG E 185 10.84 28.86 -64.45
CA ARG E 185 9.39 28.64 -64.50
C ARG E 185 8.71 29.20 -63.26
N ARG E 186 9.27 28.93 -62.08
CA ARG E 186 8.66 29.37 -60.84
C ARG E 186 8.87 30.86 -60.61
N ALA E 187 9.95 31.44 -61.12
CA ALA E 187 10.19 32.86 -60.95
C ALA E 187 9.32 33.71 -61.86
N ASN E 188 8.88 33.15 -62.99
CA ASN E 188 7.94 33.88 -63.83
C ASN E 188 6.64 34.14 -63.10
N ARG E 189 6.26 33.28 -62.16
CA ARG E 189 5.04 33.41 -61.38
C ARG E 189 5.26 34.07 -60.02
N VAL E 190 6.19 33.51 -59.24
CA VAL E 190 6.38 33.94 -57.86
C VAL E 190 6.95 35.36 -57.81
N LEU E 191 7.98 35.62 -58.60
CA LEU E 191 8.58 36.95 -58.67
C LEU E 191 7.99 37.73 -59.84
N SER E 192 6.67 37.89 -59.81
CA SER E 192 5.97 38.58 -60.89
C SER E 192 5.88 40.07 -60.65
N ASP E 193 5.66 40.49 -59.40
CA ASP E 193 5.68 41.91 -59.09
C ASP E 193 7.06 42.51 -59.33
N ALA E 194 8.12 41.78 -58.95
CA ALA E 194 9.47 42.23 -59.23
C ALA E 194 9.73 42.31 -60.72
N LEU E 195 9.29 41.31 -61.47
CA LEU E 195 9.47 41.30 -62.92
C LEU E 195 8.67 42.39 -63.60
N LYS E 196 7.58 42.86 -62.99
CA LYS E 196 6.90 44.04 -63.51
C LYS E 196 7.66 45.32 -63.17
N ARG E 197 8.16 45.42 -61.94
CA ARG E 197 8.97 46.58 -61.57
C ARG E 197 10.27 46.62 -62.34
N TYR E 198 10.91 45.46 -62.50
CA TYR E 198 12.22 45.36 -63.16
C TYR E 198 12.07 44.45 -64.37
N PRO E 199 11.65 45.00 -65.52
CA PRO E 199 11.32 44.16 -66.67
C PRO E 199 12.51 43.54 -67.36
N ARG E 200 13.74 43.77 -66.89
CA ARG E 200 14.90 43.29 -67.61
C ARG E 200 15.94 42.66 -66.69
N MET E 201 15.51 41.98 -65.63
CA MET E 201 16.42 41.17 -64.84
C MET E 201 16.51 39.78 -65.45
N ASP E 202 17.73 39.35 -65.75
CA ASP E 202 17.97 38.08 -66.44
C ASP E 202 17.97 36.97 -65.40
N ILE E 203 16.77 36.42 -65.15
CA ILE E 203 16.64 35.36 -64.15
C ILE E 203 17.49 34.14 -64.47
N PRO E 204 17.56 33.65 -65.71
CA PRO E 204 18.44 32.49 -65.97
C PRO E 204 19.90 32.73 -65.60
N LYS E 205 20.43 33.92 -65.90
CA LYS E 205 21.84 34.18 -65.63
C LYS E 205 22.10 34.37 -64.14
N ILE E 206 21.19 35.04 -63.44
CA ILE E 206 21.32 35.18 -62.00
C ILE E 206 21.21 33.82 -61.32
N ALA E 207 20.31 32.97 -61.82
CA ALA E 207 20.15 31.63 -61.25
C ALA E 207 21.38 30.77 -61.51
N ARG E 208 21.98 30.88 -62.69
CA ARG E 208 23.22 30.16 -62.95
C ARG E 208 24.36 30.67 -62.06
N SER E 209 24.40 31.99 -61.83
CA SER E 209 25.38 32.54 -60.90
C SER E 209 25.21 31.97 -59.50
N PHE E 210 23.96 31.88 -59.04
CA PHE E 210 23.72 31.36 -57.70
C PHE E 210 24.04 29.87 -57.61
N TYR E 211 23.71 29.11 -58.66
CA TYR E 211 24.09 27.70 -58.68
C TYR E 211 25.59 27.53 -58.63
N ASP E 212 26.33 28.33 -59.40
CA ASP E 212 27.79 28.30 -59.33
C ASP E 212 28.25 28.57 -57.91
N LEU E 213 27.81 29.69 -57.32
CA LEU E 213 28.25 30.06 -55.98
C LEU E 213 28.00 28.94 -54.98
N PHE E 214 26.83 28.29 -55.07
CA PHE E 214 26.54 27.19 -54.18
C PHE E 214 27.37 25.96 -54.49
N GLU E 215 27.93 25.87 -55.70
CA GLU E 215 28.85 24.76 -55.99
C GLU E 215 30.24 25.02 -55.43
N GLN E 216 30.89 26.13 -55.79
CA GLN E 216 32.25 26.34 -55.30
C GLN E 216 32.29 26.58 -53.79
N LYS E 217 31.46 27.48 -53.29
CA LYS E 217 31.53 27.87 -51.88
C LYS E 217 30.39 27.19 -51.12
N VAL E 218 30.67 25.96 -50.67
CA VAL E 218 29.66 25.19 -49.96
C VAL E 218 29.31 25.82 -48.62
N TYR E 219 30.30 26.42 -47.96
CA TYR E 219 30.03 27.06 -46.68
C TYR E 219 28.99 28.17 -46.80
N HIS E 220 28.92 28.83 -47.96
CA HIS E 220 27.92 29.86 -48.17
C HIS E 220 26.51 29.30 -48.09
N ARG E 221 26.32 28.02 -48.44
CA ARG E 221 25.04 27.37 -48.20
C ARG E 221 24.64 27.57 -46.75
N SER E 222 25.54 27.23 -45.83
CA SER E 222 25.30 27.44 -44.41
C SER E 222 24.91 28.90 -44.15
N LEU E 223 25.68 29.82 -44.72
CA LEU E 223 25.36 31.24 -44.56
C LEU E 223 23.95 31.51 -45.04
N PHE E 224 23.62 31.03 -46.24
CA PHE E 224 22.26 31.16 -46.75
C PHE E 224 21.25 30.66 -45.74
N ILE E 225 21.50 29.47 -45.20
CA ILE E 225 20.55 28.88 -44.25
C ILE E 225 20.40 29.79 -43.04
N GLU E 226 21.52 30.29 -42.52
CA GLU E 226 21.45 31.17 -41.36
C GLU E 226 20.58 32.38 -41.66
N TYR E 227 20.72 32.96 -42.86
CA TYR E 227 19.88 34.08 -43.24
C TYR E 227 18.41 33.72 -43.09
N GLY E 228 18.01 32.57 -43.64
CA GLY E 228 16.64 32.14 -43.48
C GLY E 228 16.27 32.01 -42.03
N LYS E 229 17.13 31.38 -41.23
CA LYS E 229 16.89 31.26 -39.80
C LYS E 229 16.80 32.64 -39.17
N ALA E 230 17.69 33.54 -39.55
CA ALA E 230 17.66 34.89 -38.99
C ALA E 230 16.48 35.68 -39.52
N LEU E 231 15.92 35.27 -40.66
CA LEU E 231 14.88 36.08 -41.27
C LEU E 231 13.49 35.66 -40.81
N GLY E 232 13.29 34.36 -40.59
CA GLY E 232 12.04 33.87 -40.05
C GLY E 232 11.86 34.07 -38.57
N SER E 233 12.91 34.50 -37.87
CA SER E 233 12.83 34.81 -36.44
C SER E 233 12.52 36.28 -36.18
N SER E 234 12.42 37.11 -37.21
CA SER E 234 12.19 38.53 -37.05
C SER E 234 10.71 38.80 -36.79
N SER E 235 10.45 39.80 -35.94
CA SER E 235 9.08 40.16 -35.63
C SER E 235 8.36 40.70 -36.86
N THR E 236 9.02 41.54 -37.64
CA THR E 236 8.46 42.14 -38.84
C THR E 236 9.35 41.82 -40.05
N GLY E 237 8.97 42.40 -41.18
CA GLY E 237 9.71 42.21 -42.40
C GLY E 237 8.92 42.76 -43.57
N SER E 238 9.53 42.67 -44.74
CA SER E 238 8.86 43.08 -45.96
C SER E 238 8.12 41.89 -46.57
N LYS E 239 7.37 42.16 -47.64
CA LYS E 239 6.72 41.09 -48.39
C LYS E 239 7.76 40.20 -49.07
N ALA E 240 8.82 40.81 -49.60
CA ALA E 240 9.88 40.04 -50.24
C ALA E 240 10.57 39.11 -49.26
N GLU E 241 10.71 39.54 -48.01
CA GLU E 241 11.34 38.69 -47.00
C GLU E 241 10.44 37.51 -46.65
N SER E 242 9.12 37.73 -46.58
CA SER E 242 8.20 36.63 -46.38
C SER E 242 8.27 35.66 -47.55
N LEU E 243 8.40 36.17 -48.77
CA LEU E 243 8.55 35.30 -49.93
C LEU E 243 9.86 34.50 -49.84
N PHE E 244 10.94 35.14 -49.42
CA PHE E 244 12.21 34.42 -49.26
C PHE E 244 12.06 33.29 -48.26
N VAL E 245 11.43 33.56 -47.12
CA VAL E 245 11.26 32.51 -46.12
C VAL E 245 10.34 31.41 -46.63
N ASN E 246 9.34 31.76 -47.44
CA ASN E 246 8.45 30.75 -47.99
C ASN E 246 9.20 29.79 -48.91
N ILE E 247 10.02 30.33 -49.82
CA ILE E 247 10.81 29.47 -50.69
C ILE E 247 11.84 28.69 -49.88
N PHE E 248 12.39 29.30 -48.84
CA PHE E 248 13.41 28.64 -48.02
C PHE E 248 12.82 27.44 -47.28
N MET E 249 11.58 27.57 -46.78
CA MET E 249 10.88 26.40 -46.26
C MET E 249 10.52 25.40 -47.34
N GLN E 250 10.20 25.86 -48.54
CA GLN E 250 9.95 24.93 -49.63
C GLN E 250 11.19 24.12 -49.96
N ALA E 251 12.36 24.61 -49.59
CA ALA E 251 13.61 23.88 -49.80
C ALA E 251 13.89 22.84 -48.73
N TYR E 252 13.03 22.70 -47.72
CA TYR E 252 13.41 21.99 -46.50
C TYR E 252 13.79 20.53 -46.72
N GLY E 253 12.85 19.68 -47.09
CA GLY E 253 13.15 18.26 -47.14
C GLY E 253 13.87 17.83 -48.40
N ALA E 254 14.66 18.73 -48.98
CA ALA E 254 15.29 18.47 -50.27
C ALA E 254 16.29 17.34 -50.17
N GLY E 255 16.25 16.43 -51.14
CA GLY E 255 17.09 15.26 -51.14
C GLY E 255 16.53 14.08 -50.38
N GLN E 256 15.33 14.20 -49.81
CA GLN E 256 14.72 13.15 -49.02
C GLN E 256 13.24 13.00 -49.39
N THR E 257 12.92 13.04 -50.69
CA THR E 257 11.53 12.96 -51.09
C THR E 257 10.95 11.57 -50.91
N MET E 258 11.79 10.53 -50.83
CA MET E 258 11.28 9.19 -50.62
C MET E 258 10.73 9.01 -49.21
N LEU E 259 11.29 9.70 -48.21
CA LEU E 259 10.72 9.65 -46.88
C LEU E 259 9.33 10.27 -46.83
N ARG E 260 9.18 11.44 -47.46
CA ARG E 260 7.88 12.10 -47.54
C ARG E 260 6.88 11.26 -48.31
N TRP E 261 7.33 10.67 -49.42
CA TRP E 261 6.44 9.85 -50.23
C TRP E 261 6.08 8.54 -49.54
N GLY E 262 6.97 8.02 -48.68
CA GLY E 262 6.62 6.85 -47.89
C GLY E 262 5.61 7.18 -46.80
N VAL E 263 5.74 8.35 -46.19
CA VAL E 263 4.71 8.81 -45.26
C VAL E 263 3.38 8.96 -45.99
N ILE E 264 3.42 9.44 -47.25
CA ILE E 264 2.22 9.52 -48.06
C ILE E 264 1.63 8.14 -48.31
N ALA E 265 2.49 7.19 -48.70
CA ALA E 265 2.03 5.83 -48.99
C ALA E 265 1.43 5.16 -47.77
N ARG E 266 1.92 5.50 -46.58
CA ARG E 266 1.27 5.04 -45.36
C ARG E 266 -0.07 5.73 -45.16
N SER E 267 -0.12 7.05 -45.38
CA SER E 267 -1.39 7.77 -45.28
C SER E 267 -2.35 7.40 -46.41
N SER E 268 -1.85 6.86 -47.51
CA SER E 268 -2.70 6.42 -48.60
C SER E 268 -3.23 5.01 -48.40
N ASN E 269 -2.77 4.31 -47.36
CA ASN E 269 -3.24 2.96 -47.04
C ASN E 269 -3.10 2.01 -48.24
N ASN E 270 -1.98 2.13 -48.94
CA ASN E 270 -1.68 1.20 -50.03
C ASN E 270 -1.59 -0.21 -49.49
N ILE E 271 -2.45 -1.10 -50.00
CA ILE E 271 -2.48 -2.46 -49.49
C ILE E 271 -1.19 -3.21 -49.81
N MET E 272 -0.46 -2.79 -50.84
CA MET E 272 0.75 -3.51 -51.20
C MET E 272 1.88 -3.26 -50.21
N LEU E 273 1.71 -2.31 -49.28
CA LEU E 273 2.62 -2.22 -48.15
C LEU E 273 2.57 -3.49 -47.30
N GLY E 274 1.45 -4.19 -47.32
CA GLY E 274 1.28 -5.45 -46.61
C GLY E 274 1.85 -6.66 -47.30
N HIS E 275 2.38 -6.50 -48.51
CA HIS E 275 3.06 -7.60 -49.18
C HIS E 275 4.25 -8.04 -48.35
N VAL E 276 4.46 -9.36 -48.27
CA VAL E 276 5.45 -9.91 -47.34
C VAL E 276 6.84 -9.37 -47.61
N SER E 277 7.16 -9.09 -48.87
CA SER E 277 8.49 -8.57 -49.20
C SER E 277 8.72 -7.20 -48.57
N VAL E 278 7.71 -6.34 -48.57
CA VAL E 278 7.82 -5.06 -47.89
C VAL E 278 7.81 -5.26 -46.37
N GLN E 279 6.95 -6.18 -45.90
CA GLN E 279 6.85 -6.47 -44.47
C GLN E 279 8.19 -6.89 -43.89
N ALA E 280 9.03 -7.56 -44.69
CA ALA E 280 10.37 -7.92 -44.24
C ALA E 280 11.29 -6.71 -44.11
N GLU E 281 10.88 -5.54 -44.58
CA GLU E 281 11.71 -4.35 -44.57
C GLU E 281 11.16 -3.22 -43.72
N LEU E 282 9.91 -3.30 -43.27
CA LEU E 282 9.37 -2.22 -42.44
C LEU E 282 10.19 -1.98 -41.19
N LYS E 283 10.92 -2.97 -40.69
CA LYS E 283 11.75 -2.74 -39.52
C LYS E 283 12.89 -1.77 -39.81
N GLN E 284 13.58 -1.94 -40.94
CA GLN E 284 14.63 -0.99 -41.30
C GLN E 284 14.07 0.34 -41.77
N VAL E 285 12.88 0.32 -42.37
CA VAL E 285 12.20 1.57 -42.71
C VAL E 285 11.94 2.38 -41.44
N THR E 286 11.41 1.70 -40.41
CA THR E 286 11.17 2.34 -39.13
C THR E 286 12.48 2.82 -38.51
N GLU E 287 13.57 2.08 -38.71
CA GLU E 287 14.85 2.58 -38.20
C GLU E 287 15.28 3.86 -38.91
N VAL E 288 15.01 3.96 -40.22
CA VAL E 288 15.35 5.20 -40.93
C VAL E 288 14.54 6.37 -40.38
N TYR E 289 13.24 6.16 -40.17
CA TYR E 289 12.43 7.25 -39.62
C TYR E 289 12.80 7.57 -38.17
N ASP E 290 13.20 6.55 -37.39
CA ASP E 290 13.73 6.79 -36.05
C ASP E 290 15.00 7.63 -36.12
N LEU E 291 15.84 7.39 -37.11
CA LEU E 291 17.03 8.22 -37.30
C LEU E 291 16.65 9.65 -37.59
N VAL E 292 15.61 9.85 -38.41
CA VAL E 292 15.14 11.22 -38.67
C VAL E 292 14.71 11.87 -37.36
N ARG E 293 13.95 11.14 -36.53
CA ARG E 293 13.51 11.68 -35.25
C ARG E 293 14.69 11.99 -34.33
N GLU E 294 15.71 11.13 -34.34
CA GLU E 294 16.89 11.35 -33.51
C GLU E 294 17.66 12.59 -33.96
N MET E 295 17.84 12.75 -35.27
CA MET E 295 18.54 13.94 -35.78
C MET E 295 17.76 15.21 -35.47
N GLY E 296 16.44 15.17 -35.62
CA GLY E 296 15.62 16.30 -35.26
C GLY E 296 15.43 17.29 -36.40
N PRO E 297 15.17 18.54 -36.05
CA PRO E 297 14.87 19.55 -37.09
C PRO E 297 15.99 19.79 -38.07
N GLU E 298 17.24 19.51 -37.72
CA GLU E 298 18.35 19.70 -38.63
C GLU E 298 18.48 18.59 -39.66
N SER E 299 17.67 17.53 -39.57
CA SER E 299 17.77 16.44 -40.53
C SER E 299 17.29 16.86 -41.92
N GLY E 300 16.38 17.83 -41.99
CA GLY E 300 15.90 18.28 -43.29
C GLY E 300 16.92 19.05 -44.09
N LEU E 301 17.88 19.69 -43.41
CA LEU E 301 18.88 20.51 -44.08
C LEU E 301 20.14 19.72 -44.42
N LEU E 302 20.13 18.40 -44.22
CA LEU E 302 21.34 17.60 -44.38
C LEU E 302 21.85 17.64 -45.82
N HIS E 303 20.94 17.50 -46.79
CA HIS E 303 21.34 17.53 -48.19
C HIS E 303 21.57 18.95 -48.69
N LEU E 304 20.83 19.93 -48.17
CA LEU E 304 21.08 21.32 -48.53
C LEU E 304 22.45 21.77 -48.05
N ARG E 305 22.81 21.40 -46.83
CA ARG E 305 24.15 21.68 -46.32
C ARG E 305 25.21 20.83 -46.97
N GLN E 306 24.81 19.77 -47.68
CA GLN E 306 25.73 18.80 -48.26
C GLN E 306 26.55 18.13 -47.15
N SER E 307 25.85 17.72 -46.10
CA SER E 307 26.49 17.04 -44.99
C SER E 307 26.94 15.64 -45.43
N PRO E 308 28.16 15.24 -45.08
CA PRO E 308 28.55 13.83 -45.33
C PRO E 308 27.66 12.85 -44.60
N LYS E 309 27.08 13.27 -43.48
CA LYS E 309 26.17 12.43 -42.71
C LYS E 309 24.92 12.07 -43.52
N ALA E 310 24.55 12.91 -44.47
CA ALA E 310 23.43 12.59 -45.36
C ALA E 310 23.75 11.33 -46.16
N GLY E 311 22.74 10.50 -46.36
CA GLY E 311 22.92 9.17 -46.88
C GLY E 311 22.67 8.09 -45.86
N LEU E 312 22.78 8.41 -44.58
CA LEU E 312 22.19 7.58 -43.54
C LEU E 312 20.67 7.60 -43.61
N LEU E 313 20.09 8.66 -44.17
CA LEU E 313 18.65 8.80 -44.35
C LEU E 313 18.17 8.14 -45.64
N SER E 314 18.97 7.29 -46.25
CA SER E 314 18.63 6.66 -47.51
C SER E 314 17.82 5.38 -47.28
N LEU E 315 16.73 5.24 -48.02
CA LEU E 315 15.93 4.01 -48.04
C LEU E 315 16.28 3.11 -49.20
N ALA E 316 17.50 3.23 -49.73
CA ALA E 316 17.88 2.50 -50.93
C ALA E 316 18.18 1.03 -50.66
N ASN E 317 18.34 0.63 -49.40
CA ASN E 317 18.55 -0.76 -49.05
C ASN E 317 17.24 -1.51 -48.80
N CYS E 318 16.10 -0.85 -48.98
CA CYS E 318 14.79 -1.48 -48.90
C CYS E 318 14.13 -1.34 -50.27
N PRO E 319 14.56 -2.14 -51.25
CA PRO E 319 14.08 -1.95 -52.62
C PRO E 319 12.59 -2.17 -52.80
N ASN E 320 11.99 -3.11 -52.07
CA ASN E 320 10.57 -3.39 -52.26
C ASN E 320 9.71 -2.29 -51.65
N PHE E 321 10.08 -1.78 -50.49
CA PHE E 321 9.37 -0.63 -49.93
C PHE E 321 9.50 0.57 -50.85
N ALA E 322 10.70 0.78 -51.41
CA ALA E 322 10.90 1.90 -52.35
C ALA E 322 10.02 1.73 -53.58
N SER E 323 9.93 0.51 -54.10
CA SER E 323 9.09 0.26 -55.27
C SER E 323 7.63 0.51 -54.96
N VAL E 324 7.17 0.06 -53.79
CA VAL E 324 5.77 0.27 -53.42
C VAL E 324 5.48 1.75 -53.20
N VAL E 325 6.42 2.47 -52.61
CA VAL E 325 6.24 3.91 -52.39
C VAL E 325 6.18 4.66 -53.72
N LEU E 326 7.08 4.33 -54.64
CA LEU E 326 7.07 4.98 -55.94
C LEU E 326 5.81 4.62 -56.72
N GLY E 327 5.35 3.38 -56.61
CA GLY E 327 4.11 3.00 -57.28
C GLY E 327 2.89 3.71 -56.72
N ASN E 328 2.83 3.84 -55.38
CA ASN E 328 1.72 4.58 -54.79
C ASN E 328 1.76 6.04 -55.21
N ALA E 329 2.95 6.63 -55.27
CA ALA E 329 3.06 8.02 -55.72
C ALA E 329 2.65 8.16 -57.17
N SER E 330 3.01 7.18 -58.00
CA SER E 330 2.66 7.23 -59.42
C SER E 330 1.16 7.08 -59.63
N GLY E 331 0.52 6.21 -58.85
CA GLY E 331 -0.91 6.04 -58.98
C GLY E 331 -1.68 7.30 -58.62
N LEU E 332 -1.29 7.95 -57.53
CA LEU E 332 -1.89 9.22 -57.15
C LEU E 332 -1.56 10.34 -58.13
N GLY E 333 -0.59 10.13 -59.02
CA GLY E 333 -0.22 11.14 -59.99
C GLY E 333 0.76 12.18 -59.50
N ILE E 334 1.36 11.98 -58.33
CA ILE E 334 2.30 12.95 -57.78
C ILE E 334 3.75 12.60 -58.09
N ILE E 335 3.99 11.48 -58.76
CA ILE E 335 5.38 11.09 -59.03
C ILE E 335 6.03 12.09 -60.00
N GLY E 336 5.25 12.70 -60.89
CA GLY E 336 5.81 13.65 -61.82
C GLY E 336 6.87 13.01 -62.69
N MET E 337 8.00 13.71 -62.83
CA MET E 337 9.14 13.22 -63.58
C MET E 337 10.29 12.82 -62.65
N TYR E 338 9.96 12.39 -61.44
CA TYR E 338 10.95 11.89 -60.51
C TYR E 338 11.70 10.72 -61.13
N ARG E 339 13.03 10.75 -61.02
CA ARG E 339 13.89 9.78 -61.71
C ARG E 339 14.44 8.72 -60.78
N GLY E 340 13.88 8.57 -59.57
CA GLY E 340 14.33 7.49 -58.71
C GLY E 340 14.10 6.13 -59.35
N ARG E 341 15.01 5.21 -59.06
CA ARG E 341 14.96 3.90 -59.70
C ARG E 341 13.98 3.00 -58.98
N VAL E 342 13.25 2.19 -59.75
CA VAL E 342 12.27 1.26 -59.19
C VAL E 342 12.84 -0.15 -59.31
N PRO E 343 13.33 -0.73 -58.21
CA PRO E 343 13.94 -2.07 -58.29
C PRO E 343 12.92 -3.14 -58.64
N ASN E 344 11.83 -3.19 -57.89
CA ASN E 344 10.79 -4.19 -58.09
C ASN E 344 9.72 -3.60 -59.00
N THR E 345 9.66 -4.09 -60.24
CA THR E 345 8.69 -3.59 -61.19
C THR E 345 7.28 -4.12 -60.91
N GLU E 346 7.18 -5.38 -60.48
CA GLU E 346 5.86 -5.96 -60.21
C GLU E 346 5.18 -5.28 -59.03
N LEU E 347 5.93 -5.04 -57.95
CA LEU E 347 5.37 -4.31 -56.82
C LEU E 347 5.00 -2.90 -57.21
N PHE E 348 5.81 -2.25 -58.05
CA PHE E 348 5.49 -0.93 -58.56
C PHE E 348 4.15 -0.96 -59.30
N SER E 349 3.98 -1.92 -60.19
CA SER E 349 2.76 -1.99 -60.99
C SER E 349 1.54 -2.24 -60.12
N ALA E 350 1.65 -3.18 -59.18
CA ALA E 350 0.52 -3.48 -58.31
C ALA E 350 0.18 -2.30 -57.41
N ALA E 351 1.18 -1.65 -56.84
CA ALA E 351 0.95 -0.48 -56.00
C ALA E 351 0.31 0.65 -56.80
N GLU E 352 0.78 0.86 -58.03
CA GLU E 352 0.23 1.92 -58.86
C GLU E 352 -1.21 1.64 -59.23
N SER E 353 -1.52 0.38 -59.55
CA SER E 353 -2.89 0.01 -59.85
C SER E 353 -3.81 0.24 -58.65
N TYR E 354 -3.36 -0.17 -57.46
CA TYR E 354 -4.20 0.05 -56.28
C TYR E 354 -4.37 1.52 -55.99
N ALA E 355 -3.31 2.33 -56.14
CA ALA E 355 -3.41 3.74 -55.82
C ALA E 355 -4.31 4.46 -56.81
N LYS E 356 -4.24 4.08 -58.09
CA LYS E 356 -5.15 4.65 -59.06
C LYS E 356 -6.59 4.28 -58.75
N SER E 357 -6.83 3.01 -58.40
CA SER E 357 -8.18 2.59 -58.05
C SER E 357 -8.70 3.35 -56.83
N LEU E 358 -7.83 3.57 -55.84
CA LEU E 358 -8.23 4.32 -54.65
C LEU E 358 -8.53 5.77 -54.97
N LYS E 359 -7.70 6.39 -55.80
CA LYS E 359 -7.90 7.80 -56.13
C LYS E 359 -9.16 8.02 -56.94
N GLU E 360 -9.44 7.11 -57.89
CA GLU E 360 -10.63 7.29 -58.73
C GLU E 360 -11.92 7.20 -57.91
N ASP F 10 7.71 17.16 -40.41
CA ASP F 10 8.53 18.21 -41.00
C ASP F 10 8.10 19.61 -40.56
N LEU F 11 6.80 19.83 -40.33
CA LEU F 11 6.34 21.17 -40.01
C LEU F 11 6.73 21.56 -38.59
N SER F 12 6.65 20.62 -37.65
CA SER F 12 7.14 20.88 -36.31
C SER F 12 8.64 21.16 -36.34
N TYR F 13 9.37 20.45 -37.20
CA TYR F 13 10.80 20.68 -37.33
C TYR F 13 11.10 22.06 -37.88
N LYS F 14 10.33 22.50 -38.86
CA LYS F 14 10.51 23.86 -39.38
C LYS F 14 10.18 24.91 -38.33
N HIS F 15 9.14 24.68 -37.55
CA HIS F 15 8.80 25.62 -36.49
C HIS F 15 9.89 25.67 -35.43
N ALA F 16 10.45 24.52 -35.07
CA ALA F 16 11.54 24.49 -34.11
C ALA F 16 12.80 25.13 -34.67
N ILE F 17 12.99 25.05 -35.99
CA ILE F 17 14.10 25.74 -36.61
C ILE F 17 13.94 27.25 -36.48
N LEU F 18 12.76 27.77 -36.85
CA LEU F 18 12.57 29.21 -36.85
C LEU F 18 12.49 29.78 -35.44
N LYS F 19 11.83 29.06 -34.53
CA LYS F 19 11.60 29.59 -33.19
C LYS F 19 12.88 29.60 -32.36
N GLU F 20 13.64 28.51 -32.39
CA GLU F 20 14.82 28.36 -31.55
C GLU F 20 16.04 28.99 -32.22
N SER F 21 16.04 30.32 -32.25
CA SER F 21 17.15 31.09 -32.81
C SER F 21 17.80 31.92 -31.71
N GLN F 22 19.12 31.83 -31.61
CA GLN F 22 19.85 32.56 -30.58
C GLN F 22 20.19 33.99 -30.97
N TYR F 23 19.92 34.39 -32.20
CA TYR F 23 20.30 35.71 -32.70
C TYR F 23 19.05 36.48 -33.08
N THR F 24 18.92 37.69 -32.55
CA THR F 24 17.85 38.60 -32.93
C THR F 24 18.26 39.40 -34.15
N ILE F 25 17.27 39.96 -34.83
CA ILE F 25 17.48 40.76 -36.03
C ILE F 25 17.29 42.23 -35.68
N LYS F 26 18.16 43.08 -36.20
CA LYS F 26 18.13 44.52 -35.95
C LYS F 26 17.69 45.23 -37.22
N ARG F 27 16.68 46.09 -37.10
CA ARG F 27 16.17 46.85 -38.22
C ARG F 27 15.80 48.25 -37.75
N ASP F 28 15.71 49.16 -38.71
CA ASP F 28 15.34 50.55 -38.45
C ASP F 28 16.33 51.22 -37.50
N VAL F 29 17.61 50.90 -37.64
CA VAL F 29 18.59 51.34 -36.65
C VAL F 29 18.73 52.86 -36.62
N GLY F 30 18.78 53.49 -37.79
CA GLY F 30 18.99 54.92 -37.85
C GLY F 30 17.74 55.77 -37.82
N THR F 31 16.57 55.17 -37.65
CA THR F 31 15.30 55.86 -37.82
C THR F 31 14.77 56.36 -36.49
N THR F 32 13.76 57.23 -36.56
CA THR F 32 13.10 57.77 -35.40
C THR F 32 11.60 57.77 -35.62
N THR F 33 10.84 57.78 -34.52
CA THR F 33 9.40 57.86 -34.55
C THR F 33 8.92 58.74 -33.41
N ALA F 34 7.70 59.22 -33.52
CA ALA F 34 7.15 60.18 -32.58
C ALA F 34 6.23 59.51 -31.57
N VAL F 35 6.31 59.98 -30.32
CA VAL F 35 5.32 59.64 -29.30
C VAL F 35 4.95 60.92 -28.56
N THR F 36 3.86 60.84 -27.81
CA THR F 36 3.38 61.94 -27.02
C THR F 36 3.28 61.54 -25.56
N PRO F 37 3.84 62.29 -24.62
CA PRO F 37 3.73 61.93 -23.21
C PRO F 37 2.27 61.93 -22.76
N SER F 38 1.96 61.02 -21.84
CA SER F 38 0.58 60.81 -21.43
C SER F 38 -0.04 62.09 -20.87
N SER F 39 0.78 62.97 -20.30
CA SER F 39 0.28 64.21 -19.73
C SER F 39 -0.32 65.14 -20.77
N LEU F 40 -0.10 64.88 -22.06
CA LEU F 40 -0.69 65.67 -23.13
C LEU F 40 -1.92 65.00 -23.73
N GLN F 41 -2.50 64.01 -23.03
CA GLN F 41 -3.65 63.28 -23.58
C GLN F 41 -4.76 64.25 -23.97
N GLN F 42 -5.12 65.15 -23.06
CA GLN F 42 -6.13 66.16 -23.39
C GLN F 42 -5.78 66.87 -24.69
N GLU F 43 -4.54 67.35 -24.79
CA GLU F 43 -4.14 68.09 -25.98
C GLU F 43 -4.21 67.23 -27.23
N ILE F 44 -3.94 65.93 -27.11
CA ILE F 44 -4.06 65.11 -28.31
C ILE F 44 -5.53 64.80 -28.59
N THR F 45 -6.34 64.67 -27.54
CA THR F 45 -7.75 64.37 -27.72
C THR F 45 -8.42 65.42 -28.60
N LEU F 46 -8.19 66.70 -28.28
CA LEU F 46 -8.70 67.78 -29.10
C LEU F 46 -8.32 67.59 -30.57
N LEU F 47 -7.04 67.29 -30.83
CA LEU F 47 -6.62 67.11 -32.22
C LEU F 47 -7.33 65.93 -32.85
N CYS F 48 -7.47 64.83 -32.11
CA CYS F 48 -8.17 63.68 -32.65
C CYS F 48 -9.64 63.99 -32.92
N GLY F 49 -10.16 65.06 -32.33
CA GLY F 49 -11.53 65.46 -32.59
C GLY F 49 -11.64 66.52 -33.67
N GLU F 50 -10.52 67.17 -34.01
CA GLU F 50 -10.54 68.22 -35.02
C GLU F 50 -10.35 67.68 -36.43
N ILE F 51 -9.81 66.47 -36.56
CA ILE F 51 -9.83 65.78 -37.84
C ILE F 51 -11.22 65.24 -38.13
N LEU F 52 -12.09 65.21 -37.11
CA LEU F 52 -13.39 64.57 -37.25
C LEU F 52 -14.51 65.51 -37.69
N TYR F 53 -14.53 66.77 -37.25
CA TYR F 53 -15.73 67.55 -37.45
C TYR F 53 -15.55 68.63 -38.51
N ALA F 54 -14.49 68.55 -39.31
CA ALA F 54 -14.30 69.47 -40.42
C ALA F 54 -13.90 68.68 -41.65
N LYS F 55 -14.09 69.29 -42.81
CA LYS F 55 -13.74 68.69 -44.09
C LYS F 55 -12.38 69.22 -44.51
N HIS F 56 -11.38 68.36 -44.51
CA HIS F 56 -9.99 68.75 -44.70
C HIS F 56 -9.52 68.34 -46.08
N ALA F 57 -8.69 69.18 -46.70
CA ALA F 57 -8.12 68.82 -47.98
C ALA F 57 -7.14 67.67 -47.86
N ASP F 58 -6.47 67.54 -46.72
CA ASP F 58 -5.42 66.55 -46.53
C ASP F 58 -5.63 65.81 -45.22
N TYR F 59 -5.63 64.48 -45.28
CA TYR F 59 -5.78 63.61 -44.13
C TYR F 59 -4.57 62.71 -43.96
N LYS F 60 -3.38 63.22 -44.29
CA LYS F 60 -2.20 62.38 -44.36
C LYS F 60 -1.84 61.78 -43.00
N TYR F 61 -1.88 62.58 -41.94
CA TYR F 61 -1.32 62.21 -40.65
C TYR F 61 -2.38 61.84 -39.62
N ALA F 62 -3.61 61.54 -40.04
CA ALA F 62 -4.64 61.19 -39.07
C ALA F 62 -4.27 59.92 -38.31
N ALA F 63 -3.74 58.93 -39.02
CA ALA F 63 -3.31 57.69 -38.37
C ALA F 63 -2.19 57.96 -37.37
N GLU F 64 -1.29 58.89 -37.71
CA GLU F 64 -0.25 59.27 -36.77
C GLU F 64 -0.83 59.88 -35.51
N ILE F 65 -1.88 60.69 -35.64
CA ILE F 65 -2.50 61.28 -34.46
C ILE F 65 -3.18 60.20 -33.62
N GLY F 66 -3.78 59.21 -34.27
CA GLY F 66 -4.31 58.08 -33.53
C GLY F 66 -3.24 57.32 -32.77
N ILE F 67 -2.08 57.11 -33.41
CA ILE F 67 -0.95 56.47 -32.73
C ILE F 67 -0.45 57.33 -31.58
N GLN F 68 -0.49 58.65 -31.74
CA GLN F 68 -0.12 59.55 -30.65
C GLN F 68 -1.05 59.39 -29.47
N TYR F 69 -2.34 59.25 -29.73
CA TYR F 69 -3.27 58.97 -28.64
C TYR F 69 -2.97 57.62 -27.99
N ILE F 70 -2.65 56.61 -28.78
CA ILE F 70 -2.27 55.32 -28.22
C ILE F 70 -1.05 55.47 -27.32
N SER F 71 -0.10 56.29 -27.74
CA SER F 71 1.09 56.55 -26.95
C SER F 71 0.75 57.22 -25.63
N THR F 72 -0.16 58.21 -25.65
CA THR F 72 -0.58 58.85 -24.41
C THR F 72 -1.32 57.87 -23.51
N ALA F 73 -2.09 56.95 -24.09
CA ALA F 73 -2.83 55.99 -23.28
C ALA F 73 -1.91 54.93 -22.68
N LEU F 74 -0.82 54.59 -23.36
CA LEU F 74 0.10 53.58 -22.85
C LEU F 74 1.28 54.17 -22.10
N GLY F 75 1.79 55.30 -22.55
CA GLY F 75 2.95 55.93 -21.94
C GLY F 75 4.12 55.91 -22.91
N SER F 76 4.87 57.01 -22.95
CA SER F 76 5.93 57.15 -23.94
C SER F 76 7.04 56.12 -23.72
N GLU F 77 7.45 55.92 -22.46
CA GLU F 77 8.50 54.94 -22.19
C GLU F 77 8.01 53.51 -22.43
N ARG F 78 6.74 53.25 -22.10
CA ARG F 78 6.20 51.92 -22.34
C ARG F 78 6.02 51.67 -23.82
N VAL F 79 5.70 52.71 -24.59
CA VAL F 79 5.61 52.59 -26.04
C VAL F 79 6.98 52.35 -26.65
N GLN F 80 8.01 53.01 -26.12
CA GLN F 80 9.37 52.73 -26.57
C GLN F 80 9.74 51.27 -26.30
N GLN F 81 9.37 50.77 -25.13
CA GLN F 81 9.61 49.36 -24.82
C GLN F 81 8.86 48.44 -25.77
N ILE F 82 7.62 48.79 -26.11
CA ILE F 82 6.83 47.98 -27.04
C ILE F 82 7.50 47.94 -28.40
N LEU F 83 7.92 49.10 -28.91
CA LEU F 83 8.54 49.15 -30.23
C LEU F 83 9.88 48.43 -30.24
N ARG F 84 10.60 48.44 -29.11
CA ARG F 84 11.83 47.66 -29.02
C ARG F 84 11.53 46.16 -29.05
N ASN F 85 10.51 45.73 -28.31
CA ASN F 85 10.17 44.32 -28.25
C ASN F 85 9.58 43.81 -29.56
N SER F 86 9.01 44.69 -30.38
CA SER F 86 8.56 44.25 -31.70
C SER F 86 9.72 43.91 -32.61
N GLY F 87 10.94 44.25 -32.24
CA GLY F 87 12.11 43.98 -33.03
C GLY F 87 12.60 45.14 -33.87
N SER F 88 12.32 46.37 -33.46
CA SER F 88 12.70 47.55 -34.22
C SER F 88 13.59 48.46 -33.36
N GLU F 89 14.57 49.09 -34.01
CA GLU F 89 15.47 50.00 -33.34
C GLU F 89 15.06 51.46 -33.52
N VAL F 90 13.78 51.71 -33.80
CA VAL F 90 13.30 53.08 -34.00
C VAL F 90 13.50 53.87 -32.71
N GLN F 91 14.03 55.07 -32.85
CA GLN F 91 14.29 55.94 -31.72
C GLN F 91 13.09 56.84 -31.49
N VAL F 92 12.34 56.56 -30.42
CA VAL F 92 11.22 57.38 -30.00
C VAL F 92 11.63 58.84 -29.83
N VAL F 93 10.81 59.74 -30.37
CA VAL F 93 10.94 61.18 -30.17
C VAL F 93 9.69 61.66 -29.46
N LEU F 94 9.84 62.71 -28.65
CA LEU F 94 8.78 63.13 -27.73
C LEU F 94 8.08 64.38 -28.26
N THR F 95 6.74 64.37 -28.20
CA THR F 95 5.95 65.49 -28.66
C THR F 95 6.15 66.69 -27.74
N ARG F 96 6.26 67.88 -28.33
CA ARG F 96 6.53 69.10 -27.58
C ARG F 96 5.43 70.12 -27.84
N THR F 97 4.88 70.69 -26.77
CA THR F 97 3.92 71.77 -26.93
C THR F 97 4.65 73.08 -27.21
N TYR F 98 4.22 73.79 -28.25
CA TYR F 98 4.82 75.06 -28.61
C TYR F 98 3.73 76.12 -28.72
N SER F 99 4.08 77.35 -28.36
CA SER F 99 3.15 78.46 -28.52
C SER F 99 3.03 78.82 -29.99
N LEU F 100 1.80 79.07 -30.45
CA LEU F 100 1.59 79.41 -31.85
C LEU F 100 2.28 80.73 -32.19
N GLY F 101 2.21 81.70 -31.31
CA GLY F 101 2.81 83.00 -31.53
C GLY F 101 2.06 84.06 -30.72
N LYS F 102 1.76 85.17 -31.39
CA LYS F 102 1.01 86.24 -30.76
C LYS F 102 -0.43 85.85 -30.45
N ILE F 103 -0.93 84.77 -31.07
CA ILE F 103 -2.31 84.36 -30.88
C ILE F 103 -2.51 83.88 -29.44
N LYS F 104 -3.64 84.28 -28.85
CA LYS F 104 -3.97 83.95 -27.47
C LYS F 104 -5.33 83.27 -27.43
N ASN F 105 -5.53 82.44 -26.41
CA ASN F 105 -6.77 81.68 -26.28
C ASN F 105 -7.76 82.46 -25.41
N ASN F 106 -8.87 81.81 -25.06
CA ASN F 106 -9.91 82.47 -24.26
C ASN F 106 -9.44 82.72 -22.83
N LYS F 107 -8.53 81.90 -22.31
CA LYS F 107 -8.08 82.03 -20.93
C LYS F 107 -7.06 83.13 -20.73
N GLY F 108 -6.61 83.79 -21.80
CA GLY F 108 -5.60 84.81 -21.68
C GLY F 108 -4.18 84.32 -21.73
N GLU F 109 -3.96 83.03 -21.99
CA GLU F 109 -2.64 82.46 -22.13
C GLU F 109 -2.31 82.26 -23.60
N ASP F 110 -1.03 81.97 -23.87
CA ASP F 110 -0.61 81.65 -25.22
C ASP F 110 -1.21 80.32 -25.66
N LEU F 111 -1.72 80.28 -26.90
CA LEU F 111 -2.33 79.07 -27.43
C LEU F 111 -1.24 78.03 -27.69
N GLN F 112 -1.24 76.97 -26.88
CA GLN F 112 -0.25 75.91 -27.00
C GLN F 112 -0.76 74.83 -27.93
N MET F 113 0.04 74.47 -28.93
CA MET F 113 -0.31 73.41 -29.86
C MET F 113 0.76 72.34 -29.88
N LEU F 114 0.35 71.14 -30.26
CA LEU F 114 1.24 70.00 -30.27
C LEU F 114 2.24 70.09 -31.43
N ASP F 115 3.45 69.61 -31.16
CA ASP F 115 4.52 69.49 -32.15
C ASP F 115 4.94 68.04 -32.15
N ILE F 116 4.52 67.31 -33.19
CA ILE F 116 4.76 65.89 -33.32
C ILE F 116 5.88 65.68 -34.31
N HIS F 117 6.77 64.73 -34.01
CA HIS F 117 7.89 64.45 -34.89
C HIS F 117 7.40 63.79 -36.17
N GLY F 118 7.93 64.24 -37.31
CA GLY F 118 7.55 63.69 -38.59
C GLY F 118 6.28 64.27 -39.17
N VAL F 119 5.51 65.03 -38.39
CA VAL F 119 4.31 65.70 -38.85
C VAL F 119 4.65 67.17 -39.02
N GLU F 120 4.52 67.68 -40.24
CA GLU F 120 4.75 69.10 -40.45
C GLU F 120 3.81 69.91 -39.59
N LYS F 121 4.34 70.96 -38.95
CA LYS F 121 3.50 71.80 -38.12
C LYS F 121 2.42 72.48 -38.96
N SER F 122 2.70 72.72 -40.24
CA SER F 122 1.71 73.37 -41.11
C SER F 122 0.45 72.53 -41.24
N TRP F 123 0.61 71.20 -41.29
CA TRP F 123 -0.56 70.33 -41.31
C TRP F 123 -1.41 70.49 -40.06
N VAL F 124 -0.77 70.54 -38.89
CA VAL F 124 -1.51 70.70 -37.65
C VAL F 124 -2.19 72.06 -37.61
N GLU F 125 -1.48 73.11 -38.05
CA GLU F 125 -2.09 74.44 -38.09
C GLU F 125 -3.30 74.46 -39.01
N GLU F 126 -3.21 73.83 -40.19
CA GLU F 126 -4.33 73.87 -41.11
C GLU F 126 -5.50 73.04 -40.62
N ILE F 127 -5.23 71.90 -39.96
CA ILE F 127 -6.31 71.11 -39.39
C ILE F 127 -7.02 71.93 -38.31
N ASP F 128 -6.25 72.55 -37.42
CA ASP F 128 -6.84 73.35 -36.34
C ASP F 128 -7.59 74.55 -36.88
N LYS F 129 -7.03 75.24 -37.87
CA LYS F 129 -7.68 76.41 -38.44
C LYS F 129 -8.97 76.04 -39.15
N GLU F 130 -8.96 74.95 -39.93
CA GLU F 130 -10.17 74.52 -40.60
C GLU F 130 -11.24 74.10 -39.60
N ALA F 131 -10.84 73.41 -38.54
CA ALA F 131 -11.81 73.01 -37.53
C ALA F 131 -12.40 74.22 -36.83
N ARG F 132 -11.57 75.21 -36.50
CA ARG F 132 -12.06 76.42 -35.85
C ARG F 132 -13.00 77.19 -36.77
N LYS F 133 -12.66 77.29 -38.05
CA LYS F 133 -13.53 77.96 -39.01
C LYS F 133 -14.86 77.23 -39.14
N THR F 134 -14.83 75.89 -39.18
CA THR F 134 -16.05 75.12 -39.30
C THR F 134 -16.95 75.33 -38.09
N MET F 135 -16.39 75.29 -36.89
CA MET F 135 -17.23 75.52 -35.71
C MET F 135 -17.73 76.95 -35.64
N ALA F 136 -16.93 77.92 -36.10
CA ALA F 136 -17.41 79.29 -36.15
C ALA F 136 -18.61 79.41 -37.08
N THR F 137 -18.54 78.77 -38.25
CA THR F 137 -19.67 78.78 -39.17
C THR F 137 -20.89 78.09 -38.56
N LEU F 138 -20.69 76.96 -37.89
CA LEU F 138 -21.81 76.23 -37.31
C LEU F 138 -22.49 77.03 -36.21
N LEU F 139 -21.71 77.72 -35.36
CA LEU F 139 -22.31 78.57 -34.35
C LEU F 139 -22.95 79.82 -34.95
N LYS F 140 -22.44 80.28 -36.11
CA LYS F 140 -23.14 81.35 -36.81
C LYS F 140 -24.50 80.89 -37.30
N GLU F 141 -24.59 79.65 -37.78
CA GLU F 141 -25.86 79.11 -38.23
C GLU F 141 -26.83 78.93 -37.05
N SER F 142 -26.39 78.28 -35.98
CA SER F 142 -27.22 78.02 -34.82
C SER F 142 -26.48 78.40 -33.55
N SER F 143 -27.19 79.04 -32.62
CA SER F 143 -26.60 79.52 -31.38
C SER F 143 -26.94 78.59 -30.25
N GLY F 144 -25.92 78.15 -29.51
CA GLY F 144 -26.11 77.29 -28.37
C GLY F 144 -26.64 75.91 -28.68
N ASN F 145 -26.49 75.46 -29.92
CA ASN F 145 -27.02 74.18 -30.36
C ASN F 145 -25.94 73.09 -30.44
N ILE F 146 -24.77 73.32 -29.87
CA ILE F 146 -23.67 72.37 -29.97
C ILE F 146 -23.40 71.75 -28.61
N PRO F 147 -23.92 70.55 -28.34
CA PRO F 147 -23.63 69.90 -27.06
C PRO F 147 -22.20 69.40 -26.99
N GLN F 148 -21.85 68.75 -25.87
CA GLN F 148 -20.48 68.25 -25.72
C GLN F 148 -20.17 67.15 -26.73
N ASN F 149 -21.13 66.27 -26.98
CA ASN F 149 -20.89 65.11 -27.83
C ASN F 149 -20.64 65.47 -29.30
N GLN F 150 -20.95 66.69 -29.72
CA GLN F 150 -20.63 67.14 -31.06
C GLN F 150 -19.41 68.05 -31.11
N ARG F 151 -18.64 68.10 -30.05
CA ARG F 151 -17.45 68.92 -30.01
C ARG F 151 -16.19 68.07 -30.17
N PRO F 152 -15.14 68.65 -30.72
CA PRO F 152 -13.88 67.90 -30.87
C PRO F 152 -13.25 67.49 -29.55
N SER F 153 -13.52 68.20 -28.46
CA SER F 153 -12.90 67.90 -27.18
C SER F 153 -13.52 66.71 -26.48
N ALA F 154 -14.45 66.02 -27.13
CA ALA F 154 -15.05 64.84 -26.53
C ALA F 154 -13.98 63.77 -26.28
N PRO F 155 -13.99 63.12 -25.12
CA PRO F 155 -12.92 62.17 -24.81
C PRO F 155 -12.85 60.97 -25.75
N ASP F 156 -13.92 60.65 -26.46
CA ASP F 156 -13.96 59.44 -27.28
C ASP F 156 -13.61 59.68 -28.74
N THR F 157 -13.40 60.94 -29.15
CA THR F 157 -12.98 61.20 -30.53
C THR F 157 -11.69 60.48 -30.92
N PRO F 158 -10.65 60.41 -30.08
CA PRO F 158 -9.51 59.56 -30.46
C PRO F 158 -9.92 58.12 -30.64
N ILE F 159 -10.87 57.63 -29.84
CA ILE F 159 -11.33 56.26 -29.99
C ILE F 159 -12.11 56.09 -31.28
N ILE F 160 -12.84 57.11 -31.73
CA ILE F 160 -13.54 57.02 -33.01
C ILE F 160 -12.54 56.94 -34.16
N LEU F 161 -11.50 57.79 -34.11
CA LEU F 161 -10.45 57.71 -35.12
C LEU F 161 -9.79 56.34 -35.11
N LEU F 162 -9.49 55.82 -33.93
CA LEU F 162 -8.87 54.52 -33.82
C LEU F 162 -9.82 53.39 -34.20
N CYS F 163 -11.13 53.61 -34.14
CA CYS F 163 -12.07 52.59 -34.61
C CYS F 163 -12.10 52.53 -36.13
N VAL F 164 -11.99 53.67 -36.80
CA VAL F 164 -11.78 53.64 -38.24
C VAL F 164 -10.47 52.91 -38.56
N GLY F 165 -9.43 53.20 -37.77
CA GLY F 165 -8.17 52.49 -37.94
C GLY F 165 -8.28 50.99 -37.71
N ALA F 166 -9.07 50.58 -36.73
CA ALA F 166 -9.26 49.16 -36.46
C ALA F 166 -10.08 48.48 -37.56
N LEU F 167 -11.02 49.21 -38.15
CA LEU F 167 -11.73 48.68 -39.31
C LEU F 167 -10.78 48.42 -40.47
N ILE F 168 -9.86 49.35 -40.72
CA ILE F 168 -8.87 49.08 -41.77
C ILE F 168 -7.87 48.02 -41.32
N PHE F 169 -7.70 47.82 -40.02
CA PHE F 169 -6.80 46.80 -39.49
C PHE F 169 -7.35 45.41 -39.73
N THR F 170 -8.67 45.25 -39.64
CA THR F 170 -9.28 43.94 -39.84
C THR F 170 -9.00 43.40 -41.25
N LYS F 171 -8.75 44.29 -42.22
CA LYS F 171 -8.57 43.90 -43.60
C LYS F 171 -7.12 44.10 -44.05
N LEU F 172 -6.17 43.77 -43.19
CA LEU F 172 -4.76 43.97 -43.51
C LEU F 172 -4.15 42.80 -44.27
N ALA F 173 -4.80 41.65 -44.31
CA ALA F 173 -4.39 40.54 -45.16
C ALA F 173 -5.04 40.61 -46.54
N SER F 174 -5.94 41.56 -46.75
CA SER F 174 -6.58 41.76 -48.04
C SER F 174 -5.81 42.80 -48.83
N THR F 175 -6.38 43.28 -49.92
CA THR F 175 -5.77 44.37 -50.68
C THR F 175 -6.29 45.71 -50.20
N ILE F 176 -5.71 46.77 -50.75
CA ILE F 176 -6.06 48.12 -50.33
C ILE F 176 -7.47 48.48 -50.77
N GLU F 177 -7.88 48.06 -51.98
CA GLU F 177 -9.19 48.41 -52.49
C GLU F 177 -10.29 47.71 -51.71
N VAL F 178 -10.14 46.39 -51.52
CA VAL F 178 -11.12 45.63 -50.75
C VAL F 178 -11.18 46.13 -49.32
N GLY F 179 -10.02 46.42 -48.73
CA GLY F 179 -10.00 46.95 -47.37
C GLY F 179 -10.69 48.29 -47.25
N LEU F 180 -10.46 49.18 -48.22
CA LEU F 180 -11.12 50.49 -48.16
C LEU F 180 -12.62 50.36 -48.34
N GLU F 181 -13.07 49.56 -49.30
CA GLU F 181 -14.50 49.36 -49.48
C GLU F 181 -15.14 48.76 -48.25
N THR F 182 -14.50 47.75 -47.65
CA THR F 182 -15.04 47.13 -46.44
C THR F 182 -15.08 48.13 -45.29
N THR F 183 -14.04 48.94 -45.15
CA THR F 183 -14.00 49.91 -44.05
C THR F 183 -15.12 50.93 -44.20
N VAL F 184 -15.30 51.47 -45.41
CA VAL F 184 -16.37 52.45 -45.61
C VAL F 184 -17.74 51.81 -45.36
N ARG F 185 -17.97 50.63 -45.94
CA ARG F 185 -19.26 49.97 -45.81
C ARG F 185 -19.58 49.66 -44.36
N ARG F 186 -18.61 49.12 -43.62
CA ARG F 186 -18.84 48.75 -42.23
C ARG F 186 -18.87 49.95 -41.31
N ALA F 187 -18.18 51.04 -41.66
CA ALA F 187 -18.18 52.23 -40.83
C ALA F 187 -19.47 53.02 -40.99
N ASN F 188 -20.13 52.90 -42.13
CA ASN F 188 -21.44 53.53 -42.27
C ASN F 188 -22.44 52.99 -41.26
N ARG F 189 -22.28 51.73 -40.86
CA ARG F 189 -23.18 51.09 -39.90
C ARG F 189 -22.64 51.12 -38.48
N VAL F 190 -21.40 50.65 -38.29
CA VAL F 190 -20.84 50.48 -36.95
C VAL F 190 -20.60 51.82 -36.29
N LEU F 191 -19.98 52.75 -37.02
CA LEU F 191 -19.71 54.09 -36.51
C LEU F 191 -20.81 55.06 -36.97
N SER F 192 -22.04 54.70 -36.61
CA SER F 192 -23.20 55.50 -37.02
C SER F 192 -23.50 56.61 -36.02
N ASP F 193 -23.36 56.35 -34.73
CA ASP F 193 -23.54 57.40 -33.73
C ASP F 193 -22.47 58.49 -33.90
N ALA F 194 -21.23 58.08 -34.16
CA ALA F 194 -20.17 59.05 -34.43
C ALA F 194 -20.46 59.84 -35.69
N LEU F 195 -20.92 59.18 -36.75
CA LEU F 195 -21.24 59.87 -37.99
C LEU F 195 -22.44 60.78 -37.85
N LYS F 196 -23.32 60.53 -36.89
CA LYS F 196 -24.37 61.50 -36.58
C LYS F 196 -23.82 62.68 -35.79
N ARG F 197 -22.96 62.41 -34.80
CA ARG F 197 -22.34 63.50 -34.05
C ARG F 197 -21.40 64.32 -34.93
N TYR F 198 -20.63 63.65 -35.79
CA TYR F 198 -19.64 64.30 -36.65
C TYR F 198 -20.00 64.01 -38.10
N PRO F 199 -20.89 64.82 -38.69
CA PRO F 199 -21.41 64.49 -40.02
C PRO F 199 -20.43 64.70 -41.15
N ARG F 200 -19.20 65.11 -40.88
CA ARG F 200 -18.28 65.42 -41.96
C ARG F 200 -16.88 64.87 -41.71
N MET F 201 -16.77 63.69 -41.09
CA MET F 201 -15.50 63.00 -41.04
C MET F 201 -15.35 62.13 -42.27
N ASP F 202 -14.23 62.32 -42.99
CA ASP F 202 -13.99 61.64 -44.26
C ASP F 202 -13.41 60.27 -43.96
N ILE F 203 -14.31 59.30 -43.79
CA ILE F 203 -13.87 57.93 -43.48
C ILE F 203 -12.95 57.34 -44.54
N PRO F 204 -13.22 57.49 -45.85
CA PRO F 204 -12.25 56.95 -46.83
C PRO F 204 -10.84 57.49 -46.69
N LYS F 205 -10.69 58.80 -46.43
CA LYS F 205 -9.37 59.39 -46.35
C LYS F 205 -8.66 59.00 -45.06
N ILE F 206 -9.39 58.94 -43.95
CA ILE F 206 -8.80 58.48 -42.70
C ILE F 206 -8.40 57.01 -42.82
N ALA F 207 -9.22 56.20 -43.49
CA ALA F 207 -8.90 54.80 -43.68
C ALA F 207 -7.68 54.61 -44.57
N ARG F 208 -7.56 55.42 -45.62
CA ARG F 208 -6.36 55.37 -46.46
C ARG F 208 -5.13 55.80 -45.66
N SER F 209 -5.27 56.81 -44.81
CA SER F 209 -4.16 57.21 -43.94
C SER F 209 -3.73 56.07 -43.03
N PHE F 210 -4.69 55.36 -42.44
CA PHE F 210 -4.35 54.27 -41.55
C PHE F 210 -3.73 53.10 -42.30
N TYR F 211 -4.23 52.81 -43.50
CA TYR F 211 -3.60 51.78 -44.33
C TYR F 211 -2.17 52.14 -44.66
N ASP F 212 -1.93 53.39 -45.03
CA ASP F 212 -0.56 53.83 -45.28
C ASP F 212 0.30 53.61 -44.04
N LEU F 213 -0.13 54.14 -42.90
CA LEU F 213 0.66 54.02 -41.67
C LEU F 213 0.98 52.57 -41.36
N PHE F 214 0.02 51.67 -41.55
CA PHE F 214 0.29 50.26 -41.30
C PHE F 214 1.19 49.65 -42.37
N GLU F 215 1.31 50.29 -43.54
CA GLU F 215 2.28 49.81 -44.52
C GLU F 215 3.71 50.27 -44.20
N GLN F 216 3.94 51.58 -44.05
CA GLN F 216 5.32 52.01 -43.80
C GLN F 216 5.82 51.58 -42.42
N LYS F 217 5.05 51.83 -41.37
CA LYS F 217 5.51 51.57 -40.01
C LYS F 217 4.87 50.28 -39.50
N VAL F 218 5.52 49.15 -39.81
CA VAL F 218 5.00 47.85 -39.43
C VAL F 218 5.01 47.68 -37.92
N TYR F 219 6.03 48.23 -37.24
CA TYR F 219 6.08 48.12 -35.79
C TYR F 219 4.86 48.74 -35.13
N HIS F 220 4.27 49.77 -35.75
CA HIS F 220 3.06 50.37 -35.19
C HIS F 220 1.91 49.37 -35.13
N ARG F 221 1.87 48.41 -36.05
CA ARG F 221 0.92 47.32 -35.92
C ARG F 221 1.01 46.70 -34.54
N SER F 222 2.23 46.34 -34.12
CA SER F 222 2.45 45.83 -32.77
C SER F 222 1.88 46.79 -31.74
N LEU F 223 2.19 48.08 -31.88
CA LEU F 223 1.67 49.08 -30.96
C LEU F 223 0.15 49.02 -30.94
N PHE F 224 -0.46 49.02 -32.13
CA PHE F 224 -1.91 48.88 -32.22
C PHE F 224 -2.38 47.67 -31.43
N ILE F 225 -1.73 46.52 -31.65
CA ILE F 225 -2.16 45.31 -30.97
C ILE F 225 -2.06 45.49 -29.47
N GLU F 226 -0.96 46.09 -29.00
CA GLU F 226 -0.82 46.28 -27.56
C GLU F 226 -1.96 47.12 -27.02
N TYR F 227 -2.36 48.15 -27.75
CA TYR F 227 -3.49 48.96 -27.32
C TYR F 227 -4.71 48.08 -27.09
N GLY F 228 -5.03 47.24 -28.07
CA GLY F 228 -6.14 46.33 -27.89
C GLY F 228 -5.96 45.46 -26.67
N LYS F 229 -4.76 44.90 -26.50
CA LYS F 229 -4.49 44.10 -25.32
C LYS F 229 -4.63 44.94 -24.06
N ALA F 230 -4.12 46.17 -24.09
CA ALA F 230 -4.24 47.03 -22.93
C ALA F 230 -5.66 47.51 -22.73
N LEU F 231 -6.49 47.47 -23.77
CA LEU F 231 -7.81 48.04 -23.67
C LEU F 231 -8.85 47.02 -23.23
N GLY F 232 -8.68 45.77 -23.68
CA GLY F 232 -9.54 44.70 -23.23
C GLY F 232 -9.24 44.16 -21.85
N SER F 233 -8.14 44.58 -21.25
CA SER F 233 -7.79 44.20 -19.89
C SER F 233 -8.28 45.21 -18.86
N SER F 234 -8.89 46.30 -19.28
CA SER F 234 -9.34 47.32 -18.35
C SER F 234 -10.66 46.94 -17.71
N SER F 235 -10.81 47.30 -16.44
CA SER F 235 -12.04 47.01 -15.72
C SER F 235 -13.24 47.74 -16.33
N THR F 236 -13.06 49.00 -16.68
CA THR F 236 -14.11 49.82 -17.27
C THR F 236 -13.65 50.38 -18.61
N GLY F 237 -14.49 51.22 -19.18
CA GLY F 237 -14.19 51.85 -20.45
C GLY F 237 -15.42 52.53 -20.98
N SER F 238 -15.25 53.18 -22.13
CA SER F 238 -16.38 53.81 -22.80
C SER F 238 -17.01 52.83 -23.78
N LYS F 239 -18.12 53.26 -24.38
CA LYS F 239 -18.75 52.46 -25.43
C LYS F 239 -17.85 52.38 -26.65
N ALA F 240 -17.19 53.48 -27.00
CA ALA F 240 -16.28 53.48 -28.14
C ALA F 240 -15.12 52.53 -27.93
N GLU F 241 -14.65 52.39 -26.69
CA GLU F 241 -13.56 51.46 -26.42
C GLU F 241 -14.01 50.02 -26.55
N SER F 242 -15.24 49.72 -26.12
CA SER F 242 -15.80 48.40 -26.34
C SER F 242 -15.95 48.11 -27.82
N LEU F 243 -16.34 49.12 -28.60
CA LEU F 243 -16.40 48.94 -30.06
C LEU F 243 -15.03 48.68 -30.64
N PHE F 244 -14.01 49.41 -30.18
CA PHE F 244 -12.66 49.19 -30.67
C PHE F 244 -12.22 47.76 -30.39
N VAL F 245 -12.46 47.28 -29.17
CA VAL F 245 -12.05 45.92 -28.84
C VAL F 245 -12.85 44.90 -29.65
N ASN F 246 -14.12 45.19 -29.95
CA ASN F 246 -14.92 44.27 -30.76
C ASN F 246 -14.35 44.13 -32.17
N ILE F 247 -14.02 45.27 -32.81
CA ILE F 247 -13.41 45.20 -34.13
C ILE F 247 -12.03 44.55 -34.05
N PHE F 248 -11.29 44.81 -32.99
CA PHE F 248 -9.95 44.26 -32.84
C PHE F 248 -9.98 42.73 -32.72
N MET F 249 -10.98 42.20 -32.00
CA MET F 249 -11.20 40.75 -32.02
C MET F 249 -11.70 40.26 -33.37
N GLN F 250 -12.51 41.06 -34.07
CA GLN F 250 -12.91 40.65 -35.41
C GLN F 250 -11.72 40.56 -36.36
N ALA F 251 -10.60 41.21 -36.02
CA ALA F 251 -9.40 41.12 -36.81
C ALA F 251 -8.55 39.89 -36.51
N TYR F 252 -8.97 39.05 -35.57
CA TYR F 252 -8.07 38.05 -34.99
C TYR F 252 -7.49 37.08 -36.00
N GLY F 253 -8.31 36.20 -36.56
CA GLY F 253 -7.75 35.14 -37.39
C GLY F 253 -7.44 35.57 -38.81
N ALA F 254 -7.09 36.84 -38.99
CA ALA F 254 -6.91 37.40 -40.32
C ALA F 254 -5.72 36.77 -41.02
N GLY F 255 -5.91 36.42 -42.29
CA GLY F 255 -4.89 35.74 -43.06
C GLY F 255 -4.90 34.23 -42.91
N GLN F 256 -5.83 33.67 -42.13
CA GLN F 256 -5.92 32.24 -41.90
C GLN F 256 -7.35 31.76 -41.99
N THR F 257 -8.11 32.25 -42.99
CA THR F 257 -9.51 31.86 -43.09
C THR F 257 -9.68 30.43 -43.55
N MET F 258 -8.67 29.82 -44.18
CA MET F 258 -8.81 28.43 -44.59
C MET F 258 -8.80 27.49 -43.40
N LEU F 259 -8.08 27.83 -42.33
CA LEU F 259 -8.13 27.01 -41.13
C LEU F 259 -9.51 27.03 -40.49
N ARG F 260 -10.10 28.22 -40.39
CA ARG F 260 -11.45 28.35 -39.86
C ARG F 260 -12.46 27.64 -40.74
N TRP F 261 -12.31 27.78 -42.06
CA TRP F 261 -13.24 27.14 -42.97
C TRP F 261 -13.06 25.63 -43.01
N GLY F 262 -11.86 25.14 -42.72
CA GLY F 262 -11.67 23.70 -42.60
C GLY F 262 -12.28 23.15 -41.32
N VAL F 263 -12.20 23.91 -40.24
CA VAL F 263 -12.92 23.53 -39.03
C VAL F 263 -14.42 23.51 -39.30
N ILE F 264 -14.90 24.46 -40.11
CA ILE F 264 -16.31 24.46 -40.50
C ILE F 264 -16.64 23.21 -41.32
N ALA F 265 -15.80 22.89 -42.29
CA ALA F 265 -16.05 21.73 -43.14
C ALA F 265 -16.02 20.43 -42.35
N ARG F 266 -15.24 20.38 -41.28
CA ARG F 266 -15.32 19.23 -40.37
C ARG F 266 -16.64 19.26 -39.58
N SER F 267 -17.03 20.43 -39.08
CA SER F 267 -18.30 20.56 -38.38
C SER F 267 -19.49 20.40 -39.32
N SER F 268 -19.30 20.60 -40.62
CA SER F 268 -20.36 20.41 -41.59
C SER F 268 -20.50 18.96 -42.04
N ASN F 269 -19.58 18.09 -41.63
CA ASN F 269 -19.63 16.67 -41.96
C ASN F 269 -19.70 16.44 -43.47
N ASN F 270 -18.93 17.23 -44.22
CA ASN F 270 -18.84 17.04 -45.66
C ASN F 270 -18.29 15.66 -45.96
N ILE F 271 -19.07 14.84 -46.67
CA ILE F 271 -18.64 13.47 -46.94
C ILE F 271 -17.42 13.44 -47.84
N MET F 272 -17.19 14.48 -48.64
CA MET F 272 -16.05 14.46 -49.54
C MET F 272 -14.73 14.63 -48.80
N LEU F 273 -14.76 14.96 -47.51
CA LEU F 273 -13.57 14.87 -46.68
C LEU F 273 -13.06 13.43 -46.63
N GLY F 274 -13.95 12.46 -46.79
CA GLY F 274 -13.60 11.05 -46.81
C GLY F 274 -13.07 10.54 -48.12
N HIS F 275 -13.03 11.37 -49.15
CA HIS F 275 -12.41 10.97 -50.41
C HIS F 275 -10.94 10.66 -50.18
N VAL F 276 -10.45 9.61 -50.83
CA VAL F 276 -9.12 9.10 -50.52
C VAL F 276 -8.04 10.15 -50.75
N SER F 277 -8.23 11.04 -51.73
CA SER F 277 -7.24 12.07 -52.00
C SER F 277 -7.09 13.02 -50.81
N VAL F 278 -8.19 13.38 -50.17
CA VAL F 278 -8.12 14.19 -48.96
C VAL F 278 -7.58 13.36 -47.80
N GLN F 279 -8.01 12.10 -47.70
CA GLN F 279 -7.55 11.21 -46.64
C GLN F 279 -6.04 11.07 -46.64
N ALA F 280 -5.40 11.15 -47.82
CA ALA F 280 -3.95 11.13 -47.89
C ALA F 280 -3.31 12.39 -47.34
N GLU F 281 -4.09 13.43 -47.04
CA GLU F 281 -3.57 14.70 -46.59
C GLU F 281 -4.01 15.09 -45.19
N LEU F 282 -4.99 14.39 -44.62
CA LEU F 282 -5.42 14.74 -43.26
C LEU F 282 -4.28 14.69 -42.25
N LYS F 283 -3.25 13.90 -42.48
CA LYS F 283 -2.13 13.87 -41.55
C LYS F 283 -1.39 15.21 -41.52
N GLN F 284 -1.10 15.79 -42.69
CA GLN F 284 -0.45 17.10 -42.70
C GLN F 284 -1.40 18.21 -42.30
N VAL F 285 -2.70 18.05 -42.59
CA VAL F 285 -3.69 19.00 -42.09
C VAL F 285 -3.66 19.03 -40.56
N THR F 286 -3.66 17.85 -39.96
CA THR F 286 -3.57 17.74 -38.50
C THR F 286 -2.26 18.32 -37.99
N GLU F 287 -1.17 18.18 -38.75
CA GLU F 287 0.07 18.82 -38.34
C GLU F 287 -0.05 20.34 -38.35
N VAL F 288 -0.74 20.90 -39.33
CA VAL F 288 -0.93 22.34 -39.35
C VAL F 288 -1.74 22.80 -38.13
N TYR F 289 -2.80 22.09 -37.80
CA TYR F 289 -3.59 22.47 -36.63
C TYR F 289 -2.82 22.24 -35.33
N ASP F 290 -1.97 21.20 -35.28
CA ASP F 290 -1.08 21.01 -34.16
C ASP F 290 -0.11 22.17 -34.01
N LEU F 291 0.37 22.69 -35.14
CA LEU F 291 1.23 23.87 -35.10
C LEU F 291 0.48 25.07 -34.53
N VAL F 292 -0.78 25.24 -34.91
CA VAL F 292 -1.59 26.30 -34.33
C VAL F 292 -1.68 26.14 -32.82
N ARG F 293 -1.93 24.91 -32.36
CA ARG F 293 -2.01 24.65 -30.92
C ARG F 293 -0.69 24.92 -30.22
N GLU F 294 0.42 24.57 -30.88
CA GLU F 294 1.75 24.80 -30.31
C GLU F 294 2.05 26.29 -30.19
N MET F 295 1.74 27.06 -31.23
CA MET F 295 1.95 28.50 -31.19
C MET F 295 1.09 29.15 -30.13
N GLY F 296 -0.16 28.73 -30.01
CA GLY F 296 -1.02 29.24 -28.97
C GLY F 296 -1.78 30.48 -29.37
N PRO F 297 -2.16 31.30 -28.39
CA PRO F 297 -3.01 32.47 -28.67
C PRO F 297 -2.37 33.49 -29.59
N GLU F 298 -1.04 33.53 -29.69
CA GLU F 298 -0.37 34.47 -30.57
C GLU F 298 -0.38 34.04 -32.03
N SER F 299 -0.87 32.84 -32.33
CA SER F 299 -0.89 32.38 -33.71
C SER F 299 -1.88 33.16 -34.56
N GLY F 300 -2.94 33.68 -33.96
CA GLY F 300 -3.92 34.45 -34.70
C GLY F 300 -3.42 35.80 -35.17
N LEU F 301 -2.44 36.37 -34.47
CA LEU F 301 -1.90 37.68 -34.81
C LEU F 301 -0.71 37.61 -35.75
N LEU F 302 -0.38 36.42 -36.26
CA LEU F 302 0.83 36.25 -37.03
C LEU F 302 0.79 37.07 -38.32
N HIS F 303 -0.34 37.06 -39.02
CA HIS F 303 -0.46 37.83 -40.25
C HIS F 303 -0.70 39.31 -39.98
N LEU F 304 -1.41 39.63 -38.90
CA LEU F 304 -1.59 41.04 -38.54
C LEU F 304 -0.25 41.68 -38.18
N ARG F 305 0.58 40.97 -37.42
CA ARG F 305 1.91 41.45 -37.10
C ARG F 305 2.84 41.39 -38.30
N GLN F 306 2.44 40.68 -39.36
CA GLN F 306 3.29 40.44 -40.52
C GLN F 306 4.56 39.69 -40.10
N SER F 307 4.35 38.65 -39.30
CA SER F 307 5.48 37.82 -38.85
C SER F 307 6.02 37.00 -40.01
N PRO F 308 7.34 36.94 -40.17
CA PRO F 308 7.89 36.02 -41.18
C PRO F 308 7.53 34.57 -40.90
N LYS F 309 7.30 34.24 -39.63
CA LYS F 309 6.89 32.89 -39.25
C LYS F 309 5.55 32.51 -39.86
N ALA F 310 4.70 33.49 -40.15
CA ALA F 310 3.44 33.21 -40.84
C ALA F 310 3.72 32.62 -42.22
N GLY F 311 2.90 31.67 -42.61
CA GLY F 311 3.15 30.85 -43.78
C GLY F 311 3.49 29.42 -43.44
N LEU F 312 3.97 29.18 -42.21
CA LEU F 312 3.95 27.83 -41.65
C LEU F 312 2.53 27.35 -41.40
N LEU F 313 1.60 28.27 -41.21
CA LEU F 313 0.19 27.96 -41.02
C LEU F 313 -0.57 27.81 -42.32
N SER F 314 0.13 27.64 -43.44
CA SER F 314 -0.49 27.54 -44.75
C SER F 314 -0.88 26.10 -45.04
N LEU F 315 -2.10 25.91 -45.52
CA LEU F 315 -2.60 24.63 -46.02
C LEU F 315 -2.48 24.50 -47.52
N ALA F 316 -1.57 25.25 -48.14
CA ALA F 316 -1.48 25.28 -49.59
C ALA F 316 -0.82 24.05 -50.18
N ASN F 317 -0.16 23.23 -49.36
CA ASN F 317 0.44 21.99 -49.83
C ASN F 317 -0.51 20.81 -49.75
N CYS F 318 -1.77 21.04 -49.34
CA CYS F 318 -2.81 20.03 -49.32
C CYS F 318 -3.91 20.50 -50.28
N PRO F 319 -3.68 20.40 -51.58
CA PRO F 319 -4.63 21.00 -52.54
C PRO F 319 -6.02 20.37 -52.52
N ASN F 320 -6.12 19.06 -52.27
CA ASN F 320 -7.43 18.42 -52.29
C ASN F 320 -8.25 18.77 -51.06
N PHE F 321 -7.61 18.83 -49.89
CA PHE F 321 -8.30 19.30 -48.70
C PHE F 321 -8.74 20.75 -48.87
N ALA F 322 -7.88 21.58 -49.47
CA ALA F 322 -8.25 22.98 -49.71
C ALA F 322 -9.44 23.07 -50.66
N SER F 323 -9.45 22.25 -51.71
CA SER F 323 -10.57 22.24 -52.65
C SER F 323 -11.86 21.82 -51.96
N VAL F 324 -11.79 20.78 -51.12
CA VAL F 324 -12.99 20.31 -50.43
C VAL F 324 -13.48 21.35 -49.44
N VAL F 325 -12.56 22.02 -48.75
CA VAL F 325 -12.95 23.05 -47.79
C VAL F 325 -13.61 24.23 -48.51
N LEU F 326 -13.02 24.67 -49.62
CA LEU F 326 -13.62 25.77 -50.38
C LEU F 326 -14.97 25.36 -50.96
N GLY F 327 -15.11 24.12 -51.42
CA GLY F 327 -16.39 23.67 -51.93
C GLY F 327 -17.45 23.59 -50.85
N ASN F 328 -17.09 23.10 -49.67
CA ASN F 328 -18.04 23.08 -48.56
C ASN F 328 -18.46 24.49 -48.17
N ALA F 329 -17.50 25.42 -48.15
CA ALA F 329 -17.84 26.81 -47.83
C ALA F 329 -18.74 27.42 -48.90
N SER F 330 -18.50 27.08 -50.17
CA SER F 330 -19.31 27.62 -51.25
C SER F 330 -20.73 27.06 -51.22
N GLY F 331 -20.87 25.78 -50.88
CA GLY F 331 -22.20 25.19 -50.80
C GLY F 331 -23.03 25.81 -49.71
N LEU F 332 -22.44 26.02 -48.53
CA LEU F 332 -23.12 26.71 -47.45
C LEU F 332 -23.38 28.18 -47.76
N GLY F 333 -22.76 28.73 -48.79
CA GLY F 333 -22.95 30.11 -49.16
C GLY F 333 -22.10 31.10 -48.40
N ILE F 334 -21.10 30.65 -47.65
CA ILE F 334 -20.25 31.55 -46.87
C ILE F 334 -18.96 31.89 -47.60
N ILE F 335 -18.74 31.33 -48.79
CA ILE F 335 -17.48 31.62 -49.48
C ILE F 335 -17.42 33.07 -49.90
N GLY F 336 -18.56 33.69 -50.17
CA GLY F 336 -18.57 35.09 -50.58
C GLY F 336 -17.76 35.30 -51.84
N MET F 337 -16.92 36.33 -51.82
CA MET F 337 -16.02 36.65 -52.92
C MET F 337 -14.57 36.31 -52.58
N TYR F 338 -14.37 35.31 -51.72
CA TYR F 338 -13.04 34.83 -51.39
C TYR F 338 -12.32 34.39 -52.66
N ARG F 339 -11.07 34.83 -52.82
CA ARG F 339 -10.33 34.62 -54.05
C ARG F 339 -9.28 33.51 -53.94
N GLY F 340 -9.35 32.68 -52.90
CA GLY F 340 -8.42 31.56 -52.82
C GLY F 340 -8.58 30.64 -54.01
N ARG F 341 -7.45 30.05 -54.43
CA ARG F 341 -7.45 29.22 -55.62
C ARG F 341 -7.92 27.82 -55.29
N VAL F 342 -8.68 27.23 -56.21
CA VAL F 342 -9.20 25.88 -56.02
C VAL F 342 -8.43 24.95 -56.95
N PRO F 343 -7.49 24.17 -56.43
CA PRO F 343 -6.68 23.30 -57.31
C PRO F 343 -7.50 22.20 -57.95
N ASN F 344 -8.24 21.45 -57.14
CA ASN F 344 -9.06 20.35 -57.62
C ASN F 344 -10.47 20.86 -57.87
N THR F 345 -10.85 20.97 -59.14
CA THR F 345 -12.17 21.46 -59.49
C THR F 345 -13.25 20.40 -59.23
N GLU F 346 -12.95 19.13 -59.51
CA GLU F 346 -13.95 18.08 -59.33
C GLU F 346 -14.31 17.90 -57.86
N LEU F 347 -13.29 17.90 -56.98
CA LEU F 347 -13.57 17.81 -55.55
C LEU F 347 -14.35 19.04 -55.08
N PHE F 348 -14.00 20.22 -55.61
CA PHE F 348 -14.76 21.42 -55.29
C PHE F 348 -16.23 21.26 -55.65
N SER F 349 -16.49 20.78 -56.87
CA SER F 349 -17.87 20.64 -57.33
C SER F 349 -18.64 19.63 -56.49
N ALA F 350 -18.02 18.48 -56.21
CA ALA F 350 -18.71 17.47 -55.42
C ALA F 350 -18.96 17.94 -53.99
N ALA F 351 -17.96 18.59 -53.38
CA ALA F 351 -18.13 19.12 -52.03
C ALA F 351 -19.22 20.18 -51.99
N GLU F 352 -19.26 21.06 -53.00
CA GLU F 352 -20.26 22.11 -53.04
C GLU F 352 -21.66 21.53 -53.21
N SER F 353 -21.79 20.51 -54.07
CA SER F 353 -23.08 19.86 -54.23
C SER F 353 -23.55 19.22 -52.94
N TYR F 354 -22.64 18.52 -52.24
CA TYR F 354 -23.06 17.90 -50.98
C TYR F 354 -23.41 18.94 -49.94
N ALA F 355 -22.66 20.04 -49.86
CA ALA F 355 -22.94 21.05 -48.85
C ALA F 355 -24.24 21.76 -49.13
N LYS F 356 -24.54 22.03 -50.41
CA LYS F 356 -25.83 22.61 -50.76
C LYS F 356 -26.97 21.65 -50.40
N SER F 357 -26.80 20.36 -50.71
CA SER F 357 -27.83 19.39 -50.36
C SER F 357 -28.05 19.32 -48.86
N LEU F 358 -26.97 19.38 -48.09
CA LEU F 358 -27.08 19.34 -46.63
C LEU F 358 -27.75 20.60 -46.10
N LYS F 359 -27.41 21.76 -46.64
CA LYS F 359 -27.99 23.01 -46.14
C LYS F 359 -29.47 23.10 -46.46
N GLU F 360 -29.87 22.66 -47.66
CA GLU F 360 -31.27 22.75 -48.04
C GLU F 360 -32.15 21.88 -47.15
N ASP G 10 -10.59 29.22 -31.05
CA ASP G 10 -10.23 30.63 -31.19
C ASP G 10 -10.77 31.49 -30.05
N LEU G 11 -11.94 31.16 -29.51
CA LEU G 11 -12.53 32.01 -28.48
C LEU G 11 -11.79 31.88 -27.16
N SER G 12 -11.38 30.67 -26.80
CA SER G 12 -10.53 30.49 -25.63
C SER G 12 -9.21 31.23 -25.80
N TYR G 13 -8.68 31.23 -27.02
CA TYR G 13 -7.44 31.94 -27.28
C TYR G 13 -7.61 33.44 -27.13
N LYS G 14 -8.73 33.98 -27.62
CA LYS G 14 -9.01 35.40 -27.43
C LYS G 14 -9.18 35.74 -25.95
N HIS G 15 -9.86 34.87 -25.20
CA HIS G 15 -10.02 35.13 -23.77
C HIS G 15 -8.67 35.09 -23.05
N ALA G 16 -7.81 34.14 -23.42
CA ALA G 16 -6.48 34.07 -22.82
C ALA G 16 -5.63 35.26 -23.22
N ILE G 17 -5.86 35.80 -24.42
CA ILE G 17 -5.16 37.02 -24.82
C ILE G 17 -5.58 38.19 -23.94
N LEU G 18 -6.88 38.40 -23.78
CA LEU G 18 -7.37 39.56 -23.04
C LEU G 18 -7.10 39.43 -21.55
N LYS G 19 -7.25 38.22 -20.99
CA LYS G 19 -7.15 38.04 -19.56
C LYS G 19 -5.70 38.12 -19.08
N GLU G 20 -4.79 37.46 -19.79
CA GLU G 20 -3.40 37.36 -19.36
C GLU G 20 -2.61 38.57 -19.85
N SER G 21 -2.88 39.72 -19.23
CA SER G 21 -2.20 40.97 -19.54
C SER G 21 -1.41 41.42 -18.32
N GLN G 22 -0.13 41.75 -18.53
CA GLN G 22 0.74 42.17 -17.43
C GLN G 22 0.64 43.66 -17.13
N TYR G 23 -0.09 44.42 -17.93
CA TYR G 23 -0.16 45.87 -17.78
C TYR G 23 -1.60 46.28 -17.49
N THR G 24 -1.79 47.04 -16.41
CA THR G 24 -3.08 47.62 -16.09
C THR G 24 -3.25 48.95 -16.82
N ILE G 25 -4.50 49.38 -16.93
CA ILE G 25 -4.85 50.63 -17.60
C ILE G 25 -5.22 51.65 -16.55
N LYS G 26 -4.74 52.89 -16.74
CA LYS G 26 -4.98 53.98 -15.82
C LYS G 26 -5.94 54.98 -16.46
N ARG G 27 -7.00 55.32 -15.74
CA ARG G 27 -7.99 56.27 -16.23
C ARG G 27 -8.45 57.14 -15.08
N ASP G 28 -9.03 58.29 -15.43
CA ASP G 28 -9.56 59.24 -14.45
C ASP G 28 -8.48 59.73 -13.50
N VAL G 29 -7.27 59.93 -14.02
CA VAL G 29 -6.14 60.22 -13.15
C VAL G 29 -6.31 61.54 -12.42
N GLY G 30 -6.77 62.57 -13.10
CA GLY G 30 -6.87 63.89 -12.50
C GLY G 30 -8.19 64.19 -11.82
N THR G 31 -9.10 63.22 -11.75
CA THR G 31 -10.46 63.47 -11.31
C THR G 31 -10.62 63.16 -9.83
N THR G 32 -11.75 63.60 -9.28
CA THR G 32 -12.11 63.36 -7.89
C THR G 32 -13.56 62.95 -7.80
N THR G 33 -13.91 62.26 -6.71
CA THR G 33 -15.27 61.86 -6.44
C THR G 33 -15.52 61.99 -4.94
N ALA G 34 -16.80 62.02 -4.57
CA ALA G 34 -17.19 62.28 -3.19
C ALA G 34 -17.59 60.99 -2.49
N VAL G 35 -17.21 60.89 -1.21
CA VAL G 35 -17.72 59.85 -0.31
C VAL G 35 -18.07 60.51 1.01
N THR G 36 -18.83 59.77 1.81
CA THR G 36 -19.24 60.22 3.12
C THR G 36 -18.78 59.23 4.19
N PRO G 37 -18.12 59.68 5.24
CA PRO G 37 -17.71 58.74 6.29
C PRO G 37 -18.89 58.08 6.95
N SER G 38 -18.71 56.81 7.34
CA SER G 38 -19.82 56.02 7.85
C SER G 38 -20.47 56.67 9.07
N SER G 39 -19.70 57.44 9.83
CA SER G 39 -20.22 58.10 11.03
C SER G 39 -21.30 59.13 10.71
N LEU G 40 -21.46 59.51 9.43
CA LEU G 40 -22.50 60.42 9.02
C LEU G 40 -23.70 59.71 8.42
N GLN G 41 -23.82 58.40 8.63
CA GLN G 41 -24.91 57.63 8.04
C GLN G 41 -26.26 58.24 8.38
N GLN G 42 -26.49 58.51 9.67
CA GLN G 42 -27.73 59.17 10.07
C GLN G 42 -27.96 60.43 9.25
N GLU G 43 -26.94 61.29 9.17
CA GLU G 43 -27.10 62.54 8.44
C GLU G 43 -27.39 62.32 6.97
N ILE G 44 -26.85 61.24 6.38
CA ILE G 44 -27.18 61.01 4.98
C ILE G 44 -28.57 60.39 4.88
N THR G 45 -28.96 59.57 5.86
CA THR G 45 -30.27 58.93 5.82
C THR G 45 -31.36 59.97 5.71
N LEU G 46 -31.30 60.99 6.57
CA LEU G 46 -32.27 62.09 6.50
C LEU G 46 -32.33 62.66 5.09
N LEU G 47 -31.19 62.93 4.47
CA LEU G 47 -31.21 63.50 3.13
C LEU G 47 -31.84 62.52 2.15
N CYS G 48 -31.50 61.24 2.26
CA CYS G 48 -32.10 60.25 1.37
C CYS G 48 -33.59 60.15 1.57
N GLY G 49 -34.11 60.64 2.69
CA GLY G 49 -35.54 60.65 2.93
C GLY G 49 -36.19 61.96 2.55
N GLU G 50 -35.40 63.01 2.36
CA GLU G 50 -35.95 64.31 2.03
C GLU G 50 -36.11 64.51 0.53
N ILE G 51 -35.41 63.71 -0.28
CA ILE G 51 -35.71 63.65 -1.70
C ILE G 51 -36.99 62.87 -1.95
N LEU G 52 -37.47 62.13 -0.94
CA LEU G 52 -38.58 61.22 -1.12
C LEU G 52 -39.94 61.83 -0.82
N TYR G 53 -40.07 62.71 0.17
CA TYR G 53 -41.41 63.07 0.62
C TYR G 53 -41.78 64.49 0.21
N ALA G 54 -41.06 65.09 -0.71
CA ALA G 54 -41.42 66.39 -1.24
C ALA G 54 -41.28 66.37 -2.76
N LYS G 55 -41.96 67.32 -3.40
CA LYS G 55 -41.92 67.45 -4.86
C LYS G 55 -40.90 68.52 -5.20
N HIS G 56 -39.80 68.11 -5.81
CA HIS G 56 -38.66 68.98 -6.04
C HIS G 56 -38.58 69.36 -7.52
N ALA G 57 -38.18 70.60 -7.78
CA ALA G 57 -38.00 71.02 -9.16
C ALA G 57 -36.82 70.32 -9.81
N ASP G 58 -35.81 69.94 -9.02
CA ASP G 58 -34.58 69.37 -9.56
C ASP G 58 -34.20 68.13 -8.76
N TYR G 59 -33.95 67.03 -9.46
CA TYR G 59 -33.55 65.76 -8.88
C TYR G 59 -32.20 65.31 -9.41
N LYS G 60 -31.30 66.27 -9.66
CA LYS G 60 -30.07 65.98 -10.37
C LYS G 60 -29.18 65.03 -9.57
N TYR G 61 -29.03 65.26 -8.26
CA TYR G 61 -28.03 64.58 -7.46
C TYR G 61 -28.59 63.49 -6.55
N ALA G 62 -29.82 63.02 -6.83
CA ALA G 62 -30.38 61.97 -5.98
C ALA G 62 -29.56 60.70 -6.03
N ALA G 63 -29.08 60.33 -7.22
CA ALA G 63 -28.24 59.15 -7.34
C ALA G 63 -26.92 59.33 -6.59
N GLU G 64 -26.39 60.56 -6.59
CA GLU G 64 -25.20 60.83 -5.80
C GLU G 64 -25.46 60.63 -4.31
N ILE G 65 -26.63 61.03 -3.83
CA ILE G 65 -26.95 60.83 -2.42
C ILE G 65 -27.09 59.35 -2.10
N GLY G 66 -27.65 58.58 -3.03
CA GLY G 66 -27.68 57.13 -2.85
C GLY G 66 -26.29 56.52 -2.78
N ILE G 67 -25.39 56.99 -3.65
CA ILE G 67 -24.00 56.54 -3.59
C ILE G 67 -23.34 56.96 -2.29
N GLN G 68 -23.68 58.14 -1.77
CA GLN G 68 -23.17 58.56 -0.48
C GLN G 68 -23.62 57.63 0.62
N TYR G 69 -24.87 57.19 0.58
CA TYR G 69 -25.32 56.20 1.55
C TYR G 69 -24.57 54.88 1.39
N ILE G 70 -24.33 54.46 0.15
CA ILE G 70 -23.54 53.25 -0.08
C ILE G 70 -22.15 53.40 0.53
N SER G 71 -21.57 54.60 0.39
CA SER G 71 -20.26 54.88 0.98
C SER G 71 -20.29 54.78 2.50
N THR G 72 -21.34 55.33 3.12
CA THR G 72 -21.46 55.21 4.57
C THR G 72 -21.66 53.76 5.00
N ALA G 73 -22.37 52.98 4.20
CA ALA G 73 -22.60 51.58 4.56
C ALA G 73 -21.35 50.74 4.38
N LEU G 74 -20.48 51.09 3.42
CA LEU G 74 -19.27 50.32 3.18
C LEU G 74 -18.06 50.91 3.90
N GLY G 75 -17.96 52.22 3.97
CA GLY G 75 -16.81 52.88 4.57
C GLY G 75 -16.03 53.64 3.51
N SER G 76 -15.57 54.84 3.88
CA SER G 76 -14.93 55.72 2.91
C SER G 76 -13.63 55.11 2.38
N GLU G 77 -12.81 54.56 3.27
CA GLU G 77 -11.55 53.96 2.83
C GLU G 77 -11.80 52.68 2.02
N ARG G 78 -12.81 51.90 2.41
CA ARG G 78 -13.13 50.70 1.66
C ARG G 78 -13.72 51.04 0.31
N VAL G 79 -14.47 52.14 0.23
CA VAL G 79 -15.00 52.61 -1.05
C VAL G 79 -13.88 53.11 -1.95
N GLN G 80 -12.88 53.79 -1.37
CA GLN G 80 -11.71 54.18 -2.15
C GLN G 80 -10.99 52.96 -2.70
N GLN G 81 -10.86 51.92 -1.88
CA GLN G 81 -10.26 50.68 -2.35
C GLN G 81 -11.07 50.04 -3.48
N ILE G 82 -12.41 50.08 -3.35
CA ILE G 82 -13.27 49.51 -4.39
C ILE G 82 -13.07 50.27 -5.70
N LEU G 83 -13.08 51.61 -5.64
CA LEU G 83 -12.95 52.39 -6.86
C LEU G 83 -11.55 52.23 -7.47
N ARG G 84 -10.54 52.01 -6.65
CA ARG G 84 -9.21 51.71 -7.18
C ARG G 84 -9.20 50.35 -7.88
N ASN G 85 -9.82 49.34 -7.27
CA ASN G 85 -9.83 48.01 -7.86
C ASN G 85 -10.70 47.92 -9.10
N SER G 86 -11.66 48.83 -9.26
CA SER G 86 -12.42 48.86 -10.52
C SER G 86 -11.57 49.33 -11.68
N GLY G 87 -10.38 49.86 -11.42
CA GLY G 87 -9.50 50.35 -12.46
C GLY G 87 -9.55 51.83 -12.69
N SER G 88 -9.92 52.62 -11.69
CA SER G 88 -10.05 54.06 -11.82
C SER G 88 -9.14 54.77 -10.83
N GLU G 89 -8.56 55.89 -11.24
CA GLU G 89 -7.70 56.69 -10.40
C GLU G 89 -8.42 57.87 -9.77
N VAL G 90 -9.75 57.77 -9.63
CA VAL G 90 -10.52 58.85 -9.04
C VAL G 90 -10.09 59.05 -7.60
N GLN G 91 -9.88 60.31 -7.22
CA GLN G 91 -9.46 60.65 -5.88
C GLN G 91 -10.68 60.93 -5.02
N VAL G 92 -10.96 60.01 -4.11
CA VAL G 92 -12.04 60.16 -3.14
C VAL G 92 -11.89 61.46 -2.36
N VAL G 93 -13.00 62.18 -2.20
CA VAL G 93 -13.10 63.36 -1.37
C VAL G 93 -14.13 63.07 -0.29
N LEU G 94 -13.95 63.67 0.89
CA LEU G 94 -14.71 63.30 2.07
C LEU G 94 -15.78 64.34 2.38
N THR G 95 -16.99 63.88 2.66
CA THR G 95 -18.11 64.76 2.98
C THR G 95 -17.87 65.46 4.32
N ARG G 96 -18.19 66.75 4.37
CA ARG G 96 -17.94 67.57 5.55
C ARG G 96 -19.24 68.18 6.05
N THR G 97 -19.53 68.04 7.34
CA THR G 97 -20.68 68.71 7.91
C THR G 97 -20.35 70.17 8.18
N TYR G 98 -21.23 71.06 7.73
CA TYR G 98 -21.05 72.49 7.93
C TYR G 98 -22.30 73.07 8.56
N SER G 99 -22.11 74.08 9.41
CA SER G 99 -23.24 74.79 10.00
C SER G 99 -23.89 75.67 8.94
N LEU G 100 -25.23 75.66 8.91
CA LEU G 100 -25.95 76.47 7.92
C LEU G 100 -25.67 77.96 8.15
N GLY G 101 -25.64 78.38 9.39
CA GLY G 101 -25.42 79.77 9.72
C GLY G 101 -26.07 80.09 11.07
N LYS G 102 -26.79 81.21 11.10
CA LYS G 102 -27.50 81.62 12.31
C LYS G 102 -28.65 80.68 12.65
N ILE G 103 -29.09 79.88 11.68
CA ILE G 103 -30.23 78.98 11.91
C ILE G 103 -29.86 77.92 12.94
N LYS G 104 -30.79 77.63 13.85
CA LYS G 104 -30.58 76.66 14.91
C LYS G 104 -31.70 75.63 14.89
N ASN G 105 -31.39 74.43 15.37
CA ASN G 105 -32.35 73.33 15.35
C ASN G 105 -33.15 73.31 16.66
N ASN G 106 -33.93 72.24 16.85
CA ASN G 106 -34.76 72.13 18.05
C ASN G 106 -33.92 71.92 19.30
N LYS G 107 -32.74 71.30 19.17
CA LYS G 107 -31.91 70.97 20.32
C LYS G 107 -31.12 72.16 20.83
N GLY G 108 -31.18 73.31 20.17
CA GLY G 108 -30.41 74.47 20.58
C GLY G 108 -29.01 74.53 20.02
N GLU G 109 -28.64 73.62 19.13
CA GLU G 109 -27.35 73.63 18.48
C GLU G 109 -27.47 74.17 17.06
N ASP G 110 -26.32 74.46 16.45
CA ASP G 110 -26.30 74.89 15.07
C ASP G 110 -26.73 73.75 14.16
N LEU G 111 -27.58 74.06 13.18
CA LEU G 111 -28.08 73.06 12.26
C LEU G 111 -26.95 72.63 11.32
N GLN G 112 -26.48 71.40 11.47
CA GLN G 112 -25.38 70.88 10.68
C GLN G 112 -25.94 70.17 9.44
N MET G 113 -25.45 70.55 8.27
CA MET G 113 -25.86 69.93 7.03
C MET G 113 -24.66 69.38 6.28
N LEU G 114 -24.93 68.38 5.43
CA LEU G 114 -23.87 67.71 4.70
C LEU G 114 -23.34 68.59 3.58
N ASP G 115 -22.04 68.48 3.34
CA ASP G 115 -21.35 69.14 2.24
C ASP G 115 -20.67 68.04 1.45
N ILE G 116 -21.24 67.73 0.29
CA ILE G 116 -20.79 66.64 -0.56
C ILE G 116 -20.02 67.25 -1.73
N HIS G 117 -18.91 66.61 -2.10
CA HIS G 117 -18.10 67.11 -3.20
C HIS G 117 -18.83 66.92 -4.52
N GLY G 118 -18.80 67.94 -5.36
CA GLY G 118 -19.46 67.89 -6.65
C GLY G 118 -20.93 68.21 -6.62
N VAL G 119 -21.54 68.27 -5.44
CA VAL G 119 -22.94 68.64 -5.28
C VAL G 119 -22.97 70.07 -4.77
N GLU G 120 -23.57 70.97 -5.53
CA GLU G 120 -23.72 72.34 -5.06
C GLU G 120 -24.47 72.35 -3.74
N LYS G 121 -23.99 73.15 -2.79
CA LYS G 121 -24.67 73.24 -1.51
C LYS G 121 -26.07 73.82 -1.69
N SER G 122 -26.28 74.64 -2.71
CA SER G 122 -27.59 75.24 -2.94
C SER G 122 -28.64 74.15 -3.23
N TRP G 123 -28.25 73.10 -3.95
CA TRP G 123 -29.16 71.99 -4.19
C TRP G 123 -29.57 71.33 -2.89
N VAL G 124 -28.61 71.10 -1.98
CA VAL G 124 -28.94 70.47 -0.70
C VAL G 124 -29.83 71.39 0.13
N GLU G 125 -29.53 72.69 0.14
CA GLU G 125 -30.35 73.64 0.86
C GLU G 125 -31.78 73.65 0.33
N GLU G 126 -31.94 73.62 -1.00
CA GLU G 126 -33.29 73.69 -1.56
C GLU G 126 -34.05 72.38 -1.32
N ILE G 127 -33.36 71.24 -1.38
CA ILE G 127 -34.02 69.98 -1.06
C ILE G 127 -34.50 69.98 0.38
N ASP G 128 -33.61 70.40 1.30
CA ASP G 128 -33.97 70.43 2.71
C ASP G 128 -35.09 71.42 2.99
N LYS G 129 -35.02 72.61 2.38
CA LYS G 129 -36.04 73.62 2.60
C LYS G 129 -37.39 73.18 2.05
N GLU G 130 -37.41 72.59 0.86
CA GLU G 130 -38.66 72.11 0.30
C GLU G 130 -39.25 70.99 1.14
N ALA G 131 -38.40 70.08 1.63
CA ALA G 131 -38.90 69.01 2.48
C ALA G 131 -39.46 69.55 3.79
N ARG G 132 -38.77 70.53 4.39
CA ARG G 132 -39.27 71.12 5.64
C ARG G 132 -40.59 71.85 5.40
N LYS G 133 -40.69 72.58 4.30
CA LYS G 133 -41.95 73.26 3.97
C LYS G 133 -43.07 72.26 3.76
N THR G 134 -42.80 71.16 3.06
CA THR G 134 -43.82 70.15 2.81
C THR G 134 -44.30 69.53 4.12
N MET G 135 -43.38 69.18 5.01
CA MET G 135 -43.82 68.60 6.29
C MET G 135 -44.56 69.63 7.13
N ALA G 136 -44.15 70.90 7.08
CA ALA G 136 -44.89 71.94 7.80
C ALA G 136 -46.32 72.02 7.29
N THR G 137 -46.51 71.99 5.97
CA THR G 137 -47.86 72.02 5.41
C THR G 137 -48.65 70.78 5.82
N LEU G 138 -48.01 69.60 5.79
CA LEU G 138 -48.74 68.38 6.14
C LEU G 138 -49.16 68.37 7.61
N LEU G 139 -48.30 68.86 8.51
CA LEU G 139 -48.71 68.97 9.90
C LEU G 139 -49.73 70.08 10.11
N LYS G 140 -49.73 71.10 9.27
CA LYS G 140 -50.81 72.08 9.32
C LYS G 140 -52.15 71.44 8.94
N GLU G 141 -52.12 70.56 7.94
CA GLU G 141 -53.35 69.87 7.54
C GLU G 141 -53.83 68.92 8.64
N SER G 142 -52.94 68.08 9.14
CA SER G 142 -53.29 67.08 10.15
C SER G 142 -52.27 67.13 11.28
N SER G 143 -52.75 67.05 12.52
CA SER G 143 -51.91 67.14 13.70
C SER G 143 -51.67 65.76 14.28
N GLY G 144 -50.40 65.42 14.49
CA GLY G 144 -50.05 64.15 15.09
C GLY G 144 -50.35 62.93 14.23
N ASN G 145 -50.53 63.11 12.93
CA ASN G 145 -50.89 62.03 12.03
C ASN G 145 -49.72 61.51 11.22
N ILE G 146 -48.49 61.85 11.61
CA ILE G 146 -47.31 61.45 10.84
C ILE G 146 -46.51 60.43 11.65
N PRO G 147 -46.65 59.15 11.39
CA PRO G 147 -45.85 58.14 12.10
C PRO G 147 -44.40 58.15 11.65
N GLN G 148 -43.58 57.27 12.21
CA GLN G 148 -42.18 57.22 11.84
C GLN G 148 -41.99 56.82 10.38
N ASN G 149 -42.79 55.85 9.91
CA ASN G 149 -42.60 55.30 8.58
C ASN G 149 -42.92 56.30 7.47
N GLN G 150 -43.58 57.41 7.76
CA GLN G 150 -43.81 58.46 6.77
C GLN G 150 -42.87 59.64 6.95
N ARG G 151 -41.84 59.50 7.73
CA ARG G 151 -40.88 60.56 7.95
C ARG G 151 -39.60 60.33 7.16
N PRO G 152 -38.91 61.40 6.77
CA PRO G 152 -37.64 61.23 6.04
C PRO G 152 -36.56 60.54 6.84
N SER G 153 -36.60 60.60 8.16
CA SER G 153 -35.56 60.02 8.99
C SER G 153 -35.67 58.51 9.12
N ALA G 154 -36.60 57.89 8.40
CA ALA G 154 -36.73 56.45 8.45
C ALA G 154 -35.45 55.79 7.93
N PRO G 155 -34.95 54.74 8.60
CA PRO G 155 -33.66 54.15 8.19
C PRO G 155 -33.66 53.56 6.80
N ASP G 156 -34.82 53.22 6.24
CA ASP G 156 -34.89 52.53 4.96
C ASP G 156 -35.08 53.46 3.77
N THR G 157 -35.26 54.76 3.99
CA THR G 157 -35.37 55.70 2.87
C THR G 157 -34.16 55.68 1.94
N PRO G 158 -32.91 55.61 2.43
CA PRO G 158 -31.81 55.41 1.48
C PRO G 158 -31.96 54.13 0.68
N ILE G 159 -32.48 53.07 1.30
CA ILE G 159 -32.69 51.82 0.59
C ILE G 159 -33.79 51.96 -0.45
N ILE G 160 -34.81 52.77 -0.19
CA ILE G 160 -35.85 53.01 -1.19
C ILE G 160 -35.27 53.73 -2.39
N LEU G 161 -34.47 54.78 -2.14
CA LEU G 161 -33.80 55.48 -3.22
C LEU G 161 -32.91 54.53 -4.02
N LEU G 162 -32.16 53.69 -3.32
CA LEU G 162 -31.28 52.74 -3.99
C LEU G 162 -32.06 51.63 -4.68
N CYS G 163 -33.29 51.36 -4.28
CA CYS G 163 -34.12 50.39 -5.01
C CYS G 163 -34.61 50.96 -6.32
N VAL G 164 -34.96 52.25 -6.34
CA VAL G 164 -35.22 52.88 -7.64
C VAL G 164 -33.97 52.83 -8.50
N GLY G 165 -32.81 53.09 -7.89
CA GLY G 165 -31.55 52.97 -8.62
C GLY G 165 -31.29 51.56 -9.14
N ALA G 166 -31.62 50.55 -8.35
CA ALA G 166 -31.43 49.17 -8.79
C ALA G 166 -32.39 48.79 -9.90
N LEU G 167 -33.61 49.34 -9.87
CA LEU G 167 -34.54 49.14 -10.98
C LEU G 167 -33.96 49.71 -12.27
N ILE G 168 -33.38 50.90 -12.20
CA ILE G 168 -32.75 51.44 -13.41
C ILE G 168 -31.47 50.68 -13.75
N PHE G 169 -30.86 50.03 -12.76
CA PHE G 169 -29.65 49.24 -12.99
C PHE G 169 -29.96 47.97 -13.77
N THR G 170 -31.11 47.37 -13.52
CA THR G 170 -31.48 46.14 -14.23
C THR G 170 -31.58 46.36 -15.73
N LYS G 171 -31.83 47.59 -16.16
CA LYS G 171 -32.02 47.92 -17.58
C LYS G 171 -30.87 48.74 -18.14
N LEU G 172 -29.64 48.41 -17.74
CA LEU G 172 -28.48 49.17 -18.18
C LEU G 172 -27.93 48.71 -19.52
N ALA G 173 -28.32 47.51 -19.99
CA ALA G 173 -27.99 47.08 -21.34
C ALA G 173 -29.05 47.48 -22.35
N SER G 174 -30.13 48.09 -21.90
CA SER G 174 -31.19 48.58 -22.77
C SER G 174 -30.92 50.06 -23.08
N THR G 175 -31.91 50.74 -23.66
CA THR G 175 -31.80 52.16 -23.91
C THR G 175 -32.40 52.94 -22.73
N ILE G 176 -32.24 54.27 -22.79
CA ILE G 176 -32.71 55.12 -21.70
C ILE G 176 -34.24 55.14 -21.63
N GLU G 177 -34.90 55.14 -22.79
CA GLU G 177 -36.36 55.22 -22.81
C GLU G 177 -36.98 53.94 -22.28
N VAL G 178 -36.53 52.80 -22.78
CA VAL G 178 -37.04 51.51 -22.32
C VAL G 178 -36.72 51.32 -20.85
N GLY G 179 -35.52 51.70 -20.42
CA GLY G 179 -35.17 51.60 -19.02
C GLY G 179 -36.04 52.46 -18.13
N LEU G 180 -36.32 53.70 -18.54
CA LEU G 180 -37.16 54.57 -17.74
C LEU G 180 -38.59 54.03 -17.66
N GLU G 181 -39.14 53.60 -18.79
CA GLU G 181 -40.49 53.05 -18.78
C GLU G 181 -40.57 51.81 -17.89
N THR G 182 -39.58 50.91 -18.01
CA THR G 182 -39.56 49.71 -17.18
C THR G 182 -39.44 50.06 -15.71
N THR G 183 -38.59 51.04 -15.38
CA THR G 183 -38.40 51.40 -13.99
C THR G 183 -39.69 51.98 -13.40
N VAL G 184 -40.35 52.87 -14.12
CA VAL G 184 -41.60 53.45 -13.61
C VAL G 184 -42.66 52.36 -13.45
N ARG G 185 -42.82 51.51 -14.48
CA ARG G 185 -43.84 50.48 -14.44
C ARG G 185 -43.62 49.50 -13.31
N ARG G 186 -42.37 49.05 -13.12
CA ARG G 186 -42.07 48.09 -12.09
C ARG G 186 -42.03 48.72 -10.70
N ALA G 187 -41.72 50.01 -10.60
CA ALA G 187 -41.69 50.67 -9.31
C ALA G 187 -43.10 50.99 -8.81
N ASN G 188 -44.05 51.14 -9.72
CA ASN G 188 -45.44 51.31 -9.28
C ASN G 188 -45.94 50.10 -8.50
N ARG G 189 -45.40 48.91 -8.79
CA ARG G 189 -45.79 47.68 -8.13
C ARG G 189 -44.84 47.29 -7.00
N VAL G 190 -43.55 47.22 -7.31
CA VAL G 190 -42.58 46.70 -6.37
C VAL G 190 -42.39 47.65 -5.19
N LEU G 191 -42.24 48.94 -5.47
CA LEU G 191 -42.10 49.95 -4.43
C LEU G 191 -43.45 50.59 -4.14
N SER G 192 -44.42 49.75 -3.78
CA SER G 192 -45.77 50.22 -3.52
C SER G 192 -45.96 50.65 -2.06
N ASP G 193 -45.36 49.93 -1.12
CA ASP G 193 -45.40 50.35 0.28
C ASP G 193 -44.70 51.69 0.46
N ALA G 194 -43.54 51.86 -0.19
CA ALA G 194 -42.85 53.14 -0.14
C ALA G 194 -43.69 54.25 -0.77
N LEU G 195 -44.31 53.96 -1.91
CA LEU G 195 -45.15 54.97 -2.57
C LEU G 195 -46.39 55.30 -1.77
N LYS G 196 -46.85 54.39 -0.91
CA LYS G 196 -47.92 54.74 0.03
C LYS G 196 -47.39 55.60 1.17
N ARG G 197 -46.22 55.24 1.72
CA ARG G 197 -45.61 56.05 2.77
C ARG G 197 -45.20 57.42 2.24
N TYR G 198 -44.62 57.46 1.05
CA TYR G 198 -44.12 58.69 0.44
C TYR G 198 -44.86 58.93 -0.87
N PRO G 199 -46.03 59.58 -0.80
CA PRO G 199 -46.88 59.68 -2.00
C PRO G 199 -46.38 60.64 -3.04
N ARG G 200 -45.23 61.28 -2.84
CA ARG G 200 -44.79 62.29 -3.79
C ARG G 200 -43.30 62.19 -4.11
N MET G 201 -42.78 60.97 -4.18
CA MET G 201 -41.43 60.77 -4.71
C MET G 201 -41.51 60.60 -6.22
N ASP G 202 -40.75 61.41 -6.94
CA ASP G 202 -40.80 61.45 -8.40
C ASP G 202 -39.90 60.36 -8.93
N ILE G 203 -40.48 59.17 -9.10
CA ILE G 203 -39.69 58.02 -9.58
C ILE G 203 -39.07 58.27 -10.95
N PRO G 204 -39.76 58.85 -11.95
CA PRO G 204 -39.08 59.11 -13.23
C PRO G 204 -37.84 59.98 -13.10
N LYS G 205 -37.89 61.02 -12.27
CA LYS G 205 -36.74 61.94 -12.17
C LYS G 205 -35.60 61.29 -11.39
N ILE G 206 -35.90 60.54 -10.34
CA ILE G 206 -34.86 59.82 -9.62
C ILE G 206 -34.23 58.76 -10.51
N ALA G 207 -35.04 58.08 -11.32
CA ALA G 207 -34.54 57.07 -12.23
C ALA G 207 -33.66 57.68 -13.31
N ARG G 208 -34.03 58.85 -13.83
CA ARG G 208 -33.18 59.55 -14.79
C ARG G 208 -31.88 59.99 -14.14
N SER G 209 -31.94 60.43 -12.89
CA SER G 209 -30.71 60.79 -12.17
C SER G 209 -29.80 59.58 -12.03
N PHE G 210 -30.36 58.42 -11.70
CA PHE G 210 -29.54 57.23 -11.54
C PHE G 210 -28.96 56.76 -12.87
N TYR G 211 -29.75 56.85 -13.94
CA TYR G 211 -29.24 56.51 -15.27
C TYR G 211 -28.09 57.43 -15.64
N ASP G 212 -28.23 58.73 -15.40
CA ASP G 212 -27.14 59.66 -15.64
C ASP G 212 -25.89 59.23 -14.87
N LEU G 213 -26.03 59.06 -13.55
CA LEU G 213 -24.89 58.71 -12.71
C LEU G 213 -24.19 57.45 -13.23
N PHE G 214 -24.96 56.46 -13.64
CA PHE G 214 -24.35 55.24 -14.18
C PHE G 214 -23.74 55.46 -15.55
N GLU G 215 -24.13 56.54 -16.25
CA GLU G 215 -23.46 56.86 -17.50
C GLU G 215 -22.13 57.58 -17.27
N GLN G 216 -22.11 58.70 -16.55
CA GLN G 216 -20.85 59.42 -16.39
C GLN G 216 -19.86 58.64 -15.53
N LYS G 217 -20.28 58.16 -14.37
CA LYS G 217 -19.37 57.53 -13.42
C LYS G 217 -19.55 56.01 -13.51
N VAL G 218 -18.82 55.40 -14.44
CA VAL G 218 -18.91 53.96 -14.65
C VAL G 218 -18.39 53.20 -13.45
N TYR G 219 -17.34 53.72 -12.80
CA TYR G 219 -16.80 53.04 -11.63
C TYR G 219 -17.84 52.88 -10.53
N HIS G 220 -18.79 53.81 -10.43
CA HIS G 220 -19.85 53.70 -9.44
C HIS G 220 -20.70 52.46 -9.66
N ARG G 221 -20.83 52.01 -10.91
CA ARG G 221 -21.45 50.72 -11.16
C ARG G 221 -20.80 49.64 -10.30
N SER G 222 -19.48 49.57 -10.35
CA SER G 222 -18.74 48.64 -9.50
C SER G 222 -19.12 48.84 -8.05
N LEU G 223 -19.13 50.10 -7.59
CA LEU G 223 -19.53 50.38 -6.22
C LEU G 223 -20.91 49.84 -5.94
N PHE G 224 -21.86 50.12 -6.84
CA PHE G 224 -23.20 49.58 -6.71
C PHE G 224 -23.15 48.07 -6.55
N ILE G 225 -22.39 47.40 -7.41
CA ILE G 225 -22.31 45.94 -7.35
C ILE G 225 -21.78 45.50 -6.00
N GLU G 226 -20.73 46.17 -5.52
CA GLU G 226 -20.17 45.79 -4.23
C GLU G 226 -21.23 45.89 -3.14
N TYR G 227 -22.04 46.96 -3.17
CA TYR G 227 -23.11 47.09 -2.20
C TYR G 227 -23.99 45.85 -2.21
N GLY G 228 -24.43 45.43 -3.39
CA GLY G 228 -25.22 44.22 -3.47
C GLY G 228 -24.49 43.03 -2.89
N LYS G 229 -23.21 42.88 -3.25
CA LYS G 229 -22.41 41.80 -2.69
C LYS G 229 -22.31 41.95 -1.18
N ALA G 230 -22.10 43.17 -0.70
CA ALA G 230 -22.01 43.38 0.73
C ALA G 230 -23.36 43.24 1.40
N LEU G 231 -24.44 43.36 0.65
CA LEU G 231 -25.75 43.38 1.28
C LEU G 231 -26.36 41.98 1.33
N GLY G 232 -26.11 41.16 0.32
CA GLY G 232 -26.54 39.78 0.33
C GLY G 232 -25.72 38.86 1.18
N SER G 233 -24.59 39.33 1.70
CA SER G 233 -23.75 38.55 2.60
C SER G 233 -24.06 38.81 4.07
N SER G 234 -24.99 39.72 4.36
CA SER G 234 -25.31 40.06 5.73
C SER G 234 -26.25 39.02 6.34
N SER G 235 -26.06 38.76 7.64
CA SER G 235 -26.91 37.80 8.32
C SER G 235 -28.35 38.29 8.39
N THR G 236 -28.56 39.56 8.68
CA THR G 236 -29.88 40.15 8.79
C THR G 236 -29.99 41.34 7.84
N GLY G 237 -31.13 42.02 7.92
CA GLY G 237 -31.39 43.17 7.08
C GLY G 237 -32.84 43.57 7.20
N SER G 238 -33.17 44.65 6.52
CA SER G 238 -34.55 45.10 6.46
C SER G 238 -35.26 44.46 5.27
N LYS G 239 -36.57 44.71 5.18
CA LYS G 239 -37.32 44.27 4.01
C LYS G 239 -36.87 45.01 2.76
N ALA G 240 -36.58 46.31 2.88
CA ALA G 240 -36.13 47.08 1.74
C ALA G 240 -34.78 46.56 1.23
N GLU G 241 -33.92 46.08 2.13
CA GLU G 241 -32.63 45.54 1.70
C GLU G 241 -32.82 44.22 0.96
N SER G 242 -33.75 43.39 1.42
CA SER G 242 -34.08 42.17 0.68
C SER G 242 -34.62 42.50 -0.69
N LEU G 243 -35.45 43.54 -0.78
CA LEU G 243 -35.94 43.98 -2.09
C LEU G 243 -34.80 44.45 -2.99
N PHE G 244 -33.86 45.22 -2.43
CA PHE G 244 -32.71 45.67 -3.20
C PHE G 244 -31.93 44.49 -3.75
N VAL G 245 -31.67 43.49 -2.90
CA VAL G 245 -30.92 42.33 -3.37
C VAL G 245 -31.71 41.54 -4.40
N ASN G 246 -33.04 41.50 -4.28
CA ASN G 246 -33.85 40.80 -5.27
C ASN G 246 -33.75 41.45 -6.64
N ILE G 247 -33.88 42.78 -6.69
CA ILE G 247 -33.73 43.47 -7.96
C ILE G 247 -32.29 43.35 -8.48
N PHE G 248 -31.32 43.37 -7.58
CA PHE G 248 -29.92 43.28 -7.98
C PHE G 248 -29.61 41.93 -8.62
N MET G 249 -30.19 40.84 -8.08
CA MET G 249 -30.11 39.56 -8.77
C MET G 249 -30.91 39.54 -10.06
N GLN G 250 -32.05 40.23 -10.12
CA GLN G 250 -32.77 40.32 -11.37
C GLN G 250 -31.95 41.02 -12.45
N ALA G 251 -30.95 41.80 -12.05
CA ALA G 251 -30.06 42.46 -13.01
C ALA G 251 -28.93 41.56 -13.51
N TYR G 252 -28.85 40.31 -13.04
CA TYR G 252 -27.63 39.53 -13.20
C TYR G 252 -27.22 39.30 -14.66
N GLY G 253 -27.98 38.53 -15.42
CA GLY G 253 -27.52 38.16 -16.74
C GLY G 253 -27.78 39.21 -17.80
N ALA G 254 -27.77 40.48 -17.38
CA ALA G 254 -28.13 41.57 -18.28
C ALA G 254 -27.13 41.72 -19.41
N GLY G 255 -27.64 41.88 -20.62
CA GLY G 255 -26.81 41.95 -21.81
C GLY G 255 -26.47 40.61 -22.42
N GLN G 256 -26.98 39.52 -21.86
CA GLN G 256 -26.70 38.17 -22.35
C GLN G 256 -27.96 37.34 -22.38
N THR G 257 -29.07 37.92 -22.85
CA THR G 257 -30.32 37.18 -22.86
C THR G 257 -30.36 36.09 -23.92
N MET G 258 -29.50 36.18 -24.94
CA MET G 258 -29.47 35.12 -25.96
C MET G 258 -28.89 33.83 -25.41
N LEU G 259 -27.95 33.90 -24.47
CA LEU G 259 -27.45 32.69 -23.84
C LEU G 259 -28.54 32.00 -23.02
N ARG G 260 -29.28 32.77 -22.24
CA ARG G 260 -30.38 32.22 -21.46
C ARG G 260 -31.46 31.65 -22.37
N TRP G 261 -31.77 32.37 -23.45
CA TRP G 261 -32.80 31.90 -24.37
C TRP G 261 -32.34 30.69 -25.18
N GLY G 262 -31.04 30.55 -25.41
CA GLY G 262 -30.54 29.33 -26.04
C GLY G 262 -30.59 28.14 -25.11
N VAL G 263 -30.31 28.36 -23.83
CA VAL G 263 -30.52 27.30 -22.84
C VAL G 263 -31.98 26.91 -22.80
N ILE G 264 -32.88 27.89 -22.94
CA ILE G 264 -34.31 27.59 -23.00
C ILE G 264 -34.63 26.77 -24.24
N ALA G 265 -34.10 27.16 -25.39
CA ALA G 265 -34.37 26.46 -26.64
C ALA G 265 -33.84 25.04 -26.61
N ARG G 266 -32.76 24.80 -25.86
CA ARG G 266 -32.32 23.43 -25.64
C ARG G 266 -33.28 22.70 -24.71
N SER G 267 -33.72 23.36 -23.64
CA SER G 267 -34.69 22.75 -22.74
C SER G 267 -36.07 22.61 -23.37
N SER G 268 -36.34 23.39 -24.42
CA SER G 268 -37.61 23.29 -25.15
C SER G 268 -37.58 22.19 -26.21
N ASN G 269 -36.43 21.59 -26.47
CA ASN G 269 -36.29 20.50 -27.44
C ASN G 269 -36.80 20.92 -28.82
N ASN G 270 -36.49 22.14 -29.21
CA ASN G 270 -36.84 22.61 -30.55
C ASN G 270 -36.14 21.74 -31.59
N ILE G 271 -36.93 21.09 -32.44
CA ILE G 271 -36.34 20.19 -33.43
C ILE G 271 -35.49 20.93 -34.44
N MET G 272 -35.74 22.22 -34.65
CA MET G 272 -34.98 22.96 -35.63
C MET G 272 -33.55 23.22 -35.19
N LEU G 273 -33.23 22.96 -33.92
CA LEU G 273 -31.84 22.93 -33.48
C LEU G 273 -31.07 21.85 -34.24
N GLY G 274 -31.75 20.80 -34.68
CA GLY G 274 -31.15 19.73 -35.45
C GLY G 274 -30.98 20.01 -36.92
N HIS G 275 -31.44 21.16 -37.40
CA HIS G 275 -31.19 21.55 -38.78
C HIS G 275 -29.70 21.67 -39.01
N VAL G 276 -29.24 21.21 -40.19
CA VAL G 276 -27.80 21.08 -40.43
C VAL G 276 -27.08 22.42 -40.31
N SER G 277 -27.76 23.52 -40.67
CA SER G 277 -27.13 24.83 -40.57
C SER G 277 -26.80 25.20 -39.14
N VAL G 278 -27.69 24.87 -38.21
CA VAL G 278 -27.40 25.08 -36.79
C VAL G 278 -26.35 24.08 -36.31
N GLN G 279 -26.47 22.82 -36.76
CA GLN G 279 -25.52 21.77 -36.39
C GLN G 279 -24.10 22.16 -36.73
N ALA G 280 -23.91 22.92 -37.81
CA ALA G 280 -22.58 23.40 -38.17
C ALA G 280 -22.05 24.45 -37.20
N GLU G 281 -22.89 24.96 -36.30
CA GLU G 281 -22.52 26.02 -35.38
C GLU G 281 -22.56 25.62 -33.91
N LEU G 282 -23.14 24.47 -33.58
CA LEU G 282 -23.18 24.06 -32.17
C LEU G 282 -21.79 23.97 -31.55
N LYS G 283 -20.74 23.74 -32.35
CA LYS G 283 -19.40 23.69 -31.77
C LYS G 283 -18.97 25.06 -31.24
N GLN G 284 -19.20 26.13 -32.00
CA GLN G 284 -18.86 27.45 -31.49
C GLN G 284 -19.85 27.92 -30.43
N VAL G 285 -21.10 27.48 -30.50
CA VAL G 285 -22.05 27.76 -29.42
C VAL G 285 -21.53 27.15 -28.11
N THR G 286 -21.10 25.90 -28.17
CA THR G 286 -20.53 25.23 -27.01
C THR G 286 -19.27 25.94 -26.53
N GLU G 287 -18.48 26.49 -27.46
CA GLU G 287 -17.32 27.27 -27.03
C GLU G 287 -17.74 28.52 -26.27
N VAL G 288 -18.82 29.17 -26.70
CA VAL G 288 -19.29 30.35 -25.97
C VAL G 288 -19.73 29.97 -24.56
N TYR G 289 -20.47 28.88 -24.43
CA TYR G 289 -20.90 28.46 -23.09
C TYR G 289 -19.72 27.98 -22.25
N ASP G 290 -18.72 27.35 -22.88
CA ASP G 290 -17.48 27.01 -22.18
C ASP G 290 -16.78 28.25 -21.67
N LEU G 291 -16.80 29.33 -22.46
CA LEU G 291 -16.22 30.58 -22.01
C LEU G 291 -16.97 31.13 -20.81
N VAL G 292 -18.30 31.00 -20.81
CA VAL G 292 -19.07 31.41 -19.63
C VAL G 292 -18.63 30.60 -18.41
N ARG G 293 -18.48 29.29 -18.57
CA ARG G 293 -18.04 28.45 -17.46
C ARG G 293 -16.64 28.82 -16.99
N GLU G 294 -15.76 29.16 -17.92
CA GLU G 294 -14.39 29.55 -17.57
C GLU G 294 -14.37 30.87 -16.80
N MET G 295 -15.15 31.85 -17.26
CA MET G 295 -15.22 33.12 -16.56
C MET G 295 -15.81 32.96 -15.17
N GLY G 296 -16.85 32.14 -15.04
CA GLY G 296 -17.42 31.86 -13.74
C GLY G 296 -18.50 32.83 -13.33
N PRO G 297 -18.70 32.97 -12.01
CA PRO G 297 -19.80 33.82 -11.52
C PRO G 297 -19.70 35.27 -11.94
N GLU G 298 -18.51 35.79 -12.25
CA GLU G 298 -18.37 37.18 -12.66
C GLU G 298 -18.75 37.40 -14.11
N SER G 299 -19.07 36.36 -14.87
CA SER G 299 -19.44 36.53 -16.27
C SER G 299 -20.78 37.22 -16.42
N GLY G 300 -21.68 37.06 -15.44
CA GLY G 300 -22.98 37.71 -15.51
C GLY G 300 -22.93 39.21 -15.35
N LEU G 301 -21.91 39.73 -14.66
CA LEU G 301 -21.79 41.15 -14.40
C LEU G 301 -20.97 41.88 -15.46
N LEU G 302 -20.59 41.19 -16.54
CA LEU G 302 -19.68 41.76 -17.52
C LEU G 302 -20.29 42.98 -18.21
N HIS G 303 -21.56 42.89 -18.59
CA HIS G 303 -22.22 44.02 -19.23
C HIS G 303 -22.66 45.08 -18.23
N LEU G 304 -23.03 44.67 -17.02
CA LEU G 304 -23.36 45.65 -15.99
C LEU G 304 -22.14 46.49 -15.62
N ARG G 305 -20.99 45.84 -15.48
CA ARG G 305 -19.74 46.56 -15.23
C ARG G 305 -19.27 47.31 -16.46
N GLN G 306 -19.82 47.02 -17.62
CA GLN G 306 -19.36 47.57 -18.89
C GLN G 306 -17.91 47.17 -19.14
N SER G 307 -17.63 45.89 -18.93
CA SER G 307 -16.29 45.37 -19.17
C SER G 307 -16.00 45.33 -20.67
N PRO G 308 -14.81 45.78 -21.09
CA PRO G 308 -14.43 45.60 -22.49
C PRO G 308 -14.39 44.14 -22.90
N LYS G 309 -14.13 43.26 -21.94
CA LYS G 309 -14.12 41.82 -22.20
C LYS G 309 -15.48 41.31 -22.64
N ALA G 310 -16.55 41.99 -22.25
CA ALA G 310 -17.88 41.63 -22.74
C ALA G 310 -17.95 41.79 -24.25
N GLY G 311 -18.65 40.87 -24.90
CA GLY G 311 -18.62 40.75 -26.34
C GLY G 311 -17.91 39.50 -26.81
N LEU G 312 -17.03 38.94 -25.98
CA LEU G 312 -16.60 37.56 -26.16
C LEU G 312 -17.74 36.59 -25.91
N LEU G 313 -18.73 36.99 -25.12
CA LEU G 313 -19.91 36.18 -24.84
C LEU G 313 -21.00 36.34 -25.89
N SER G 314 -20.66 36.89 -27.05
CA SER G 314 -21.64 37.15 -28.09
C SER G 314 -21.82 35.92 -28.98
N LEU G 315 -23.07 35.56 -29.25
CA LEU G 315 -23.43 34.51 -30.20
C LEU G 315 -23.77 35.07 -31.58
N ALA G 316 -23.28 36.26 -31.90
CA ALA G 316 -23.67 36.93 -33.14
C ALA G 316 -22.99 36.34 -34.36
N ASN G 317 -21.97 35.52 -34.20
CA ASN G 317 -21.31 34.87 -35.32
C ASN G 317 -21.93 33.52 -35.65
N CYS G 318 -23.00 33.13 -34.95
CA CYS G 318 -23.76 31.92 -35.23
C CYS G 318 -25.18 32.36 -35.60
N PRO G 319 -25.37 32.90 -36.82
CA PRO G 319 -26.68 33.48 -37.15
C PRO G 319 -27.82 32.49 -37.18
N ASN G 320 -27.58 31.25 -37.59
CA ASN G 320 -28.68 30.28 -37.67
C ASN G 320 -29.11 29.80 -36.30
N PHE G 321 -28.15 29.57 -35.40
CA PHE G 321 -28.50 29.24 -34.02
C PHE G 321 -29.25 30.40 -33.37
N ALA G 322 -28.82 31.64 -33.63
CA ALA G 322 -29.51 32.80 -33.10
C ALA G 322 -30.93 32.89 -33.62
N SER G 323 -31.11 32.62 -34.92
CA SER G 323 -32.46 32.64 -35.50
C SER G 323 -33.34 31.58 -34.89
N VAL G 324 -32.80 30.37 -34.70
CA VAL G 324 -33.59 29.29 -34.12
C VAL G 324 -33.94 29.59 -32.67
N VAL G 325 -33.01 30.18 -31.93
CA VAL G 325 -33.26 30.53 -30.54
C VAL G 325 -34.34 31.61 -30.43
N LEU G 326 -34.24 32.64 -31.28
CA LEU G 326 -35.25 33.69 -31.27
C LEU G 326 -36.62 33.15 -31.71
N GLY G 327 -36.64 32.24 -32.68
CA GLY G 327 -37.89 31.65 -33.10
C GLY G 327 -38.52 30.78 -32.02
N ASN G 328 -37.71 29.99 -31.32
CA ASN G 328 -38.23 29.21 -30.21
C ASN G 328 -38.77 30.10 -29.11
N ALA G 329 -38.06 31.21 -28.81
CA ALA G 329 -38.56 32.14 -27.80
C ALA G 329 -39.86 32.79 -28.24
N SER G 330 -39.96 33.12 -29.52
CA SER G 330 -41.17 33.76 -30.04
C SER G 330 -42.35 32.81 -30.01
N GLY G 331 -42.13 31.53 -30.33
CA GLY G 331 -43.22 30.57 -30.29
C GLY G 331 -43.77 30.37 -28.89
N LEU G 332 -42.88 30.25 -27.90
CA LEU G 332 -43.30 30.16 -26.52
C LEU G 332 -43.93 31.45 -26.02
N GLY G 333 -43.80 32.55 -26.75
CA GLY G 333 -44.37 33.81 -26.34
C GLY G 333 -43.55 34.62 -25.37
N ILE G 334 -42.28 34.24 -25.14
CA ILE G 334 -41.42 34.96 -24.21
C ILE G 334 -40.54 35.97 -24.89
N ILE G 335 -40.59 36.08 -26.22
CA ILE G 335 -39.71 37.01 -26.91
C ILE G 335 -40.07 38.45 -26.56
N GLY G 336 -41.35 38.71 -26.28
CA GLY G 336 -41.76 40.06 -25.94
C GLY G 336 -41.46 41.03 -27.06
N MET G 337 -40.88 42.17 -26.69
CA MET G 337 -40.47 43.18 -27.65
C MET G 337 -38.95 43.24 -27.80
N TYR G 338 -38.29 42.10 -27.60
CA TYR G 338 -36.85 42.00 -27.80
C TYR G 338 -36.51 42.38 -29.24
N ARG G 339 -35.49 43.23 -29.39
CA ARG G 339 -35.15 43.80 -30.68
C ARG G 339 -33.93 43.16 -31.32
N GLY G 340 -33.49 42.01 -30.84
CA GLY G 340 -32.39 41.33 -31.49
C GLY G 340 -32.72 40.98 -32.92
N ARG G 341 -31.70 41.03 -33.78
CA ARG G 341 -31.91 40.83 -35.20
C ARG G 341 -31.96 39.34 -35.52
N VAL G 342 -32.84 38.98 -36.45
CA VAL G 342 -33.00 37.58 -36.86
C VAL G 342 -32.40 37.43 -38.25
N PRO G 343 -31.21 36.86 -38.37
CA PRO G 343 -30.57 36.76 -39.69
C PRO G 343 -31.31 35.81 -40.62
N ASN G 344 -31.58 34.60 -40.16
CA ASN G 344 -32.27 33.59 -40.96
C ASN G 344 -33.76 33.67 -40.65
N THR G 345 -34.54 34.17 -41.61
CA THR G 345 -35.98 34.29 -41.40
C THR G 345 -36.69 32.95 -41.51
N GLU G 346 -36.25 32.08 -42.42
CA GLU G 346 -36.90 30.78 -42.59
C GLU G 346 -36.72 29.90 -41.37
N LEU G 347 -35.50 29.86 -40.81
CA LEU G 347 -35.28 29.12 -39.57
C LEU G 347 -36.09 29.70 -38.43
N PHE G 348 -36.18 31.03 -38.37
CA PHE G 348 -37.02 31.68 -37.37
C PHE G 348 -38.46 31.21 -37.48
N SER G 349 -39.01 31.22 -38.70
CA SER G 349 -40.40 30.85 -38.89
C SER G 349 -40.64 29.39 -38.53
N ALA G 350 -39.74 28.50 -38.97
CA ALA G 350 -39.93 27.08 -38.67
C ALA G 350 -39.80 26.81 -37.17
N ALA G 351 -38.81 27.44 -36.52
CA ALA G 351 -38.64 27.26 -35.08
C ALA G 351 -39.84 27.80 -34.32
N GLU G 352 -40.37 28.94 -34.75
CA GLU G 352 -41.53 29.53 -34.06
C GLU G 352 -42.75 28.65 -34.24
N SER G 353 -42.95 28.09 -35.44
CA SER G 353 -44.07 27.18 -35.66
C SER G 353 -43.96 25.95 -34.78
N TYR G 354 -42.76 25.36 -34.71
CA TYR G 354 -42.62 24.17 -33.86
C TYR G 354 -42.82 24.51 -32.39
N ALA G 355 -42.31 25.66 -31.93
CA ALA G 355 -42.45 25.99 -30.52
C ALA G 355 -43.89 26.30 -30.16
N LYS G 356 -44.62 26.95 -31.06
CA LYS G 356 -46.05 27.16 -30.83
C LYS G 356 -46.80 25.84 -30.78
N SER G 357 -46.48 24.92 -31.71
CA SER G 357 -47.14 23.62 -31.70
C SER G 357 -46.84 22.87 -30.41
N LEU G 358 -45.59 22.95 -29.93
CA LEU G 358 -45.23 22.28 -28.69
C LEU G 358 -45.93 22.89 -27.49
N LYS G 359 -46.02 24.22 -27.44
CA LYS G 359 -46.64 24.88 -26.30
C LYS G 359 -48.14 24.61 -26.25
N GLU G 360 -48.81 24.60 -27.41
CA GLU G 360 -50.25 24.37 -27.43
C GLU G 360 -50.61 22.98 -26.92
N ASP H 10 -27.06 29.06 -13.62
CA ASP H 10 -27.05 30.45 -13.18
C ASP H 10 -27.35 30.60 -11.70
N LEU H 11 -28.22 29.76 -11.14
CA LEU H 11 -28.61 29.92 -9.75
C LEU H 11 -27.48 29.55 -8.81
N SER H 12 -26.75 28.47 -9.11
CA SER H 12 -25.57 28.14 -8.34
C SER H 12 -24.53 29.26 -8.42
N TYR H 13 -24.41 29.88 -9.59
CA TYR H 13 -23.48 30.98 -9.76
C TYR H 13 -23.89 32.18 -8.92
N LYS H 14 -25.19 32.49 -8.87
CA LYS H 14 -25.66 33.57 -8.01
C LYS H 14 -25.43 33.27 -6.54
N HIS H 15 -25.65 32.02 -6.13
CA HIS H 15 -25.40 31.65 -4.75
C HIS H 15 -23.92 31.76 -4.41
N ALA H 16 -23.05 31.33 -5.33
CA ALA H 16 -21.61 31.46 -5.10
C ALA H 16 -21.18 32.92 -5.09
N ILE H 17 -21.86 33.77 -5.84
CA ILE H 17 -21.59 35.20 -5.79
C ILE H 17 -21.92 35.76 -4.41
N LEU H 18 -23.13 35.47 -3.92
CA LEU H 18 -23.57 36.06 -2.66
C LEU H 18 -22.83 35.46 -1.46
N LYS H 19 -22.57 34.16 -1.50
CA LYS H 19 -21.98 33.48 -0.35
C LYS H 19 -20.51 33.83 -0.19
N GLU H 20 -19.75 33.80 -1.28
CA GLU H 20 -18.30 33.99 -1.23
C GLU H 20 -17.96 35.48 -1.27
N SER H 21 -18.24 36.15 -0.16
CA SER H 21 -17.94 37.57 -0.01
C SER H 21 -16.92 37.76 1.10
N GLN H 22 -15.86 38.51 0.81
CA GLN H 22 -14.79 38.73 1.77
C GLN H 22 -15.08 39.89 2.73
N TYR H 23 -16.15 40.63 2.52
CA TYR H 23 -16.46 41.82 3.31
C TYR H 23 -17.78 41.62 4.03
N THR H 24 -17.77 41.82 5.34
CA THR H 24 -18.99 41.80 6.15
C THR H 24 -19.63 43.19 6.15
N ILE H 25 -20.91 43.21 6.49
CA ILE H 25 -21.68 44.44 6.53
C ILE H 25 -21.90 44.84 7.98
N LYS H 26 -21.75 46.14 8.27
CA LYS H 26 -21.90 46.67 9.62
C LYS H 26 -23.19 47.49 9.69
N ARG H 27 -24.01 47.18 10.69
CA ARG H 27 -25.27 47.88 10.87
C ARG H 27 -25.51 48.07 12.37
N ASP H 28 -26.38 49.03 12.69
CA ASP H 28 -26.75 49.31 14.07
C ASP H 28 -25.54 49.72 14.90
N VAL H 29 -24.62 50.48 14.31
CA VAL H 29 -23.35 50.74 14.96
C VAL H 29 -23.53 51.57 16.23
N GLY H 30 -24.38 52.60 16.18
CA GLY H 30 -24.55 53.47 17.33
C GLY H 30 -25.62 53.07 18.30
N THR H 31 -26.25 51.92 18.12
CA THR H 31 -27.43 51.54 18.89
C THR H 31 -27.05 50.65 20.07
N THR H 32 -28.02 50.49 20.97
CA THR H 32 -27.85 49.65 22.15
C THR H 32 -29.11 48.81 22.34
N THR H 33 -28.95 47.69 23.05
CA THR H 33 -30.06 46.81 23.38
C THR H 33 -29.84 46.28 24.79
N ALA H 34 -30.91 45.78 25.39
CA ALA H 34 -30.90 45.36 26.78
C ALA H 34 -30.80 43.85 26.90
N VAL H 35 -30.03 43.40 27.89
CA VAL H 35 -30.02 42.00 28.31
C VAL H 35 -30.06 41.96 29.83
N THR H 36 -30.37 40.78 30.35
CA THR H 36 -30.44 40.56 31.77
C THR H 36 -29.49 39.43 32.16
N PRO H 37 -28.61 39.62 33.15
CA PRO H 37 -27.72 38.54 33.56
C PRO H 37 -28.49 37.34 34.07
N SER H 38 -27.96 36.15 33.81
CA SER H 38 -28.66 34.92 34.12
C SER H 38 -29.01 34.82 35.61
N SER H 39 -28.21 35.45 36.46
CA SER H 39 -28.45 35.41 37.90
C SER H 39 -29.75 36.10 38.30
N LEU H 40 -30.37 36.86 37.39
CA LEU H 40 -31.66 37.49 37.65
C LEU H 40 -32.82 36.73 37.05
N GLN H 41 -32.61 35.46 36.67
CA GLN H 41 -33.66 34.68 36.02
C GLN H 41 -34.92 34.66 36.87
N GLN H 42 -34.78 34.34 38.16
CA GLN H 42 -35.93 34.38 39.05
C GLN H 42 -36.65 35.71 38.95
N GLU H 43 -35.90 36.81 39.06
CA GLU H 43 -36.52 38.13 39.03
C GLU H 43 -37.21 38.41 37.69
N ILE H 44 -36.67 37.86 36.59
CA ILE H 44 -37.38 38.07 35.33
C ILE H 44 -38.58 37.15 35.24
N THR H 45 -38.47 35.93 35.81
CA THR H 45 -39.58 34.99 35.75
C THR H 45 -40.83 35.60 36.34
N LEU H 46 -40.71 36.19 37.53
CA LEU H 46 -41.84 36.87 38.15
C LEU H 46 -42.46 37.87 37.19
N LEU H 47 -41.63 38.70 36.56
CA LEU H 47 -42.19 39.69 35.64
C LEU H 47 -42.89 39.03 34.46
N CYS H 48 -42.29 37.96 33.92
CA CYS H 48 -42.94 37.25 32.83
C CYS H 48 -44.24 36.62 33.26
N GLY H 49 -44.47 36.48 34.56
CA GLY H 49 -45.72 35.95 35.05
C GLY H 49 -46.70 37.03 35.45
N GLU H 50 -46.23 38.26 35.60
CA GLU H 50 -47.10 39.36 35.99
C GLU H 50 -47.76 40.04 34.81
N ILE H 51 -47.21 39.87 33.60
CA ILE H 51 -47.92 40.25 32.40
C ILE H 51 -49.03 39.27 32.09
N LEU H 52 -49.01 38.10 32.73
CA LEU H 52 -49.93 37.01 32.39
C LEU H 52 -51.22 37.02 33.19
N TYR H 53 -51.20 37.37 34.48
CA TYR H 53 -52.38 37.11 35.30
C TYR H 53 -53.13 38.38 35.65
N ALA H 54 -52.85 39.48 34.98
CA ALA H 54 -53.61 40.71 35.16
C ALA H 54 -53.96 41.30 33.81
N LYS H 55 -54.97 42.16 33.80
CA LYS H 55 -55.42 42.83 32.59
C LYS H 55 -54.79 44.21 32.56
N HIS H 56 -53.88 44.43 31.63
CA HIS H 56 -53.05 45.63 31.58
C HIS H 56 -53.52 46.54 30.46
N ALA H 57 -53.47 47.84 30.71
CA ALA H 57 -53.82 48.80 29.66
C ALA H 57 -52.79 48.78 28.53
N ASP H 58 -51.53 48.48 28.85
CA ASP H 58 -50.45 48.56 27.89
C ASP H 58 -49.60 47.30 27.95
N TYR H 59 -49.38 46.68 26.79
CA TYR H 59 -48.58 45.47 26.65
C TYR H 59 -47.39 45.70 25.72
N LYS H 60 -46.83 46.92 25.76
CA LYS H 60 -45.84 47.31 24.76
C LYS H 60 -44.58 46.45 24.84
N TYR H 61 -44.08 46.21 26.06
CA TYR H 61 -42.77 45.62 26.25
C TYR H 61 -42.80 44.15 26.66
N ALA H 62 -43.91 43.46 26.46
CA ALA H 62 -43.98 42.05 26.85
C ALA H 62 -42.97 41.22 26.07
N ALA H 63 -42.84 41.49 24.77
CA ALA H 63 -41.86 40.78 23.97
C ALA H 63 -40.45 41.05 24.45
N GLU H 64 -40.19 42.28 24.89
CA GLU H 64 -38.88 42.60 25.45
C GLU H 64 -38.62 41.79 26.72
N ILE H 65 -39.63 41.59 27.55
CA ILE H 65 -39.45 40.79 28.76
C ILE H 65 -39.19 39.32 28.39
N GLY H 66 -39.86 38.82 27.35
CA GLY H 66 -39.54 37.49 26.87
C GLY H 66 -38.11 37.36 26.37
N ILE H 67 -37.64 38.38 25.66
CA ILE H 67 -36.23 38.39 25.22
C ILE H 67 -35.30 38.47 26.41
N GLN H 68 -35.69 39.20 27.46
CA GLN H 68 -34.89 39.24 28.67
C GLN H 68 -34.77 37.88 29.31
N TYR H 69 -35.88 37.12 29.32
CA TYR H 69 -35.80 35.74 29.81
C TYR H 69 -34.89 34.89 28.93
N ILE H 70 -34.97 35.07 27.61
CA ILE H 70 -34.07 34.34 26.72
C ILE H 70 -32.62 34.68 27.04
N SER H 71 -32.35 35.95 27.34
CA SER H 71 -31.01 36.38 27.71
C SER H 71 -30.55 35.71 29.00
N THR H 72 -31.42 35.63 30.00
CA THR H 72 -31.06 34.95 31.23
C THR H 72 -30.83 33.46 31.00
N ALA H 73 -31.59 32.84 30.09
CA ALA H 73 -31.41 31.43 29.83
C ALA H 73 -30.15 31.15 29.03
N LEU H 74 -29.72 32.08 28.19
CA LEU H 74 -28.51 31.87 27.39
C LEU H 74 -27.27 32.49 28.03
N GLY H 75 -27.41 33.64 28.67
CA GLY H 75 -26.28 34.34 29.25
C GLY H 75 -26.05 35.65 28.52
N SER H 76 -25.74 36.70 29.29
CA SER H 76 -25.62 38.03 28.71
C SER H 76 -24.46 38.11 27.71
N GLU H 77 -23.30 37.54 28.06
CA GLU H 77 -22.16 37.57 27.16
C GLU H 77 -22.40 36.70 25.94
N ARG H 78 -23.06 35.55 26.13
CA ARG H 78 -23.35 34.68 25.01
C ARG H 78 -24.39 35.31 24.10
N VAL H 79 -25.33 36.06 24.67
CA VAL H 79 -26.31 36.79 23.88
C VAL H 79 -25.65 37.92 23.09
N GLN H 80 -24.68 38.60 23.70
CA GLN H 80 -23.91 39.60 22.96
C GLN H 80 -23.17 38.97 21.79
N GLN H 81 -22.59 37.79 22.01
CA GLN H 81 -21.93 37.07 20.92
C GLN H 81 -22.93 36.69 19.82
N ILE H 82 -24.13 36.26 20.21
CA ILE H 82 -25.15 35.90 19.24
C ILE H 82 -25.53 37.10 18.39
N LEU H 83 -25.78 38.24 19.04
CA LEU H 83 -26.18 39.44 18.30
C LEU H 83 -25.05 39.95 17.42
N ARG H 84 -23.81 39.77 17.83
CA ARG H 84 -22.68 40.11 16.96
C ARG H 84 -22.63 39.20 15.75
N ASN H 85 -22.81 37.89 15.95
CA ASN H 85 -22.75 36.95 14.84
C ASN H 85 -23.92 37.07 13.89
N SER H 86 -25.05 37.62 14.35
CA SER H 86 -26.15 37.90 13.44
C SER H 86 -25.83 39.01 12.46
N GLY H 87 -24.74 39.74 12.69
CA GLY H 87 -24.34 40.82 11.82
C GLY H 87 -24.75 42.19 12.29
N SER H 88 -24.93 42.39 13.60
CA SER H 88 -25.37 43.67 14.15
C SER H 88 -24.34 44.18 15.15
N GLU H 89 -24.17 45.50 15.17
CA GLU H 89 -23.25 46.15 16.09
C GLU H 89 -23.96 46.71 17.31
N VAL H 90 -25.13 46.16 17.66
CA VAL H 90 -25.88 46.65 18.82
C VAL H 90 -25.06 46.41 20.07
N GLN H 91 -24.99 47.43 20.92
CA GLN H 91 -24.23 47.36 22.16
C GLN H 91 -25.17 46.89 23.27
N VAL H 92 -24.97 45.66 23.71
CA VAL H 92 -25.69 45.10 24.84
C VAL H 92 -25.55 45.97 26.08
N VAL H 93 -26.68 46.21 26.75
CA VAL H 93 -26.74 46.89 28.04
C VAL H 93 -27.30 45.91 29.05
N LEU H 94 -26.88 46.04 30.30
CA LEU H 94 -27.14 45.03 31.33
C LEU H 94 -28.25 45.50 32.27
N THR H 95 -29.19 44.61 32.56
CA THR H 95 -30.30 44.91 33.45
C THR H 95 -29.79 45.10 34.87
N ARG H 96 -30.33 46.10 35.57
CA ARG H 96 -29.89 46.45 36.92
C ARG H 96 -31.07 46.39 37.88
N THR H 97 -30.89 45.69 39.00
CA THR H 97 -31.92 45.70 40.03
C THR H 97 -31.82 46.98 40.86
N TYR H 98 -32.95 47.66 41.04
CA TYR H 98 -32.99 48.88 41.81
C TYR H 98 -34.08 48.77 42.88
N SER H 99 -33.83 49.39 44.02
CA SER H 99 -34.82 49.43 45.07
C SER H 99 -35.94 50.40 44.68
N LEU H 100 -37.19 49.99 44.92
CA LEU H 100 -38.32 50.85 44.57
C LEU H 100 -38.29 52.13 45.37
N GLY H 101 -37.96 52.06 46.64
CA GLY H 101 -37.91 53.20 47.52
C GLY H 101 -38.16 52.78 48.95
N LYS H 102 -39.04 53.52 49.63
CA LYS H 102 -39.39 53.20 51.00
C LYS H 102 -40.18 51.90 51.11
N ILE H 103 -40.74 51.42 50.01
CA ILE H 103 -41.54 50.20 50.02
C ILE H 103 -40.67 49.00 50.37
N LYS H 104 -41.19 48.13 51.21
CA LYS H 104 -40.48 46.94 51.67
C LYS H 104 -41.32 45.70 51.41
N ASN H 105 -40.65 44.56 51.24
CA ASN H 105 -41.33 43.32 50.92
C ASN H 105 -41.65 42.56 52.21
N ASN H 106 -42.12 41.31 52.06
CA ASN H 106 -42.49 40.51 53.22
C ASN H 106 -41.28 40.10 54.04
N LYS H 107 -40.11 39.98 53.41
CA LYS H 107 -38.92 39.53 54.11
C LYS H 107 -38.24 40.62 54.93
N GLY H 108 -38.74 41.85 54.88
CA GLY H 108 -38.12 42.94 55.59
C GLY H 108 -36.99 43.63 54.86
N GLU H 109 -36.76 43.30 53.60
CA GLU H 109 -35.76 43.95 52.77
C GLU H 109 -36.42 44.93 51.81
N ASP H 110 -35.60 45.75 51.17
CA ASP H 110 -36.11 46.66 50.16
C ASP H 110 -36.56 45.88 48.94
N LEU H 111 -37.72 46.26 48.40
CA LEU H 111 -38.28 45.58 47.24
C LEU H 111 -37.44 45.91 46.01
N GLN H 112 -36.72 44.92 45.51
CA GLN H 112 -35.85 45.11 44.35
C GLN H 112 -36.62 44.77 43.08
N MET H 113 -36.60 45.70 42.13
CA MET H 113 -37.26 45.50 40.84
C MET H 113 -36.26 45.67 39.70
N LEU H 114 -36.58 45.03 38.58
CA LEU H 114 -35.69 45.06 37.43
C LEU H 114 -35.73 46.41 36.73
N ASP H 115 -34.57 46.81 36.22
CA ASP H 115 -34.40 48.01 35.41
C ASP H 115 -33.80 47.56 34.09
N ILE H 116 -34.63 47.54 33.06
CA ILE H 116 -34.27 47.06 31.74
C ILE H 116 -34.04 48.27 30.84
N HIS H 117 -33.00 48.20 30.02
CA HIS H 117 -32.69 49.30 29.11
C HIS H 117 -33.75 49.40 28.02
N GLY H 118 -34.18 50.63 27.74
CA GLY H 118 -35.18 50.86 26.73
C GLY H 118 -36.61 50.67 27.18
N VAL H 119 -36.81 50.10 28.37
CA VAL H 119 -38.14 49.92 28.95
C VAL H 119 -38.28 50.97 30.04
N GLU H 120 -39.27 51.85 29.91
CA GLU H 120 -39.51 52.83 30.96
C GLU H 120 -39.81 52.10 32.26
N LYS H 121 -39.20 52.59 33.35
CA LYS H 121 -39.47 51.98 34.64
C LYS H 121 -40.93 52.11 35.03
N SER H 122 -41.60 53.16 34.55
CA SER H 122 -43.02 53.35 34.88
C SER H 122 -43.86 52.20 34.35
N TRP H 123 -43.53 51.67 33.17
CA TRP H 123 -44.23 50.51 32.65
C TRP H 123 -44.08 49.31 33.57
N VAL H 124 -42.86 49.06 34.06
CA VAL H 124 -42.64 47.93 34.96
C VAL H 124 -43.39 48.14 36.28
N GLU H 125 -43.35 49.36 36.81
CA GLU H 125 -44.09 49.67 38.03
C GLU H 125 -45.58 49.43 37.85
N GLU H 126 -46.14 49.86 36.71
CA GLU H 126 -47.57 49.71 36.52
C GLU H 126 -47.96 48.25 36.30
N ILE H 127 -47.11 47.48 35.60
CA ILE H 127 -47.38 46.06 35.44
C ILE H 127 -47.37 45.37 36.80
N ASP H 128 -46.34 45.66 37.61
CA ASP H 128 -46.24 45.04 38.93
C ASP H 128 -47.38 45.47 39.84
N LYS H 129 -47.74 46.75 39.82
CA LYS H 129 -48.82 47.24 40.68
C LYS H 129 -50.16 46.64 40.27
N GLU H 130 -50.44 46.57 38.97
CA GLU H 130 -51.68 45.97 38.52
C GLU H 130 -51.75 44.49 38.87
N ALA H 131 -50.63 43.78 38.72
CA ALA H 131 -50.61 42.37 39.08
C ALA H 131 -50.83 42.17 40.58
N ARG H 132 -50.20 43.00 41.40
CA ARG H 132 -50.38 42.91 42.84
C ARG H 132 -51.81 43.21 43.23
N LYS H 133 -52.42 44.24 42.62
CA LYS H 133 -53.81 44.57 42.90
C LYS H 133 -54.73 43.43 42.49
N THR H 134 -54.47 42.82 41.33
CA THR H 134 -55.30 41.71 40.86
C THR H 134 -55.22 40.53 41.82
N MET H 135 -54.02 40.17 42.26
CA MET H 135 -53.92 39.06 43.20
C MET H 135 -54.53 39.40 44.54
N ALA H 136 -54.42 40.66 44.98
CA ALA H 136 -55.09 41.06 46.22
C ALA H 136 -56.59 40.88 46.10
N THR H 137 -57.17 41.30 44.97
CA THR H 137 -58.60 41.11 44.77
C THR H 137 -58.97 39.62 44.74
N LEU H 138 -58.16 38.81 44.05
CA LEU H 138 -58.48 37.39 43.95
C LEU H 138 -58.42 36.70 45.32
N LEU H 139 -57.44 37.06 46.15
CA LEU H 139 -57.39 36.50 47.50
C LEU H 139 -58.50 37.06 48.38
N LYS H 140 -58.96 38.28 48.10
CA LYS H 140 -60.14 38.78 48.80
C LYS H 140 -61.36 37.95 48.45
N GLU H 141 -61.50 37.57 47.18
CA GLU H 141 -62.63 36.73 46.77
C GLU H 141 -62.54 35.34 47.39
N SER H 142 -61.39 34.68 47.27
CA SER H 142 -61.21 33.33 47.79
C SER H 142 -59.91 33.26 48.58
N SER H 143 -59.97 32.57 49.73
CA SER H 143 -58.83 32.47 50.63
C SER H 143 -58.15 31.12 50.46
N GLY H 144 -56.84 31.14 50.24
CA GLY H 144 -56.07 29.91 50.12
C GLY H 144 -56.40 29.08 48.90
N ASN H 145 -56.99 29.68 47.88
CA ASN H 145 -57.42 28.96 46.68
C ASN H 145 -56.46 29.17 45.50
N ILE H 146 -55.27 29.70 45.75
CA ILE H 146 -54.34 30.00 44.67
C ILE H 146 -53.14 29.07 44.75
N PRO H 147 -53.11 27.99 43.98
CA PRO H 147 -51.94 27.10 43.99
C PRO H 147 -50.74 27.74 43.31
N GLN H 148 -49.63 26.99 43.24
CA GLN H 148 -48.43 27.54 42.61
C GLN H 148 -48.64 27.79 41.12
N ASN H 149 -49.34 26.88 40.45
CA ASN H 149 -49.47 26.95 38.99
C ASN H 149 -50.31 28.15 38.53
N GLN H 150 -51.05 28.80 39.43
CA GLN H 150 -51.78 30.02 39.09
C GLN H 150 -51.08 31.28 39.58
N ARG H 151 -49.84 31.17 39.98
CA ARG H 151 -49.10 32.32 40.47
C ARG H 151 -48.11 32.80 39.41
N PRO H 152 -47.79 34.10 39.41
CA PRO H 152 -46.82 34.63 38.44
C PRO H 152 -45.42 34.05 38.61
N SER H 153 -45.06 33.59 39.81
CA SER H 153 -43.71 33.11 40.05
C SER H 153 -43.49 31.70 39.51
N ALA H 154 -44.46 31.14 38.80
CA ALA H 154 -44.27 29.82 38.22
C ALA H 154 -43.12 29.85 37.23
N PRO H 155 -42.24 28.83 37.24
CA PRO H 155 -41.07 28.87 36.36
C PRO H 155 -41.38 28.87 34.87
N ASP H 156 -42.57 28.44 34.47
CA ASP H 156 -42.90 28.29 33.05
C ASP H 156 -43.62 29.50 32.47
N THR H 157 -43.99 30.49 33.29
CA THR H 157 -44.62 31.69 32.75
C THR H 157 -43.78 32.40 31.69
N PRO H 158 -42.46 32.55 31.83
CA PRO H 158 -41.69 33.07 30.69
C PRO H 158 -41.82 32.21 29.45
N ILE H 159 -41.91 30.90 29.64
CA ILE H 159 -42.08 30.01 28.50
C ILE H 159 -43.46 30.18 27.87
N ILE H 160 -44.49 30.46 28.67
CA ILE H 160 -45.81 30.73 28.11
C ILE H 160 -45.79 32.00 27.26
N LEU H 161 -45.18 33.05 27.79
CA LEU H 161 -45.03 34.29 27.03
C LEU H 161 -44.27 34.04 25.73
N LEU H 162 -43.18 33.28 25.82
CA LEU H 162 -42.40 32.97 24.64
C LEU H 162 -43.11 32.02 23.69
N CYS H 163 -44.09 31.25 24.17
CA CYS H 163 -44.89 30.42 23.26
C CYS H 163 -45.88 31.25 22.47
N VAL H 164 -46.46 32.28 23.09
CA VAL H 164 -47.22 33.25 22.31
C VAL H 164 -46.32 33.91 21.27
N GLY H 165 -45.10 34.27 21.69
CA GLY H 165 -44.14 34.84 20.75
C GLY H 165 -43.78 33.89 19.62
N ALA H 166 -43.65 32.60 19.91
CA ALA H 166 -43.34 31.62 18.88
C ALA H 166 -44.51 31.40 17.94
N LEU H 167 -45.74 31.50 18.45
CA LEU H 167 -46.90 31.45 17.58
C LEU H 167 -46.90 32.61 16.59
N ILE H 168 -46.56 33.81 17.07
CA ILE H 168 -46.46 34.93 16.13
C ILE H 168 -45.23 34.80 15.24
N PHE H 169 -44.22 34.04 15.68
CA PHE H 169 -43.02 33.82 14.89
C PHE H 169 -43.29 32.90 13.71
N THR H 170 -44.18 31.92 13.89
CA THR H 170 -44.50 31.01 12.79
C THR H 170 -45.10 31.74 11.61
N LYS H 171 -45.73 32.90 11.83
CA LYS H 171 -46.41 33.65 10.78
C LYS H 171 -45.67 34.94 10.43
N LEU H 172 -44.33 34.88 10.38
CA LEU H 172 -43.54 36.07 10.10
C LEU H 172 -43.37 36.34 8.62
N ALA H 173 -43.64 35.36 7.76
CA ALA H 173 -43.67 35.58 6.33
C ALA H 173 -45.05 36.00 5.83
N SER H 174 -46.04 36.02 6.71
CA SER H 174 -47.38 36.45 6.39
C SER H 174 -47.52 37.94 6.72
N THR H 175 -48.75 38.44 6.71
CA THR H 175 -49.00 39.81 7.12
C THR H 175 -49.35 39.87 8.61
N ILE H 176 -49.49 41.09 9.12
CA ILE H 176 -49.74 41.27 10.54
C ILE H 176 -51.13 40.80 10.92
N GLU H 177 -52.12 41.03 10.04
CA GLU H 177 -53.50 40.66 10.36
C GLU H 177 -53.66 39.15 10.37
N VAL H 178 -53.17 38.48 9.33
CA VAL H 178 -53.25 37.03 9.25
C VAL H 178 -52.46 36.40 10.40
N GLY H 179 -51.28 36.94 10.70
CA GLY H 179 -50.49 36.43 11.80
C GLY H 179 -51.19 36.57 13.14
N LEU H 180 -51.82 37.73 13.38
CA LEU H 180 -52.53 37.92 14.65
C LEU H 180 -53.72 36.99 14.76
N GLU H 181 -54.51 36.86 13.69
CA GLU H 181 -55.66 35.96 13.72
C GLU H 181 -55.21 34.52 13.96
N THR H 182 -54.15 34.09 13.26
CA THR H 182 -53.64 32.73 13.44
C THR H 182 -53.13 32.53 14.85
N THR H 183 -52.43 33.50 15.40
CA THR H 183 -51.89 33.37 16.75
C THR H 183 -53.00 33.25 17.78
N VAL H 184 -54.03 34.09 17.68
CA VAL H 184 -55.14 34.00 18.63
C VAL H 184 -55.86 32.67 18.49
N ARG H 185 -56.17 32.28 17.25
CA ARG H 185 -56.91 31.04 17.02
C ARG H 185 -56.15 29.83 17.53
N ARG H 186 -54.84 29.76 17.23
CA ARG H 186 -54.05 28.62 17.65
C ARG H 186 -53.70 28.66 19.13
N ALA H 187 -53.63 29.84 19.74
CA ALA H 187 -53.34 29.94 21.16
C ALA H 187 -54.54 29.60 22.01
N ASN H 188 -55.75 29.77 21.49
CA ASN H 188 -56.94 29.33 22.21
C ASN H 188 -56.92 27.83 22.45
N ARG H 189 -56.28 27.07 21.56
CA ARG H 189 -56.19 25.61 21.66
C ARG H 189 -54.88 25.15 22.28
N VAL H 190 -53.76 25.60 21.72
CA VAL H 190 -52.45 25.09 22.12
C VAL H 190 -52.10 25.53 23.53
N LEU H 191 -52.30 26.81 23.83
CA LEU H 191 -52.04 27.35 25.16
C LEU H 191 -53.34 27.37 25.97
N SER H 192 -53.96 26.20 26.11
CA SER H 192 -55.22 26.09 26.82
C SER H 192 -55.03 25.86 28.31
N ASP H 193 -54.03 25.07 28.70
CA ASP H 193 -53.72 24.90 30.11
C ASP H 193 -53.26 26.21 30.73
N ALA H 194 -52.43 26.97 30.00
CA ALA H 194 -52.01 28.28 30.48
C ALA H 194 -53.20 29.23 30.60
N LEU H 195 -54.09 29.22 29.59
CA LEU H 195 -55.27 30.08 29.64
C LEU H 195 -56.24 29.68 30.73
N LYS H 196 -56.22 28.42 31.17
CA LYS H 196 -56.98 28.05 32.36
C LYS H 196 -56.30 28.52 33.63
N ARG H 197 -54.97 28.37 33.71
CA ARG H 197 -54.24 28.87 34.88
C ARG H 197 -54.30 30.39 34.94
N TYR H 198 -54.14 31.05 33.80
CA TYR H 198 -54.09 32.52 33.72
C TYR H 198 -55.24 32.99 32.85
N PRO H 199 -56.44 33.16 33.42
CA PRO H 199 -57.63 33.44 32.60
C PRO H 199 -57.67 34.83 32.01
N ARG H 200 -56.66 35.67 32.25
CA ARG H 200 -56.75 37.05 31.79
C ARG H 200 -55.45 37.53 31.16
N MET H 201 -54.73 36.66 30.45
CA MET H 201 -53.62 37.10 29.62
C MET H 201 -54.14 37.49 28.25
N ASP H 202 -53.81 38.72 27.83
CA ASP H 202 -54.33 39.29 26.59
C ASP H 202 -53.43 38.81 25.46
N ILE H 203 -53.80 37.65 24.89
CA ILE H 203 -52.99 37.08 23.81
C ILE H 203 -52.89 38.00 22.60
N PRO H 204 -53.96 38.67 22.13
CA PRO H 204 -53.77 39.59 21.01
C PRO H 204 -52.76 40.69 21.25
N LYS H 205 -52.74 41.28 22.45
CA LYS H 205 -51.82 42.38 22.72
C LYS H 205 -50.39 41.88 22.87
N ILE H 206 -50.20 40.74 23.51
CA ILE H 206 -48.86 40.16 23.62
C ILE H 206 -48.36 39.76 22.23
N ALA H 207 -49.24 39.23 21.39
CA ALA H 207 -48.84 38.85 20.04
C ALA H 207 -48.48 40.06 19.20
N ARG H 208 -49.23 41.16 19.34
CA ARG H 208 -48.88 42.39 18.65
C ARG H 208 -47.54 42.93 19.14
N SER H 209 -47.29 42.83 20.45
CA SER H 209 -45.99 43.25 20.99
C SER H 209 -44.87 42.43 20.39
N PHE H 210 -45.06 41.12 20.27
CA PHE H 210 -44.02 40.27 19.71
C PHE H 210 -43.81 40.55 18.23
N TYR H 211 -44.90 40.78 17.49
CA TYR H 211 -44.76 41.14 16.08
C TYR H 211 -43.99 42.44 15.93
N ASP H 212 -44.30 43.44 16.75
CA ASP H 212 -43.54 44.68 16.74
C ASP H 212 -42.06 44.40 16.98
N LEU H 213 -41.74 43.72 18.08
CA LEU H 213 -40.35 43.45 18.42
C LEU H 213 -39.62 42.76 17.27
N PHE H 214 -40.26 41.81 16.62
CA PHE H 214 -39.65 41.14 15.49
C PHE H 214 -39.55 42.04 14.27
N GLU H 215 -40.33 43.12 14.22
CA GLU H 215 -40.16 44.09 13.14
C GLU H 215 -38.99 45.03 13.38
N GLN H 216 -38.98 45.75 14.52
CA GLN H 216 -37.89 46.71 14.72
C GLN H 216 -36.55 46.01 14.93
N LYS H 217 -36.48 45.02 15.81
CA LYS H 217 -35.21 44.39 16.17
C LYS H 217 -35.11 43.04 15.45
N VAL H 218 -34.60 43.10 14.23
CA VAL H 218 -34.48 41.89 13.40
C VAL H 218 -33.46 40.93 14.00
N TYR H 219 -32.39 41.46 14.60
CA TYR H 219 -31.39 40.60 15.21
C TYR H 219 -31.99 39.72 16.31
N HIS H 220 -33.01 40.21 16.99
CA HIS H 220 -33.67 39.40 18.03
C HIS H 220 -34.28 38.14 17.44
N ARG H 221 -34.70 38.18 16.18
CA ARG H 221 -35.12 36.95 15.51
C ARG H 221 -34.04 35.89 15.64
N SER H 222 -32.80 36.25 15.31
CA SER H 222 -31.67 35.35 15.49
C SER H 222 -31.60 34.87 16.92
N LEU H 223 -31.72 35.78 17.87
CA LEU H 223 -31.71 35.40 19.29
C LEU H 223 -32.80 34.39 19.55
N PHE H 224 -34.02 34.68 19.09
CA PHE H 224 -35.12 33.74 19.23
C PHE H 224 -34.73 32.38 18.69
N ILE H 225 -34.15 32.35 17.49
CA ILE H 225 -33.79 31.08 16.87
C ILE H 225 -32.78 30.35 17.74
N GLU H 226 -31.78 31.08 18.25
CA GLU H 226 -30.79 30.43 19.10
C GLU H 226 -31.45 29.79 20.29
N TYR H 227 -32.42 30.48 20.90
CA TYR H 227 -33.14 29.90 22.03
C TYR H 227 -33.71 28.55 21.64
N GLY H 228 -34.41 28.49 20.52
CA GLY H 228 -34.94 27.22 20.06
C GLY H 228 -33.85 26.19 19.89
N LYS H 229 -32.74 26.59 19.24
CA LYS H 229 -31.61 25.68 19.09
C LYS H 229 -31.08 25.27 20.45
N ALA H 230 -30.96 26.22 21.38
CA ALA H 230 -30.47 25.89 22.70
C ALA H 230 -31.49 25.10 23.50
N LEU H 231 -32.76 25.15 23.11
CA LEU H 231 -33.78 24.52 23.93
C LEU H 231 -34.05 23.10 23.47
N GLY H 232 -33.98 22.85 22.17
CA GLY H 232 -34.11 21.50 21.65
C GLY H 232 -32.90 20.63 21.81
N SER H 233 -31.78 21.20 22.24
CA SER H 233 -30.56 20.44 22.51
C SER H 233 -30.45 20.00 23.97
N SER H 234 -31.40 20.40 24.82
CA SER H 234 -31.33 20.08 26.24
C SER H 234 -31.81 18.67 26.49
N SER H 235 -31.17 18.00 27.46
CA SER H 235 -31.56 16.65 27.80
C SER H 235 -32.98 16.60 28.37
N THR H 236 -33.32 17.53 29.23
CA THR H 236 -34.64 17.60 29.85
C THR H 236 -35.28 18.96 29.57
N GLY H 237 -36.43 19.17 30.18
CA GLY H 237 -37.15 20.41 30.02
C GLY H 237 -38.55 20.27 30.59
N SER H 238 -39.28 21.37 30.55
CA SER H 238 -40.67 21.34 30.97
C SER H 238 -41.58 21.02 29.79
N LYS H 239 -42.87 20.87 30.09
CA LYS H 239 -43.85 20.69 29.03
C LYS H 239 -43.97 21.95 28.17
N ALA H 240 -43.91 23.11 28.80
CA ALA H 240 -43.99 24.37 28.06
C ALA H 240 -42.81 24.52 27.11
N GLU H 241 -41.64 24.04 27.51
CA GLU H 241 -40.46 24.12 26.64
C GLU H 241 -40.61 23.19 25.44
N SER H 242 -41.18 22.00 25.66
CA SER H 242 -41.47 21.11 24.53
C SER H 242 -42.47 21.75 23.59
N LEU H 243 -43.47 22.44 24.14
CA LEU H 243 -44.42 23.17 23.30
C LEU H 243 -43.74 24.27 22.50
N PHE H 244 -42.83 25.02 23.15
CA PHE H 244 -42.10 26.06 22.45
C PHE H 244 -41.31 25.48 21.28
N VAL H 245 -40.61 24.37 21.52
CA VAL H 245 -39.83 23.77 20.44
C VAL H 245 -40.74 23.23 19.35
N ASN H 246 -41.93 22.72 19.70
CA ASN H 246 -42.85 22.24 18.69
C ASN H 246 -43.33 23.35 17.77
N ILE H 247 -43.71 24.49 18.35
CA ILE H 247 -44.11 25.63 17.51
C ILE H 247 -42.91 26.15 16.71
N PHE H 248 -41.73 26.13 17.31
CA PHE H 248 -40.54 26.64 16.65
C PHE H 248 -40.18 25.79 15.42
N MET H 249 -40.34 24.47 15.52
CA MET H 249 -40.24 23.62 14.33
C MET H 249 -41.38 23.86 13.36
N GLN H 250 -42.59 24.13 13.84
CA GLN H 250 -43.67 24.46 12.94
C GLN H 250 -43.38 25.72 12.15
N ALA H 251 -42.48 26.57 12.65
CA ALA H 251 -42.08 27.77 11.92
C ALA H 251 -41.02 27.52 10.87
N TYR H 252 -40.55 26.29 10.69
CA TYR H 252 -39.32 26.04 9.96
C TYR H 252 -39.34 26.52 8.51
N GLY H 253 -40.14 25.89 7.66
CA GLY H 253 -40.06 26.22 6.24
C GLY H 253 -40.83 27.45 5.85
N ALA H 254 -40.94 28.41 6.76
CA ALA H 254 -41.77 29.59 6.56
C ALA H 254 -41.22 30.45 5.42
N GLY H 255 -42.11 30.90 4.55
CA GLY H 255 -41.73 31.65 3.38
C GLY H 255 -41.34 30.83 2.18
N GLN H 256 -41.42 29.50 2.27
CA GLN H 256 -41.05 28.60 1.19
C GLN H 256 -42.08 27.49 1.04
N THR H 257 -43.37 27.83 1.12
CA THR H 257 -44.39 26.80 1.03
C THR H 257 -44.54 26.24 -0.38
N MET H 258 -44.09 26.96 -1.41
CA MET H 258 -44.17 26.44 -2.76
C MET H 258 -43.20 25.28 -2.98
N LEU H 259 -42.04 25.28 -2.31
CA LEU H 259 -41.14 24.14 -2.40
C LEU H 259 -41.76 22.89 -1.79
N ARG H 260 -42.36 23.04 -0.61
CA ARG H 260 -43.03 21.92 0.04
C ARG H 260 -44.21 21.44 -0.80
N TRP H 261 -44.98 22.37 -1.35
CA TRP H 261 -46.13 22.00 -2.16
C TRP H 261 -45.73 21.38 -3.49
N GLY H 262 -44.56 21.75 -4.02
CA GLY H 262 -44.06 21.08 -5.21
C GLY H 262 -43.58 19.67 -4.93
N VAL H 263 -42.96 19.47 -3.76
CA VAL H 263 -42.64 18.11 -3.34
C VAL H 263 -43.91 17.29 -3.19
N ILE H 264 -44.97 17.92 -2.69
CA ILE H 264 -46.27 17.25 -2.59
C ILE H 264 -46.80 16.89 -3.97
N ALA H 265 -46.74 17.85 -4.90
CA ALA H 265 -47.25 17.61 -6.25
C ALA H 265 -46.47 16.52 -6.96
N ARG H 266 -45.19 16.37 -6.64
CA ARG H 266 -44.43 15.22 -7.15
C ARG H 266 -44.89 13.94 -6.48
N SER H 267 -45.09 13.97 -5.16
CA SER H 267 -45.60 12.80 -4.44
C SER H 267 -47.05 12.50 -4.79
N SER H 268 -47.79 13.49 -5.31
CA SER H 268 -49.17 13.27 -5.73
C SER H 268 -49.27 12.74 -7.15
N ASN H 269 -48.16 12.66 -7.87
CA ASN H 269 -48.12 12.12 -9.23
C ASN H 269 -49.11 12.84 -10.14
N ASN H 270 -49.18 14.16 -10.00
CA ASN H 270 -50.02 14.96 -10.89
C ASN H 270 -49.52 14.82 -12.33
N ILE H 271 -50.40 14.32 -13.20
CA ILE H 271 -49.99 14.09 -14.59
C ILE H 271 -49.66 15.39 -15.30
N MET H 272 -50.21 16.51 -14.84
CA MET H 272 -49.95 17.76 -15.55
C MET H 272 -48.53 18.27 -15.32
N LEU H 273 -47.79 17.65 -14.38
CA LEU H 273 -46.36 17.90 -14.32
C LEU H 273 -45.66 17.49 -15.60
N GLY H 274 -46.23 16.52 -16.32
CA GLY H 274 -45.70 16.06 -17.59
C GLY H 274 -46.06 16.91 -18.79
N HIS H 275 -46.87 17.96 -18.59
CA HIS H 275 -47.14 18.89 -19.67
C HIS H 275 -45.85 19.55 -20.11
N VAL H 276 -45.70 19.73 -21.44
CA VAL H 276 -44.41 20.16 -21.99
C VAL H 276 -43.98 21.51 -21.44
N SER H 277 -44.93 22.39 -21.11
CA SER H 277 -44.57 23.70 -20.58
C SER H 277 -43.88 23.56 -19.22
N VAL H 278 -44.36 22.65 -18.37
CA VAL H 278 -43.68 22.39 -17.11
C VAL H 278 -42.36 21.66 -17.35
N GLN H 279 -42.37 20.70 -18.28
CA GLN H 279 -41.17 19.94 -18.62
C GLN H 279 -40.02 20.84 -19.03
N ALA H 280 -40.34 21.98 -19.67
CA ALA H 280 -39.31 22.94 -20.03
C ALA H 280 -38.73 23.66 -18.82
N GLU H 281 -39.32 23.50 -17.64
CA GLU H 281 -38.89 24.20 -16.44
C GLU H 281 -38.39 23.28 -15.34
N LEU H 282 -38.60 21.97 -15.44
CA LEU H 282 -38.12 21.08 -14.39
C LEU H 282 -36.61 21.20 -14.17
N LYS H 283 -35.84 21.61 -15.17
CA LYS H 283 -34.41 21.77 -14.96
C LYS H 283 -34.10 22.90 -13.97
N GLN H 284 -34.77 24.04 -14.11
CA GLN H 284 -34.55 25.11 -13.14
C GLN H 284 -35.22 24.82 -11.80
N VAL H 285 -36.32 24.08 -11.82
CA VAL H 285 -36.92 23.61 -10.56
C VAL H 285 -35.92 22.75 -9.79
N THR H 286 -35.28 21.81 -10.50
CA THR H 286 -34.26 20.97 -9.90
C THR H 286 -33.09 21.80 -9.42
N GLU H 287 -32.74 22.86 -10.14
CA GLU H 287 -31.68 23.75 -9.64
C GLU H 287 -32.07 24.42 -8.34
N VAL H 288 -33.34 24.83 -8.20
CA VAL H 288 -33.78 25.43 -6.95
C VAL H 288 -33.67 24.43 -5.80
N TYR H 289 -34.11 23.20 -6.03
CA TYR H 289 -34.00 22.20 -4.96
C TYR H 289 -32.55 21.83 -4.68
N ASP H 290 -31.69 21.83 -5.71
CA ASP H 290 -30.27 21.64 -5.50
C ASP H 290 -29.69 22.76 -4.64
N LEU H 291 -30.17 23.98 -4.85
CA LEU H 291 -29.74 25.10 -4.01
C LEU H 291 -30.16 24.88 -2.56
N VAL H 292 -31.37 24.36 -2.35
CA VAL H 292 -31.79 24.03 -0.99
C VAL H 292 -30.85 23.01 -0.38
N ARG H 293 -30.50 21.97 -1.14
CA ARG H 293 -29.58 20.95 -0.64
C ARG H 293 -28.20 21.53 -0.33
N GLU H 294 -27.73 22.46 -1.17
CA GLU H 294 -26.44 23.09 -0.97
C GLU H 294 -26.44 23.95 0.29
N MET H 295 -27.50 24.74 0.49
CA MET H 295 -27.59 25.56 1.68
C MET H 295 -27.66 24.71 2.94
N GLY H 296 -28.43 23.63 2.90
CA GLY H 296 -28.50 22.71 4.01
C GLY H 296 -29.56 23.07 5.02
N PRO H 297 -29.36 22.65 6.28
CA PRO H 297 -30.40 22.86 7.29
C PRO H 297 -30.73 24.32 7.58
N GLU H 298 -29.81 25.24 7.29
CA GLU H 298 -30.08 26.66 7.53
C GLU H 298 -30.94 27.29 6.44
N SER H 299 -31.26 26.55 5.37
CA SER H 299 -32.08 27.13 4.31
C SER H 299 -33.51 27.36 4.76
N GLY H 300 -34.00 26.58 5.72
CA GLY H 300 -35.36 26.77 6.20
C GLY H 300 -35.56 28.03 7.01
N LEU H 301 -34.50 28.54 7.63
CA LEU H 301 -34.58 29.73 8.47
C LEU H 301 -34.29 31.00 7.70
N LEU H 302 -34.14 30.93 6.39
CA LEU H 302 -33.72 32.08 5.60
C LEU H 302 -34.73 33.21 5.67
N HIS H 303 -36.02 32.89 5.56
CA HIS H 303 -37.06 33.92 5.63
C HIS H 303 -37.36 34.33 7.06
N LEU H 304 -37.24 33.40 8.02
CA LEU H 304 -37.42 33.76 9.42
C LEU H 304 -36.33 34.73 9.86
N ARG H 305 -35.08 34.47 9.47
CA ARG H 305 -33.99 35.39 9.76
C ARG H 305 -34.07 36.65 8.94
N GLN H 306 -34.91 36.67 7.89
CA GLN H 306 -34.98 37.77 6.94
C GLN H 306 -33.63 37.97 6.26
N SER H 307 -33.05 36.85 5.81
CA SER H 307 -31.78 36.91 5.10
C SER H 307 -31.97 37.53 3.73
N PRO H 308 -31.09 38.44 3.32
CA PRO H 308 -31.14 38.94 1.93
C PRO H 308 -30.94 37.83 0.92
N LYS H 309 -30.24 36.77 1.31
CA LYS H 309 -30.02 35.62 0.43
C LYS H 309 -31.33 34.92 0.09
N ALA H 310 -32.34 35.03 0.95
CA ALA H 310 -33.65 34.49 0.63
C ALA H 310 -34.23 35.19 -0.59
N GLY H 311 -34.89 34.41 -1.43
CA GLY H 311 -35.30 34.86 -2.75
C GLY H 311 -34.54 34.16 -3.86
N LEU H 312 -33.36 33.63 -3.57
CA LEU H 312 -32.74 32.63 -4.43
C LEU H 312 -33.53 31.33 -4.42
N LEU H 313 -34.28 31.08 -3.35
CA LEU H 313 -35.13 29.90 -3.23
C LEU H 313 -36.50 30.10 -3.85
N SER H 314 -36.67 31.12 -4.69
CA SER H 314 -37.96 31.44 -5.29
C SER H 314 -38.15 30.65 -6.57
N LEU H 315 -39.34 30.05 -6.72
CA LEU H 315 -39.76 29.38 -7.94
C LEU H 315 -40.63 30.28 -8.81
N ALA H 316 -40.50 31.59 -8.67
CA ALA H 316 -41.38 32.51 -9.37
C ALA H 316 -41.02 32.68 -10.85
N ASN H 317 -39.85 32.21 -11.27
CA ASN H 317 -39.46 32.27 -12.67
C ASN H 317 -39.89 31.02 -13.44
N CYS H 318 -40.58 30.10 -12.79
CA CYS H 318 -41.15 28.91 -13.42
C CYS H 318 -42.67 28.99 -13.27
N PRO H 319 -43.33 29.85 -14.03
CA PRO H 319 -44.76 30.10 -13.82
C PRO H 319 -45.64 28.88 -14.05
N ASN H 320 -45.30 28.02 -15.01
CA ASN H 320 -46.16 26.88 -15.29
C ASN H 320 -46.04 25.81 -14.22
N PHE H 321 -44.82 25.56 -13.73
CA PHE H 321 -44.65 24.65 -12.61
C PHE H 321 -45.36 25.18 -11.38
N ALA H 322 -45.28 26.49 -11.14
CA ALA H 322 -45.99 27.08 -10.01
C ALA H 322 -47.49 26.93 -10.15
N SER H 323 -48.02 27.12 -11.36
CA SER H 323 -49.45 26.95 -11.60
C SER H 323 -49.87 25.50 -11.36
N VAL H 324 -49.08 24.55 -11.84
CA VAL H 324 -49.42 23.14 -11.66
C VAL H 324 -49.34 22.76 -10.19
N VAL H 325 -48.36 23.28 -9.46
CA VAL H 325 -48.23 22.98 -8.04
C VAL H 325 -49.41 23.55 -7.26
N LEU H 326 -49.79 24.80 -7.55
CA LEU H 326 -50.93 25.39 -6.87
C LEU H 326 -52.22 24.68 -7.23
N GLY H 327 -52.37 24.24 -8.47
CA GLY H 327 -53.56 23.48 -8.85
C GLY H 327 -53.64 22.13 -8.18
N ASN H 328 -52.51 21.43 -8.08
CA ASN H 328 -52.49 20.16 -7.36
C ASN H 328 -52.82 20.37 -5.89
N ALA H 329 -52.28 21.42 -5.28
CA ALA H 329 -52.60 21.70 -3.88
C ALA H 329 -54.08 22.05 -3.71
N SER H 330 -54.65 22.78 -4.67
CA SER H 330 -56.05 23.16 -4.58
C SER H 330 -56.96 21.95 -4.75
N GLY H 331 -56.61 21.03 -5.64
CA GLY H 331 -57.42 19.84 -5.82
C GLY H 331 -57.45 18.96 -4.59
N LEU H 332 -56.29 18.76 -3.95
CA LEU H 332 -56.23 18.03 -2.71
C LEU H 332 -56.91 18.76 -1.56
N GLY H 333 -57.23 20.05 -1.73
CA GLY H 333 -57.88 20.82 -0.69
C GLY H 333 -56.96 21.42 0.35
N ILE H 334 -55.64 21.38 0.12
CA ILE H 334 -54.69 21.92 1.09
C ILE H 334 -54.28 23.35 0.77
N ILE H 335 -54.77 23.91 -0.34
CA ILE H 335 -54.35 25.27 -0.70
C ILE H 335 -54.86 26.28 0.31
N GLY H 336 -56.00 26.01 0.94
CA GLY H 336 -56.55 26.93 1.92
C GLY H 336 -56.80 28.29 1.33
N MET H 337 -56.36 29.33 2.03
CA MET H 337 -56.48 30.71 1.57
C MET H 337 -55.13 31.27 1.16
N TYR H 338 -54.24 30.41 0.70
CA TYR H 338 -52.95 30.85 0.18
C TYR H 338 -53.15 31.83 -0.96
N ARG H 339 -52.41 32.94 -0.92
CA ARG H 339 -52.62 34.04 -1.85
C ARG H 339 -51.56 34.10 -2.94
N GLY H 340 -50.77 33.04 -3.13
CA GLY H 340 -49.82 33.03 -4.22
C GLY H 340 -50.52 33.17 -5.56
N ARG H 341 -49.85 33.85 -6.49
CA ARG H 341 -50.45 34.14 -7.77
C ARG H 341 -50.30 32.95 -8.71
N VAL H 342 -51.34 32.71 -9.51
CA VAL H 342 -51.34 31.60 -10.45
C VAL H 342 -51.18 32.17 -11.85
N PRO H 343 -50.01 32.10 -12.45
CA PRO H 343 -49.81 32.70 -13.78
C PRO H 343 -50.61 32.00 -14.86
N ASN H 344 -50.47 30.68 -14.95
CA ASN H 344 -51.17 29.89 -15.95
C ASN H 344 -52.47 29.37 -15.36
N THR H 345 -53.60 29.93 -15.81
CA THR H 345 -54.90 29.52 -15.29
C THR H 345 -55.33 28.17 -15.85
N GLU H 346 -55.03 27.89 -17.12
CA GLU H 346 -55.45 26.62 -17.71
C GLU H 346 -54.72 25.44 -17.08
N LEU H 347 -53.41 25.57 -16.86
CA LEU H 347 -52.67 24.52 -16.16
C LEU H 347 -53.18 24.36 -14.73
N PHE H 348 -53.50 25.46 -14.06
CA PHE H 348 -54.09 25.39 -12.74
C PHE H 348 -55.37 24.58 -12.75
N SER H 349 -56.26 24.88 -13.70
CA SER H 349 -57.54 24.19 -13.76
C SER H 349 -57.37 22.71 -14.05
N ALA H 350 -56.51 22.37 -15.01
CA ALA H 350 -56.30 20.96 -15.35
C ALA H 350 -55.66 20.21 -14.18
N ALA H 351 -54.66 20.81 -13.54
CA ALA H 351 -54.02 20.17 -12.40
C ALA H 351 -55.00 19.98 -11.25
N GLU H 352 -55.85 20.98 -11.00
CA GLU H 352 -56.82 20.87 -9.92
C GLU H 352 -57.85 19.79 -10.21
N SER H 353 -58.30 19.70 -11.48
CA SER H 353 -59.23 18.64 -11.85
C SER H 353 -58.61 17.27 -11.65
N TYR H 354 -57.36 17.10 -12.09
CA TYR H 354 -56.73 15.78 -11.92
C TYR H 354 -56.52 15.46 -10.44
N ALA H 355 -56.13 16.45 -9.64
CA ALA H 355 -55.88 16.17 -8.23
C ALA H 355 -57.17 15.85 -7.50
N LYS H 356 -58.26 16.53 -7.84
CA LYS H 356 -59.55 16.19 -7.25
C LYS H 356 -59.98 14.78 -7.66
N SER H 357 -59.80 14.43 -8.93
CA SER H 357 -60.15 13.09 -9.37
C SER H 357 -59.32 12.03 -8.64
N LEU H 358 -58.03 12.31 -8.44
CA LEU H 358 -57.16 11.37 -7.74
C LEU H 358 -57.56 11.23 -6.28
N LYS H 359 -57.89 12.36 -5.62
CA LYS H 359 -58.23 12.30 -4.21
C LYS H 359 -59.56 11.58 -3.98
N GLU H 360 -60.54 11.80 -4.87
CA GLU H 360 -61.85 11.16 -4.69
C GLU H 360 -61.75 9.65 -4.81
N ASP I 10 -36.85 16.86 4.68
CA ASP I 10 -36.96 17.95 5.64
C ASP I 10 -36.85 17.48 7.09
N LEU I 11 -37.34 16.28 7.40
CA LEU I 11 -37.33 15.83 8.79
C LEU I 11 -35.93 15.48 9.26
N SER I 12 -35.14 14.84 8.40
CA SER I 12 -33.74 14.61 8.72
C SER I 12 -33.01 15.93 8.91
N TYR I 13 -33.35 16.93 8.10
CA TYR I 13 -32.72 18.24 8.23
C TYR I 13 -33.09 18.91 9.55
N LYS I 14 -34.35 18.78 9.97
CA LYS I 14 -34.75 19.32 11.26
C LYS I 14 -34.05 18.60 12.41
N HIS I 15 -33.91 17.28 12.30
CA HIS I 15 -33.20 16.53 13.34
C HIS I 15 -31.73 16.94 13.39
N ALA I 16 -31.10 17.12 12.24
CA ALA I 16 -29.72 17.56 12.22
C ALA I 16 -29.57 18.99 12.74
N ILE I 17 -30.60 19.82 12.55
CA ILE I 17 -30.59 21.15 13.13
C ILE I 17 -30.60 21.08 14.66
N LEU I 18 -31.55 20.30 15.21
CA LEU I 18 -31.70 20.26 16.66
C LEU I 18 -30.55 19.52 17.33
N LYS I 19 -30.07 18.44 16.72
CA LYS I 19 -29.06 17.60 17.35
C LYS I 19 -27.70 18.28 17.35
N GLU I 20 -27.30 18.86 16.22
CA GLU I 20 -25.95 19.42 16.06
C GLU I 20 -25.93 20.86 16.57
N SER I 21 -26.00 21.00 17.90
CA SER I 21 -25.94 22.29 18.55
C SER I 21 -24.69 22.36 19.42
N GLN I 22 -23.92 23.44 19.27
CA GLN I 22 -22.68 23.61 20.01
C GLN I 22 -22.89 24.22 21.39
N TYR I 23 -24.10 24.65 21.72
CA TYR I 23 -24.37 25.34 22.97
C TYR I 23 -25.37 24.54 23.79
N THR I 24 -25.01 24.26 25.04
CA THR I 24 -25.92 23.61 25.98
C THR I 24 -26.78 24.66 26.67
N ILE I 25 -27.90 24.20 27.23
CA ILE I 25 -28.84 25.06 27.93
C ILE I 25 -28.69 24.85 29.42
N LYS I 26 -28.71 25.94 30.18
CA LYS I 26 -28.57 25.91 31.63
C LYS I 26 -29.90 26.24 32.29
N ARG I 27 -30.34 25.39 33.20
CA ARG I 27 -31.60 25.59 33.90
C ARG I 27 -31.42 25.16 35.35
N ASP I 28 -32.33 25.66 36.20
CA ASP I 28 -32.33 25.32 37.63
C ASP I 28 -31.03 25.73 38.30
N VAL I 29 -30.48 26.89 37.91
CA VAL I 29 -29.14 27.25 38.34
C VAL I 29 -29.10 27.50 39.85
N GLY I 30 -30.10 28.18 40.40
CA GLY I 30 -30.09 28.52 41.81
C GLY I 30 -30.74 27.51 42.73
N THR I 31 -31.17 26.37 42.21
CA THR I 31 -31.97 25.43 42.96
C THR I 31 -31.12 24.33 43.58
N THR I 32 -31.73 23.60 44.50
CA THR I 32 -31.09 22.48 45.17
C THR I 32 -32.06 21.30 45.23
N THR I 33 -31.49 20.10 45.36
CA THR I 33 -32.26 18.89 45.53
C THR I 33 -31.56 17.98 46.52
N ALA I 34 -32.30 17.01 47.05
CA ALA I 34 -31.80 16.17 48.12
C ALA I 34 -31.38 14.81 47.58
N VAL I 35 -30.29 14.27 48.13
CA VAL I 35 -29.91 12.88 47.93
C VAL I 35 -29.50 12.30 49.27
N THR I 36 -29.41 10.98 49.31
CA THR I 36 -29.02 10.26 50.51
C THR I 36 -27.80 9.39 50.20
N PRO I 37 -26.73 9.47 51.00
CA PRO I 37 -25.57 8.61 50.74
C PRO I 37 -25.93 7.14 50.86
N SER I 38 -25.27 6.33 50.03
CA SER I 38 -25.62 4.91 49.94
C SER I 38 -25.51 4.21 51.28
N SER I 39 -24.62 4.70 52.16
CA SER I 39 -24.42 4.10 53.47
C SER I 39 -25.65 4.20 54.35
N LEU I 40 -26.64 5.01 53.98
CA LEU I 40 -27.88 5.12 54.72
C LEU I 40 -29.01 4.31 54.09
N GLN I 41 -28.68 3.38 53.19
CA GLN I 41 -29.71 2.61 52.50
C GLN I 41 -30.64 1.94 53.48
N GLN I 42 -30.09 1.24 54.48
CA GLN I 42 -30.92 0.63 55.51
C GLN I 42 -31.87 1.65 56.10
N GLU I 43 -31.33 2.81 56.51
CA GLU I 43 -32.18 3.82 57.14
C GLU I 43 -33.25 4.33 56.19
N ILE I 44 -32.98 4.38 54.89
CA ILE I 44 -34.04 4.81 53.99
C ILE I 44 -35.02 3.67 53.76
N THR I 45 -34.52 2.43 53.76
CA THR I 45 -35.41 1.29 53.52
C THR I 45 -36.53 1.27 54.54
N LEU I 46 -36.18 1.41 55.82
CA LEU I 46 -37.18 1.48 56.88
C LEU I 46 -38.24 2.53 56.54
N LEU I 47 -37.80 3.73 56.16
CA LEU I 47 -38.77 4.78 55.85
C LEU I 47 -39.64 4.39 54.68
N CYS I 48 -39.04 3.80 53.64
CA CYS I 48 -39.83 3.38 52.50
C CYS I 48 -40.82 2.29 52.87
N GLY I 49 -40.62 1.63 54.01
CA GLY I 49 -41.56 0.63 54.48
C GLY I 49 -42.56 1.18 55.46
N GLU I 50 -42.30 2.36 56.01
CA GLU I 50 -43.22 2.95 56.98
C GLU I 50 -44.30 3.78 56.34
N ILE I 51 -44.10 4.21 55.09
CA ILE I 51 -45.19 4.78 54.30
C ILE I 51 -46.14 3.68 53.84
N LEU I 52 -45.72 2.43 53.93
CA LEU I 52 -46.47 1.32 53.35
C LEU I 52 -47.46 0.67 54.32
N TYR I 53 -47.12 0.54 55.61
CA TYR I 53 -47.94 -0.32 56.46
C TYR I 53 -48.79 0.47 57.44
N ALA I 54 -48.94 1.77 57.24
CA ALA I 54 -49.82 2.58 58.06
C ALA I 54 -50.64 3.49 57.16
N LYS I 55 -51.76 3.96 57.70
CA LYS I 55 -52.66 4.86 56.98
C LYS I 55 -52.34 6.28 57.41
N HIS I 56 -51.79 7.06 56.49
CA HIS I 56 -51.26 8.39 56.78
C HIS I 56 -52.19 9.46 56.24
N ALA I 57 -52.32 10.55 56.99
CA ALA I 57 -53.12 11.67 56.51
C ALA I 57 -52.49 12.35 55.31
N ASP I 58 -51.15 12.32 55.23
CA ASP I 58 -50.42 13.04 54.19
C ASP I 58 -49.38 12.13 53.56
N TYR I 59 -49.38 12.05 52.24
CA TYR I 59 -48.45 11.25 51.45
C TYR I 59 -47.65 12.12 50.49
N LYS I 60 -47.34 13.35 50.92
CA LYS I 60 -46.77 14.33 50.00
C LYS I 60 -45.40 13.90 49.49
N TYR I 61 -44.54 13.40 50.37
CA TYR I 61 -43.14 13.18 50.05
C TYR I 61 -42.78 11.72 49.82
N ALA I 62 -43.76 10.85 49.56
CA ALA I 62 -43.44 9.45 49.35
C ALA I 62 -42.56 9.26 48.12
N ALA I 63 -42.86 10.00 47.04
CA ALA I 63 -42.04 9.92 45.84
C ALA I 63 -40.63 10.40 46.11
N GLU I 64 -40.48 11.42 46.96
CA GLU I 64 -39.16 11.88 47.35
C GLU I 64 -38.40 10.79 48.08
N ILE I 65 -39.07 10.03 48.94
CA ILE I 65 -38.39 8.94 49.65
C ILE I 65 -37.99 7.84 48.68
N GLY I 66 -38.82 7.58 47.67
CA GLY I 66 -38.41 6.63 46.63
C GLY I 66 -37.20 7.11 45.86
N ILE I 67 -37.14 8.40 45.54
CA ILE I 67 -35.96 8.97 44.89
C ILE I 67 -34.75 8.89 45.80
N GLN I 68 -34.95 9.06 47.11
CA GLN I 68 -33.84 8.90 48.06
C GLN I 68 -33.30 7.48 48.04
N TYR I 69 -34.19 6.49 47.96
CA TYR I 69 -33.72 5.12 47.81
C TYR I 69 -32.96 4.92 46.50
N ILE I 70 -33.45 5.52 45.42
CA ILE I 70 -32.73 5.44 44.15
C ILE I 70 -31.34 6.05 44.29
N SER I 71 -31.24 7.15 45.03
CA SER I 71 -29.95 7.79 45.27
C SER I 71 -29.02 6.88 46.06
N THR I 72 -29.54 6.21 47.08
CA THR I 72 -28.71 5.27 47.84
C THR I 72 -28.28 4.09 46.97
N ALA I 73 -29.14 3.64 46.06
CA ALA I 73 -28.79 2.51 45.20
C ALA I 73 -27.79 2.90 44.13
N LEU I 74 -27.80 4.16 43.69
CA LEU I 74 -26.86 4.61 42.66
C LEU I 74 -25.62 5.28 43.25
N GLY I 75 -25.78 6.05 44.31
CA GLY I 75 -24.69 6.79 44.90
C GLY I 75 -24.92 8.27 44.74
N SER I 76 -24.61 9.03 45.80
CA SER I 76 -24.90 10.46 45.80
C SER I 76 -24.13 11.21 44.73
N GLU I 77 -22.83 10.90 44.59
CA GLU I 77 -22.02 11.58 43.57
C GLU I 77 -22.43 11.15 42.17
N ARG I 78 -22.79 9.88 41.99
CA ARG I 78 -23.23 9.41 40.69
C ARG I 78 -24.59 9.99 40.34
N VAL I 79 -25.44 10.20 41.35
CA VAL I 79 -26.74 10.85 41.12
C VAL I 79 -26.55 12.31 40.76
N GLN I 80 -25.58 12.98 41.40
CA GLN I 80 -25.27 14.35 41.00
C GLN I 80 -24.79 14.41 39.56
N GLN I 81 -23.96 13.45 39.16
CA GLN I 81 -23.53 13.37 37.77
C GLN I 81 -24.70 13.14 36.82
N ILE I 82 -25.64 12.28 37.22
CA ILE I 82 -26.82 12.00 36.40
C ILE I 82 -27.64 13.26 36.21
N LEU I 83 -27.90 13.98 37.31
CA LEU I 83 -28.71 15.19 37.21
C LEU I 83 -28.01 16.28 36.43
N ARG I 84 -26.68 16.33 36.48
CA ARG I 84 -25.95 17.26 35.63
C ARG I 84 -26.08 16.89 34.16
N ASN I 85 -25.94 15.60 33.84
CA ASN I 85 -26.03 15.16 32.46
C ASN I 85 -27.43 15.27 31.89
N SER I 86 -28.47 15.28 32.74
CA SER I 86 -29.81 15.52 32.24
C SER I 86 -29.99 16.95 31.77
N GLY I 87 -29.05 17.84 32.06
CA GLY I 87 -29.12 19.22 31.67
C GLY I 87 -29.64 20.17 32.72
N SER I 88 -29.46 19.83 34.00
CA SER I 88 -29.95 20.64 35.10
C SER I 88 -28.80 21.04 36.01
N GLU I 89 -28.86 22.27 36.53
CA GLU I 89 -27.86 22.79 37.45
C GLU I 89 -28.28 22.66 38.90
N VAL I 90 -29.18 21.71 39.20
CA VAL I 90 -29.62 21.53 40.58
C VAL I 90 -28.45 21.11 41.45
N GLN I 91 -28.34 21.75 42.61
CA GLN I 91 -27.26 21.46 43.54
C GLN I 91 -27.72 20.39 44.52
N VAL I 92 -27.17 19.20 44.36
CA VAL I 92 -27.41 18.09 45.29
C VAL I 92 -27.10 18.48 46.71
N VAL I 93 -28.01 18.13 47.63
CA VAL I 93 -27.83 18.27 49.07
C VAL I 93 -27.86 16.87 49.67
N LEU I 94 -27.13 16.68 50.77
CA LEU I 94 -26.90 15.35 51.32
C LEU I 94 -27.75 15.13 52.56
N THR I 95 -28.39 13.96 52.63
CA THR I 95 -29.22 13.60 53.77
C THR I 95 -28.37 13.40 55.02
N ARG I 96 -28.85 13.92 56.15
CA ARG I 96 -28.12 13.87 57.41
C ARG I 96 -28.94 13.15 58.47
N THR I 97 -28.33 12.18 59.14
CA THR I 97 -28.99 11.53 60.27
C THR I 97 -28.89 12.41 61.50
N TYR I 98 -30.01 12.64 62.16
CA TYR I 98 -30.07 13.45 63.37
C TYR I 98 -30.76 12.66 64.47
N SER I 99 -30.31 12.88 65.70
CA SER I 99 -30.95 12.27 66.85
C SER I 99 -32.28 12.95 67.11
N LEU I 100 -33.32 12.15 67.40
CA LEU I 100 -34.64 12.71 67.65
C LEU I 100 -34.62 13.59 68.89
N GLY I 101 -33.93 13.17 69.93
CA GLY I 101 -33.85 13.90 71.17
C GLY I 101 -33.58 12.95 72.33
N LYS I 102 -34.35 13.12 73.40
CA LYS I 102 -34.22 12.25 74.56
C LYS I 102 -34.68 10.83 74.28
N ILE I 103 -35.44 10.62 73.19
CA ILE I 103 -35.96 9.31 72.87
C ILE I 103 -34.82 8.36 72.52
N LYS I 104 -34.90 7.14 73.01
CA LYS I 104 -33.88 6.12 72.80
C LYS I 104 -34.52 4.87 72.22
N ASN I 105 -33.72 4.10 71.47
CA ASN I 105 -34.22 2.91 70.80
C ASN I 105 -34.01 1.69 71.70
N ASN I 106 -34.25 0.50 71.14
CA ASN I 106 -34.12 -0.73 71.91
C ASN I 106 -32.67 -1.04 72.24
N LYS I 107 -31.72 -0.59 71.42
CA LYS I 107 -30.32 -0.90 71.61
C LYS I 107 -29.65 -0.02 72.66
N GLY I 108 -30.36 0.95 73.22
CA GLY I 108 -29.77 1.85 74.18
C GLY I 108 -29.07 3.06 73.60
N GLU I 109 -29.15 3.25 72.30
CA GLU I 109 -28.56 4.42 71.64
C GLU I 109 -29.65 5.43 71.31
N ASP I 110 -29.22 6.63 70.93
CA ASP I 110 -30.15 7.65 70.48
C ASP I 110 -30.80 7.24 69.16
N LEU I 111 -32.12 7.44 69.07
CA LEU I 111 -32.84 7.08 67.85
C LEU I 111 -32.48 8.05 66.74
N GLN I 112 -31.76 7.55 65.74
CA GLN I 112 -31.31 8.37 64.62
C GLN I 112 -32.33 8.30 63.50
N MET I 113 -32.77 9.46 63.03
CA MET I 113 -33.71 9.54 61.93
C MET I 113 -33.15 10.38 60.80
N LEU I 114 -33.65 10.11 59.60
CA LEU I 114 -33.16 10.79 58.40
C LEU I 114 -33.64 12.23 58.35
N ASP I 115 -32.77 13.10 57.83
CA ASP I 115 -33.08 14.50 57.57
C ASP I 115 -32.82 14.74 56.09
N ILE I 116 -33.89 14.85 55.34
CA ILE I 116 -33.84 14.98 53.89
C ILE I 116 -34.12 16.43 53.54
N HIS I 117 -33.36 16.96 52.57
CA HIS I 117 -33.55 18.34 52.16
C HIS I 117 -34.86 18.51 51.44
N GLY I 118 -35.59 19.58 51.77
CA GLY I 118 -36.87 19.87 51.16
C GLY I 118 -38.04 19.12 51.77
N VAL I 119 -37.78 18.14 52.62
CA VAL I 119 -38.82 17.40 53.32
C VAL I 119 -38.84 17.91 54.75
N GLU I 120 -39.96 18.47 55.18
CA GLU I 120 -40.08 18.89 56.57
C GLU I 120 -39.83 17.71 57.49
N LYS I 121 -39.05 17.93 58.55
CA LYS I 121 -38.81 16.87 59.50
C LYS I 121 -40.08 16.43 60.19
N SER I 122 -41.06 17.34 60.32
CA SER I 122 -42.32 16.99 60.96
C SER I 122 -43.06 15.90 60.17
N TRP I 123 -42.98 15.95 58.85
CA TRP I 123 -43.58 14.88 58.03
C TRP I 123 -42.94 13.53 58.34
N VAL I 124 -41.61 13.50 58.43
CA VAL I 124 -40.93 12.23 58.74
C VAL I 124 -41.29 11.76 60.14
N GLU I 125 -41.33 12.67 61.10
CA GLU I 125 -41.72 12.30 62.46
C GLU I 125 -43.14 11.72 62.49
N GLU I 126 -44.07 12.34 61.76
CA GLU I 126 -45.44 11.86 61.80
C GLU I 126 -45.59 10.53 61.08
N ILE I 127 -44.86 10.33 59.98
CA ILE I 127 -44.88 9.04 59.30
C ILE I 127 -44.35 7.96 60.23
N ASP I 128 -43.21 8.23 60.87
CA ASP I 128 -42.62 7.24 61.78
C ASP I 128 -43.51 6.97 62.98
N LYS I 129 -44.09 8.02 63.56
CA LYS I 129 -44.95 7.85 64.73
C LYS I 129 -46.21 7.07 64.38
N GLU I 130 -46.83 7.39 63.25
CA GLU I 130 -48.03 6.66 62.84
C GLU I 130 -47.70 5.20 62.55
N ALA I 131 -46.56 4.93 61.90
CA ALA I 131 -46.18 3.55 61.65
C ALA I 131 -45.91 2.79 62.94
N ARG I 132 -45.24 3.43 63.90
CA ARG I 132 -44.97 2.79 65.17
C ARG I 132 -46.27 2.50 65.93
N LYS I 133 -47.20 3.47 65.92
CA LYS I 133 -48.49 3.27 66.58
C LYS I 133 -49.26 2.13 65.91
N THR I 134 -49.24 2.07 64.58
CA THR I 134 -49.94 1.00 63.87
C THR I 134 -49.37 -0.36 64.22
N MET I 135 -48.05 -0.49 64.23
CA MET I 135 -47.47 -1.79 64.59
C MET I 135 -47.73 -2.13 66.06
N ALA I 136 -47.73 -1.13 66.94
CA ALA I 136 -48.07 -1.40 68.33
C ALA I 136 -49.49 -1.94 68.45
N THR I 137 -50.42 -1.33 67.73
CA THR I 137 -51.80 -1.84 67.74
C THR I 137 -51.87 -3.26 67.17
N LEU I 138 -51.16 -3.52 66.08
CA LEU I 138 -51.22 -4.84 65.46
C LEU I 138 -50.65 -5.91 66.38
N LEU I 139 -49.55 -5.61 67.08
CA LEU I 139 -49.01 -6.57 68.04
C LEU I 139 -49.90 -6.69 69.27
N LYS I 140 -50.64 -5.64 69.62
CA LYS I 140 -51.63 -5.78 70.68
C LYS I 140 -52.74 -6.74 70.25
N GLU I 141 -53.15 -6.68 68.99
CA GLU I 141 -54.18 -7.60 68.49
C GLU I 141 -53.66 -9.04 68.46
N SER I 142 -52.49 -9.25 67.86
CA SER I 142 -51.91 -10.58 67.73
C SER I 142 -50.45 -10.56 68.17
N SER I 143 -50.05 -11.58 68.91
CA SER I 143 -48.70 -11.66 69.45
C SER I 143 -47.86 -12.62 68.62
N GLY I 144 -46.69 -12.15 68.17
CA GLY I 144 -45.78 -12.98 67.42
C GLY I 144 -46.27 -13.38 66.05
N ASN I 145 -47.25 -12.67 65.50
CA ASN I 145 -47.86 -13.02 64.22
C ASN I 145 -47.34 -12.14 63.07
N ILE I 146 -46.26 -11.41 63.28
CA ILE I 146 -45.74 -10.50 62.26
C ILE I 146 -44.42 -11.02 61.72
N PRO I 147 -44.41 -11.70 60.58
CA PRO I 147 -43.15 -12.16 60.00
C PRO I 147 -42.34 -11.02 59.42
N GLN I 148 -41.17 -11.34 58.84
CA GLN I 148 -40.33 -10.29 58.28
C GLN I 148 -41.02 -9.61 57.10
N ASN I 149 -41.69 -10.38 56.25
CA ASN I 149 -42.25 -9.83 55.02
C ASN I 149 -43.40 -8.86 55.26
N GLN I 150 -43.95 -8.80 56.47
CA GLN I 150 -44.95 -7.80 56.80
C GLN I 150 -44.40 -6.65 57.63
N ARG I 151 -43.11 -6.52 57.71
CA ARG I 151 -42.48 -5.46 58.45
C ARG I 151 -41.95 -4.38 57.52
N PRO I 152 -41.90 -3.13 57.99
CA PRO I 152 -41.35 -2.05 57.16
C PRO I 152 -39.89 -2.21 56.81
N SER I 153 -39.12 -2.94 57.62
CA SER I 153 -37.69 -3.08 57.38
C SER I 153 -37.37 -4.07 56.27
N ALA I 154 -38.38 -4.60 55.60
CA ALA I 154 -38.13 -5.52 54.50
C ALA I 154 -37.34 -4.83 53.40
N PRO I 155 -36.33 -5.48 52.83
CA PRO I 155 -35.48 -4.81 51.84
C PRO I 155 -36.21 -4.37 50.57
N ASP I 156 -37.36 -4.96 50.26
CA ASP I 156 -38.05 -4.69 49.01
C ASP I 156 -39.13 -3.62 49.13
N THR I 157 -39.41 -3.12 50.32
CA THR I 157 -40.39 -2.04 50.47
C THR I 157 -40.04 -0.80 49.65
N PRO I 158 -38.78 -0.34 49.58
CA PRO I 158 -38.50 0.75 48.64
C PRO I 158 -38.82 0.38 47.21
N ILE I 159 -38.60 -0.89 46.84
CA ILE I 159 -38.93 -1.33 45.49
C ILE I 159 -40.43 -1.35 45.27
N ILE I 160 -41.22 -1.67 46.29
CA ILE I 160 -42.67 -1.62 46.16
C ILE I 160 -43.14 -0.18 45.93
N LEU I 161 -42.60 0.75 46.71
CA LEU I 161 -42.92 2.16 46.51
C LEU I 161 -42.53 2.60 45.11
N LEU I 162 -41.35 2.20 44.66
CA LEU I 162 -40.90 2.57 43.33
C LEU I 162 -41.66 1.85 42.23
N CYS I 163 -42.30 0.71 42.53
CA CYS I 163 -43.15 0.06 41.55
C CYS I 163 -44.46 0.81 41.37
N VAL I 164 -45.02 1.34 42.46
CA VAL I 164 -46.15 2.25 42.31
C VAL I 164 -45.73 3.47 41.49
N GLY I 165 -44.52 3.99 41.76
CA GLY I 165 -44.00 5.09 40.97
C GLY I 165 -43.82 4.75 39.51
N ALA I 166 -43.37 3.54 39.21
CA ALA I 166 -43.19 3.11 37.83
C ALA I 166 -44.52 2.91 37.13
N LEU I 167 -45.54 2.46 37.86
CA LEU I 167 -46.89 2.39 37.29
C LEU I 167 -47.37 3.78 36.90
N ILE I 168 -47.15 4.78 37.74
CA ILE I 168 -47.54 6.13 37.35
C ILE I 168 -46.61 6.67 36.25
N PHE I 169 -45.40 6.14 36.15
CA PHE I 169 -44.45 6.55 35.12
C PHE I 169 -44.88 6.07 33.74
N THR I 170 -45.49 4.89 33.67
CA THR I 170 -45.93 4.36 32.38
C THR I 170 -46.98 5.26 31.74
N LYS I 171 -47.71 6.03 32.53
CA LYS I 171 -48.80 6.88 32.04
C LYS I 171 -48.45 8.36 32.12
N LEU I 172 -47.20 8.71 31.80
CA LEU I 172 -46.76 10.09 31.88
C LEU I 172 -47.07 10.91 30.64
N ALA I 173 -47.39 10.25 29.52
CA ALA I 173 -47.88 10.95 28.33
C ALA I 173 -49.39 11.10 28.34
N SER I 174 -50.08 10.52 29.32
CA SER I 174 -51.51 10.63 29.47
C SER I 174 -51.82 11.80 30.41
N THR I 175 -53.07 11.90 30.84
CA THR I 175 -53.46 12.91 31.82
C THR I 175 -53.34 12.35 33.23
N ILE I 176 -53.56 13.22 34.21
CA ILE I 176 -53.41 12.81 35.61
C ILE I 176 -54.53 11.86 36.01
N GLU I 177 -55.76 12.09 35.53
CA GLU I 177 -56.89 11.25 35.92
C GLU I 177 -56.75 9.85 35.33
N VAL I 178 -56.47 9.77 34.04
CA VAL I 178 -56.30 8.47 33.39
C VAL I 178 -55.11 7.74 34.00
N GLY I 179 -54.02 8.46 34.26
CA GLY I 179 -52.85 7.84 34.88
C GLY I 179 -53.15 7.30 36.26
N LEU I 180 -53.89 8.06 37.07
CA LEU I 180 -54.23 7.58 38.42
C LEU I 180 -55.14 6.38 38.38
N GLU I 181 -56.16 6.41 37.52
CA GLU I 181 -57.05 5.26 37.39
C GLU I 181 -56.30 4.03 36.93
N THR I 182 -55.43 4.19 35.92
CA THR I 182 -54.65 3.06 35.43
C THR I 182 -53.72 2.53 36.50
N THR I 183 -53.08 3.41 37.27
CA THR I 183 -52.16 2.97 38.30
C THR I 183 -52.89 2.18 39.38
N VAL I 184 -54.03 2.68 39.85
CA VAL I 184 -54.79 1.95 40.87
C VAL I 184 -55.25 0.61 40.33
N ARG I 185 -55.83 0.60 39.13
CA ARG I 185 -56.36 -0.63 38.55
C ARG I 185 -55.27 -1.67 38.36
N ARG I 186 -54.12 -1.26 37.82
CA ARG I 186 -53.03 -2.20 37.56
C ARG I 186 -52.30 -2.57 38.83
N ALA I 187 -52.27 -1.71 39.85
CA ALA I 187 -51.61 -2.04 41.10
C ALA I 187 -52.43 -2.99 41.95
N ASN I 188 -53.74 -2.99 41.79
CA ASN I 188 -54.56 -3.99 42.48
C ASN I 188 -54.19 -5.40 42.07
N ARG I 189 -53.71 -5.58 40.83
CA ARG I 189 -53.33 -6.89 40.32
C ARG I 189 -51.83 -7.15 40.42
N VAL I 190 -51.02 -6.23 39.90
CA VAL I 190 -49.58 -6.45 39.78
C VAL I 190 -48.94 -6.45 41.16
N LEU I 191 -49.27 -5.47 41.99
CA LEU I 191 -48.75 -5.39 43.35
C LEU I 191 -49.73 -6.01 44.34
N SER I 192 -50.05 -7.28 44.10
CA SER I 192 -51.01 -7.99 44.92
C SER I 192 -50.36 -8.67 46.12
N ASP I 193 -49.16 -9.23 45.93
CA ASP I 193 -48.42 -9.79 47.08
C ASP I 193 -48.07 -8.69 48.08
N ALA I 194 -47.64 -7.53 47.58
CA ALA I 194 -47.35 -6.41 48.47
C ALA I 194 -48.61 -5.95 49.18
N LEU I 195 -49.74 -5.85 48.46
CA LEU I 195 -50.99 -5.44 49.08
C LEU I 195 -51.50 -6.46 50.08
N LYS I 196 -51.13 -7.72 49.95
CA LYS I 196 -51.42 -8.70 50.99
C LYS I 196 -50.50 -8.52 52.20
N ARG I 197 -49.20 -8.31 51.95
CA ARG I 197 -48.28 -8.06 53.04
C ARG I 197 -48.59 -6.74 53.74
N TYR I 198 -48.91 -5.70 52.97
CA TYR I 198 -49.15 -4.36 53.50
C TYR I 198 -50.57 -3.97 53.13
N PRO I 199 -51.56 -4.35 53.94
CA PRO I 199 -52.96 -4.15 53.55
C PRO I 199 -53.44 -2.72 53.62
N ARG I 200 -52.58 -1.77 53.97
CA ARG I 200 -53.05 -0.39 54.15
C ARG I 200 -52.11 0.63 53.54
N MET I 201 -51.49 0.30 52.41
CA MET I 201 -50.75 1.30 51.64
C MET I 201 -51.71 1.98 50.68
N ASP I 202 -51.76 3.31 50.75
CA ASP I 202 -52.71 4.11 49.97
C ASP I 202 -52.11 4.34 48.59
N ILE I 203 -52.40 3.40 47.68
CA ILE I 203 -51.85 3.50 46.32
C ILE I 203 -52.28 4.77 45.61
N PRO I 204 -53.53 5.23 45.68
CA PRO I 204 -53.87 6.50 45.01
C PRO I 204 -53.04 7.69 45.48
N LYS I 205 -52.79 7.79 46.80
CA LYS I 205 -52.05 8.94 47.31
C LYS I 205 -50.58 8.86 46.97
N ILE I 206 -50.00 7.67 47.03
CA ILE I 206 -48.61 7.49 46.63
C ILE I 206 -48.45 7.76 45.14
N ALA I 207 -49.42 7.33 44.33
CA ALA I 207 -49.37 7.58 42.90
C ALA I 207 -49.50 9.07 42.58
N ARG I 208 -50.37 9.77 43.30
CA ARG I 208 -50.47 11.22 43.12
C ARG I 208 -49.18 11.91 43.53
N SER I 209 -48.55 11.45 44.61
CA SER I 209 -47.25 11.99 45.00
C SER I 209 -46.21 11.80 43.92
N PHE I 210 -46.18 10.61 43.31
CA PHE I 210 -45.20 10.35 42.26
C PHE I 210 -45.49 11.17 41.01
N TYR I 211 -46.77 11.33 40.66
CA TYR I 211 -47.12 12.19 39.53
C TYR I 211 -46.69 13.62 39.78
N ASP I 212 -46.93 14.12 40.99
CA ASP I 212 -46.44 15.45 41.33
C ASP I 212 -44.94 15.54 41.15
N LEU I 213 -44.19 14.64 41.78
CA LEU I 213 -42.73 14.68 41.71
C LEU I 213 -42.26 14.69 40.26
N PHE I 214 -42.87 13.87 39.41
CA PHE I 214 -42.49 13.85 38.01
C PHE I 214 -42.92 15.11 37.28
N GLU I 215 -43.87 15.87 37.83
CA GLU I 215 -44.20 17.16 37.22
C GLU I 215 -43.21 18.25 37.62
N GLN I 216 -43.01 18.49 38.91
CA GLN I 216 -42.10 19.58 39.28
C GLN I 216 -40.66 19.27 38.92
N LYS I 217 -40.16 18.10 39.29
CA LYS I 217 -38.74 17.78 39.11
C LYS I 217 -38.59 16.86 37.90
N VAL I 218 -38.48 17.48 36.72
CA VAL I 218 -38.38 16.72 35.47
C VAL I 218 -37.07 15.94 35.42
N TYR I 219 -35.99 16.52 35.96
CA TYR I 219 -34.72 15.82 35.94
C TYR I 219 -34.79 14.49 36.68
N HIS I 220 -35.66 14.38 37.69
CA HIS I 220 -35.82 13.13 38.40
C HIS I 220 -36.32 12.02 37.48
N ARG I 221 -37.10 12.38 36.45
CA ARG I 221 -37.45 11.40 35.43
C ARG I 221 -36.20 10.72 34.92
N SER I 222 -35.20 11.51 34.52
CA SER I 222 -33.92 10.97 34.09
C SER I 222 -33.35 10.04 35.15
N LEU I 223 -33.36 10.50 36.41
CA LEU I 223 -32.86 9.67 37.50
C LEU I 223 -33.62 8.36 37.54
N PHE I 224 -34.96 8.43 37.48
CA PHE I 224 -35.78 7.23 37.43
C PHE I 224 -35.30 6.32 36.31
N ILE I 225 -35.12 6.88 35.12
CA ILE I 225 -34.71 6.07 33.97
C ILE I 225 -33.38 5.40 34.26
N GLU I 226 -32.43 6.16 34.82
CA GLU I 226 -31.13 5.56 35.11
C GLU I 226 -31.28 4.38 36.05
N TYR I 227 -32.14 4.51 37.06
CA TYR I 227 -32.38 3.39 37.96
C TYR I 227 -32.78 2.16 37.17
N GLY I 228 -33.75 2.30 36.28
CA GLY I 228 -34.15 1.17 35.45
C GLY I 228 -32.98 0.63 34.66
N LYS I 229 -32.20 1.52 34.04
CA LYS I 229 -31.01 1.09 33.32
C LYS I 229 -30.03 0.40 34.25
N ALA I 230 -29.85 0.96 35.45
CA ALA I 230 -28.94 0.34 36.40
C ALA I 230 -29.51 -0.93 36.98
N LEU I 231 -30.82 -1.12 36.89
CA LEU I 231 -31.43 -2.26 37.57
C LEU I 231 -31.55 -3.45 36.63
N GLY I 232 -31.81 -3.19 35.34
CA GLY I 232 -31.84 -4.25 34.35
C GLY I 232 -30.48 -4.74 33.91
N SER I 233 -29.42 -4.06 34.31
CA SER I 233 -28.06 -4.48 34.01
C SER I 233 -27.45 -5.34 35.11
N SER I 234 -28.16 -5.56 36.20
CA SER I 234 -27.63 -6.32 37.32
C SER I 234 -27.74 -7.81 37.06
N SER I 235 -26.74 -8.56 37.53
CA SER I 235 -26.75 -10.00 37.35
C SER I 235 -27.91 -10.65 38.10
N THR I 236 -28.15 -10.21 39.33
CA THR I 236 -29.23 -10.75 40.16
C THR I 236 -30.15 -9.62 40.60
N GLY I 237 -31.10 -9.98 41.45
CA GLY I 237 -32.07 -9.02 41.96
C GLY I 237 -33.18 -9.74 42.67
N SER I 238 -34.09 -8.95 43.22
CA SER I 238 -35.26 -9.52 43.86
C SER I 238 -36.40 -9.66 42.85
N LYS I 239 -37.50 -10.27 43.30
CA LYS I 239 -38.69 -10.33 42.47
C LYS I 239 -39.28 -8.95 42.25
N ALA I 240 -39.27 -8.11 43.29
CA ALA I 240 -39.79 -6.76 43.15
C ALA I 240 -38.99 -5.95 42.14
N GLU I 241 -37.67 -6.18 42.07
CA GLU I 241 -36.85 -5.48 41.10
C GLU I 241 -37.15 -5.92 39.68
N SER I 242 -37.40 -7.22 39.49
CA SER I 242 -37.83 -7.70 38.19
C SER I 242 -39.17 -7.10 37.79
N LEU I 243 -40.08 -6.96 38.77
CA LEU I 243 -41.35 -6.29 38.50
C LEU I 243 -41.14 -4.83 38.11
N PHE I 244 -40.24 -4.13 38.82
CA PHE I 244 -39.96 -2.74 38.48
C PHE I 244 -39.44 -2.63 37.06
N VAL I 245 -38.50 -3.50 36.67
CA VAL I 245 -37.98 -3.44 35.31
C VAL I 245 -39.05 -3.79 34.29
N ASN I 246 -39.96 -4.71 34.63
CA ASN I 246 -41.04 -5.06 33.71
C ASN I 246 -41.95 -3.87 33.43
N ILE I 247 -42.36 -3.17 34.50
CA ILE I 247 -43.19 -1.98 34.30
C ILE I 247 -42.40 -0.89 33.57
N PHE I 248 -41.11 -0.78 33.87
CA PHE I 248 -40.28 0.26 33.26
C PHE I 248 -40.14 0.02 31.75
N MET I 249 -40.02 -1.23 31.32
CA MET I 249 -40.10 -1.55 29.89
C MET I 249 -41.50 -1.33 29.33
N GLN I 250 -42.54 -1.59 30.12
CA GLN I 250 -43.88 -1.30 29.65
C GLN I 250 -44.08 0.20 29.42
N ALA I 251 -43.24 1.03 30.02
CA ALA I 251 -43.30 2.47 29.81
C ALA I 251 -42.57 2.93 28.56
N TYR I 252 -41.95 2.03 27.80
CA TYR I 252 -40.95 2.41 26.81
C TYR I 252 -41.49 3.33 25.72
N GLY I 253 -42.37 2.84 24.86
CA GLY I 253 -42.76 3.65 23.72
C GLY I 253 -43.84 4.68 24.03
N ALA I 254 -43.84 5.17 25.25
CA ALA I 254 -44.91 6.05 25.71
C ALA I 254 -44.88 7.38 24.96
N GLY I 255 -46.05 7.83 24.53
CA GLY I 255 -46.18 9.03 23.73
C GLY I 255 -46.00 8.82 22.24
N GLN I 256 -45.80 7.57 21.79
CA GLN I 256 -45.59 7.26 20.39
C GLN I 256 -46.40 6.03 20.00
N THR I 257 -47.66 5.94 20.45
CA THR I 257 -48.45 4.75 20.15
C THR I 257 -48.88 4.71 18.69
N MET I 258 -48.89 5.84 17.98
CA MET I 258 -49.27 5.82 16.58
C MET I 258 -48.20 5.14 15.73
N LEU I 259 -46.93 5.24 16.09
CA LEU I 259 -45.90 4.52 15.37
C LEU I 259 -46.07 3.01 15.53
N ARG I 260 -46.31 2.56 16.75
CA ARG I 260 -46.55 1.14 17.00
C ARG I 260 -47.81 0.67 16.28
N TRP I 261 -48.86 1.47 16.32
CA TRP I 261 -50.11 1.09 15.67
C TRP I 261 -50.00 1.13 14.15
N GLY I 262 -49.12 1.97 13.61
CA GLY I 262 -48.87 1.93 12.18
C GLY I 262 -48.08 0.72 11.75
N VAL I 263 -47.11 0.31 12.59
CA VAL I 263 -46.44 -0.96 12.34
C VAL I 263 -47.44 -2.11 12.39
N ILE I 264 -48.41 -2.03 13.31
CA ILE I 264 -49.47 -3.04 13.37
C ILE I 264 -50.30 -3.02 12.08
N ALA I 265 -50.70 -1.82 11.64
CA ALA I 265 -51.52 -1.71 10.44
C ALA I 265 -50.78 -2.21 9.20
N ARG I 266 -49.46 -2.09 9.18
CA ARG I 266 -48.69 -2.73 8.11
C ARG I 266 -48.69 -4.23 8.27
N SER I 267 -48.49 -4.72 9.49
CA SER I 267 -48.55 -6.16 9.74
C SER I 267 -49.96 -6.72 9.59
N SER I 268 -50.98 -5.88 9.68
CA SER I 268 -52.36 -6.31 9.49
C SER I 268 -52.77 -6.32 8.02
N ASN I 269 -51.91 -5.82 7.12
CA ASN I 269 -52.17 -5.81 5.69
C ASN I 269 -53.51 -5.14 5.37
N ASN I 270 -53.77 -4.03 6.04
CA ASN I 270 -54.96 -3.23 5.74
C ASN I 270 -54.89 -2.73 4.31
N ILE I 271 -55.87 -3.10 3.49
CA ILE I 271 -55.84 -2.72 2.09
C ILE I 271 -55.99 -1.22 1.92
N MET I 272 -56.58 -0.53 2.89
CA MET I 272 -56.77 0.90 2.73
C MET I 272 -55.47 1.68 2.88
N LEU I 273 -54.38 1.02 3.31
CA LEU I 273 -53.07 1.62 3.20
C LEU I 273 -52.71 1.90 1.74
N GLY I 274 -53.27 1.14 0.82
CA GLY I 274 -53.07 1.32 -0.61
C GLY I 274 -53.90 2.39 -1.24
N HIS I 275 -54.79 3.03 -0.49
CA HIS I 275 -55.54 4.16 -1.02
C HIS I 275 -54.58 5.27 -1.40
N VAL I 276 -54.85 5.93 -2.52
CA VAL I 276 -53.90 6.88 -3.08
C VAL I 276 -53.57 8.01 -2.12
N SER I 277 -54.54 8.42 -1.29
CA SER I 277 -54.29 9.50 -0.34
C SER I 277 -53.22 9.11 0.68
N VAL I 278 -53.26 7.86 1.15
CA VAL I 278 -52.20 7.38 2.03
C VAL I 278 -50.90 7.18 1.27
N GLN I 279 -51.01 6.65 0.05
CA GLN I 279 -49.83 6.44 -0.79
C GLN I 279 -49.04 7.71 -1.02
N ALA I 280 -49.73 8.87 -1.06
CA ALA I 280 -49.05 10.13 -1.18
C ALA I 280 -48.29 10.52 0.08
N GLU I 281 -48.47 9.80 1.18
CA GLU I 281 -47.85 10.12 2.45
C GLU I 281 -46.90 9.06 2.96
N LEU I 282 -46.88 7.87 2.37
CA LEU I 282 -45.94 6.85 2.84
C LEU I 282 -44.50 7.30 2.80
N LYS I 283 -44.15 8.24 1.93
CA LYS I 283 -42.77 8.72 1.91
C LYS I 283 -42.40 9.46 3.19
N GLN I 284 -43.28 10.35 3.68
CA GLN I 284 -43.00 11.02 4.94
C GLN I 284 -43.18 10.10 6.13
N VAL I 285 -44.08 9.13 6.03
CA VAL I 285 -44.19 8.11 7.07
C VAL I 285 -42.87 7.35 7.20
N THR I 286 -42.30 6.94 6.07
CA THR I 286 -41.01 6.27 6.06
C THR I 286 -39.92 7.18 6.61
N GLU I 287 -40.01 8.49 6.34
CA GLU I 287 -39.03 9.40 6.93
C GLU I 287 -39.15 9.43 8.45
N VAL I 288 -40.37 9.38 8.98
CA VAL I 288 -40.54 9.36 10.44
C VAL I 288 -39.91 8.10 11.03
N TYR I 289 -40.17 6.95 10.39
CA TYR I 289 -39.57 5.72 10.91
C TYR I 289 -38.05 5.70 10.73
N ASP I 290 -37.55 6.31 9.65
CA ASP I 290 -36.10 6.48 9.48
C ASP I 290 -35.53 7.34 10.59
N LEU I 291 -36.27 8.37 11.01
CA LEU I 291 -35.83 9.19 12.14
C LEU I 291 -35.77 8.37 13.41
N VAL I 292 -36.74 7.49 13.62
CA VAL I 292 -36.69 6.60 14.78
C VAL I 292 -35.44 5.73 14.73
N ARG I 293 -35.13 5.18 13.55
CA ARG I 293 -33.93 4.35 13.41
C ARG I 293 -32.66 5.17 13.65
N GLU I 294 -32.63 6.42 13.19
CA GLU I 294 -31.47 7.28 13.38
C GLU I 294 -31.27 7.61 14.85
N MET I 295 -32.36 7.93 15.56
CA MET I 295 -32.24 8.23 16.98
C MET I 295 -31.80 7.01 17.76
N GLY I 296 -32.33 5.84 17.43
CA GLY I 296 -31.90 4.61 18.06
C GLY I 296 -32.67 4.27 19.31
N PRO I 297 -32.05 3.51 20.21
CA PRO I 297 -32.76 3.05 21.41
C PRO I 297 -33.26 4.15 22.32
N GLU I 298 -32.66 5.35 22.27
CA GLU I 298 -33.10 6.45 23.11
C GLU I 298 -34.34 7.15 22.58
N SER I 299 -34.82 6.77 21.39
CA SER I 299 -36.01 7.42 20.82
C SER I 299 -37.26 7.06 21.60
N GLY I 300 -37.30 5.89 22.23
CA GLY I 300 -38.47 5.50 23.00
C GLY I 300 -38.66 6.29 24.27
N LEU I 301 -37.58 6.83 24.83
CA LEU I 301 -37.63 7.56 26.09
C LEU I 301 -37.82 9.06 25.87
N LEU I 302 -38.04 9.49 24.63
CA LEU I 302 -38.09 10.92 24.34
C LEU I 302 -39.23 11.62 25.07
N HIS I 303 -40.42 11.00 25.07
CA HIS I 303 -41.57 11.59 25.76
C HIS I 303 -41.50 11.37 27.26
N LEU I 304 -40.95 10.24 27.71
CA LEU I 304 -40.77 10.04 29.14
C LEU I 304 -39.80 11.05 29.73
N ARG I 305 -38.70 11.31 29.03
CA ARG I 305 -37.76 12.34 29.45
C ARG I 305 -38.32 13.73 29.25
N GLN I 306 -39.40 13.87 28.49
CA GLN I 306 -39.95 15.16 28.11
C GLN I 306 -38.93 15.97 27.33
N SER I 307 -38.30 15.30 26.36
CA SER I 307 -37.33 15.95 25.50
C SER I 307 -38.01 16.94 24.57
N PRO I 308 -37.47 18.15 24.42
CA PRO I 308 -38.02 19.06 23.39
C PRO I 308 -37.93 18.48 22.00
N LYS I 309 -36.95 17.60 21.77
CA LYS I 309 -36.78 16.94 20.48
C LYS I 309 -37.98 16.07 20.13
N ALA I 310 -38.71 15.58 21.14
CA ALA I 310 -39.92 14.82 20.89
C ALA I 310 -40.94 15.71 20.19
N GLY I 311 -41.67 15.12 19.25
CA GLY I 311 -42.51 15.87 18.33
C GLY I 311 -41.99 15.86 16.92
N LEU I 312 -40.70 15.62 16.74
CA LEU I 312 -40.18 15.20 15.44
C LEU I 312 -40.68 13.82 15.07
N LEU I 313 -41.03 12.99 16.06
CA LEU I 313 -41.57 11.66 15.83
C LEU I 313 -43.07 11.67 15.64
N SER I 314 -43.66 12.83 15.34
CA SER I 314 -45.10 12.95 15.19
C SER I 314 -45.52 12.63 13.75
N LEU I 315 -46.55 11.81 13.61
CA LEU I 315 -47.18 11.53 12.33
C LEU I 315 -48.41 12.38 12.08
N ALA I 316 -48.50 13.54 12.73
CA ALA I 316 -49.70 14.36 12.65
C ALA I 316 -49.82 15.12 11.34
N ASN I 317 -48.76 15.19 10.54
CA ASN I 317 -48.82 15.85 9.24
C ASN I 317 -49.20 14.88 8.13
N CYS I 318 -49.49 13.62 8.46
CA CYS I 318 -49.99 12.63 7.52
C CYS I 318 -51.37 12.21 7.99
N PRO I 319 -52.38 13.06 7.78
CA PRO I 319 -53.71 12.78 8.35
C PRO I 319 -54.37 11.53 7.81
N ASN I 320 -54.17 11.20 6.54
CA ASN I 320 -54.84 10.03 5.97
C ASN I 320 -54.22 8.74 6.46
N PHE I 321 -52.89 8.70 6.57
CA PHE I 321 -52.24 7.54 7.16
C PHE I 321 -52.65 7.38 8.62
N ALA I 322 -52.75 8.49 9.35
CA ALA I 322 -53.20 8.42 10.74
C ALA I 322 -54.62 7.90 10.83
N SER I 323 -55.50 8.35 9.94
CA SER I 323 -56.88 7.87 9.94
C SER I 323 -56.94 6.37 9.63
N VAL I 324 -56.15 5.91 8.67
CA VAL I 324 -56.16 4.50 8.30
C VAL I 324 -55.59 3.66 9.44
N VAL I 325 -54.55 4.16 10.12
CA VAL I 325 -53.96 3.43 11.23
C VAL I 325 -54.95 3.33 12.39
N LEU I 326 -55.62 4.43 12.72
CA LEU I 326 -56.60 4.40 13.79
C LEU I 326 -57.79 3.51 13.42
N GLY I 327 -58.21 3.52 12.17
CA GLY I 327 -59.29 2.64 11.74
C GLY I 327 -58.92 1.17 11.81
N ASN I 328 -57.69 0.83 11.39
CA ASN I 328 -57.23 -0.55 11.51
C ASN I 328 -57.16 -0.97 12.97
N ALA I 329 -56.68 -0.09 13.84
CA ALA I 329 -56.63 -0.42 15.26
C ALA I 329 -58.03 -0.59 15.83
N SER I 330 -58.97 0.24 15.40
CA SER I 330 -60.34 0.14 15.89
C SER I 330 -61.01 -1.14 15.43
N GLY I 331 -60.77 -1.55 14.18
CA GLY I 331 -61.36 -2.78 13.69
C GLY I 331 -60.87 -4.00 14.44
N LEU I 332 -59.56 -4.07 14.69
CA LEU I 332 -59.00 -5.14 15.50
C LEU I 332 -59.44 -5.08 16.95
N GLY I 333 -60.04 -3.97 17.39
CA GLY I 333 -60.49 -3.83 18.75
C GLY I 333 -59.43 -3.40 19.75
N ILE I 334 -58.27 -2.97 19.29
CA ILE I 334 -57.19 -2.55 20.18
C ILE I 334 -57.16 -1.05 20.40
N ILE I 335 -58.04 -0.30 19.75
CA ILE I 335 -58.00 1.15 19.90
C ILE I 335 -58.38 1.55 21.32
N GLY I 336 -59.22 0.76 21.98
CA GLY I 336 -59.63 1.08 23.34
C GLY I 336 -60.29 2.44 23.42
N MET I 337 -59.88 3.23 24.39
CA MET I 337 -60.37 4.60 24.58
C MET I 337 -59.33 5.63 24.18
N TYR I 338 -58.46 5.27 23.24
CA TYR I 338 -57.47 6.22 22.71
C TYR I 338 -58.18 7.44 22.13
N ARG I 339 -57.69 8.62 22.49
CA ARG I 339 -58.36 9.87 22.14
C ARG I 339 -57.69 10.62 21.00
N GLY I 340 -56.81 9.95 20.24
CA GLY I 340 -56.24 10.60 19.08
C GLY I 340 -57.30 11.00 18.08
N ARG I 341 -57.06 12.12 17.41
CA ARG I 341 -58.05 12.65 16.49
C ARG I 341 -57.97 11.97 15.14
N VAL I 342 -59.12 11.73 14.54
CA VAL I 342 -59.20 11.07 13.23
C VAL I 342 -59.57 12.12 12.19
N PRO I 343 -58.61 12.60 11.40
CA PRO I 343 -58.92 13.66 10.42
C PRO I 343 -59.86 13.18 9.32
N ASN I 344 -59.52 12.08 8.69
CA ASN I 344 -60.31 11.52 7.60
C ASN I 344 -61.27 10.48 8.18
N THR I 345 -62.55 10.81 8.21
CA THR I 345 -63.54 9.90 8.75
C THR I 345 -63.85 8.75 7.79
N GLU I 346 -63.89 9.04 6.48
CA GLU I 346 -64.21 8.00 5.51
C GLU I 346 -63.12 6.93 5.46
N LEU I 347 -61.86 7.34 5.45
CA LEU I 347 -60.77 6.38 5.50
C LEU I 347 -60.81 5.59 6.79
N PHE I 348 -61.11 6.25 7.90
CA PHE I 348 -61.27 5.54 9.16
C PHE I 348 -62.33 4.46 9.07
N SER I 349 -63.50 4.81 8.53
CA SER I 349 -64.59 3.84 8.44
C SER I 349 -64.22 2.68 7.53
N ALA I 350 -63.64 2.96 6.37
CA ALA I 350 -63.28 1.87 5.46
C ALA I 350 -62.19 0.98 6.05
N ALA I 351 -61.18 1.58 6.69
CA ALA I 351 -60.14 0.79 7.32
C ALA I 351 -60.68 -0.07 8.44
N GLU I 352 -61.60 0.50 9.25
CA GLU I 352 -62.18 -0.25 10.35
C GLU I 352 -63.03 -1.41 9.84
N SER I 353 -63.79 -1.18 8.77
CA SER I 353 -64.58 -2.25 8.18
C SER I 353 -63.69 -3.37 7.67
N TYR I 354 -62.60 -3.02 6.97
CA TYR I 354 -61.72 -4.06 6.47
C TYR I 354 -61.04 -4.81 7.60
N ALA I 355 -60.62 -4.10 8.65
CA ALA I 355 -59.92 -4.76 9.74
C ALA I 355 -60.86 -5.68 10.52
N LYS I 356 -62.12 -5.27 10.70
CA LYS I 356 -63.09 -6.14 11.33
C LYS I 356 -63.34 -7.38 10.47
N SER I 357 -63.48 -7.19 9.15
CA SER I 357 -63.68 -8.34 8.27
C SER I 357 -62.50 -9.29 8.33
N LEU I 358 -61.28 -8.75 8.38
CA LEU I 358 -60.09 -9.59 8.45
C LEU I 358 -60.02 -10.33 9.78
N LYS I 359 -60.34 -9.66 10.88
CA LYS I 359 -60.24 -10.31 12.19
C LYS I 359 -61.29 -11.40 12.35
N GLU I 360 -62.51 -11.17 11.84
CA GLU I 360 -63.56 -12.18 11.99
C GLU I 360 -63.22 -13.46 11.24
N ASP J 10 -38.13 -3.35 18.06
CA ASP J 10 -38.14 -2.76 19.39
C ASP J 10 -37.50 -3.66 20.45
N LEU J 11 -37.64 -4.98 20.30
CA LEU J 11 -37.12 -5.87 21.34
C LEU J 11 -35.60 -5.94 21.31
N SER J 12 -35.01 -5.95 20.12
CA SER J 12 -33.56 -5.86 20.00
C SER J 12 -33.07 -4.55 20.58
N TYR J 13 -33.82 -3.46 20.37
CA TYR J 13 -33.43 -2.17 20.92
C TYR J 13 -33.50 -2.17 22.44
N LYS J 14 -34.52 -2.80 23.02
CA LYS J 14 -34.59 -2.91 24.47
C LYS J 14 -33.44 -3.75 25.01
N HIS J 15 -33.10 -4.84 24.33
CA HIS J 15 -31.99 -5.66 24.77
C HIS J 15 -30.67 -4.89 24.70
N ALA J 16 -30.48 -4.12 23.63
CA ALA J 16 -29.27 -3.31 23.51
C ALA J 16 -29.24 -2.20 24.54
N ILE J 17 -30.41 -1.71 24.95
CA ILE J 17 -30.46 -0.73 26.02
C ILE J 17 -30.00 -1.34 27.34
N LEU J 18 -30.56 -2.51 27.69
CA LEU J 18 -30.24 -3.11 28.98
C LEU J 18 -28.82 -3.67 29.02
N LYS J 19 -28.37 -4.26 27.92
CA LYS J 19 -27.08 -4.94 27.91
C LYS J 19 -25.93 -3.94 27.91
N GLU J 20 -26.01 -2.90 27.08
CA GLU J 20 -24.92 -1.95 26.90
C GLU J 20 -25.00 -0.85 27.96
N SER J 21 -24.68 -1.23 29.19
CA SER J 21 -24.66 -0.30 30.32
C SER J 21 -23.24 -0.18 30.84
N GLN J 22 -22.76 1.06 31.01
CA GLN J 22 -21.42 1.30 31.49
C GLN J 22 -21.29 1.28 33.00
N TYR J 23 -22.40 1.20 33.73
CA TYR J 23 -22.40 1.27 35.18
C TYR J 23 -22.93 -0.03 35.76
N THR J 24 -22.15 -0.62 36.68
CA THR J 24 -22.59 -1.80 37.41
C THR J 24 -23.37 -1.37 38.65
N ILE J 25 -24.15 -2.31 39.18
CA ILE J 25 -24.97 -2.07 40.36
C ILE J 25 -24.33 -2.76 41.55
N LYS J 26 -24.32 -2.07 42.69
CA LYS J 26 -23.72 -2.58 43.91
C LYS J 26 -24.82 -2.91 44.91
N ARG J 27 -24.79 -4.13 45.44
CA ARG J 27 -25.78 -4.57 46.41
C ARG J 27 -25.09 -5.42 47.46
N ASP J 28 -25.76 -5.56 48.61
CA ASP J 28 -25.27 -6.37 49.72
C ASP J 28 -23.92 -5.86 50.23
N VAL J 29 -23.75 -4.53 50.25
CA VAL J 29 -22.43 -3.97 50.52
C VAL J 29 -21.97 -4.29 51.94
N GLY J 30 -22.86 -4.17 52.92
CA GLY J 30 -22.47 -4.37 54.30
C GLY J 30 -22.60 -5.79 54.81
N THR J 31 -22.95 -6.74 53.97
CA THR J 31 -23.31 -8.09 54.39
C THR J 31 -22.11 -9.02 54.29
N THR J 32 -22.26 -10.19 54.91
CA THR J 32 -21.25 -11.24 54.90
C THR J 32 -21.91 -12.58 54.64
N THR J 33 -21.11 -13.52 54.14
CA THR J 33 -21.57 -14.88 53.92
C THR J 33 -20.43 -15.83 54.26
N ALA J 34 -20.78 -17.09 54.47
CA ALA J 34 -19.82 -18.09 54.94
C ALA J 34 -19.36 -18.98 53.80
N VAL J 35 -18.07 -19.33 53.82
CA VAL J 35 -17.52 -20.37 52.98
C VAL J 35 -16.61 -21.24 53.83
N THR J 36 -16.27 -22.41 53.28
CA THR J 36 -15.40 -23.35 53.94
C THR J 36 -14.20 -23.66 53.05
N PRO J 37 -12.97 -23.55 53.56
CA PRO J 37 -11.81 -23.88 52.73
C PRO J 37 -11.84 -25.33 52.27
N SER J 38 -11.33 -25.55 51.07
CA SER J 38 -11.42 -26.88 50.45
C SER J 38 -10.76 -27.95 51.31
N SER J 39 -9.75 -27.57 52.11
CA SER J 39 -9.05 -28.51 52.96
C SER J 39 -9.94 -29.11 54.03
N LEU J 40 -11.13 -28.55 54.26
CA LEU J 40 -12.08 -29.08 55.22
C LEU J 40 -13.18 -29.90 54.56
N GLN J 41 -12.98 -30.31 53.29
CA GLN J 41 -14.01 -31.04 52.57
C GLN J 41 -14.46 -32.28 53.35
N GLN J 42 -13.49 -33.08 53.81
CA GLN J 42 -13.83 -34.24 54.62
C GLN J 42 -14.73 -33.83 55.79
N GLU J 43 -14.32 -32.79 56.53
CA GLU J 43 -15.10 -32.37 57.69
C GLU J 43 -16.49 -31.90 57.30
N ILE J 44 -16.65 -31.30 56.11
CA ILE J 44 -18.00 -30.91 55.73
C ILE J 44 -18.77 -32.12 55.24
N THR J 45 -18.08 -33.08 54.60
CA THR J 45 -18.76 -34.26 54.09
C THR J 45 -19.49 -34.98 55.21
N LEU J 46 -18.79 -35.22 56.33
CA LEU J 46 -19.41 -35.82 57.49
C LEU J 46 -20.69 -35.09 57.88
N LEU J 47 -20.63 -33.76 57.96
CA LEU J 47 -21.82 -33.00 58.33
C LEU J 47 -22.93 -33.18 57.32
N CYS J 48 -22.58 -33.15 56.03
CA CYS J 48 -23.59 -33.36 55.00
C CYS J 48 -24.19 -34.75 55.07
N GLY J 49 -23.53 -35.67 55.75
CA GLY J 49 -24.08 -37.01 55.93
C GLY J 49 -24.82 -37.17 57.23
N GLU J 50 -24.62 -36.24 58.17
CA GLU J 50 -25.29 -36.34 59.47
C GLU J 50 -26.65 -35.69 59.48
N ILE J 51 -26.93 -34.80 58.53
CA ILE J 51 -28.29 -34.34 58.30
C ILE J 51 -29.12 -35.42 57.62
N LEU J 52 -28.47 -36.45 57.08
CA LEU J 52 -29.14 -37.44 56.26
C LEU J 52 -29.64 -38.65 57.04
N TYR J 53 -28.91 -39.14 58.05
CA TYR J 53 -29.24 -40.44 58.59
C TYR J 53 -29.88 -40.35 59.98
N ALA J 54 -30.31 -39.16 60.38
CA ALA J 54 -31.04 -39.01 61.63
C ALA J 54 -32.25 -38.12 61.41
N LYS J 55 -33.21 -38.23 62.31
CA LYS J 55 -34.44 -37.44 62.25
C LYS J 55 -34.27 -36.24 63.16
N HIS J 56 -34.19 -35.05 62.57
CA HIS J 56 -33.85 -33.84 63.29
C HIS J 56 -35.08 -32.97 63.46
N ALA J 57 -35.18 -32.30 64.62
CA ALA J 57 -36.28 -31.38 64.84
C ALA J 57 -36.18 -30.16 63.94
N ASP J 58 -34.96 -29.75 63.57
CA ASP J 58 -34.74 -28.53 62.82
C ASP J 58 -33.78 -28.80 61.67
N TYR J 59 -34.19 -28.40 60.46
CA TYR J 59 -33.41 -28.56 59.24
C TYR J 59 -33.13 -27.20 58.60
N LYS J 60 -32.92 -26.17 59.43
CA LYS J 60 -32.86 -24.81 58.93
C LYS J 60 -31.67 -24.59 58.00
N TYR J 61 -30.49 -25.11 58.38
CA TYR J 61 -29.24 -24.77 57.72
C TYR J 61 -28.71 -25.88 56.82
N ALA J 62 -29.54 -26.84 56.43
CA ALA J 62 -29.05 -27.91 55.57
C ALA J 62 -28.59 -27.37 54.22
N ALA J 63 -29.34 -26.43 53.66
CA ALA J 63 -28.93 -25.83 52.40
C ALA J 63 -27.61 -25.07 52.54
N GLU J 64 -27.41 -24.43 53.70
CA GLU J 64 -26.14 -23.77 53.96
C GLU J 64 -24.99 -24.78 53.98
N ILE J 65 -25.21 -25.96 54.55
CA ILE J 65 -24.16 -26.98 54.57
C ILE J 65 -23.89 -27.48 53.16
N GLY J 66 -24.92 -27.60 52.33
CA GLY J 66 -24.69 -27.94 50.94
C GLY J 66 -23.88 -26.89 50.20
N ILE J 67 -24.17 -25.61 50.47
CA ILE J 67 -23.38 -24.53 49.88
C ILE J 67 -21.95 -24.56 50.41
N GLN J 68 -21.75 -24.95 51.67
CA GLN J 68 -20.41 -25.10 52.20
C GLN J 68 -19.64 -26.18 51.47
N TYR J 69 -20.32 -27.29 51.16
CA TYR J 69 -19.66 -28.32 50.35
C TYR J 69 -19.33 -27.79 48.96
N ILE J 70 -20.24 -27.02 48.36
CA ILE J 70 -19.94 -26.42 47.06
C ILE J 70 -18.71 -25.52 47.16
N SER J 71 -18.60 -24.79 48.26
CA SER J 71 -17.44 -23.94 48.48
C SER J 71 -16.15 -24.74 48.58
N THR J 72 -16.20 -25.86 49.31
CA THR J 72 -15.02 -26.72 49.39
C THR J 72 -14.66 -27.33 48.04
N ALA J 73 -15.67 -27.65 47.23
CA ALA J 73 -15.40 -28.23 45.93
C ALA J 73 -14.86 -27.21 44.93
N LEU J 74 -15.24 -25.94 45.08
CA LEU J 74 -14.76 -24.90 44.17
C LEU J 74 -13.56 -24.15 44.72
N GLY J 75 -13.52 -23.90 46.01
CA GLY J 75 -12.45 -23.13 46.63
C GLY J 75 -13.00 -21.83 47.17
N SER J 76 -12.52 -21.44 48.35
CA SER J 76 -13.07 -20.27 49.03
C SER J 76 -12.80 -18.99 48.25
N GLU J 77 -11.58 -18.82 47.72
CA GLU J 77 -11.27 -17.63 46.95
C GLU J 77 -12.01 -17.62 45.62
N ARG J 78 -12.16 -18.79 44.99
CA ARG J 78 -12.88 -18.86 43.74
C ARG J 78 -14.37 -18.62 43.96
N VAL J 79 -14.90 -19.05 45.11
CA VAL J 79 -16.29 -18.78 45.46
C VAL J 79 -16.49 -17.30 45.73
N GLN J 80 -15.52 -16.65 46.38
CA GLN J 80 -15.60 -15.20 46.55
C GLN J 80 -15.63 -14.49 45.20
N GLN J 81 -14.79 -14.96 44.26
CA GLN J 81 -14.80 -14.39 42.92
C GLN J 81 -16.15 -14.60 42.23
N ILE J 82 -16.74 -15.79 42.41
CA ILE J 82 -18.05 -16.08 41.81
C ILE J 82 -19.11 -15.15 42.36
N LEU J 83 -19.13 -14.97 43.68
CA LEU J 83 -20.14 -14.12 44.29
C LEU J 83 -19.94 -12.65 43.91
N ARG J 84 -18.69 -12.24 43.71
CA ARG J 84 -18.45 -10.89 43.20
C ARG J 84 -18.95 -10.73 41.78
N ASN J 85 -18.69 -11.72 40.91
CA ASN J 85 -19.12 -11.64 39.52
C ASN J 85 -20.62 -11.76 39.37
N SER J 86 -21.31 -12.36 40.33
CA SER J 86 -22.77 -12.35 40.28
C SER J 86 -23.35 -10.97 40.51
N GLY J 87 -22.55 -10.01 40.95
CA GLY J 87 -23.00 -8.67 41.21
C GLY J 87 -23.31 -8.37 42.65
N SER J 88 -22.70 -9.08 43.59
CA SER J 88 -22.96 -8.89 45.01
C SER J 88 -21.68 -8.52 45.74
N GLU J 89 -21.81 -7.65 46.74
CA GLU J 89 -20.68 -7.22 47.56
C GLU J 89 -20.59 -7.99 48.87
N VAL J 90 -21.17 -9.19 48.92
CA VAL J 90 -21.13 -9.98 50.14
C VAL J 90 -19.69 -10.33 50.49
N GLN J 91 -19.34 -10.14 51.75
CA GLN J 91 -17.99 -10.41 52.23
C GLN J 91 -17.92 -11.84 52.73
N VAL J 92 -17.23 -12.69 51.97
CA VAL J 92 -16.98 -14.07 52.36
C VAL J 92 -16.31 -14.14 53.72
N VAL J 93 -16.80 -15.05 54.56
CA VAL J 93 -16.21 -15.39 55.85
C VAL J 93 -15.81 -16.85 55.80
N LEU J 94 -14.75 -17.21 56.52
CA LEU J 94 -14.11 -18.51 56.39
C LEU J 94 -14.48 -19.40 57.56
N THR J 95 -14.84 -20.66 57.25
CA THR J 95 -15.19 -21.62 58.28
C THR J 95 -13.98 -21.99 59.11
N ARG J 96 -14.18 -22.10 60.43
CA ARG J 96 -13.08 -22.37 61.36
C ARG J 96 -13.39 -23.64 62.16
N THR J 97 -12.43 -24.55 62.21
CA THR J 97 -12.58 -25.73 63.06
C THR J 97 -12.27 -25.36 64.51
N TYR J 98 -13.16 -25.74 65.42
CA TYR J 98 -12.98 -25.46 66.83
C TYR J 98 -13.14 -26.76 67.62
N SER J 99 -12.37 -26.88 68.70
CA SER J 99 -12.50 -28.02 69.58
C SER J 99 -13.80 -27.91 70.38
N LEU J 100 -14.52 -29.03 70.50
CA LEU J 100 -15.78 -29.02 71.24
C LEU J 100 -15.53 -28.67 72.71
N GLY J 101 -14.49 -29.22 73.29
CA GLY J 101 -14.18 -28.99 74.68
C GLY J 101 -13.39 -30.17 75.24
N LYS J 102 -13.80 -30.63 76.42
CA LYS J 102 -13.16 -31.77 77.04
C LYS J 102 -13.42 -33.07 76.28
N ILE J 103 -14.43 -33.08 75.40
CA ILE J 103 -14.76 -34.30 74.66
C ILE J 103 -13.64 -34.67 73.71
N LYS J 104 -13.33 -35.96 73.63
CA LYS J 104 -12.26 -36.47 72.80
C LYS J 104 -12.80 -37.56 71.89
N ASN J 105 -12.15 -37.72 70.74
CA ASN J 105 -12.59 -38.69 69.74
C ASN J 105 -11.89 -40.04 69.97
N ASN J 106 -12.08 -40.96 69.02
CA ASN J 106 -11.49 -42.29 69.14
C ASN J 106 -9.97 -42.25 69.00
N LYS J 107 -9.43 -41.28 68.27
CA LYS J 107 -8.00 -41.21 68.02
C LYS J 107 -7.22 -40.61 69.18
N GLY J 108 -7.89 -40.15 70.23
CA GLY J 108 -7.21 -39.53 71.35
C GLY J 108 -6.95 -38.05 71.20
N GLU J 109 -7.48 -37.42 70.15
CA GLU J 109 -7.34 -35.99 69.95
C GLU J 109 -8.65 -35.29 70.31
N ASP J 110 -8.59 -33.97 70.39
CA ASP J 110 -9.78 -33.18 70.64
C ASP J 110 -10.71 -33.27 69.44
N LEU J 111 -12.00 -33.44 69.71
CA LEU J 111 -13.00 -33.54 68.65
C LEU J 111 -13.18 -32.17 67.99
N GLN J 112 -12.72 -32.04 66.76
CA GLN J 112 -12.81 -30.78 66.03
C GLN J 112 -14.10 -30.73 65.22
N MET J 113 -14.87 -29.67 65.40
CA MET J 113 -16.10 -29.49 64.66
C MET J 113 -16.08 -28.16 63.91
N LEU J 114 -16.87 -28.12 62.85
CA LEU J 114 -16.91 -26.95 61.98
C LEU J 114 -17.64 -25.79 62.64
N ASP J 115 -17.17 -24.58 62.37
CA ASP J 115 -17.78 -23.34 62.81
C ASP J 115 -18.04 -22.52 61.56
N ILE J 116 -19.30 -22.47 61.16
CA ILE J 116 -19.72 -21.81 59.94
C ILE J 116 -20.35 -20.48 60.31
N HIS J 117 -20.05 -19.45 59.52
CA HIS J 117 -20.60 -18.13 59.79
C HIS J 117 -22.09 -18.10 59.51
N GLY J 118 -22.86 -17.50 60.40
CA GLY J 118 -24.29 -17.40 60.25
C GLY J 118 -25.05 -18.63 60.71
N VAL J 119 -24.38 -19.73 60.99
CA VAL J 119 -24.98 -20.94 61.51
C VAL J 119 -24.65 -21.01 62.99
N GLU J 120 -25.67 -21.00 63.84
CA GLU J 120 -25.43 -21.16 65.27
C GLU J 120 -24.70 -22.47 65.52
N LYS J 121 -23.68 -22.41 66.39
CA LYS J 121 -22.96 -23.63 66.71
C LYS J 121 -23.86 -24.64 67.39
N SER J 122 -24.90 -24.17 68.09
CA SER J 122 -25.82 -25.08 68.77
C SER J 122 -26.53 -25.98 67.78
N TRP J 123 -26.88 -25.45 66.61
CA TRP J 123 -27.50 -26.26 65.57
C TRP J 123 -26.56 -27.38 65.13
N VAL J 124 -25.28 -27.06 64.91
CA VAL J 124 -24.32 -28.08 64.49
C VAL J 124 -24.13 -29.11 65.60
N GLU J 125 -24.04 -28.66 66.85
CA GLU J 125 -23.92 -29.60 67.98
C GLU J 125 -25.12 -30.53 68.04
N GLU J 126 -26.33 -30.00 67.87
CA GLU J 126 -27.51 -30.84 67.98
C GLU J 126 -27.63 -31.80 66.81
N ILE J 127 -27.25 -31.37 65.61
CA ILE J 127 -27.24 -32.28 64.46
C ILE J 127 -26.26 -33.42 64.70
N ASP J 128 -25.04 -33.07 65.15
CA ASP J 128 -24.03 -34.09 65.39
C ASP J 128 -24.44 -35.02 66.52
N LYS J 129 -24.99 -34.48 67.61
CA LYS J 129 -25.40 -35.30 68.74
C LYS J 129 -26.53 -36.24 68.37
N GLU J 130 -27.54 -35.74 67.63
CA GLU J 130 -28.63 -36.59 67.21
C GLU J 130 -28.15 -37.68 66.26
N ALA J 131 -27.24 -37.34 65.35
CA ALA J 131 -26.71 -38.36 64.45
C ALA J 131 -25.92 -39.42 65.21
N ARG J 132 -25.10 -39.00 66.18
CA ARG J 132 -24.35 -39.96 66.97
C ARG J 132 -25.27 -40.85 67.79
N LYS J 133 -26.31 -40.28 68.38
CA LYS J 133 -27.28 -41.06 69.14
C LYS J 133 -28.00 -42.07 68.23
N THR J 134 -28.37 -41.64 67.03
CA THR J 134 -29.06 -42.53 66.10
C THR J 134 -28.16 -43.70 65.71
N MET J 135 -26.90 -43.42 65.39
CA MET J 135 -26.01 -44.53 65.03
C MET J 135 -25.73 -45.43 66.22
N ALA J 136 -25.65 -44.86 67.43
CA ALA J 136 -25.48 -45.70 68.61
C ALA J 136 -26.66 -46.65 68.78
N THR J 137 -27.88 -46.14 68.59
CA THR J 137 -29.06 -46.99 68.67
C THR J 137 -29.05 -48.07 67.59
N LEU J 138 -28.68 -47.69 66.36
CA LEU J 138 -28.68 -48.65 65.26
C LEU J 138 -27.65 -49.76 65.50
N LEU J 139 -26.47 -49.42 66.02
CA LEU J 139 -25.50 -50.45 66.34
C LEU J 139 -25.91 -51.27 67.55
N LYS J 140 -26.70 -50.68 68.46
CA LYS J 140 -27.27 -51.47 69.54
C LYS J 140 -28.26 -52.51 68.99
N GLU J 141 -29.04 -52.12 67.98
CA GLU J 141 -29.98 -53.06 67.37
C GLU J 141 -29.24 -54.17 66.63
N SER J 142 -28.29 -53.80 65.77
CA SER J 142 -27.55 -54.76 64.96
C SER J 142 -26.06 -54.46 65.04
N SER J 143 -25.26 -55.51 65.18
CA SER J 143 -23.82 -55.38 65.34
C SER J 143 -23.12 -55.68 64.02
N GLY J 144 -22.26 -54.76 63.59
CA GLY J 144 -21.49 -54.95 62.38
C GLY J 144 -22.30 -54.97 61.10
N ASN J 145 -23.51 -54.42 61.13
CA ASN J 145 -24.41 -54.45 59.99
C ASN J 145 -24.44 -53.11 59.24
N ILE J 146 -23.50 -52.22 59.51
CA ILE J 146 -23.52 -50.89 58.89
C ILE J 146 -22.35 -50.77 57.92
N PRO J 147 -22.57 -50.96 56.63
CA PRO J 147 -21.49 -50.79 55.66
C PRO J 147 -21.12 -49.32 55.46
N GLN J 148 -20.16 -49.05 54.58
CA GLN J 148 -19.74 -47.68 54.36
C GLN J 148 -20.86 -46.85 53.75
N ASN J 149 -21.62 -47.43 52.81
CA ASN J 149 -22.62 -46.67 52.08
C ASN J 149 -23.80 -46.22 52.94
N GLN J 150 -23.95 -46.77 54.14
CA GLN J 150 -24.97 -46.31 55.08
C GLN J 150 -24.41 -45.42 56.18
N ARG J 151 -23.19 -44.96 56.03
CA ARG J 151 -22.58 -44.11 57.02
C ARG J 151 -22.58 -42.65 56.55
N PRO J 152 -22.61 -41.70 57.50
CA PRO J 152 -22.56 -40.28 57.11
C PRO J 152 -21.28 -39.87 56.42
N SER J 153 -20.17 -40.57 56.66
CA SER J 153 -18.89 -40.19 56.09
C SER J 153 -18.75 -40.58 54.63
N ALA J 154 -19.81 -41.10 54.02
CA ALA J 154 -19.74 -41.45 52.61
C ALA J 154 -19.48 -40.21 51.77
N PRO J 155 -18.58 -40.28 50.78
CA PRO J 155 -18.23 -39.08 50.02
C PRO J 155 -19.38 -38.45 49.25
N ASP J 156 -20.44 -39.20 48.96
CA ASP J 156 -21.53 -38.72 48.12
C ASP J 156 -22.69 -38.12 48.90
N THR J 157 -22.67 -38.20 50.23
CA THR J 157 -23.74 -37.59 51.02
C THR J 157 -23.90 -36.09 50.76
N PRO J 158 -22.84 -35.28 50.62
CA PRO J 158 -23.05 -33.89 50.20
C PRO J 158 -23.73 -33.81 48.85
N ILE J 159 -23.41 -34.73 47.94
CA ILE J 159 -24.05 -34.73 46.63
C ILE J 159 -25.52 -35.12 46.74
N ILE J 160 -25.87 -36.00 47.68
CA ILE J 160 -27.28 -36.33 47.88
C ILE J 160 -28.05 -35.12 48.39
N LEU J 161 -27.48 -34.42 49.37
CA LEU J 161 -28.10 -33.19 49.86
C LEU J 161 -28.26 -32.18 48.73
N LEU J 162 -27.22 -32.02 47.93
CA LEU J 162 -27.27 -31.08 46.80
C LEU J 162 -28.20 -31.55 45.70
N CYS J 163 -28.49 -32.85 45.61
CA CYS J 163 -29.47 -33.32 44.64
C CYS J 163 -30.89 -32.99 45.07
N VAL J 164 -31.17 -33.08 46.38
CA VAL J 164 -32.44 -32.55 46.86
C VAL J 164 -32.52 -31.05 46.57
N GLY J 165 -31.41 -30.33 46.80
CA GLY J 165 -31.38 -28.92 46.46
C GLY J 165 -31.59 -28.64 44.99
N ALA J 166 -31.04 -29.48 44.11
CA ALA J 166 -31.22 -29.30 42.68
C ALA J 166 -32.64 -29.62 42.25
N LEU J 167 -33.29 -30.59 42.92
CA LEU J 167 -34.70 -30.83 42.67
C LEU J 167 -35.54 -29.62 43.00
N ILE J 168 -35.25 -28.96 44.14
CA ILE J 168 -35.98 -27.73 44.45
C ILE J 168 -35.56 -26.59 43.53
N PHE J 169 -34.35 -26.67 42.95
CA PHE J 169 -33.88 -25.65 42.03
C PHE J 169 -34.62 -25.71 40.70
N THR J 170 -34.98 -26.92 40.26
CA THR J 170 -35.70 -27.05 38.99
C THR J 170 -37.04 -26.32 39.02
N LYS J 171 -37.63 -26.14 40.20
CA LYS J 171 -38.94 -25.54 40.36
C LYS J 171 -38.86 -24.16 40.98
N LEU J 172 -37.87 -23.36 40.60
CA LEU J 172 -37.69 -22.04 41.17
C LEU J 172 -38.51 -20.96 40.48
N ALA J 173 -39.05 -21.23 39.29
CA ALA J 173 -39.99 -20.33 38.65
C ALA J 173 -41.43 -20.65 39.02
N SER J 174 -41.65 -21.71 39.78
CA SER J 174 -42.96 -22.09 40.26
C SER J 174 -43.19 -21.48 41.64
N THR J 175 -44.23 -21.92 42.33
CA THR J 175 -44.47 -21.50 43.70
C THR J 175 -43.83 -22.48 44.69
N ILE J 176 -43.89 -22.12 45.97
CA ILE J 176 -43.24 -22.94 47.00
C ILE J 176 -43.98 -24.25 47.18
N GLU J 177 -45.32 -24.23 47.10
CA GLU J 177 -46.09 -25.44 47.31
C GLU J 177 -45.89 -26.44 46.18
N VAL J 178 -46.01 -25.97 44.94
CA VAL J 178 -45.81 -26.83 43.78
C VAL J 178 -44.38 -27.35 43.75
N GLY J 179 -43.42 -26.49 44.07
CA GLY J 179 -42.03 -26.91 44.11
C GLY J 179 -41.78 -27.98 45.16
N LEU J 180 -42.35 -27.81 46.35
CA LEU J 180 -42.15 -28.81 47.40
C LEU J 180 -42.80 -30.13 47.03
N GLU J 181 -44.03 -30.10 46.51
CA GLU J 181 -44.68 -31.33 46.09
C GLU J 181 -43.89 -32.04 45.00
N THR J 182 -43.43 -31.27 44.01
CA THR J 182 -42.64 -31.86 42.92
C THR J 182 -41.34 -32.45 43.45
N THR J 183 -40.68 -31.75 44.37
CA THR J 183 -39.41 -32.25 44.90
C THR J 183 -39.62 -33.55 45.67
N VAL J 184 -40.63 -33.61 46.52
CA VAL J 184 -40.89 -34.85 47.27
C VAL J 184 -41.23 -35.98 46.32
N ARG J 185 -42.14 -35.72 45.37
CA ARG J 185 -42.59 -36.77 44.45
C ARG J 185 -41.43 -37.29 43.62
N ARG J 186 -40.60 -36.39 43.07
CA ARG J 186 -39.51 -36.81 42.23
C ARG J 186 -38.35 -37.39 43.02
N ALA J 187 -38.18 -36.98 44.28
CA ALA J 187 -37.10 -37.52 45.11
C ALA J 187 -37.43 -38.91 45.62
N ASN J 188 -38.71 -39.25 45.75
CA ASN J 188 -39.06 -40.61 46.10
C ASN J 188 -38.59 -41.61 45.07
N ARG J 189 -38.49 -41.19 43.80
CA ARG J 189 -38.05 -42.05 42.71
C ARG J 189 -36.58 -41.88 42.38
N VAL J 190 -36.16 -40.63 42.14
CA VAL J 190 -34.81 -40.36 41.65
C VAL J 190 -33.78 -40.66 42.72
N LEU J 191 -34.01 -40.19 43.94
CA LEU J 191 -33.12 -40.45 45.06
C LEU J 191 -33.62 -41.66 45.87
N SER J 192 -33.76 -42.78 45.18
CA SER J 192 -34.27 -43.99 45.80
C SER J 192 -33.15 -44.82 46.43
N ASP J 193 -31.99 -44.90 45.79
CA ASP J 193 -30.86 -45.59 46.39
C ASP J 193 -30.41 -44.87 47.66
N ALA J 194 -30.38 -43.54 47.64
CA ALA J 194 -30.05 -42.79 48.84
C ALA J 194 -31.08 -43.00 49.93
N LEU J 195 -32.37 -42.99 49.57
CA LEU J 195 -33.43 -43.22 50.55
C LEU J 195 -33.41 -44.63 51.11
N LYS J 196 -32.86 -45.60 50.37
CA LYS J 196 -32.63 -46.91 50.93
C LYS J 196 -31.44 -46.92 51.87
N ARG J 197 -30.35 -46.26 51.48
CA ARG J 197 -29.18 -46.16 52.36
C ARG J 197 -29.51 -45.34 53.60
N TYR J 198 -30.23 -44.24 53.43
CA TYR J 198 -30.54 -43.31 54.52
C TYR J 198 -32.06 -43.25 54.65
N PRO J 199 -32.66 -44.17 55.40
CA PRO J 199 -34.12 -44.27 55.44
C PRO J 199 -34.80 -43.16 56.21
N ARG J 200 -34.07 -42.19 56.75
CA ARG J 200 -34.71 -41.19 57.59
C ARG J 200 -34.21 -39.79 57.29
N MET J 201 -33.91 -39.48 56.03
CA MET J 201 -33.65 -38.10 55.63
C MET J 201 -34.98 -37.43 55.28
N ASP J 202 -35.25 -36.30 55.92
CA ASP J 202 -36.52 -35.59 55.77
C ASP J 202 -36.43 -34.72 54.52
N ILE J 203 -36.80 -35.31 53.39
CA ILE J 203 -36.74 -34.57 52.12
C ILE J 203 -37.60 -33.31 52.12
N PRO J 204 -38.83 -33.31 52.64
CA PRO J 204 -39.58 -32.04 52.66
C PRO J 204 -38.88 -30.91 53.42
N LYS J 205 -38.26 -31.22 54.56
CA LYS J 205 -37.64 -30.17 55.35
C LYS J 205 -36.34 -29.68 54.71
N ILE J 206 -35.56 -30.59 54.13
CA ILE J 206 -34.36 -30.19 53.41
C ILE J 206 -34.72 -29.36 52.19
N ALA J 207 -35.80 -29.74 51.50
CA ALA J 207 -36.25 -28.99 50.33
C ALA J 207 -36.75 -27.61 50.71
N ARG J 208 -37.46 -27.49 51.83
CA ARG J 208 -37.87 -26.18 52.30
C ARG J 208 -36.67 -25.33 52.70
N SER J 209 -35.66 -25.95 53.31
CA SER J 209 -34.43 -25.23 53.63
C SER J 209 -33.76 -24.70 52.37
N PHE J 210 -33.70 -25.52 51.32
CA PHE J 210 -33.07 -25.09 50.08
C PHE J 210 -33.87 -24.00 49.39
N TYR J 211 -35.20 -24.10 49.42
CA TYR J 211 -36.04 -23.05 48.87
C TYR J 211 -35.82 -21.73 49.61
N ASP J 212 -35.77 -21.79 50.94
CA ASP J 212 -35.46 -20.60 51.71
C ASP J 212 -34.12 -20.00 51.27
N LEU J 213 -33.06 -20.81 51.29
CA LEU J 213 -31.74 -20.32 50.94
C LEU J 213 -31.74 -19.66 49.57
N PHE J 214 -32.43 -20.25 48.60
CA PHE J 214 -32.49 -19.66 47.27
C PHE J 214 -33.36 -18.40 47.26
N GLU J 215 -34.22 -18.20 48.26
CA GLU J 215 -34.95 -16.96 48.35
C GLU J 215 -34.10 -15.84 48.95
N GLN J 216 -33.56 -16.03 50.16
CA GLN J 216 -32.81 -14.92 50.76
C GLN J 216 -31.51 -14.64 50.02
N LYS J 217 -30.71 -15.67 49.73
CA LYS J 217 -29.38 -15.46 49.14
C LYS J 217 -29.46 -15.80 47.65
N VAL J 218 -29.83 -14.80 46.85
CA VAL J 218 -30.00 -14.99 45.41
C VAL J 218 -28.65 -15.26 44.76
N TYR J 219 -27.58 -14.64 45.26
CA TYR J 219 -26.26 -14.87 44.69
C TYR J 219 -25.86 -16.34 44.77
N HIS J 220 -26.32 -17.05 45.80
CA HIS J 220 -26.03 -18.47 45.92
C HIS J 220 -26.58 -19.26 44.75
N ARG J 221 -27.69 -18.81 44.16
CA ARG J 221 -28.15 -19.41 42.91
C ARG J 221 -27.01 -19.46 41.90
N SER J 222 -26.36 -18.32 41.69
CA SER J 222 -25.19 -18.27 40.82
C SER J 222 -24.17 -19.30 41.24
N LEU J 223 -23.85 -19.35 42.54
CA LEU J 223 -22.91 -20.33 43.04
C LEU J 223 -23.36 -21.73 42.68
N PHE J 224 -24.64 -22.04 42.93
CA PHE J 224 -25.20 -23.32 42.54
C PHE J 224 -24.93 -23.58 41.07
N ILE J 225 -25.23 -22.61 40.22
CA ILE J 225 -25.05 -22.79 38.79
C ILE J 225 -23.60 -23.10 38.47
N GLU J 226 -22.68 -22.35 39.09
CA GLU J 226 -21.27 -22.59 38.83
C GLU J 226 -20.91 -24.02 39.18
N TYR J 227 -21.42 -24.52 40.30
CA TYR J 227 -21.15 -25.91 40.66
C TYR J 227 -21.54 -26.84 39.53
N GLY J 228 -22.75 -26.68 39.00
CA GLY J 228 -23.17 -27.49 37.88
C GLY J 228 -22.22 -27.34 36.71
N LYS J 229 -21.85 -26.10 36.38
CA LYS J 229 -20.89 -25.87 35.32
C LYS J 229 -19.57 -26.53 35.63
N ALA J 230 -19.12 -26.41 36.89
CA ALA J 230 -17.86 -27.03 37.28
C ALA J 230 -17.98 -28.53 37.36
N LEU J 231 -19.19 -29.06 37.49
CA LEU J 231 -19.34 -30.48 37.71
C LEU J 231 -19.53 -31.24 36.40
N GLY J 232 -20.22 -30.63 35.44
CA GLY J 232 -20.36 -31.22 34.12
C GLY J 232 -19.13 -31.09 33.24
N SER J 233 -18.14 -30.31 33.66
CA SER J 233 -16.89 -30.19 32.93
C SER J 233 -15.83 -31.16 33.40
N SER J 234 -16.11 -31.96 34.42
CA SER J 234 -15.12 -32.87 34.97
C SER J 234 -15.04 -34.14 34.12
N SER J 235 -13.82 -34.67 34.01
CA SER J 235 -13.62 -35.88 33.23
C SER J 235 -14.34 -37.06 33.86
N THR J 236 -14.27 -37.20 35.18
CA THR J 236 -14.92 -38.29 35.91
C THR J 236 -15.85 -37.71 36.96
N GLY J 237 -16.41 -38.63 37.76
CA GLY J 237 -17.32 -38.24 38.82
C GLY J 237 -18.01 -39.47 39.36
N SER J 238 -18.83 -39.24 40.38
CA SER J 238 -19.62 -40.31 40.95
C SER J 238 -20.97 -40.41 40.23
N LYS J 239 -21.74 -41.44 40.60
CA LYS J 239 -23.10 -41.54 40.09
C LYS J 239 -23.97 -40.41 40.60
N ALA J 240 -23.80 -40.04 41.87
CA ALA J 240 -24.57 -38.95 42.45
C ALA J 240 -24.29 -37.63 41.73
N GLU J 241 -23.04 -37.43 41.29
CA GLU J 241 -22.71 -36.21 40.57
C GLU J 241 -23.35 -36.19 39.19
N SER J 242 -23.40 -37.34 38.52
CA SER J 242 -24.11 -37.42 37.25
C SER J 242 -25.59 -37.14 37.46
N LEU J 243 -26.17 -37.63 38.55
CA LEU J 243 -27.55 -37.32 38.87
C LEU J 243 -27.75 -35.83 39.11
N PHE J 244 -26.83 -35.20 39.85
CA PHE J 244 -26.92 -33.77 40.08
C PHE J 244 -26.91 -33.00 38.76
N VAL J 245 -25.99 -33.35 37.87
CA VAL J 245 -25.94 -32.66 36.59
C VAL J 245 -27.19 -32.92 35.75
N ASN J 246 -27.75 -34.12 35.85
CA ASN J 246 -28.98 -34.41 35.11
C ASN J 246 -30.14 -33.53 35.58
N ILE J 247 -30.32 -33.42 36.89
CA ILE J 247 -31.37 -32.53 37.39
C ILE J 247 -31.07 -31.08 37.06
N PHE J 248 -29.78 -30.70 37.10
CA PHE J 248 -29.39 -29.33 36.82
C PHE J 248 -29.69 -28.95 35.37
N MET J 249 -29.47 -29.87 34.43
CA MET J 249 -29.94 -29.66 33.06
C MET J 249 -31.46 -29.67 32.96
N GLN J 250 -32.13 -30.50 33.75
CA GLN J 250 -33.59 -30.47 33.74
C GLN J 250 -34.12 -29.12 34.22
N ALA J 251 -33.31 -28.35 34.93
CA ALA J 251 -33.70 -27.01 35.37
C ALA J 251 -33.49 -25.94 34.31
N TYR J 252 -32.97 -26.30 33.13
CA TYR J 252 -32.42 -25.30 32.22
C TYR J 252 -33.44 -24.25 31.77
N GLY J 253 -34.43 -24.62 30.98
CA GLY J 253 -35.30 -23.63 30.40
C GLY J 253 -36.39 -23.14 31.33
N ALA J 254 -36.12 -23.14 32.63
CA ALA J 254 -37.13 -22.84 33.63
C ALA J 254 -37.57 -21.39 33.52
N GLY J 255 -38.89 -21.19 33.58
CA GLY J 255 -39.47 -19.88 33.42
C GLY J 255 -39.74 -19.47 31.98
N GLN J 256 -39.46 -20.35 31.02
CA GLN J 256 -39.64 -20.07 29.60
C GLN J 256 -40.29 -21.25 28.89
N THR J 257 -41.30 -21.86 29.52
CA THR J 257 -41.91 -23.04 28.91
C THR J 257 -42.76 -22.69 27.70
N MET J 258 -43.20 -21.43 27.58
CA MET J 258 -43.98 -21.06 26.40
C MET J 258 -43.13 -21.03 25.14
N LEU J 259 -41.84 -20.69 25.24
CA LEU J 259 -40.97 -20.78 24.07
C LEU J 259 -40.81 -22.22 23.60
N ARG J 260 -40.57 -23.14 24.55
CA ARG J 260 -40.45 -24.55 24.20
C ARG J 260 -41.76 -25.08 23.63
N TRP J 261 -42.88 -24.69 24.22
CA TRP J 261 -44.17 -25.16 23.75
C TRP J 261 -44.54 -24.55 22.41
N GLY J 262 -44.05 -23.35 22.11
CA GLY J 262 -44.26 -22.79 20.78
C GLY J 262 -43.42 -23.49 19.73
N VAL J 263 -42.20 -23.87 20.08
CA VAL J 263 -41.40 -24.69 19.18
C VAL J 263 -42.11 -26.03 18.95
N ILE J 264 -42.75 -26.56 19.99
CA ILE J 264 -43.53 -27.80 19.83
C ILE J 264 -44.70 -27.56 18.88
N ALA J 265 -45.43 -26.46 19.08
CA ALA J 265 -46.59 -26.17 18.25
C ALA J 265 -46.20 -25.96 16.79
N ARG J 266 -44.99 -25.45 16.55
CA ARG J 266 -44.49 -25.40 15.18
C ARG J 266 -44.15 -26.79 14.66
N SER J 267 -43.50 -27.61 15.50
CA SER J 267 -43.21 -28.98 15.12
C SER J 267 -44.46 -29.85 15.04
N SER J 268 -45.55 -29.43 15.69
CA SER J 268 -46.82 -30.15 15.62
C SER J 268 -47.64 -29.75 14.40
N ASN J 269 -47.22 -28.74 13.66
CA ASN J 269 -47.91 -28.29 12.45
C ASN J 269 -49.38 -27.97 12.73
N ASN J 270 -49.63 -27.31 13.86
CA ASN J 270 -50.97 -26.85 14.18
C ASN J 270 -51.44 -25.87 13.12
N ILE J 271 -52.54 -26.20 12.44
CA ILE J 271 -53.03 -25.34 11.37
C ILE J 271 -53.49 -23.99 11.89
N MET J 272 -53.87 -23.91 13.16
CA MET J 272 -54.36 -22.64 13.68
C MET J 272 -53.24 -21.62 13.86
N LEU J 273 -51.98 -22.03 13.74
CA LEU J 273 -50.90 -21.08 13.62
C LEU J 273 -51.06 -20.20 12.39
N GLY J 274 -51.74 -20.71 11.36
CA GLY J 274 -52.01 -19.98 10.14
C GLY J 274 -53.19 -19.04 10.21
N HIS J 275 -53.91 -19.02 11.33
CA HIS J 275 -54.98 -18.05 11.51
C HIS J 275 -54.40 -16.64 11.45
N VAL J 276 -55.13 -15.73 10.80
CA VAL J 276 -54.59 -14.41 10.51
C VAL J 276 -54.20 -13.66 11.77
N SER J 277 -54.92 -13.88 12.87
CA SER J 277 -54.59 -13.20 14.12
C SER J 277 -53.21 -13.59 14.63
N VAL J 278 -52.87 -14.88 14.52
CA VAL J 278 -51.52 -15.31 14.87
C VAL J 278 -50.51 -14.82 13.84
N GLN J 279 -50.88 -14.88 12.56
CA GLN J 279 -50.00 -14.43 11.48
C GLN J 279 -49.58 -12.98 11.67
N ALA J 280 -50.45 -12.16 12.26
CA ALA J 280 -50.08 -10.77 12.57
C ALA J 280 -49.05 -10.67 13.68
N GLU J 281 -48.75 -11.76 14.38
CA GLU J 281 -47.84 -11.74 15.51
C GLU J 281 -46.59 -12.59 15.30
N LEU J 282 -46.54 -13.42 14.27
CA LEU J 282 -45.34 -14.22 14.06
C LEU J 282 -44.07 -13.38 13.92
N LYS J 283 -44.19 -12.13 13.48
CA LYS J 283 -43.01 -11.29 13.37
C LYS J 283 -42.40 -10.99 14.75
N GLN J 284 -43.23 -10.64 15.73
CA GLN J 284 -42.70 -10.41 17.07
C GLN J 284 -42.33 -11.71 17.77
N VAL J 285 -43.03 -12.80 17.44
CA VAL J 285 -42.62 -14.10 17.94
C VAL J 285 -41.21 -14.43 17.48
N THR J 286 -40.95 -14.22 16.18
CA THR J 286 -39.62 -14.43 15.62
C THR J 286 -38.61 -13.50 16.26
N GLU J 287 -39.02 -12.27 16.60
CA GLU J 287 -38.09 -11.39 17.31
C GLU J 287 -37.73 -11.94 18.69
N VAL J 288 -38.70 -12.54 19.38
CA VAL J 288 -38.40 -13.13 20.68
C VAL J 288 -37.40 -14.27 20.53
N TYR J 289 -37.62 -15.14 19.55
CA TYR J 289 -36.67 -16.24 19.35
C TYR J 289 -35.32 -15.74 18.86
N ASP J 290 -35.29 -14.67 18.07
CA ASP J 290 -34.03 -14.03 17.70
C ASP J 290 -33.30 -13.50 18.92
N LEU J 291 -34.06 -12.95 19.88
CA LEU J 291 -33.45 -12.51 21.13
C LEU J 291 -32.84 -13.67 21.89
N VAL J 292 -33.52 -14.81 21.90
CA VAL J 292 -32.95 -16.00 22.53
C VAL J 292 -31.63 -16.38 21.86
N ARG J 293 -31.62 -16.36 20.52
CA ARG J 293 -30.39 -16.68 19.79
C ARG J 293 -29.28 -15.67 20.09
N GLU J 294 -29.63 -14.40 20.21
CA GLU J 294 -28.65 -13.36 20.51
C GLU J 294 -28.06 -13.53 21.90
N MET J 295 -28.91 -13.82 22.89
CA MET J 295 -28.43 -14.04 24.24
C MET J 295 -27.55 -15.28 24.31
N GLY J 296 -27.93 -16.34 23.63
CA GLY J 296 -27.10 -17.53 23.57
C GLY J 296 -27.37 -18.50 24.69
N PRO J 297 -26.37 -19.31 25.03
CA PRO J 297 -26.57 -20.38 26.03
C PRO J 297 -26.97 -19.87 27.41
N GLU J 298 -26.64 -18.62 27.75
CA GLU J 298 -26.99 -18.08 29.05
C GLU J 298 -28.45 -17.63 29.14
N SER J 299 -29.19 -17.68 28.03
CA SER J 299 -30.59 -17.25 28.06
C SER J 299 -31.45 -18.21 28.86
N GLY J 300 -31.08 -19.49 28.91
CA GLY J 300 -31.87 -20.46 29.67
C GLY J 300 -31.79 -20.27 31.17
N LEU J 301 -30.70 -19.68 31.66
CA LEU J 301 -30.50 -19.49 33.09
C LEU J 301 -31.02 -18.15 33.58
N LEU J 302 -31.70 -17.39 32.73
CA LEU J 302 -32.10 -16.03 33.09
C LEU J 302 -33.07 -16.01 34.25
N HIS J 303 -34.05 -16.91 34.24
CA HIS J 303 -35.01 -16.97 35.33
C HIS J 303 -34.46 -17.69 36.55
N LEU J 304 -33.58 -18.69 36.35
CA LEU J 304 -32.94 -19.34 37.49
C LEU J 304 -32.04 -18.36 38.24
N ARG J 305 -31.28 -17.55 37.50
CA ARG J 305 -30.47 -16.52 38.12
C ARG J 305 -31.30 -15.37 38.65
N GLN J 306 -32.57 -15.31 38.27
CA GLN J 306 -33.45 -14.18 38.60
C GLN J 306 -32.87 -12.88 38.04
N SER J 307 -32.48 -12.94 36.78
CA SER J 307 -31.95 -11.77 36.10
C SER J 307 -33.06 -10.77 35.83
N PRO J 308 -32.83 -9.48 36.11
CA PRO J 308 -33.82 -8.47 35.71
C PRO J 308 -34.06 -8.45 34.21
N LYS J 309 -33.06 -8.86 33.43
CA LYS J 309 -33.19 -8.93 31.99
C LYS J 309 -34.25 -9.92 31.55
N ALA J 310 -34.51 -10.94 32.39
CA ALA J 310 -35.59 -11.87 32.09
C ALA J 310 -36.93 -11.14 32.07
N GLY J 311 -37.79 -11.54 31.14
CA GLY J 311 -38.99 -10.80 30.83
C GLY J 311 -38.95 -10.15 29.47
N LEU J 312 -37.75 -9.91 28.94
CA LEU J 312 -37.60 -9.66 27.51
C LEU J 312 -37.92 -10.89 26.69
N LEU J 313 -37.79 -12.08 27.29
CA LEU J 313 -38.11 -13.34 26.64
C LEU J 313 -39.58 -13.71 26.78
N SER J 314 -40.43 -12.76 27.13
CA SER J 314 -41.84 -13.01 27.35
C SER J 314 -42.61 -12.90 26.04
N LEU J 315 -43.48 -13.87 25.78
CA LEU J 315 -44.40 -13.86 24.65
C LEU J 315 -45.79 -13.37 25.06
N ALA J 316 -45.88 -12.61 26.15
CA ALA J 316 -47.17 -12.21 26.68
C ALA J 316 -47.84 -11.10 25.87
N ASN J 317 -47.11 -10.43 24.98
CA ASN J 317 -47.68 -9.41 24.12
C ASN J 317 -48.21 -9.98 22.81
N CYS J 318 -48.14 -11.29 22.63
CA CYS J 318 -48.72 -11.98 21.47
C CYS J 318 -49.80 -12.93 22.00
N PRO J 319 -50.96 -12.40 22.39
CA PRO J 319 -51.96 -13.23 23.05
C PRO J 319 -52.52 -14.35 22.18
N ASN J 320 -52.66 -14.13 20.88
CA ASN J 320 -53.25 -15.15 20.02
C ASN J 320 -52.28 -16.29 19.77
N PHE J 321 -51.00 -15.97 19.56
CA PHE J 321 -49.99 -17.02 19.46
C PHE J 321 -49.90 -17.81 20.75
N ALA J 322 -49.96 -17.12 21.90
CA ALA J 322 -49.94 -17.81 23.18
C ALA J 322 -51.14 -18.73 23.34
N SER J 323 -52.32 -18.27 22.93
CA SER J 323 -53.51 -19.10 23.01
C SER J 323 -53.38 -20.33 22.12
N VAL J 324 -52.87 -20.15 20.90
CA VAL J 324 -52.72 -21.28 19.99
C VAL J 324 -51.69 -22.27 20.51
N VAL J 325 -50.61 -21.76 21.09
CA VAL J 325 -49.57 -22.64 21.65
C VAL J 325 -50.12 -23.43 22.83
N LEU J 326 -50.84 -22.76 23.72
CA LEU J 326 -51.43 -23.47 24.86
C LEU J 326 -52.48 -24.48 24.40
N GLY J 327 -53.26 -24.15 23.38
CA GLY J 327 -54.24 -25.09 22.87
C GLY J 327 -53.60 -26.30 22.21
N ASN J 328 -52.53 -26.10 21.45
CA ASN J 328 -51.81 -27.21 20.87
C ASN J 328 -51.21 -28.09 21.96
N ALA J 329 -50.65 -27.48 23.01
CA ALA J 329 -50.09 -28.27 24.10
C ALA J 329 -51.19 -29.05 24.82
N SER J 330 -52.37 -28.43 24.99
CA SER J 330 -53.46 -29.10 25.67
C SER J 330 -54.00 -30.27 24.85
N GLY J 331 -54.08 -30.10 23.53
CA GLY J 331 -54.56 -31.19 22.69
C GLY J 331 -53.64 -32.39 22.72
N LEU J 332 -52.33 -32.16 22.66
CA LEU J 332 -51.36 -33.24 22.79
C LEU J 332 -51.33 -33.84 24.18
N GLY J 333 -51.96 -33.19 25.17
CA GLY J 333 -51.98 -33.69 26.52
C GLY J 333 -50.78 -33.35 27.36
N ILE J 334 -49.90 -32.46 26.90
CA ILE J 334 -48.71 -32.10 27.64
C ILE J 334 -48.88 -30.84 28.47
N ILE J 335 -50.05 -30.21 28.40
CA ILE J 335 -50.24 -28.96 29.14
C ILE J 335 -50.22 -29.23 30.64
N GLY J 336 -50.65 -30.41 31.06
CA GLY J 336 -50.67 -30.74 32.48
C GLY J 336 -51.52 -29.76 33.26
N MET J 337 -50.97 -29.28 34.37
CA MET J 337 -51.63 -28.29 35.21
C MET J 337 -50.97 -26.92 35.09
N TYR J 338 -50.39 -26.64 33.93
CA TYR J 338 -49.81 -25.33 33.67
C TYR J 338 -50.87 -24.25 33.82
N ARG J 339 -50.53 -23.19 34.54
CA ARG J 339 -51.48 -22.16 34.91
C ARG J 339 -51.36 -20.88 34.07
N GLY J 340 -50.65 -20.94 32.95
CA GLY J 340 -50.59 -19.77 32.09
C GLY J 340 -51.96 -19.38 31.59
N ARG J 341 -52.16 -18.07 31.43
CA ARG J 341 -53.46 -17.57 31.06
C ARG J 341 -53.68 -17.67 29.56
N VAL J 342 -54.90 -18.00 29.17
CA VAL J 342 -55.24 -18.13 27.75
C VAL J 342 -56.11 -16.94 27.37
N PRO J 343 -55.56 -15.95 26.67
CA PRO J 343 -56.34 -14.76 26.33
C PRO J 343 -57.47 -15.05 25.35
N ASN J 344 -57.14 -15.70 24.25
CA ASN J 344 -58.12 -16.04 23.22
C ASN J 344 -58.63 -17.45 23.48
N THR J 345 -59.89 -17.54 23.93
CA THR J 345 -60.48 -18.85 24.21
C THR J 345 -60.85 -19.60 22.94
N GLU J 346 -61.35 -18.89 21.93
CA GLU J 346 -61.75 -19.55 20.69
C GLU J 346 -60.56 -20.16 19.95
N LEU J 347 -59.45 -19.42 19.87
CA LEU J 347 -58.24 -19.97 19.27
C LEU J 347 -57.73 -21.15 20.08
N PHE J 348 -57.80 -21.05 21.41
CA PHE J 348 -57.42 -22.17 22.25
C PHE J 348 -58.24 -23.41 21.93
N SER J 349 -59.55 -23.25 21.83
CA SER J 349 -60.43 -24.39 21.57
C SER J 349 -60.16 -25.00 20.20
N ALA J 350 -60.02 -24.16 19.18
CA ALA J 350 -59.77 -24.68 17.84
C ALA J 350 -58.41 -25.36 17.76
N ALA J 351 -57.38 -24.77 18.35
CA ALA J 351 -56.05 -25.38 18.36
C ALA J 351 -56.06 -26.71 19.09
N GLU J 352 -56.76 -26.77 20.24
CA GLU J 352 -56.82 -28.00 21.01
C GLU J 352 -57.57 -29.08 20.24
N SER J 353 -58.65 -28.73 19.56
CA SER J 353 -59.37 -29.70 18.74
C SER J 353 -58.48 -30.24 17.63
N TYR J 354 -57.76 -29.36 16.94
CA TYR J 354 -56.90 -29.84 15.86
C TYR J 354 -55.78 -30.71 16.40
N ALA J 355 -55.18 -30.33 17.54
CA ALA J 355 -54.07 -31.11 18.07
C ALA J 355 -54.54 -32.48 18.56
N LYS J 356 -55.73 -32.54 19.16
CA LYS J 356 -56.29 -33.83 19.54
C LYS J 356 -56.55 -34.69 18.31
N SER J 357 -57.13 -34.10 17.26
CA SER J 357 -57.38 -34.85 16.04
C SER J 357 -56.08 -35.37 15.44
N LEU J 358 -55.02 -34.55 15.46
CA LEU J 358 -53.74 -34.96 14.91
C LEU J 358 -53.12 -36.08 15.75
N LYS J 359 -53.21 -35.98 17.07
CA LYS J 359 -52.60 -36.99 17.93
C LYS J 359 -53.32 -38.32 17.82
N GLU J 360 -54.65 -38.29 17.72
CA GLU J 360 -55.40 -39.55 17.65
C GLU J 360 -55.08 -40.32 16.36
N ASP K 10 -31.72 -26.45 21.28
CA ASP K 10 -31.49 -26.47 22.72
C ASP K 10 -30.38 -27.45 23.12
N LEU K 11 -30.25 -28.57 22.40
CA LEU K 11 -29.27 -29.58 22.81
C LEU K 11 -27.86 -29.12 22.51
N SER K 12 -27.64 -28.47 21.36
CA SER K 12 -26.35 -27.88 21.09
C SER K 12 -26.02 -26.81 22.11
N TYR K 13 -27.02 -26.05 22.54
CA TYR K 13 -26.79 -25.03 23.56
C TYR K 13 -26.41 -25.64 24.89
N LYS K 14 -27.04 -26.75 25.27
CA LYS K 14 -26.66 -27.43 26.50
C LYS K 14 -25.25 -28.00 26.41
N HIS K 15 -24.90 -28.56 25.24
CA HIS K 15 -23.54 -29.07 25.08
C HIS K 15 -22.51 -27.95 25.15
N ALA K 16 -22.81 -26.79 24.55
CA ALA K 16 -21.91 -25.66 24.62
C ALA K 16 -21.82 -25.10 26.03
N ILE K 17 -22.90 -25.22 26.80
CA ILE K 17 -22.86 -24.83 28.20
C ILE K 17 -21.91 -25.73 28.98
N LEU K 18 -22.07 -27.04 28.84
CA LEU K 18 -21.26 -27.97 29.64
C LEU K 18 -19.82 -27.99 29.18
N LYS K 19 -19.58 -27.92 27.88
CA LYS K 19 -18.23 -28.07 27.36
C LYS K 19 -17.38 -26.83 27.63
N GLU K 20 -17.92 -25.65 27.40
CA GLU K 20 -17.17 -24.40 27.51
C GLU K 20 -17.19 -23.90 28.95
N SER K 21 -16.44 -24.60 29.81
CA SER K 21 -16.31 -24.25 31.21
C SER K 21 -14.86 -23.89 31.50
N GLN K 22 -14.65 -22.74 32.14
CA GLN K 22 -13.31 -22.27 32.44
C GLN K 22 -12.75 -22.84 33.74
N TYR K 23 -13.54 -23.57 34.51
CA TYR K 23 -13.14 -24.08 35.81
C TYR K 23 -13.18 -25.59 35.80
N THR K 24 -12.06 -26.21 36.20
CA THR K 24 -11.99 -27.65 36.37
C THR K 24 -12.45 -28.03 37.77
N ILE K 25 -12.81 -29.29 37.92
CA ILE K 25 -13.29 -29.82 39.19
C ILE K 25 -12.20 -30.68 39.81
N LYS K 26 -12.01 -30.53 41.12
CA LYS K 26 -10.99 -31.26 41.86
C LYS K 26 -11.65 -32.30 42.76
N ARG K 27 -11.19 -33.55 42.64
CA ARG K 27 -11.74 -34.63 43.44
C ARG K 27 -10.60 -35.55 43.86
N ASP K 28 -10.86 -36.33 44.90
CA ASP K 28 -9.89 -37.31 45.43
C ASP K 28 -8.60 -36.63 45.88
N VAL K 29 -8.73 -35.45 46.48
CA VAL K 29 -7.55 -34.63 46.76
C VAL K 29 -6.64 -35.32 47.79
N GLY K 30 -7.22 -35.90 48.84
CA GLY K 30 -6.41 -36.49 49.88
C GLY K 30 -6.06 -37.95 49.70
N THR K 31 -6.42 -38.54 48.57
CA THR K 31 -6.33 -39.98 48.38
C THR K 31 -5.05 -40.36 47.67
N THR K 32 -4.74 -41.66 47.69
CA THR K 32 -3.56 -42.21 47.03
C THR K 32 -3.96 -43.48 46.30
N THR K 33 -3.16 -43.82 45.30
CA THR K 33 -3.34 -45.06 44.55
C THR K 33 -1.97 -45.64 44.22
N ALA K 34 -1.95 -46.92 43.87
CA ALA K 34 -0.71 -47.65 43.67
C ALA K 34 -0.40 -47.80 42.19
N VAL K 35 0.88 -47.69 41.84
CA VAL K 35 1.38 -48.07 40.53
C VAL K 35 2.67 -48.85 40.72
N THR K 36 3.09 -49.52 39.65
CA THR K 36 4.30 -50.31 39.65
C THR K 36 5.21 -49.82 38.54
N PRO K 37 6.49 -49.54 38.83
CA PRO K 37 7.40 -49.10 37.77
C PRO K 37 7.57 -50.19 36.72
N SER K 38 7.75 -49.74 35.47
CA SER K 38 7.78 -50.65 34.34
C SER K 38 8.87 -51.69 34.49
N SER K 39 9.95 -51.35 35.19
CA SER K 39 11.07 -52.27 35.39
C SER K 39 10.68 -53.51 36.19
N LEU K 40 9.51 -53.50 36.85
CA LEU K 40 9.03 -54.65 37.58
C LEU K 40 7.99 -55.44 36.80
N GLN K 41 7.91 -55.23 35.48
CA GLN K 41 6.90 -55.92 34.68
C GLN K 41 6.98 -57.43 34.86
N GLN K 42 8.19 -57.98 34.73
CA GLN K 42 8.38 -59.41 34.97
C GLN K 42 7.79 -59.81 36.32
N GLU K 43 8.15 -59.08 37.37
CA GLU K 43 7.67 -59.43 38.70
C GLU K 43 6.15 -59.33 38.80
N ILE K 44 5.53 -58.40 38.07
CA ILE K 44 4.07 -58.36 38.13
C ILE K 44 3.49 -59.46 37.27
N THR K 45 4.15 -59.80 36.16
CA THR K 45 3.64 -60.84 35.29
C THR K 45 3.44 -62.14 36.05
N LEU K 46 4.47 -62.55 36.80
CA LEU K 46 4.36 -63.74 37.63
C LEU K 46 3.12 -63.67 38.51
N LEU K 47 2.91 -62.54 39.19
CA LEU K 47 1.74 -62.43 40.06
C LEU K 47 0.45 -62.55 39.26
N CYS K 48 0.40 -61.90 38.09
CA CYS K 48 -0.80 -62.00 37.27
C CYS K 48 -1.03 -63.42 36.79
N GLY K 49 -0.02 -64.28 36.84
CA GLY K 49 -0.17 -65.66 36.47
C GLY K 49 -0.44 -66.57 37.65
N GLU K 50 -0.19 -66.08 38.87
CA GLU K 50 -0.41 -66.89 40.06
C GLU K 50 -1.83 -66.79 40.59
N ILE K 51 -2.56 -65.74 40.21
CA ILE K 51 -3.99 -65.70 40.46
C ILE K 51 -4.71 -66.62 39.49
N LEU K 52 -4.04 -67.09 38.44
CA LEU K 52 -4.69 -67.83 37.38
C LEU K 52 -4.65 -69.35 37.58
N TYR K 53 -3.57 -69.92 38.12
CA TYR K 53 -3.44 -71.37 38.04
C TYR K 53 -3.65 -72.04 39.39
N ALA K 54 -4.20 -71.32 40.37
CA ALA K 54 -4.55 -71.92 41.64
C ALA K 54 -5.94 -71.47 42.04
N LYS K 55 -6.54 -72.23 42.95
CA LYS K 55 -7.88 -71.93 43.45
C LYS K 55 -7.72 -71.21 44.78
N HIS K 56 -8.08 -69.93 44.80
CA HIS K 56 -7.83 -69.05 45.93
C HIS K 56 -9.13 -68.78 46.68
N ALA K 57 -9.02 -68.70 48.02
CA ALA K 57 -10.19 -68.36 48.81
C ALA K 57 -10.63 -66.92 48.57
N ASP K 58 -9.69 -66.03 48.24
CA ASP K 58 -9.97 -64.61 48.12
C ASP K 58 -9.36 -64.07 46.83
N TYR K 59 -10.18 -63.39 46.04
CA TYR K 59 -9.77 -62.78 44.77
C TYR K 59 -9.99 -61.27 44.80
N LYS K 60 -9.80 -60.65 45.97
CA LYS K 60 -10.19 -59.25 46.15
C LYS K 60 -9.39 -58.32 45.24
N TYR K 61 -8.08 -58.53 45.15
CA TYR K 61 -7.19 -57.56 44.53
C TYR K 61 -6.70 -57.98 43.15
N ALA K 62 -7.37 -58.93 42.50
CA ALA K 62 -6.93 -59.35 41.17
C ALA K 62 -7.00 -58.20 40.17
N ALA K 63 -8.08 -57.42 40.23
CA ALA K 63 -8.20 -56.26 39.35
C ALA K 63 -7.10 -55.25 39.62
N GLU K 64 -6.72 -55.09 40.88
CA GLU K 64 -5.60 -54.21 41.20
C GLU K 64 -4.31 -54.70 40.57
N ILE K 65 -4.08 -56.02 40.57
CA ILE K 65 -2.87 -56.54 39.94
C ILE K 65 -2.91 -56.33 38.43
N GLY K 66 -4.09 -56.45 37.82
CA GLY K 66 -4.20 -56.12 36.41
C GLY K 66 -3.90 -54.66 36.12
N ILE K 67 -4.37 -53.76 37.00
CA ILE K 67 -4.04 -52.34 36.86
C ILE K 67 -2.55 -52.11 37.07
N GLN K 68 -1.92 -52.87 37.96
CA GLN K 68 -0.48 -52.77 38.15
C GLN K 68 0.25 -53.17 36.87
N TYR K 69 -0.21 -54.22 36.20
CA TYR K 69 0.39 -54.56 34.91
C TYR K 69 0.18 -53.45 33.89
N ILE K 70 -1.01 -52.85 33.86
CA ILE K 70 -1.25 -51.72 32.96
C ILE K 70 -0.27 -50.60 33.26
N SER K 71 -0.01 -50.35 34.55
CA SER K 71 0.94 -49.32 34.95
C SER K 71 2.35 -49.64 34.46
N THR K 72 2.77 -50.91 34.58
CA THR K 72 4.09 -51.29 34.07
C THR K 72 4.15 -51.16 32.56
N ALA K 73 3.05 -51.44 31.86
CA ALA K 73 3.05 -51.35 30.41
C ALA K 73 3.04 -49.89 29.93
N LEU K 74 2.45 -48.98 30.71
CA LEU K 74 2.40 -47.58 30.32
C LEU K 74 3.51 -46.76 30.95
N GLY K 75 3.87 -47.04 32.19
CA GLY K 75 4.86 -46.27 32.90
C GLY K 75 4.22 -45.55 34.07
N SER K 76 4.93 -45.53 35.20
CA SER K 76 4.36 -44.96 36.42
C SER K 76 4.09 -43.47 36.28
N GLU K 77 5.04 -42.72 35.71
CA GLU K 77 4.83 -41.29 35.54
C GLU K 77 3.76 -41.00 34.50
N ARG K 78 3.70 -41.81 33.44
CA ARG K 78 2.68 -41.61 32.43
C ARG K 78 1.30 -41.98 32.97
N VAL K 79 1.25 -42.98 33.86
CA VAL K 79 0.00 -43.34 34.51
C VAL K 79 -0.46 -42.24 35.47
N GLN K 80 0.49 -41.62 36.18
CA GLN K 80 0.15 -40.47 37.01
C GLN K 80 -0.42 -39.34 36.16
N GLN K 81 0.18 -39.09 34.99
CA GLN K 81 -0.34 -38.08 34.09
C GLN K 81 -1.74 -38.43 33.61
N ILE K 82 -1.98 -39.71 33.32
CA ILE K 82 -3.31 -40.16 32.86
C ILE K 82 -4.34 -39.92 33.95
N LEU K 83 -4.02 -40.30 35.18
CA LEU K 83 -4.98 -40.14 36.27
C LEU K 83 -5.22 -38.67 36.58
N ARG K 84 -4.21 -37.82 36.39
CA ARG K 84 -4.42 -36.38 36.54
C ARG K 84 -5.35 -35.84 35.45
N ASN K 85 -5.13 -36.27 34.20
CA ASN K 85 -5.95 -35.80 33.10
C ASN K 85 -7.38 -36.32 33.15
N SER K 86 -7.61 -37.45 33.82
CA SER K 86 -8.98 -37.90 34.02
C SER K 86 -9.76 -37.00 34.95
N GLY K 87 -9.10 -36.08 35.65
CA GLY K 87 -9.74 -35.19 36.56
C GLY K 87 -9.69 -35.60 38.01
N SER K 88 -8.68 -36.37 38.41
CA SER K 88 -8.56 -36.87 39.78
C SER K 88 -7.24 -36.41 40.37
N GLU K 89 -7.25 -36.09 41.67
CA GLU K 89 -6.07 -35.68 42.39
C GLU K 89 -5.43 -36.83 43.16
N VAL K 90 -5.69 -38.07 42.76
CA VAL K 90 -5.12 -39.22 43.45
C VAL K 90 -3.60 -39.17 43.36
N GLN K 91 -2.95 -39.40 44.49
CA GLN K 91 -1.49 -39.38 44.56
C GLN K 91 -0.97 -40.79 44.32
N VAL K 92 -0.36 -40.98 43.15
CA VAL K 92 0.30 -42.24 42.81
C VAL K 92 1.34 -42.62 43.87
N VAL K 93 1.32 -43.89 44.26
CA VAL K 93 2.32 -44.50 45.13
C VAL K 93 3.00 -45.60 44.34
N LEU K 94 4.28 -45.84 44.64
CA LEU K 94 5.13 -46.70 43.82
C LEU K 94 5.32 -48.05 44.49
N THR K 95 5.18 -49.12 43.70
CA THR K 95 5.36 -50.48 44.20
C THR K 95 6.82 -50.73 44.56
N ARG K 96 7.04 -51.39 45.69
CA ARG K 96 8.38 -51.65 46.21
C ARG K 96 8.62 -53.14 46.36
N THR K 97 9.73 -53.63 45.84
CA THR K 97 10.09 -55.02 46.06
C THR K 97 10.72 -55.18 47.43
N TYR K 98 10.24 -56.15 48.20
CA TYR K 98 10.76 -56.43 49.52
C TYR K 98 11.13 -57.89 49.64
N SER K 99 12.18 -58.17 50.40
CA SER K 99 12.56 -59.55 50.66
C SER K 99 11.57 -60.18 51.62
N LEU K 100 11.18 -61.43 51.33
CA LEU K 100 10.22 -62.12 52.18
C LEU K 100 10.80 -62.32 53.58
N GLY K 101 12.06 -62.68 53.66
CA GLY K 101 12.70 -62.93 54.93
C GLY K 101 13.86 -63.91 54.75
N LYS K 102 13.92 -64.90 55.63
CA LYS K 102 14.96 -65.92 55.54
C LYS K 102 14.77 -66.82 54.32
N ILE K 103 13.60 -66.81 53.71
CA ILE K 103 13.33 -67.67 52.56
C ILE K 103 14.18 -67.24 51.37
N LYS K 104 14.74 -68.23 50.66
CA LYS K 104 15.61 -67.99 49.52
C LYS K 104 15.09 -68.73 48.31
N ASN K 105 15.39 -68.21 47.13
CA ASN K 105 14.90 -68.79 45.89
C ASN K 105 15.92 -69.80 45.35
N ASN K 106 15.68 -70.28 44.12
CA ASN K 106 16.56 -71.28 43.53
C ASN K 106 17.92 -70.70 43.18
N LYS K 107 17.99 -69.39 42.90
CA LYS K 107 19.24 -68.77 42.48
C LYS K 107 20.18 -68.45 43.64
N GLY K 108 19.75 -68.70 44.87
CA GLY K 108 20.57 -68.38 46.03
C GLY K 108 20.43 -66.97 46.54
N GLU K 109 19.51 -66.18 46.00
CA GLU K 109 19.25 -64.84 46.46
C GLU K 109 17.98 -64.81 47.32
N ASP K 110 17.78 -63.68 48.00
CA ASP K 110 16.55 -63.50 48.77
C ASP K 110 15.35 -63.40 47.83
N LEU K 111 14.28 -64.08 48.19
CA LEU K 111 13.06 -64.07 47.38
C LEU K 111 12.39 -62.70 47.48
N GLN K 112 12.43 -61.95 46.38
CA GLN K 112 11.87 -60.61 46.35
C GLN K 112 10.42 -60.68 45.87
N MET K 113 9.52 -60.09 46.63
CA MET K 113 8.11 -60.04 46.28
C MET K 113 7.62 -58.60 46.22
N LEU K 114 6.56 -58.40 45.45
CA LEU K 114 6.02 -57.06 45.24
C LEU K 114 5.27 -56.58 46.48
N ASP K 115 5.37 -55.27 46.73
CA ASP K 115 4.65 -54.58 47.78
C ASP K 115 3.86 -53.48 47.10
N ILE K 116 2.56 -53.69 46.99
CA ILE K 116 1.67 -52.78 46.29
C ILE K 116 0.89 -51.98 47.33
N HIS K 117 0.71 -50.69 47.07
CA HIS K 117 -0.01 -49.84 48.01
C HIS K 117 -1.49 -50.20 48.00
N GLY K 118 -2.08 -50.28 49.20
CA GLY K 118 -3.47 -50.61 49.34
C GLY K 118 -3.78 -52.10 49.29
N VAL K 119 -2.82 -52.92 48.92
CA VAL K 119 -2.97 -54.37 48.91
C VAL K 119 -2.21 -54.91 50.11
N GLU K 120 -2.92 -55.57 51.03
CA GLU K 120 -2.24 -56.18 52.16
C GLU K 120 -1.19 -57.17 51.66
N LYS K 121 -0.02 -57.14 52.27
CA LYS K 121 1.02 -58.07 51.88
C LYS K 121 0.60 -59.50 52.16
N SER K 122 -0.26 -59.72 53.15
CA SER K 122 -0.71 -61.07 53.47
C SER K 122 -1.47 -61.68 52.30
N TRP K 123 -2.25 -60.87 51.59
CA TRP K 123 -2.95 -61.37 50.39
C TRP K 123 -1.95 -61.85 49.34
N VAL K 124 -0.90 -61.07 49.10
CA VAL K 124 0.10 -61.46 48.11
C VAL K 124 0.83 -62.73 48.56
N GLU K 125 1.18 -62.80 49.85
CA GLU K 125 1.83 -64.00 50.37
C GLU K 125 0.94 -65.23 50.20
N GLU K 126 -0.36 -65.10 50.49
CA GLU K 126 -1.24 -66.26 50.39
C GLU K 126 -1.48 -66.66 48.93
N ILE K 127 -1.57 -65.69 48.02
CA ILE K 127 -1.69 -66.00 46.61
C ILE K 127 -0.45 -66.76 46.14
N ASP K 128 0.73 -66.24 46.49
CA ASP K 128 1.98 -66.88 46.07
C ASP K 128 2.12 -68.26 46.69
N LYS K 129 1.81 -68.41 47.97
CA LYS K 129 1.94 -69.69 48.64
C LYS K 129 0.98 -70.72 48.07
N GLU K 130 -0.27 -70.33 47.82
CA GLU K 130 -1.23 -71.25 47.24
C GLU K 130 -0.81 -71.66 45.83
N ALA K 131 -0.31 -70.71 45.04
CA ALA K 131 0.16 -71.05 43.69
C ALA K 131 1.34 -72.00 43.74
N ARG K 132 2.29 -71.76 44.65
CA ARG K 132 3.44 -72.65 44.77
C ARG K 132 3.02 -74.03 45.23
N LYS K 133 2.10 -74.12 46.18
CA LYS K 133 1.58 -75.41 46.63
C LYS K 133 0.88 -76.15 45.50
N THR K 134 0.08 -75.43 44.71
CA THR K 134 -0.62 -76.05 43.59
C THR K 134 0.36 -76.60 42.57
N MET K 135 1.38 -75.83 42.21
CA MET K 135 2.35 -76.35 41.24
C MET K 135 3.15 -77.50 41.81
N ALA K 136 3.46 -77.47 43.12
CA ALA K 136 4.14 -78.59 43.74
C ALA K 136 3.30 -79.85 43.63
N THR K 137 2.00 -79.74 43.91
CA THR K 137 1.11 -80.90 43.77
C THR K 137 1.05 -81.39 42.32
N LEU K 138 0.96 -80.46 41.37
CA LEU K 138 0.85 -80.85 39.97
C LEU K 138 2.12 -81.56 39.50
N LEU K 139 3.29 -81.09 39.91
CA LEU K 139 4.52 -81.78 39.56
C LEU K 139 4.67 -83.10 40.32
N LYS K 140 4.07 -83.20 41.50
CA LYS K 140 4.03 -84.50 42.17
C LYS K 140 3.18 -85.49 41.37
N GLU K 141 2.07 -85.02 40.80
CA GLU K 141 1.23 -85.89 39.98
C GLU K 141 1.94 -86.30 38.70
N SER K 142 2.50 -85.34 37.96
CA SER K 142 3.16 -85.61 36.70
C SER K 142 4.51 -84.89 36.67
N SER K 143 5.53 -85.59 36.18
CA SER K 143 6.89 -85.07 36.14
C SER K 143 7.23 -84.57 34.74
N GLY K 144 7.71 -83.33 34.65
CA GLY K 144 8.11 -82.77 33.39
C GLY K 144 6.99 -82.54 32.40
N ASN K 145 5.74 -82.49 32.87
CA ASN K 145 4.58 -82.34 32.01
C ASN K 145 4.04 -80.92 31.97
N ILE K 146 4.79 -79.95 32.47
CA ILE K 146 4.31 -78.58 32.55
C ILE K 146 5.08 -77.70 31.57
N PRO K 147 4.54 -77.42 30.39
CA PRO K 147 5.23 -76.53 29.45
C PRO K 147 5.19 -75.09 29.90
N GLN K 148 5.77 -74.19 29.09
CA GLN K 148 5.79 -72.77 29.47
C GLN K 148 4.38 -72.19 29.50
N ASN K 149 3.53 -72.57 28.54
CA ASN K 149 2.23 -71.96 28.42
C ASN K 149 1.28 -72.31 29.57
N GLN K 150 1.61 -73.30 30.39
CA GLN K 150 0.82 -73.60 31.57
C GLN K 150 1.48 -73.10 32.85
N ARG K 151 2.45 -72.24 32.75
CA ARG K 151 3.12 -71.69 33.90
C ARG K 151 2.67 -70.26 34.17
N PRO K 152 2.70 -69.83 35.43
CA PRO K 152 2.32 -68.45 35.75
C PRO K 152 3.23 -67.40 35.13
N SER K 153 4.48 -67.73 34.84
CA SER K 153 5.42 -66.76 34.31
C SER K 153 5.21 -66.47 32.83
N ALA K 154 4.16 -67.03 32.23
CA ALA K 154 3.89 -66.75 30.82
C ALA K 154 3.62 -65.26 30.63
N PRO K 155 4.18 -64.64 29.59
CA PRO K 155 4.02 -63.19 29.43
C PRO K 155 2.59 -62.73 29.22
N ASP K 156 1.69 -63.60 28.80
CA ASP K 156 0.33 -63.21 28.46
C ASP K 156 -0.66 -63.40 29.60
N THR K 157 -0.24 -63.98 30.72
CA THR K 157 -1.15 -64.12 31.86
C THR K 157 -1.71 -62.78 32.36
N PRO K 158 -0.93 -61.69 32.45
CA PRO K 158 -1.57 -60.40 32.76
C PRO K 158 -2.62 -60.01 31.72
N ILE K 159 -2.37 -60.34 30.46
CA ILE K 159 -3.35 -60.04 29.41
C ILE K 159 -4.60 -60.90 29.57
N ILE K 160 -4.47 -62.14 30.03
CA ILE K 160 -5.64 -62.97 30.29
C ILE K 160 -6.48 -62.38 31.41
N LEU K 161 -5.81 -61.97 32.50
CA LEU K 161 -6.52 -61.32 33.59
C LEU K 161 -7.23 -60.05 33.10
N LEU K 162 -6.52 -59.25 32.30
CA LEU K 162 -7.11 -58.04 31.77
C LEU K 162 -8.18 -58.30 30.74
N CYS K 163 -8.19 -59.47 30.11
CA CYS K 163 -9.28 -59.81 29.20
C CYS K 163 -10.55 -60.18 29.96
N VAL K 164 -10.41 -60.85 31.10
CA VAL K 164 -11.58 -61.00 31.98
C VAL K 164 -12.07 -59.63 32.44
N GLY K 165 -11.13 -58.74 32.78
CA GLY K 165 -11.51 -57.38 33.13
C GLY K 165 -12.20 -56.64 32.01
N ALA K 166 -11.75 -56.83 30.77
CA ALA K 166 -12.38 -56.17 29.63
C ALA K 166 -13.76 -56.74 29.34
N LEU K 167 -13.95 -58.04 29.58
CA LEU K 167 -15.27 -58.62 29.48
C LEU K 167 -16.23 -57.98 30.47
N ILE K 168 -15.78 -57.78 31.71
CA ILE K 168 -16.64 -57.08 32.67
C ILE K 168 -16.77 -55.61 32.33
N PHE K 169 -15.81 -55.05 31.59
CA PHE K 169 -15.85 -53.65 31.18
C PHE K 169 -16.91 -53.42 30.12
N THR K 170 -17.11 -54.39 29.23
CA THR K 170 -18.12 -54.25 28.19
C THR K 170 -19.52 -54.08 28.76
N LYS K 171 -19.76 -54.58 29.96
CA LYS K 171 -21.07 -54.55 30.59
C LYS K 171 -21.12 -53.59 31.77
N LEU K 172 -20.49 -52.43 31.63
CA LEU K 172 -20.45 -51.46 32.71
C LEU K 172 -21.66 -50.54 32.75
N ALA K 173 -22.43 -50.47 31.67
CA ALA K 173 -23.70 -49.76 31.67
C ALA K 173 -24.86 -50.65 32.10
N SER K 174 -24.61 -51.94 32.30
CA SER K 174 -25.61 -52.88 32.75
C SER K 174 -25.55 -52.98 34.28
N THR K 175 -26.22 -53.97 34.84
CA THR K 175 -26.14 -54.22 36.27
C THR K 175 -25.05 -55.24 36.57
N ILE K 176 -24.80 -55.45 37.86
CA ILE K 176 -23.73 -56.35 38.27
C ILE K 176 -24.07 -57.80 37.93
N GLU K 177 -25.34 -58.19 38.10
CA GLU K 177 -25.73 -59.58 37.85
C GLU K 177 -25.65 -59.92 36.37
N VAL K 178 -26.23 -59.06 35.53
CA VAL K 178 -26.18 -59.27 34.09
C VAL K 178 -24.74 -59.24 33.60
N GLY K 179 -23.95 -58.30 34.12
CA GLY K 179 -22.55 -58.23 33.73
C GLY K 179 -21.77 -59.48 34.11
N LEU K 180 -22.00 -59.99 35.32
CA LEU K 180 -21.30 -61.19 35.74
C LEU K 180 -21.70 -62.40 34.91
N GLU K 181 -23.00 -62.57 34.67
CA GLU K 181 -23.46 -63.67 33.84
C GLU K 181 -22.89 -63.59 32.43
N THR K 182 -22.92 -62.39 31.84
CA THR K 182 -22.36 -62.22 30.50
C THR K 182 -20.87 -62.50 30.48
N THR K 183 -20.14 -62.05 31.50
CA THR K 183 -18.70 -62.26 31.53
C THR K 183 -18.38 -63.75 31.63
N VAL K 184 -19.06 -64.47 32.51
CA VAL K 184 -18.81 -65.90 32.63
C VAL K 184 -19.15 -66.63 31.33
N ARG K 185 -20.33 -66.33 30.77
CA ARG K 185 -20.78 -67.00 29.56
C ARG K 185 -19.83 -66.75 28.40
N ARG K 186 -19.42 -65.50 28.21
CA ARG K 186 -18.55 -65.15 27.10
C ARG K 186 -17.11 -65.59 27.34
N ALA K 187 -16.68 -65.67 28.60
CA ALA K 187 -15.33 -66.11 28.90
C ALA K 187 -15.16 -67.62 28.76
N ASN K 188 -16.25 -68.38 28.92
CA ASN K 188 -16.17 -69.81 28.65
C ASN K 188 -15.80 -70.10 27.21
N ARG K 189 -16.17 -69.21 26.28
CA ARG K 189 -15.89 -69.36 24.86
C ARG K 189 -14.65 -68.60 24.42
N VAL K 190 -14.61 -67.30 24.72
CA VAL K 190 -13.56 -66.43 24.20
C VAL K 190 -12.22 -66.77 24.83
N LEU K 191 -12.19 -66.93 26.15
CA LEU K 191 -10.97 -67.30 26.86
C LEU K 191 -10.93 -68.82 27.09
N SER K 192 -11.01 -69.55 25.99
CA SER K 192 -11.03 -71.01 26.06
C SER K 192 -9.63 -71.60 26.04
N ASP K 193 -8.72 -71.04 25.26
CA ASP K 193 -7.33 -71.49 25.29
C ASP K 193 -6.70 -71.24 26.64
N ALA K 194 -6.98 -70.07 27.24
CA ALA K 194 -6.50 -69.78 28.59
C ALA K 194 -7.10 -70.74 29.60
N LEU K 195 -8.39 -71.02 29.49
CA LEU K 195 -9.05 -71.95 30.42
C LEU K 195 -8.55 -73.38 30.24
N LYS K 196 -8.05 -73.72 29.07
CA LYS K 196 -7.37 -75.01 28.91
C LYS K 196 -5.99 -74.99 29.54
N ARG K 197 -5.23 -73.92 29.32
CA ARG K 197 -3.91 -73.79 29.95
C ARG K 197 -4.04 -73.68 31.46
N TYR K 198 -5.01 -72.90 31.94
CA TYR K 198 -5.19 -72.64 33.37
C TYR K 198 -6.58 -73.13 33.76
N PRO K 199 -6.70 -74.43 34.09
CA PRO K 199 -8.04 -75.01 34.32
C PRO K 199 -8.70 -74.58 35.60
N ARG K 200 -8.08 -73.73 36.40
CA ARG K 200 -8.65 -73.40 37.71
C ARG K 200 -8.58 -71.90 38.01
N MET K 201 -8.74 -71.06 37.00
CA MET K 201 -8.93 -69.64 37.26
C MET K 201 -10.41 -69.35 37.46
N ASP K 202 -10.72 -68.72 38.58
CA ASP K 202 -12.11 -68.48 39.00
C ASP K 202 -12.58 -67.21 38.30
N ILE K 203 -13.13 -67.38 37.10
CA ILE K 203 -13.60 -66.23 36.32
C ILE K 203 -14.67 -65.43 37.04
N PRO K 204 -15.68 -66.03 37.69
CA PRO K 204 -16.65 -65.20 38.42
C PRO K 204 -16.04 -64.31 39.49
N LYS K 205 -15.06 -64.81 40.24
CA LYS K 205 -14.47 -64.02 41.31
C LYS K 205 -13.56 -62.92 40.78
N ILE K 206 -12.80 -63.22 39.73
CA ILE K 206 -11.98 -62.20 39.09
C ILE K 206 -12.86 -61.12 38.46
N ALA K 207 -13.98 -61.52 37.86
CA ALA K 207 -14.90 -60.57 37.26
C ALA K 207 -15.57 -59.69 38.32
N ARG K 208 -15.93 -60.28 39.46
CA ARG K 208 -16.46 -59.47 40.54
C ARG K 208 -15.42 -58.50 41.08
N SER K 209 -14.17 -58.94 41.17
CA SER K 209 -13.09 -58.04 41.58
C SER K 209 -12.95 -56.88 40.62
N PHE K 210 -13.02 -57.15 39.32
CA PHE K 210 -12.88 -56.08 38.33
C PHE K 210 -14.08 -55.13 38.37
N TYR K 211 -15.28 -55.67 38.55
CA TYR K 211 -16.45 -54.82 38.70
C TYR K 211 -16.33 -53.92 39.91
N ASP K 212 -15.88 -54.47 41.04
CA ASP K 212 -15.63 -53.65 42.21
C ASP K 212 -14.65 -52.53 41.89
N LEU K 213 -13.48 -52.89 41.36
CA LEU K 213 -12.45 -51.88 41.07
C LEU K 213 -13.00 -50.78 40.18
N PHE K 214 -13.79 -51.13 39.17
CA PHE K 214 -14.37 -50.13 38.30
C PHE K 214 -15.46 -49.32 39.01
N GLU K 215 -16.02 -49.83 40.11
CA GLU K 215 -16.95 -49.04 40.89
C GLU K 215 -16.24 -48.04 41.80
N GLN K 216 -15.33 -48.49 42.67
CA GLN K 216 -14.70 -47.53 43.59
C GLN K 216 -13.78 -46.57 42.85
N LYS K 217 -12.89 -47.08 42.00
CA LYS K 217 -11.88 -46.24 41.37
C LYS K 217 -12.30 -45.96 39.93
N VAL K 218 -13.10 -44.91 39.76
CA VAL K 218 -13.63 -44.56 38.44
C VAL K 218 -12.50 -44.10 37.52
N TYR K 219 -11.50 -43.41 38.07
CA TYR K 219 -10.38 -42.95 37.26
C TYR K 219 -9.65 -44.11 36.59
N HIS K 220 -9.64 -45.28 37.23
CA HIS K 220 -9.01 -46.45 36.63
C HIS K 220 -9.69 -46.85 35.34
N ARG K 221 -10.99 -46.59 35.20
CA ARG K 221 -11.64 -46.76 33.92
C ARG K 221 -10.87 -46.03 32.83
N SER K 222 -10.57 -44.76 33.06
CA SER K 222 -9.76 -43.98 32.14
C SER K 222 -8.44 -44.70 31.87
N LEU K 223 -7.78 -45.15 32.93
CA LEU K 223 -6.53 -45.88 32.76
C LEU K 223 -6.75 -47.09 31.86
N PHE K 224 -7.78 -47.88 32.15
CA PHE K 224 -8.14 -49.01 31.31
C PHE K 224 -8.26 -48.57 29.86
N ILE K 225 -9.00 -47.49 29.62
CA ILE K 225 -9.22 -47.02 28.25
C ILE K 225 -7.89 -46.68 27.60
N GLU K 226 -7.02 -45.98 28.35
CA GLU K 226 -5.71 -45.62 27.77
C GLU K 226 -4.96 -46.87 27.36
N TYR K 227 -5.01 -47.92 28.19
CA TYR K 227 -4.34 -49.16 27.82
C TYR K 227 -4.83 -49.63 26.46
N GLY K 228 -6.15 -49.68 26.27
CA GLY K 228 -6.68 -50.08 24.99
C GLY K 228 -6.16 -49.18 23.88
N LYS K 229 -6.19 -47.87 24.12
CA LYS K 229 -5.67 -46.93 23.13
C LYS K 229 -4.18 -47.19 22.89
N ALA K 230 -3.43 -47.43 23.97
CA ALA K 230 -2.02 -47.70 23.82
C ALA K 230 -1.77 -49.07 23.21
N LEU K 231 -2.74 -49.96 23.28
CA LEU K 231 -2.50 -51.32 22.84
C LEU K 231 -2.88 -51.52 21.38
N GLY K 232 -3.94 -50.84 20.93
CA GLY K 232 -4.31 -50.87 19.54
C GLY K 232 -3.47 -50.01 18.62
N SER K 233 -2.59 -49.18 19.19
CA SER K 233 -1.66 -48.38 18.41
C SER K 233 -0.32 -49.05 18.20
N SER K 234 -0.12 -50.23 18.77
CA SER K 234 1.16 -50.92 18.66
C SER K 234 1.28 -51.64 17.33
N SER K 235 2.50 -51.64 16.79
CA SER K 235 2.74 -52.32 15.51
C SER K 235 2.51 -53.82 15.64
N THR K 236 2.99 -54.43 16.71
CA THR K 236 2.84 -55.86 16.94
C THR K 236 2.15 -56.10 18.29
N GLY K 237 2.06 -57.37 18.65
CA GLY K 237 1.43 -57.76 19.90
C GLY K 237 1.23 -59.26 19.91
N SER K 238 0.71 -59.72 21.03
CA SER K 238 0.37 -61.14 21.16
C SER K 238 -1.07 -61.37 20.71
N LYS K 239 -1.45 -62.65 20.68
CA LYS K 239 -2.84 -62.99 20.40
C LYS K 239 -3.76 -62.51 21.52
N ALA K 240 -3.31 -62.63 22.77
CA ALA K 240 -4.11 -62.18 23.89
C ALA K 240 -4.34 -60.67 23.84
N GLU K 241 -3.35 -59.91 23.35
CA GLU K 241 -3.52 -58.47 23.23
C GLU K 241 -4.53 -58.12 22.14
N SER K 242 -4.51 -58.86 21.03
CA SER K 242 -5.52 -58.67 20.01
C SER K 242 -6.90 -58.98 20.55
N LEU K 243 -7.01 -60.03 21.37
CA LEU K 243 -8.28 -60.35 22.02
C LEU K 243 -8.73 -59.23 22.95
N PHE K 244 -7.80 -58.66 23.73
CA PHE K 244 -8.13 -57.56 24.61
C PHE K 244 -8.68 -56.39 23.82
N VAL K 245 -8.01 -56.04 22.72
CA VAL K 245 -8.47 -54.91 21.91
C VAL K 245 -9.82 -55.23 21.27
N ASN K 246 -10.06 -56.48 20.90
CA ASN K 246 -11.35 -56.84 20.30
C ASN K 246 -12.48 -56.65 21.31
N ILE K 247 -12.30 -57.12 22.54
CA ILE K 247 -13.33 -56.92 23.56
C ILE K 247 -13.47 -55.42 23.88
N PHE K 248 -12.34 -54.70 23.89
CA PHE K 248 -12.37 -53.28 24.22
C PHE K 248 -13.16 -52.49 23.18
N MET K 249 -13.01 -52.83 21.90
CA MET K 249 -13.90 -52.26 20.88
C MET K 249 -15.33 -52.73 21.02
N GLN K 250 -15.56 -53.98 21.44
CA GLN K 250 -16.92 -54.42 21.69
C GLN K 250 -17.57 -53.63 22.81
N ALA K 251 -16.78 -52.98 23.65
CA ALA K 251 -17.31 -52.14 24.72
C ALA K 251 -17.66 -50.73 24.25
N TYR K 252 -17.45 -50.40 22.98
CA TYR K 252 -17.42 -49.00 22.56
C TYR K 252 -18.73 -48.26 22.81
N GLY K 253 -19.80 -48.60 22.11
CA GLY K 253 -21.00 -47.78 22.21
C GLY K 253 -21.86 -48.10 23.42
N ALA K 254 -21.21 -48.53 24.51
CA ALA K 254 -21.94 -48.99 25.68
C ALA K 254 -22.71 -47.86 26.33
N GLY K 255 -23.95 -48.13 26.69
CA GLY K 255 -24.84 -47.13 27.25
C GLY K 255 -25.59 -46.31 26.22
N GLN K 256 -25.41 -46.59 24.93
CA GLN K 256 -26.06 -45.85 23.86
C GLN K 256 -26.60 -46.80 22.80
N THR K 257 -27.22 -47.90 23.22
CA THR K 257 -27.71 -48.87 22.25
C THR K 257 -28.93 -48.37 21.50
N MET K 258 -29.66 -47.38 22.03
CA MET K 258 -30.81 -46.85 21.30
C MET K 258 -30.38 -46.06 20.07
N LEU K 259 -29.23 -45.39 20.11
CA LEU K 259 -28.74 -44.71 18.92
C LEU K 259 -28.40 -45.71 17.82
N ARG K 260 -27.71 -46.79 18.17
CA ARG K 260 -27.39 -47.83 17.21
C ARG K 260 -28.65 -48.49 16.68
N TRP K 261 -29.61 -48.76 17.55
CA TRP K 261 -30.84 -49.41 17.13
C TRP K 261 -31.71 -48.46 16.30
N GLY K 262 -31.61 -47.16 16.51
CA GLY K 262 -32.31 -46.22 15.65
C GLY K 262 -31.68 -46.13 14.28
N VAL K 263 -30.35 -46.19 14.21
CA VAL K 263 -29.69 -46.30 12.92
C VAL K 263 -30.12 -47.57 12.20
N ILE K 264 -30.29 -48.65 12.97
CA ILE K 264 -30.80 -49.90 12.39
C ILE K 264 -32.21 -49.71 11.87
N ALA K 265 -33.08 -49.08 12.66
CA ALA K 265 -34.46 -48.89 12.25
C ALA K 265 -34.57 -48.00 11.03
N ARG K 266 -33.63 -47.07 10.84
CA ARG K 266 -33.58 -46.33 9.60
C ARG K 266 -33.10 -47.21 8.46
N SER K 267 -32.07 -48.03 8.70
CA SER K 267 -31.60 -48.97 7.69
C SER K 267 -32.60 -50.08 7.41
N SER K 268 -33.51 -50.34 8.35
CA SER K 268 -34.55 -51.34 8.16
C SER K 268 -35.77 -50.79 7.42
N ASN K 269 -35.81 -49.49 7.17
CA ASN K 269 -36.91 -48.85 6.43
C ASN K 269 -38.26 -49.17 7.06
N ASN K 270 -38.31 -49.13 8.39
CA ASN K 270 -39.57 -49.30 9.11
C ASN K 270 -40.54 -48.20 8.71
N ILE K 271 -41.69 -48.57 8.15
CA ILE K 271 -42.64 -47.57 7.68
C ILE K 271 -43.22 -46.77 8.83
N MET K 272 -43.22 -47.33 10.04
CA MET K 272 -43.81 -46.61 11.15
C MET K 272 -42.95 -45.44 11.60
N LEU K 273 -41.72 -45.34 11.10
CA LEU K 273 -40.94 -44.10 11.27
C LEU K 273 -41.66 -42.93 10.62
N GLY K 274 -42.46 -43.18 9.60
CA GLY K 274 -43.24 -42.15 8.92
C GLY K 274 -44.53 -41.76 9.61
N HIS K 275 -44.88 -42.42 10.71
CA HIS K 275 -46.04 -42.01 11.49
C HIS K 275 -45.82 -40.59 12.00
N VAL K 276 -46.90 -39.80 11.97
CA VAL K 276 -46.77 -38.36 12.23
C VAL K 276 -46.21 -38.09 13.62
N SER K 277 -46.51 -38.96 14.59
CA SER K 277 -46.00 -38.75 15.94
C SER K 277 -44.47 -38.84 15.99
N VAL K 278 -43.90 -39.77 15.24
CA VAL K 278 -42.44 -39.85 15.13
C VAL K 278 -41.92 -38.69 14.30
N GLN K 279 -42.62 -38.36 13.22
CA GLN K 279 -42.22 -37.26 12.34
C GLN K 279 -42.08 -35.96 13.11
N ALA K 280 -42.91 -35.77 14.14
CA ALA K 280 -42.78 -34.58 14.98
C ALA K 280 -41.52 -34.59 15.84
N GLU K 281 -40.80 -35.71 15.90
CA GLU K 281 -39.63 -35.84 16.73
C GLU K 281 -38.33 -36.07 15.97
N LEU K 282 -38.41 -36.36 14.67
CA LEU K 282 -37.16 -36.58 13.92
C LEU K 282 -36.23 -35.37 13.99
N LYS K 283 -36.74 -34.17 14.20
CA LYS K 283 -35.85 -33.01 14.31
C LYS K 283 -34.96 -33.10 15.54
N GLN K 284 -35.53 -33.46 16.71
CA GLN K 284 -34.70 -33.61 17.89
C GLN K 284 -33.86 -34.90 17.84
N VAL K 285 -34.35 -35.92 17.16
CA VAL K 285 -33.54 -37.12 16.93
C VAL K 285 -32.29 -36.75 16.14
N THR K 286 -32.48 -35.97 15.07
CA THR K 286 -31.36 -35.49 14.27
C THR K 286 -30.44 -34.61 15.10
N GLU K 287 -30.99 -33.82 16.03
CA GLU K 287 -30.12 -33.05 16.90
C GLU K 287 -29.26 -33.95 17.79
N VAL K 288 -29.82 -35.05 18.28
CA VAL K 288 -29.03 -35.98 19.10
C VAL K 288 -27.90 -36.57 18.27
N TYR K 289 -28.18 -36.99 17.04
CA TYR K 289 -27.13 -37.54 16.21
C TYR K 289 -26.10 -36.48 15.80
N ASP K 290 -26.55 -35.24 15.60
CA ASP K 290 -25.63 -34.13 15.37
C ASP K 290 -24.73 -33.93 16.56
N LEU K 291 -25.26 -34.08 17.77
CA LEU K 291 -24.43 -33.99 18.97
C LEU K 291 -23.39 -35.08 19.00
N VAL K 292 -23.77 -36.29 18.59
CA VAL K 292 -22.78 -37.37 18.49
C VAL K 292 -21.67 -37.00 17.52
N ARG K 293 -22.05 -36.45 16.36
CA ARG K 293 -21.05 -36.03 15.38
C ARG K 293 -20.16 -34.93 15.92
N GLU K 294 -20.73 -33.99 16.67
CA GLU K 294 -19.96 -32.90 17.25
C GLU K 294 -18.98 -33.41 18.30
N MET K 295 -19.42 -34.32 19.17
CA MET K 295 -18.52 -34.88 20.16
C MET K 295 -17.40 -35.68 19.51
N GLY K 296 -17.72 -36.45 18.49
CA GLY K 296 -16.71 -37.17 17.75
C GLY K 296 -16.41 -38.54 18.32
N PRO K 297 -15.20 -39.05 18.07
CA PRO K 297 -14.86 -40.41 18.50
C PRO K 297 -14.94 -40.64 20.00
N GLU K 298 -14.82 -39.62 20.82
CA GLU K 298 -14.89 -39.78 22.26
C GLU K 298 -16.32 -39.91 22.78
N SER K 299 -17.33 -39.74 21.91
CA SER K 299 -18.71 -39.85 22.36
C SER K 299 -19.07 -41.28 22.75
N GLY K 300 -18.42 -42.28 22.15
CA GLY K 300 -18.72 -43.66 22.48
C GLY K 300 -18.25 -44.06 23.86
N LEU K 301 -17.23 -43.40 24.39
CA LEU K 301 -16.67 -43.74 25.69
C LEU K 301 -17.31 -42.95 26.82
N LEU K 302 -18.35 -42.17 26.54
CA LEU K 302 -18.93 -41.28 27.54
C LEU K 302 -19.50 -42.05 28.72
N HIS K 303 -20.22 -43.14 28.46
CA HIS K 303 -20.77 -43.94 29.54
C HIS K 303 -19.75 -44.85 30.18
N LEU K 304 -18.77 -45.33 29.41
CA LEU K 304 -17.70 -46.14 29.98
C LEU K 304 -16.86 -45.30 30.95
N ARG K 305 -16.55 -44.07 30.55
CA ARG K 305 -15.84 -43.15 31.44
C ARG K 305 -16.72 -42.66 32.57
N GLN K 306 -18.03 -42.86 32.48
CA GLN K 306 -19.00 -42.32 33.43
C GLN K 306 -18.91 -40.79 33.45
N SER K 307 -18.89 -40.21 32.25
CA SER K 307 -18.87 -38.76 32.11
C SER K 307 -20.20 -38.16 32.54
N PRO K 308 -20.20 -37.09 33.32
CA PRO K 308 -21.46 -36.39 33.60
C PRO K 308 -22.11 -35.87 32.34
N LYS K 309 -21.32 -35.58 31.32
CA LYS K 309 -21.84 -35.10 30.05
C LYS K 309 -22.73 -36.14 29.38
N ALA K 310 -22.51 -37.43 29.68
CA ALA K 310 -23.39 -38.47 29.17
C ALA K 310 -24.80 -38.27 29.70
N GLY K 311 -25.79 -38.53 28.84
CA GLY K 311 -27.16 -38.17 29.11
C GLY K 311 -27.66 -37.05 28.22
N LEU K 312 -26.76 -36.25 27.67
CA LEU K 312 -27.08 -35.42 26.52
C LEU K 312 -27.34 -36.27 25.29
N LEU K 313 -26.78 -37.47 25.23
CA LEU K 313 -26.99 -38.41 24.14
C LEU K 313 -28.24 -39.26 24.32
N SER K 314 -29.14 -38.87 25.21
CA SER K 314 -30.33 -39.63 25.51
C SER K 314 -31.45 -39.27 24.54
N LEU K 315 -32.12 -40.29 24.00
CA LEU K 315 -33.31 -40.13 23.18
C LEU K 315 -34.59 -40.34 23.98
N ALA K 316 -34.54 -40.13 25.30
CA ALA K 316 -35.67 -40.42 26.15
C ALA K 316 -36.77 -39.38 26.07
N ASN K 317 -36.49 -38.21 25.49
CA ASN K 317 -37.51 -37.19 25.31
C ASN K 317 -38.25 -37.32 23.98
N CYS K 318 -37.95 -38.36 23.20
CA CYS K 318 -38.66 -38.68 21.98
C CYS K 318 -39.30 -40.06 22.16
N PRO K 319 -40.39 -40.13 22.94
CA PRO K 319 -40.95 -41.45 23.29
C PRO K 319 -41.47 -42.24 22.10
N ASN K 320 -42.04 -41.58 21.10
CA ASN K 320 -42.59 -42.32 19.97
C ASN K 320 -41.50 -42.88 19.06
N PHE K 321 -40.45 -42.10 18.83
CA PHE K 321 -39.31 -42.63 18.09
C PHE K 321 -38.67 -43.79 18.83
N ALA K 322 -38.56 -43.67 20.16
CA ALA K 322 -38.00 -44.76 20.97
C ALA K 322 -38.88 -46.00 20.87
N SER K 323 -40.19 -45.83 20.91
CA SER K 323 -41.10 -46.97 20.79
C SER K 323 -40.97 -47.63 19.42
N VAL K 324 -40.88 -46.83 18.36
CA VAL K 324 -40.76 -47.39 17.02
C VAL K 324 -39.42 -48.10 16.85
N VAL K 325 -38.36 -47.55 17.43
CA VAL K 325 -37.04 -48.18 17.34
C VAL K 325 -37.03 -49.50 18.09
N LEU K 326 -37.59 -49.53 19.29
CA LEU K 326 -37.65 -50.77 20.06
C LEU K 326 -38.53 -51.80 19.35
N GLY K 327 -39.63 -51.37 18.75
CA GLY K 327 -40.48 -52.29 18.02
C GLY K 327 -39.80 -52.86 16.79
N ASN K 328 -39.07 -52.03 16.05
CA ASN K 328 -38.33 -52.53 14.91
C ASN K 328 -37.25 -53.52 15.34
N ALA K 329 -36.57 -53.23 16.45
CA ALA K 329 -35.56 -54.16 16.95
C ALA K 329 -36.20 -55.46 17.41
N SER K 330 -37.38 -55.38 18.02
CA SER K 330 -38.06 -56.59 18.48
C SER K 330 -38.53 -57.45 17.32
N GLY K 331 -39.03 -56.81 16.26
CA GLY K 331 -39.47 -57.57 15.10
C GLY K 331 -38.34 -58.32 14.43
N LEU K 332 -37.19 -57.65 14.26
CA LEU K 332 -36.02 -58.31 13.72
C LEU K 332 -35.46 -59.37 14.65
N GLY K 333 -35.89 -59.40 15.91
CA GLY K 333 -35.41 -60.38 16.87
C GLY K 333 -34.12 -60.02 17.56
N ILE K 334 -33.64 -58.79 17.43
CA ILE K 334 -32.38 -58.37 18.04
C ILE K 334 -32.59 -57.69 19.38
N ILE K 335 -33.85 -57.49 19.80
CA ILE K 335 -34.08 -56.77 21.05
C ILE K 335 -33.57 -57.59 22.23
N GLY K 336 -33.59 -58.92 22.12
CA GLY K 336 -33.11 -59.75 23.22
C GLY K 336 -33.89 -59.51 24.48
N MET K 337 -33.17 -59.36 25.59
CA MET K 337 -33.76 -59.06 26.89
C MET K 337 -33.49 -57.62 27.30
N TYR K 338 -33.34 -56.73 26.33
CA TYR K 338 -33.17 -55.31 26.61
C TYR K 338 -34.35 -54.79 27.42
N ARG K 339 -34.06 -54.05 28.48
CA ARG K 339 -35.08 -53.62 29.42
C ARG K 339 -35.49 -52.16 29.27
N GLY K 340 -35.13 -51.53 28.15
CA GLY K 340 -35.58 -50.17 27.93
C GLY K 340 -37.10 -50.08 27.90
N ARG K 341 -37.62 -48.97 28.39
CA ARG K 341 -39.06 -48.81 28.51
C ARG K 341 -39.67 -48.38 27.20
N VAL K 342 -40.85 -48.92 26.89
CA VAL K 342 -41.55 -48.59 25.66
C VAL K 342 -42.73 -47.69 26.01
N PRO K 343 -42.64 -46.38 25.77
CA PRO K 343 -43.73 -45.48 26.15
C PRO K 343 -45.00 -45.72 25.35
N ASN K 344 -44.87 -45.73 24.03
CA ASN K 344 -46.00 -45.94 23.13
C ASN K 344 -46.09 -47.42 22.79
N THR K 345 -47.11 -48.09 23.34
CA THR K 345 -47.29 -49.52 23.08
C THR K 345 -47.84 -49.79 21.69
N GLU K 346 -48.75 -48.93 21.20
CA GLU K 346 -49.34 -49.15 19.89
C GLU K 346 -48.31 -48.98 18.77
N LEU K 347 -47.47 -47.96 18.87
CA LEU K 347 -46.39 -47.79 17.90
C LEU K 347 -45.42 -48.96 17.97
N PHE K 348 -45.11 -49.42 19.18
CA PHE K 348 -44.27 -50.59 19.35
C PHE K 348 -44.85 -51.80 18.61
N SER K 349 -46.15 -52.06 18.81
CA SER K 349 -46.78 -53.22 18.21
C SER K 349 -46.78 -53.11 16.69
N ALA K 350 -47.14 -51.93 16.17
CA ALA K 350 -47.18 -51.77 14.71
C ALA K 350 -45.79 -51.88 14.10
N ALA K 351 -44.78 -51.27 14.73
CA ALA K 351 -43.42 -51.36 14.24
C ALA K 351 -42.91 -52.79 14.28
N GLU K 352 -43.23 -53.52 15.35
CA GLU K 352 -42.78 -54.91 15.46
C GLU K 352 -43.45 -55.78 14.41
N SER K 353 -44.74 -55.56 14.16
CA SER K 353 -45.43 -56.30 13.11
C SER K 353 -44.81 -56.04 11.75
N TYR K 354 -44.53 -54.78 11.44
CA TYR K 354 -43.94 -54.48 10.15
C TYR K 354 -42.53 -55.07 10.03
N ALA K 355 -41.74 -55.00 11.10
CA ALA K 355 -40.39 -55.51 11.03
C ALA K 355 -40.37 -57.03 10.90
N LYS K 356 -41.29 -57.72 11.59
CA LYS K 356 -41.41 -59.16 11.40
C LYS K 356 -41.81 -59.50 9.97
N SER K 357 -42.80 -58.77 9.43
CA SER K 357 -43.21 -59.00 8.05
C SER K 357 -42.06 -58.78 7.09
N LEU K 358 -41.26 -57.74 7.31
CA LEU K 358 -40.13 -57.46 6.44
C LEU K 358 -39.06 -58.56 6.55
N LYS K 359 -38.78 -59.01 7.76
CA LYS K 359 -37.74 -60.02 7.95
C LYS K 359 -38.15 -61.35 7.35
N GLU K 360 -39.42 -61.74 7.49
CA GLU K 360 -39.87 -63.02 6.97
C GLU K 360 -39.76 -63.07 5.44
N ASP L 3 46.58 -52.48 52.13
CA ASP L 3 46.90 -52.33 50.72
C ASP L 3 45.90 -51.41 50.02
N ILE L 4 45.44 -50.39 50.74
CA ILE L 4 44.36 -49.54 50.26
C ILE L 4 44.84 -48.21 49.68
N TYR L 5 46.04 -47.74 50.04
CA TYR L 5 46.49 -46.41 49.66
C TYR L 5 47.40 -46.39 48.44
N GLN L 6 47.63 -47.53 47.80
CA GLN L 6 48.43 -47.55 46.57
C GLN L 6 47.62 -47.89 45.33
N LEU L 7 46.31 -47.70 45.38
CA LEU L 7 45.47 -47.95 44.22
C LEU L 7 45.72 -46.90 43.14
N ILE L 8 45.60 -47.33 41.88
CA ILE L 8 46.04 -46.49 40.76
C ILE L 8 45.15 -45.26 40.61
N MET L 9 43.84 -45.45 40.64
CA MET L 9 42.86 -44.37 40.44
C MET L 9 43.03 -43.68 39.09
N ASP M 3 69.43 -58.31 0.17
CA ASP M 3 69.27 -57.41 -0.96
C ASP M 3 67.94 -56.64 -0.89
N ILE M 4 67.54 -56.30 0.34
CA ILE M 4 66.23 -55.72 0.56
C ILE M 4 66.25 -54.20 0.72
N TYR M 5 67.38 -53.61 1.08
CA TYR M 5 67.43 -52.19 1.42
C TYR M 5 67.90 -51.30 0.28
N GLN M 6 68.13 -51.85 -0.91
CA GLN M 6 68.52 -51.03 -2.06
C GLN M 6 67.45 -51.00 -3.14
N LEU M 7 66.20 -51.27 -2.79
CA LEU M 7 65.11 -51.21 -3.75
C LEU M 7 64.82 -49.75 -4.12
N ILE M 8 64.40 -49.54 -5.37
CA ILE M 8 64.32 -48.20 -5.91
C ILE M 8 63.21 -47.40 -5.22
N MET M 9 62.03 -47.99 -5.09
CA MET M 9 60.85 -47.32 -4.52
C MET M 9 60.46 -46.07 -5.29
N ASP N 3 75.43 -29.45 -49.12
CA ASP N 3 74.73 -28.22 -49.51
C ASP N 3 73.38 -28.11 -48.81
N ILE N 4 73.32 -28.55 -47.57
CA ILE N 4 72.06 -28.66 -46.85
C ILE N 4 71.81 -27.50 -45.88
N TYR N 5 72.86 -26.80 -45.43
CA TYR N 5 72.72 -25.80 -44.38
C TYR N 5 72.60 -24.38 -44.90
N GLN N 6 72.56 -24.16 -46.22
CA GLN N 6 72.38 -22.83 -46.76
C GLN N 6 71.03 -22.64 -47.45
N LEU N 7 70.04 -23.48 -47.11
CA LEU N 7 68.72 -23.33 -47.70
C LEU N 7 68.02 -22.09 -47.14
N ILE N 8 67.20 -21.47 -47.98
CA ILE N 8 66.67 -20.14 -47.67
C ILE N 8 65.70 -20.21 -46.49
N MET N 9 64.76 -21.17 -46.52
CA MET N 9 63.73 -21.31 -45.50
C MET N 9 62.86 -20.07 -45.37
N ASP O 3 59.66 18.24 -74.48
CA ASP O 3 58.62 19.18 -74.05
C ASP O 3 57.58 18.49 -73.19
N ILE O 4 58.02 17.53 -72.38
CA ILE O 4 57.09 16.68 -71.64
C ILE O 4 56.93 17.09 -70.18
N TYR O 5 57.88 17.83 -69.60
CA TYR O 5 57.87 18.11 -68.17
C TYR O 5 57.31 19.48 -67.82
N GLN O 6 56.80 20.24 -68.79
CA GLN O 6 56.17 21.52 -68.49
C GLN O 6 54.67 21.52 -68.76
N LEU O 7 54.04 20.34 -68.76
CA LEU O 7 52.61 20.27 -68.96
C LEU O 7 51.88 20.78 -67.71
N ILE O 8 50.72 21.40 -67.95
CA ILE O 8 50.04 22.15 -66.90
C ILE O 8 49.53 21.22 -65.80
N MET O 9 48.87 20.13 -66.19
CA MET O 9 48.25 19.18 -65.24
C MET O 9 47.24 19.85 -64.33
N ASP P 3 26.51 63.28 -68.35
CA ASP P 3 25.49 63.51 -67.34
C ASP P 3 24.93 62.19 -66.81
N ILE P 4 25.81 61.20 -66.70
CA ILE P 4 25.38 59.84 -66.36
C ILE P 4 25.58 59.48 -64.89
N TYR P 5 26.49 60.16 -64.18
CA TYR P 5 26.87 59.76 -62.83
C TYR P 5 26.15 60.53 -61.74
N GLN P 6 25.22 61.42 -62.08
CA GLN P 6 24.46 62.14 -61.06
C GLN P 6 22.99 61.73 -61.04
N LEU P 7 22.66 60.55 -61.55
CA LEU P 7 21.28 60.08 -61.51
C LEU P 7 20.89 59.71 -60.09
N ILE P 8 19.60 59.92 -59.78
CA ILE P 8 19.15 59.84 -58.39
C ILE P 8 19.22 58.41 -57.87
N MET P 9 18.72 57.45 -58.65
CA MET P 9 18.66 56.04 -58.26
C MET P 9 17.85 55.83 -56.98
N ASP Q 3 -11.98 86.42 -34.58
CA ASP Q 3 -12.61 85.82 -33.41
C ASP Q 3 -12.67 84.30 -33.54
N ILE Q 4 -11.63 83.72 -34.13
CA ILE Q 4 -11.64 82.30 -34.46
C ILE Q 4 -10.86 81.44 -33.46
N TYR Q 5 -9.93 82.01 -32.70
CA TYR Q 5 -9.04 81.23 -31.86
C TYR Q 5 -9.48 81.15 -30.40
N GLN Q 6 -10.63 81.71 -30.04
CA GLN Q 6 -11.14 81.61 -28.68
C GLN Q 6 -12.40 80.75 -28.58
N LEU Q 7 -12.62 79.88 -29.54
CA LEU Q 7 -13.78 78.99 -29.49
C LEU Q 7 -13.58 77.93 -28.41
N ILE Q 8 -14.69 77.52 -27.79
CA ILE Q 8 -14.62 76.69 -26.58
C ILE Q 8 -14.08 75.32 -26.90
N MET Q 9 -14.61 74.68 -27.94
CA MET Q 9 -14.25 73.30 -28.33
C MET Q 9 -14.51 72.30 -27.21
N ASP R 3 -40.78 79.10 11.60
CA ASP R 3 -40.87 77.91 12.42
C ASP R 3 -40.66 76.64 11.58
N ILE R 4 -39.77 76.74 10.60
CA ILE R 4 -39.59 75.68 9.62
C ILE R 4 -38.39 74.78 9.90
N TYR R 5 -37.40 75.26 10.65
CA TYR R 5 -36.15 74.53 10.81
C TYR R 5 -36.07 73.71 12.10
N GLN R 6 -37.14 73.66 12.90
CA GLN R 6 -37.13 72.84 14.10
C GLN R 6 -38.11 71.66 14.01
N LEU R 7 -38.45 71.25 12.80
CA LEU R 7 -39.33 70.10 12.63
C LEU R 7 -38.59 68.81 12.99
N ILE R 8 -39.33 67.85 13.53
CA ILE R 8 -38.72 66.67 14.13
C ILE R 8 -38.05 65.80 13.09
N MET R 9 -38.74 65.52 11.98
CA MET R 9 -38.25 64.64 10.92
C MET R 9 -37.93 63.24 11.42
N ASP S 3 -51.47 47.16 51.92
CA ASP S 3 -51.07 45.77 52.12
C ASP S 3 -50.89 45.06 50.78
N ILE S 4 -50.39 45.79 49.79
CA ILE S 4 -50.32 45.27 48.42
C ILE S 4 -48.94 44.76 48.02
N TYR S 5 -47.87 45.20 48.69
CA TYR S 5 -46.52 44.90 48.26
C TYR S 5 -45.89 43.73 49.00
N GLN S 6 -46.62 43.05 49.89
CA GLN S 6 -46.08 41.88 50.57
C GLN S 6 -46.78 40.59 50.15
N LEU S 7 -47.40 40.57 48.98
CA LEU S 7 -48.03 39.36 48.49
C LEU S 7 -46.99 38.33 48.09
N ILE S 8 -47.32 37.05 48.27
CA ILE S 8 -46.34 35.98 48.15
C ILE S 8 -45.87 35.83 46.71
N MET S 9 -46.80 35.79 45.76
CA MET S 9 -46.52 35.57 44.35
C MET S 9 -45.79 34.25 44.10
N ASP T 3 -44.16 3.09 75.22
CA ASP T 3 -43.46 1.90 74.75
C ASP T 3 -43.55 1.77 73.22
N ILE T 4 -43.51 2.92 72.55
CA ILE T 4 -43.75 2.96 71.11
C ILE T 4 -42.47 3.04 70.28
N TYR T 5 -41.36 3.50 70.85
CA TYR T 5 -40.15 3.76 70.08
C TYR T 5 -39.12 2.64 70.14
N GLN T 6 -39.43 1.52 70.79
CA GLN T 6 -38.50 0.39 70.81
C GLN T 6 -39.04 -0.82 70.04
N LEU T 7 -39.96 -0.60 69.11
CA LEU T 7 -40.48 -1.69 68.30
C LEU T 7 -39.42 -2.16 67.31
N ILE T 8 -39.44 -3.47 67.02
CA ILE T 8 -38.35 -4.09 66.28
C ILE T 8 -38.30 -3.59 64.84
N MET T 9 -39.44 -3.57 64.17
CA MET T 9 -39.53 -3.18 62.75
C MET T 9 -38.68 -4.06 61.85
N ASP U 3 -20.53 -43.06 75.77
CA ASP U 3 -19.81 -43.73 74.71
C ASP U 3 -20.35 -43.33 73.34
N ILE U 4 -20.72 -42.05 73.22
CA ILE U 4 -21.40 -41.57 72.02
C ILE U 4 -20.48 -40.83 71.05
N TYR U 5 -19.35 -40.29 71.52
CA TYR U 5 -18.51 -39.43 70.70
C TYR U 5 -17.33 -40.14 70.06
N GLN U 6 -17.20 -41.46 70.22
CA GLN U 6 -16.13 -42.20 69.57
C GLN U 6 -16.64 -43.15 68.48
N LEU U 7 -17.83 -42.89 67.96
CA LEU U 7 -18.36 -43.72 66.87
C LEU U 7 -17.59 -43.46 65.59
N ILE U 8 -17.46 -44.52 64.78
CA ILE U 8 -16.55 -44.49 63.63
C ILE U 8 -17.04 -43.50 62.57
N MET U 9 -18.33 -43.58 62.22
CA MET U 9 -18.93 -42.76 61.17
C MET U 9 -18.24 -42.96 59.82
N ASP V 3 10.24 -77.53 50.41
CA ASP V 3 10.75 -77.45 49.05
C ASP V 3 9.77 -76.73 48.13
N ILE V 4 9.10 -75.72 48.67
CA ILE V 4 8.01 -75.05 47.96
C ILE V 4 8.42 -73.73 47.30
N TYR V 5 9.49 -73.09 47.78
CA TYR V 5 9.84 -71.74 47.34
C TYR V 5 10.91 -71.72 46.26
N GLN V 6 11.37 -72.87 45.77
CA GLN V 6 12.35 -72.89 44.69
C GLN V 6 11.77 -73.44 43.39
N LEU V 7 10.44 -73.40 43.23
CA LEU V 7 9.83 -73.87 41.99
C LEU V 7 10.11 -72.89 40.85
N ILE V 8 10.23 -73.43 39.65
CA ILE V 8 10.74 -72.66 38.52
C ILE V 8 9.75 -71.56 38.12
N MET V 9 8.48 -71.90 37.99
CA MET V 9 7.43 -70.98 37.55
C MET V 9 7.72 -70.39 36.17
#